data_2L1W
#
_entry.id   2L1W
#
_cell.length_a   1.000
_cell.length_b   1.000
_cell.length_c   1.000
_cell.angle_alpha   90.00
_cell.angle_beta   90.00
_cell.angle_gamma   90.00
#
_symmetry.space_group_name_H-M   'P 1'
#
loop_
_entity.id
_entity.type
_entity.pdbx_description
1 polymer Calmodulin
2 polymer 'vacuolar calcium ATPase BCA1 peptide'
3 non-polymer 'CALCIUM ION'
#
loop_
_entity_poly.entity_id
_entity_poly.type
_entity_poly.pdbx_seq_one_letter_code
_entity_poly.pdbx_strand_id
1 'polypeptide(L)'
;ADILSEEQIVDFKEAFGLFDKDGDGCITVEELATVIRSLDQNPTEEELQDMISEVDADGNGTIEFDEFLSLMAKKVKDTD
AEEELKEAFKVFDKDQNGYISASELRHVMINLGEKLTDEEVEQMIKEADLDGDGQVNYEEFVKMMMTVR
;
A
2 'polypeptide(L)' ARQRWRSSVSIVKNRARRFRMISNL B
#
loop_
_chem_comp.id
_chem_comp.type
_chem_comp.name
_chem_comp.formula
CA non-polymer 'CALCIUM ION' 'Ca 2'
#
# COMPACT_ATOMS: atom_id res chain seq x y z
N ALA A 1 6.76 -6.16 18.37
CA ALA A 1 6.03 -7.46 18.34
C ALA A 1 6.55 -8.30 17.17
N ASP A 2 6.66 -7.68 16.00
CA ASP A 2 7.13 -8.38 14.83
C ASP A 2 6.31 -9.63 14.57
N ILE A 3 5.03 -9.44 14.27
CA ILE A 3 4.13 -10.55 14.02
C ILE A 3 4.36 -11.11 12.60
N LEU A 4 4.01 -10.31 11.60
CA LEU A 4 4.18 -10.72 10.21
C LEU A 4 3.45 -12.02 9.96
N SER A 5 2.32 -11.94 9.27
CA SER A 5 1.52 -13.13 8.94
C SER A 5 1.23 -13.20 7.46
N GLU A 6 0.56 -14.27 7.04
CA GLU A 6 0.23 -14.46 5.63
C GLU A 6 -0.45 -13.22 5.08
N GLU A 7 -1.07 -12.45 5.96
CA GLU A 7 -1.77 -11.24 5.54
C GLU A 7 -0.81 -10.27 4.84
N GLN A 8 0.47 -10.36 5.21
CA GLN A 8 1.48 -9.50 4.61
C GLN A 8 1.86 -10.01 3.22
N ILE A 9 2.27 -11.27 3.16
CA ILE A 9 2.65 -11.87 1.89
C ILE A 9 1.44 -11.94 0.96
N VAL A 10 0.26 -12.12 1.54
CA VAL A 10 -0.96 -12.20 0.73
C VAL A 10 -1.18 -10.89 0.00
N ASP A 11 -1.11 -9.78 0.74
CA ASP A 11 -1.30 -8.47 0.13
C ASP A 11 -0.35 -8.29 -1.04
N PHE A 12 0.92 -8.61 -0.81
CA PHE A 12 1.93 -8.52 -1.88
C PHE A 12 1.65 -9.55 -2.97
N LYS A 13 1.28 -10.75 -2.56
CA LYS A 13 0.99 -11.81 -3.51
C LYS A 13 -0.15 -11.40 -4.44
N GLU A 14 -1.19 -10.81 -3.86
CA GLU A 14 -2.33 -10.37 -4.66
C GLU A 14 -1.88 -9.33 -5.69
N ALA A 15 -1.17 -8.31 -5.22
CA ALA A 15 -0.68 -7.26 -6.11
C ALA A 15 0.20 -7.87 -7.20
N PHE A 16 1.11 -8.74 -6.80
CA PHE A 16 2.01 -9.38 -7.76
C PHE A 16 1.20 -10.04 -8.88
N GLY A 17 0.20 -10.83 -8.50
CA GLY A 17 -0.65 -11.51 -9.47
C GLY A 17 -1.25 -10.49 -10.44
N LEU A 18 -1.53 -9.31 -9.94
CA LEU A 18 -2.11 -8.26 -10.77
C LEU A 18 -1.11 -7.85 -11.87
N PHE A 19 0.15 -7.68 -11.47
CA PHE A 19 1.19 -7.29 -12.42
C PHE A 19 1.38 -8.38 -13.47
N ASP A 20 1.29 -9.63 -13.04
CA ASP A 20 1.48 -10.76 -13.95
C ASP A 20 0.14 -11.27 -14.48
N LYS A 21 -0.38 -10.59 -15.48
CA LYS A 21 -1.66 -11.00 -16.06
C LYS A 21 -1.60 -12.46 -16.49
N ASP A 22 -0.46 -12.86 -17.03
CA ASP A 22 -0.29 -14.24 -17.48
C ASP A 22 0.35 -15.09 -16.40
N GLY A 23 -0.05 -14.84 -15.15
CA GLY A 23 0.47 -15.59 -14.00
C GLY A 23 1.56 -16.57 -14.40
N ASP A 24 2.71 -16.04 -14.80
CA ASP A 24 3.82 -16.87 -15.24
C ASP A 24 4.72 -17.19 -14.06
N GLY A 25 4.67 -16.34 -13.04
CA GLY A 25 5.49 -16.53 -11.83
C GLY A 25 6.50 -15.41 -11.68
N CYS A 26 6.91 -14.81 -12.80
CA CYS A 26 7.88 -13.72 -12.78
C CYS A 26 7.44 -12.59 -13.70
N ILE A 27 7.46 -11.36 -13.19
CA ILE A 27 7.05 -10.21 -13.97
C ILE A 27 8.15 -9.84 -14.95
N THR A 28 7.78 -9.55 -16.19
CA THR A 28 8.75 -9.19 -17.23
C THR A 28 8.69 -7.69 -17.52
N VAL A 29 9.80 -7.15 -18.01
CA VAL A 29 9.86 -5.72 -18.32
C VAL A 29 8.68 -5.32 -19.19
N GLU A 30 8.38 -6.14 -20.21
CA GLU A 30 7.26 -5.85 -21.10
C GLU A 30 5.96 -5.76 -20.32
N GLU A 31 5.62 -6.84 -19.62
CA GLU A 31 4.40 -6.87 -18.82
C GLU A 31 4.40 -5.70 -17.84
N LEU A 32 5.56 -5.44 -17.24
CA LEU A 32 5.68 -4.35 -16.28
C LEU A 32 5.40 -3.02 -16.98
N ALA A 33 5.90 -2.87 -18.19
CA ALA A 33 5.70 -1.64 -18.96
C ALA A 33 4.21 -1.44 -19.25
N THR A 34 3.53 -2.52 -19.65
CA THR A 34 2.11 -2.44 -19.97
C THR A 34 1.33 -1.95 -18.75
N VAL A 35 1.60 -2.54 -17.60
CA VAL A 35 0.91 -2.15 -16.38
C VAL A 35 1.23 -0.70 -16.02
N ILE A 36 2.51 -0.35 -16.09
CA ILE A 36 2.93 1.01 -15.77
C ILE A 36 2.32 2.00 -16.75
N ARG A 37 2.34 1.65 -18.03
CA ARG A 37 1.78 2.52 -19.06
C ARG A 37 0.31 2.77 -18.79
N SER A 38 -0.37 1.75 -18.27
CA SER A 38 -1.79 1.87 -17.96
C SER A 38 -1.99 2.39 -16.54
N LEU A 39 -0.96 3.04 -16.01
CA LEU A 39 -1.02 3.58 -14.66
C LEU A 39 -1.09 5.08 -14.68
N ASP A 40 -1.33 5.66 -15.86
CA ASP A 40 -1.43 7.11 -15.99
C ASP A 40 -0.04 7.73 -16.10
N GLN A 41 0.93 6.92 -16.47
CA GLN A 41 2.31 7.40 -16.61
C GLN A 41 3.10 6.49 -17.54
N ASN A 42 4.12 7.05 -18.19
CA ASN A 42 4.94 6.27 -19.11
C ASN A 42 6.41 6.66 -18.98
N PRO A 43 7.07 6.18 -17.95
CA PRO A 43 8.51 6.46 -17.71
C PRO A 43 9.40 5.88 -18.81
N THR A 44 10.59 6.44 -18.96
CA THR A 44 11.53 5.96 -19.97
C THR A 44 11.96 4.52 -19.67
N GLU A 45 12.09 3.73 -20.73
CA GLU A 45 12.49 2.33 -20.56
C GLU A 45 13.90 2.25 -19.98
N GLU A 46 14.68 3.32 -20.16
CA GLU A 46 16.04 3.36 -19.65
C GLU A 46 16.07 3.08 -18.15
N GLU A 47 15.48 3.97 -17.37
CA GLU A 47 15.44 3.82 -15.92
C GLU A 47 14.67 2.55 -15.56
N LEU A 48 13.67 2.21 -16.37
CA LEU A 48 12.87 1.03 -16.11
C LEU A 48 13.73 -0.23 -16.17
N GLN A 49 14.54 -0.34 -17.22
CA GLN A 49 15.41 -1.49 -17.37
C GLN A 49 16.53 -1.47 -16.34
N ASP A 50 17.09 -0.28 -16.12
CA ASP A 50 18.17 -0.13 -15.14
C ASP A 50 17.65 -0.36 -13.72
N MET A 51 16.47 0.18 -13.44
CA MET A 51 15.87 0.04 -12.13
C MET A 51 15.60 -1.43 -11.83
N ILE A 52 15.07 -2.14 -12.81
CA ILE A 52 14.76 -3.55 -12.64
C ILE A 52 16.04 -4.37 -12.42
N SER A 53 17.05 -4.08 -13.24
CA SER A 53 18.32 -4.79 -13.13
C SER A 53 19.06 -4.38 -11.86
N GLU A 54 18.73 -3.20 -11.35
CA GLU A 54 19.38 -2.69 -10.14
C GLU A 54 19.06 -3.59 -8.96
N VAL A 55 17.81 -3.99 -8.84
CA VAL A 55 17.38 -4.85 -7.73
C VAL A 55 17.63 -6.32 -8.08
N ASP A 56 17.17 -6.73 -9.25
CA ASP A 56 17.33 -8.12 -9.68
C ASP A 56 18.80 -8.49 -9.76
N ALA A 57 19.26 -9.25 -8.78
CA ALA A 57 20.66 -9.67 -8.75
C ALA A 57 21.07 -10.25 -10.09
N ASP A 58 20.61 -11.46 -10.39
CA ASP A 58 20.92 -12.12 -11.65
C ASP A 58 20.34 -11.34 -12.82
N GLY A 59 19.85 -10.12 -12.54
CA GLY A 59 19.27 -9.26 -13.58
C GLY A 59 18.87 -10.08 -14.80
N ASN A 60 17.96 -11.04 -14.58
CA ASN A 60 17.51 -11.90 -15.66
C ASN A 60 16.54 -11.16 -16.57
N GLY A 61 16.04 -10.02 -16.10
CA GLY A 61 15.09 -9.22 -16.87
C GLY A 61 13.68 -9.39 -16.33
N THR A 62 13.54 -10.17 -15.28
CA THR A 62 12.23 -10.40 -14.67
C THR A 62 12.34 -10.41 -13.14
N ILE A 63 11.29 -9.92 -12.48
CA ILE A 63 11.29 -9.87 -11.02
C ILE A 63 10.57 -11.09 -10.45
N GLU A 64 11.29 -11.85 -9.63
CA GLU A 64 10.72 -13.04 -9.02
C GLU A 64 9.96 -12.67 -7.74
N PHE A 65 9.07 -13.55 -7.32
CA PHE A 65 8.28 -13.29 -6.11
C PHE A 65 9.19 -12.82 -4.97
N ASP A 66 10.26 -13.57 -4.73
CA ASP A 66 11.19 -13.23 -3.66
C ASP A 66 11.74 -11.81 -3.87
N GLU A 67 11.99 -11.45 -5.12
CA GLU A 67 12.50 -10.13 -5.45
C GLU A 67 11.42 -9.08 -5.25
N PHE A 68 10.22 -9.36 -5.74
CA PHE A 68 9.11 -8.42 -5.62
C PHE A 68 8.80 -8.16 -4.15
N LEU A 69 8.76 -9.23 -3.37
CA LEU A 69 8.46 -9.11 -1.95
C LEU A 69 9.47 -8.18 -1.28
N SER A 70 10.73 -8.58 -1.29
CA SER A 70 11.78 -7.78 -0.66
C SER A 70 11.83 -6.39 -1.28
N LEU A 71 11.69 -6.32 -2.60
CA LEU A 71 11.74 -5.05 -3.29
C LEU A 71 10.86 -4.02 -2.60
N MET A 72 9.58 -4.34 -2.43
CA MET A 72 8.65 -3.42 -1.79
C MET A 72 8.79 -3.45 -0.29
N ALA A 73 8.70 -4.64 0.29
CA ALA A 73 8.81 -4.79 1.74
C ALA A 73 10.00 -4.00 2.26
N LYS A 74 11.11 -4.02 1.52
CA LYS A 74 12.30 -3.30 1.94
C LYS A 74 12.10 -1.80 1.80
N LYS A 75 11.85 -1.35 0.57
CA LYS A 75 11.65 0.07 0.31
C LYS A 75 10.30 0.53 0.85
N VAL A 76 10.34 1.30 1.93
CA VAL A 76 9.12 1.81 2.54
C VAL A 76 9.41 3.05 3.37
N LYS A 77 9.67 4.16 2.70
CA LYS A 77 9.95 5.43 3.39
C LYS A 77 8.95 6.50 2.96
N ASP A 78 9.37 7.36 2.04
CA ASP A 78 8.52 8.43 1.55
C ASP A 78 9.21 9.20 0.45
N THR A 79 9.99 10.21 0.82
CA THR A 79 10.71 11.02 -0.16
C THR A 79 9.74 11.95 -0.89
N ASP A 80 8.45 11.76 -0.67
CA ASP A 80 7.44 12.56 -1.34
C ASP A 80 6.18 12.65 -0.49
N ALA A 81 5.99 13.80 0.14
CA ALA A 81 4.83 14.01 0.99
C ALA A 81 3.55 14.06 0.17
N GLU A 82 3.51 14.95 -0.81
CA GLU A 82 2.33 15.09 -1.65
C GLU A 82 1.92 13.74 -2.24
N GLU A 83 2.85 12.80 -2.27
CA GLU A 83 2.58 11.47 -2.80
C GLU A 83 1.88 10.61 -1.76
N GLU A 84 2.48 10.53 -0.57
CA GLU A 84 1.90 9.72 0.50
C GLU A 84 0.64 10.39 1.05
N LEU A 85 0.68 11.70 1.17
CA LEU A 85 -0.46 12.44 1.69
C LEU A 85 -1.65 12.37 0.74
N LYS A 86 -1.36 12.39 -0.56
CA LYS A 86 -2.42 12.33 -1.55
C LYS A 86 -2.82 10.89 -1.83
N GLU A 87 -1.83 10.02 -1.97
CA GLU A 87 -2.09 8.62 -2.26
C GLU A 87 -2.99 8.03 -1.18
N ALA A 88 -2.65 8.32 0.09
CA ALA A 88 -3.44 7.81 1.20
C ALA A 88 -4.86 8.35 1.13
N PHE A 89 -4.99 9.69 1.13
CA PHE A 89 -6.31 10.30 1.07
C PHE A 89 -7.10 9.75 -0.11
N LYS A 90 -6.44 9.57 -1.24
CA LYS A 90 -7.10 9.05 -2.43
C LYS A 90 -7.72 7.69 -2.15
N VAL A 91 -7.02 6.88 -1.37
CA VAL A 91 -7.53 5.56 -1.02
C VAL A 91 -8.66 5.65 -0.01
N PHE A 92 -8.46 6.48 1.03
CA PHE A 92 -9.48 6.65 2.05
C PHE A 92 -10.73 7.27 1.47
N ASP A 93 -10.55 8.35 0.72
CA ASP A 93 -11.69 9.03 0.11
C ASP A 93 -11.97 8.45 -1.26
N LYS A 94 -12.22 7.15 -1.32
CA LYS A 94 -12.49 6.49 -2.59
C LYS A 94 -13.36 7.35 -3.49
N ASP A 95 -14.52 7.75 -2.98
CA ASP A 95 -15.45 8.57 -3.76
C ASP A 95 -14.85 9.94 -4.01
N GLN A 96 -13.74 10.23 -3.35
CA GLN A 96 -13.07 11.52 -3.52
C GLN A 96 -14.06 12.66 -3.37
N ASN A 97 -14.68 12.75 -2.19
CA ASN A 97 -15.67 13.81 -1.93
C ASN A 97 -15.05 14.91 -1.07
N GLY A 98 -13.82 14.68 -0.61
CA GLY A 98 -13.14 15.65 0.23
C GLY A 98 -13.28 15.30 1.71
N TYR A 99 -14.01 14.21 1.99
CA TYR A 99 -14.22 13.79 3.37
C TYR A 99 -14.16 12.27 3.48
N ILE A 100 -13.64 11.77 4.60
CA ILE A 100 -13.54 10.33 4.79
C ILE A 100 -14.75 9.83 5.57
N SER A 101 -15.57 9.01 4.90
CA SER A 101 -16.77 8.46 5.53
C SER A 101 -16.42 7.19 6.30
N ALA A 102 -17.11 6.97 7.42
CA ALA A 102 -16.86 5.79 8.23
C ALA A 102 -16.83 4.54 7.38
N SER A 103 -17.80 4.40 6.48
CA SER A 103 -17.87 3.23 5.61
C SER A 103 -16.60 3.08 4.79
N GLU A 104 -16.12 4.20 4.25
CA GLU A 104 -14.89 4.18 3.45
C GLU A 104 -13.70 3.79 4.33
N LEU A 105 -13.65 4.38 5.52
CA LEU A 105 -12.57 4.06 6.45
C LEU A 105 -12.77 2.68 7.05
N ARG A 106 -14.02 2.24 7.13
CA ARG A 106 -14.33 0.93 7.68
C ARG A 106 -13.70 -0.17 6.85
N HIS A 107 -13.84 -0.06 5.52
CA HIS A 107 -13.27 -1.06 4.62
C HIS A 107 -11.75 -0.97 4.65
N VAL A 108 -11.23 0.22 4.35
CA VAL A 108 -9.79 0.44 4.36
C VAL A 108 -9.17 -0.10 5.65
N MET A 109 -10.00 -0.32 6.64
CA MET A 109 -9.54 -0.85 7.93
C MET A 109 -9.57 -2.38 7.93
N ILE A 110 -10.76 -2.95 8.12
CA ILE A 110 -10.91 -4.39 8.17
C ILE A 110 -10.24 -5.03 6.96
N ASN A 111 -10.35 -4.36 5.81
CA ASN A 111 -9.74 -4.87 4.59
C ASN A 111 -8.28 -5.21 4.81
N LEU A 112 -7.75 -4.82 5.97
CA LEU A 112 -6.35 -5.08 6.31
C LEU A 112 -6.24 -6.22 7.33
N GLY A 113 -7.36 -6.86 7.61
CA GLY A 113 -7.38 -7.96 8.56
C GLY A 113 -7.52 -7.44 9.99
N GLU A 114 -8.62 -6.74 10.26
CA GLU A 114 -8.87 -6.19 11.59
C GLU A 114 -10.36 -6.13 11.87
N LYS A 115 -10.79 -6.81 12.93
CA LYS A 115 -12.21 -6.82 13.30
C LYS A 115 -12.47 -5.81 14.41
N LEU A 116 -12.98 -4.64 14.02
CA LEU A 116 -13.27 -3.58 14.98
C LEU A 116 -14.68 -3.73 15.51
N THR A 117 -15.02 -2.93 16.52
CA THR A 117 -16.34 -2.98 17.13
C THR A 117 -17.02 -1.61 17.01
N ASP A 118 -18.33 -1.59 17.21
CA ASP A 118 -19.09 -0.35 17.12
C ASP A 118 -18.42 0.76 17.91
N GLU A 119 -17.96 0.43 19.13
CA GLU A 119 -17.30 1.40 19.98
C GLU A 119 -15.99 1.86 19.35
N GLU A 120 -15.21 0.90 18.85
CA GLU A 120 -13.93 1.21 18.23
C GLU A 120 -14.14 2.02 16.95
N VAL A 121 -15.16 1.65 16.18
CA VAL A 121 -15.46 2.36 14.93
C VAL A 121 -15.73 3.84 15.21
N GLU A 122 -16.48 4.09 16.28
CA GLU A 122 -16.82 5.47 16.62
C GLU A 122 -15.56 6.25 16.96
N GLN A 123 -14.83 5.80 17.97
CA GLN A 123 -13.60 6.47 18.38
C GLN A 123 -12.58 6.45 17.24
N MET A 124 -12.69 5.44 16.39
CA MET A 124 -11.77 5.32 15.27
C MET A 124 -11.82 6.54 14.38
N ILE A 125 -13.03 6.90 13.96
CA ILE A 125 -13.21 8.07 13.10
C ILE A 125 -13.51 9.32 13.93
N LYS A 126 -14.29 9.13 14.99
CA LYS A 126 -14.70 10.24 15.84
C LYS A 126 -13.48 10.93 16.45
N GLU A 127 -12.41 10.17 16.65
CA GLU A 127 -11.20 10.73 17.22
C GLU A 127 -10.54 11.71 16.25
N ALA A 128 -10.36 11.26 15.01
CA ALA A 128 -9.72 12.11 14.00
C ALA A 128 -10.64 13.27 13.64
N ASP A 129 -11.94 12.99 13.55
CA ASP A 129 -12.91 14.01 13.20
C ASP A 129 -12.96 15.09 14.29
N LEU A 130 -12.37 16.24 14.00
CA LEU A 130 -12.34 17.34 14.96
C LEU A 130 -13.70 18.02 15.02
N ASP A 131 -14.45 17.96 13.92
CA ASP A 131 -15.76 18.60 13.85
C ASP A 131 -16.84 17.64 14.35
N GLY A 132 -16.43 16.42 14.69
CA GLY A 132 -17.38 15.41 15.17
C GLY A 132 -18.54 15.26 14.20
N ASP A 133 -18.28 15.54 12.92
CA ASP A 133 -19.32 15.44 11.89
C ASP A 133 -19.34 14.03 11.32
N GLY A 134 -18.78 13.07 12.06
CA GLY A 134 -18.76 11.69 11.61
C GLY A 134 -17.96 11.55 10.32
N GLN A 135 -17.17 12.57 10.02
CA GLN A 135 -16.36 12.55 8.80
C GLN A 135 -15.06 13.30 9.01
N VAL A 136 -14.03 12.92 8.26
CA VAL A 136 -12.72 13.57 8.35
C VAL A 136 -12.36 14.23 7.04
N ASN A 137 -12.07 15.53 7.10
CA ASN A 137 -11.69 16.28 5.91
C ASN A 137 -10.19 16.17 5.66
N TYR A 138 -9.79 16.38 4.41
CA TYR A 138 -8.38 16.31 4.07
C TYR A 138 -7.56 17.23 4.97
N GLU A 139 -8.10 18.40 5.26
CA GLU A 139 -7.40 19.36 6.11
C GLU A 139 -7.10 18.75 7.48
N GLU A 140 -8.12 18.15 8.08
CA GLU A 140 -7.96 17.51 9.38
C GLU A 140 -6.95 16.37 9.29
N PHE A 141 -6.97 15.65 8.18
CA PHE A 141 -6.05 14.53 8.00
C PHE A 141 -4.61 15.01 8.02
N VAL A 142 -4.32 16.06 7.24
CA VAL A 142 -2.97 16.60 7.18
C VAL A 142 -2.49 17.01 8.56
N LYS A 143 -3.35 17.72 9.29
CA LYS A 143 -3.00 18.17 10.63
C LYS A 143 -2.78 16.98 11.56
N MET A 144 -3.59 15.94 11.38
CA MET A 144 -3.49 14.75 12.21
C MET A 144 -2.17 14.03 11.96
N MET A 145 -1.70 14.09 10.72
CA MET A 145 -0.44 13.43 10.35
C MET A 145 0.75 14.30 10.73
N MET A 146 0.50 15.60 10.90
CA MET A 146 1.56 16.53 11.26
C MET A 146 1.78 16.52 12.76
N THR A 147 1.08 17.41 13.47
CA THR A 147 1.21 17.50 14.91
C THR A 147 0.77 16.20 15.56
N VAL A 148 -0.44 15.74 15.22
CA VAL A 148 -0.97 14.49 15.78
C VAL A 148 -1.46 14.68 17.19
N ARG A 149 -0.90 15.67 17.88
CA ARG A 149 -1.29 15.95 19.25
C ARG A 149 -2.50 16.88 19.29
N ALA B 1 -7.08 6.41 19.29
CA ALA B 1 -7.37 5.82 17.96
C ALA B 1 -6.33 6.32 16.94
N ARG B 2 -5.38 7.10 17.43
CA ARG B 2 -4.34 7.64 16.55
C ARG B 2 -3.41 6.52 16.09
N GLN B 3 -3.32 5.46 16.89
CA GLN B 3 -2.46 4.34 16.55
C GLN B 3 -3.00 3.60 15.33
N ARG B 4 -4.26 3.20 15.40
CA ARG B 4 -4.89 2.48 14.30
C ARG B 4 -4.89 3.35 13.05
N TRP B 5 -5.13 4.64 13.24
CA TRP B 5 -5.13 5.56 12.10
C TRP B 5 -3.79 5.49 11.37
N ARG B 6 -2.70 5.59 12.13
CA ARG B 6 -1.37 5.52 11.55
C ARG B 6 -1.14 4.13 10.97
N SER B 7 -1.67 3.11 11.65
CA SER B 7 -1.52 1.74 11.19
C SER B 7 -2.15 1.58 9.82
N SER B 8 -3.32 2.19 9.63
CA SER B 8 -4.01 2.10 8.35
C SER B 8 -3.15 2.74 7.26
N VAL B 9 -2.56 3.89 7.57
CA VAL B 9 -1.69 4.56 6.60
C VAL B 9 -0.41 3.78 6.39
N SER B 10 0.18 3.29 7.49
CA SER B 10 1.41 2.52 7.41
C SER B 10 1.19 1.23 6.64
N ILE B 11 0.11 0.53 6.96
CA ILE B 11 -0.22 -0.71 6.28
C ILE B 11 -0.45 -0.45 4.81
N VAL B 12 -1.14 0.64 4.50
CA VAL B 12 -1.41 1.00 3.12
C VAL B 12 -0.09 1.18 2.37
N LYS B 13 0.88 1.81 3.02
CA LYS B 13 2.18 2.02 2.40
C LYS B 13 2.81 0.69 2.03
N ASN B 14 2.71 -0.27 2.95
CA ASN B 14 3.27 -1.60 2.70
C ASN B 14 2.53 -2.28 1.56
N ARG B 15 1.20 -2.14 1.55
CA ARG B 15 0.38 -2.74 0.51
C ARG B 15 0.63 -2.05 -0.83
N ALA B 16 0.66 -0.72 -0.82
CA ALA B 16 0.87 0.05 -2.03
C ALA B 16 0.24 -0.62 -3.24
N ARG B 17 -1.09 -0.54 -3.32
CA ARG B 17 -1.82 -1.14 -4.43
C ARG B 17 -1.50 -0.42 -5.72
N ARG B 18 -0.86 0.75 -5.60
CA ARG B 18 -0.50 1.55 -6.78
C ARG B 18 1.00 1.44 -7.03
N PHE B 19 1.73 0.84 -6.11
CA PHE B 19 3.16 0.68 -6.25
C PHE B 19 3.86 2.04 -6.19
N ARG B 20 3.87 2.64 -5.01
CA ARG B 20 4.49 3.94 -4.84
C ARG B 20 5.91 3.93 -5.36
N MET B 21 6.63 2.85 -5.09
CA MET B 21 8.01 2.74 -5.53
C MET B 21 8.12 2.67 -7.05
N ILE B 22 7.53 1.63 -7.63
CA ILE B 22 7.57 1.45 -9.07
C ILE B 22 6.85 2.60 -9.78
N SER B 23 5.69 2.97 -9.24
CA SER B 23 4.91 4.06 -9.84
C SER B 23 5.74 5.33 -9.91
N ASN B 24 6.48 5.62 -8.84
CA ASN B 24 7.32 6.80 -8.79
C ASN B 24 8.41 6.72 -9.84
N LEU B 25 8.99 5.53 -10.01
CA LEU B 25 10.05 5.34 -10.99
C LEU B 25 9.49 4.82 -12.30
CA CA C . 4.97 -12.84 -16.72
CA CA D . 15.66 -11.57 -11.22
CA CA E . -16.08 10.06 1.14
CA CA F . -14.32 16.74 10.46
N ALA A 1 10.45 -11.16 11.88
CA ALA A 1 9.50 -12.30 11.75
C ALA A 1 8.10 -11.83 12.10
N ASP A 2 7.79 -10.58 11.76
CA ASP A 2 6.47 -10.04 12.05
C ASP A 2 5.38 -10.93 11.49
N ILE A 3 4.30 -11.09 12.25
CA ILE A 3 3.19 -11.92 11.83
C ILE A 3 3.65 -13.36 11.62
N LEU A 4 2.70 -14.24 11.30
CA LEU A 4 3.02 -15.64 11.08
C LEU A 4 1.78 -16.39 10.57
N SER A 5 0.69 -15.66 10.37
CA SER A 5 -0.55 -16.27 9.90
C SER A 5 -0.54 -16.39 8.38
N GLU A 6 -1.11 -17.47 7.87
CA GLU A 6 -1.17 -17.68 6.43
C GLU A 6 -1.77 -16.47 5.72
N GLU A 7 -2.29 -15.53 6.51
CA GLU A 7 -2.88 -14.33 5.94
C GLU A 7 -1.80 -13.45 5.30
N GLN A 8 -0.69 -13.27 6.00
CA GLN A 8 0.39 -12.45 5.49
C GLN A 8 0.78 -12.93 4.09
N ILE A 9 0.99 -14.24 3.95
CA ILE A 9 1.38 -14.81 2.67
C ILE A 9 0.29 -14.57 1.65
N VAL A 10 -0.95 -14.75 2.08
CA VAL A 10 -2.09 -14.56 1.19
C VAL A 10 -2.08 -13.13 0.63
N ASP A 11 -1.92 -12.15 1.51
CA ASP A 11 -1.91 -10.76 1.09
C ASP A 11 -0.90 -10.57 -0.04
N PHE A 12 0.34 -11.00 0.20
CA PHE A 12 1.38 -10.89 -0.82
C PHE A 12 1.01 -11.70 -2.05
N LYS A 13 0.44 -12.89 -1.83
CA LYS A 13 0.05 -13.74 -2.93
C LYS A 13 -0.94 -13.02 -3.85
N GLU A 14 -1.90 -12.33 -3.24
CA GLU A 14 -2.90 -11.60 -4.01
C GLU A 14 -2.22 -10.60 -4.94
N ALA A 15 -1.34 -9.77 -4.38
CA ALA A 15 -0.62 -8.77 -5.18
C ALA A 15 0.07 -9.44 -6.36
N PHE A 16 0.70 -10.58 -6.11
CA PHE A 16 1.39 -11.31 -7.17
C PHE A 16 0.40 -11.73 -8.25
N GLY A 17 -0.76 -12.24 -7.83
CA GLY A 17 -1.78 -12.68 -8.77
C GLY A 17 -2.11 -11.57 -9.76
N LEU A 18 -2.17 -10.33 -9.25
CA LEU A 18 -2.47 -9.18 -10.10
C LEU A 18 -1.41 -9.01 -11.16
N PHE A 19 -0.15 -9.14 -10.75
CA PHE A 19 0.96 -9.01 -11.70
C PHE A 19 0.94 -10.15 -12.71
N ASP A 20 0.66 -11.35 -12.23
CA ASP A 20 0.62 -12.52 -13.11
C ASP A 20 -0.77 -12.73 -13.68
N LYS A 21 -1.13 -11.88 -14.64
CA LYS A 21 -2.44 -11.99 -15.27
C LYS A 21 -2.61 -13.35 -15.91
N ASP A 22 -1.55 -13.84 -16.54
CA ASP A 22 -1.59 -15.15 -17.20
C ASP A 22 -1.12 -16.24 -16.26
N GLY A 23 -1.40 -16.07 -14.97
CA GLY A 23 -1.01 -17.06 -13.95
C GLY A 23 0.07 -18.00 -14.48
N ASP A 24 1.26 -17.46 -14.71
CA ASP A 24 2.36 -18.27 -15.23
C ASP A 24 3.19 -18.80 -14.08
N GLY A 25 3.23 -18.04 -12.97
CA GLY A 25 3.99 -18.46 -11.79
C GLY A 25 5.21 -17.56 -11.58
N CYS A 26 5.27 -16.46 -12.32
CA CYS A 26 6.38 -15.53 -12.21
C CYS A 26 6.06 -14.22 -12.91
N ILE A 27 6.94 -13.22 -12.73
CA ILE A 27 6.73 -11.92 -13.36
C ILE A 27 7.86 -11.62 -14.34
N THR A 28 7.51 -11.38 -15.59
CA THR A 28 8.51 -11.08 -16.62
C THR A 28 8.63 -9.58 -16.84
N VAL A 29 9.31 -9.21 -17.92
CA VAL A 29 9.49 -7.80 -18.25
C VAL A 29 8.29 -7.27 -19.02
N GLU A 30 7.85 -8.05 -20.01
CA GLU A 30 6.71 -7.65 -20.83
C GLU A 30 5.44 -7.59 -19.97
N GLU A 31 5.28 -8.56 -19.07
CA GLU A 31 4.12 -8.61 -18.20
C GLU A 31 4.14 -7.41 -17.25
N LEU A 32 5.28 -7.20 -16.60
CA LEU A 32 5.42 -6.10 -15.66
C LEU A 32 5.20 -4.77 -16.38
N ALA A 33 5.71 -4.68 -17.61
CA ALA A 33 5.56 -3.46 -18.39
C ALA A 33 4.09 -3.19 -18.66
N THR A 34 3.35 -4.22 -19.05
CA THR A 34 1.93 -4.07 -19.35
C THR A 34 1.20 -3.49 -18.14
N VAL A 35 1.43 -4.08 -16.97
CA VAL A 35 0.80 -3.60 -15.75
C VAL A 35 1.21 -2.16 -15.45
N ILE A 36 2.50 -1.88 -15.57
CA ILE A 36 3.01 -0.54 -15.33
C ILE A 36 2.45 0.45 -16.35
N ARG A 37 2.44 0.04 -17.61
CA ARG A 37 1.94 0.90 -18.67
C ARG A 37 0.46 1.20 -18.46
N SER A 38 -0.28 0.20 -17.99
CA SER A 38 -1.71 0.36 -17.75
C SER A 38 -1.94 1.35 -16.61
N LEU A 39 -1.00 1.42 -15.68
CA LEU A 39 -1.12 2.33 -14.55
C LEU A 39 -1.16 3.78 -15.03
N ASP A 40 -1.39 3.95 -16.33
CA ASP A 40 -1.45 5.29 -16.91
C ASP A 40 -0.08 5.93 -16.94
N GLN A 41 0.92 5.16 -17.35
CA GLN A 41 2.29 5.67 -17.42
C GLN A 41 3.04 5.02 -18.58
N ASN A 42 4.10 5.67 -19.04
CA ASN A 42 4.90 5.14 -20.14
C ASN A 42 6.39 5.32 -19.83
N PRO A 43 6.91 4.56 -18.90
CA PRO A 43 8.33 4.64 -18.49
C PRO A 43 9.26 3.92 -19.46
N THR A 44 10.52 4.36 -19.50
CA THR A 44 11.50 3.76 -20.38
C THR A 44 11.82 2.34 -19.91
N GLU A 45 11.88 1.40 -20.85
CA GLU A 45 12.19 0.01 -20.53
C GLU A 45 13.50 -0.08 -19.75
N GLU A 46 14.48 0.72 -20.15
CA GLU A 46 15.77 0.72 -19.49
C GLU A 46 15.60 0.81 -17.98
N GLU A 47 14.67 1.66 -17.54
CA GLU A 47 14.41 1.83 -16.13
C GLU A 47 13.82 0.55 -15.53
N LEU A 48 13.05 -0.17 -16.35
CA LEU A 48 12.45 -1.43 -15.90
C LEU A 48 13.50 -2.52 -15.78
N GLN A 49 14.37 -2.61 -16.78
CA GLN A 49 15.41 -3.62 -16.78
C GLN A 49 16.40 -3.36 -15.65
N ASP A 50 16.67 -2.09 -15.39
CA ASP A 50 17.60 -1.71 -14.32
C ASP A 50 17.04 -2.11 -12.95
N MET A 51 15.79 -1.72 -12.71
CA MET A 51 15.14 -2.03 -11.44
C MET A 51 14.95 -3.54 -11.29
N ILE A 52 14.52 -4.18 -12.37
CA ILE A 52 14.30 -5.62 -12.35
C ILE A 52 15.61 -6.37 -12.18
N SER A 53 16.63 -5.92 -12.90
CA SER A 53 17.93 -6.57 -12.83
C SER A 53 18.58 -6.35 -11.47
N GLU A 54 18.34 -5.18 -10.89
CA GLU A 54 18.92 -4.86 -9.60
C GLU A 54 18.52 -5.89 -8.55
N VAL A 55 17.27 -6.33 -8.59
CA VAL A 55 16.78 -7.31 -7.64
C VAL A 55 16.91 -8.73 -8.19
N ASP A 56 17.31 -8.84 -9.45
CA ASP A 56 17.47 -10.14 -10.09
C ASP A 56 18.77 -10.79 -9.62
N ALA A 57 18.66 -11.68 -8.64
CA ALA A 57 19.83 -12.38 -8.11
C ALA A 57 20.10 -13.66 -8.86
N ASP A 58 19.30 -13.92 -9.88
CA ASP A 58 19.45 -15.14 -10.69
C ASP A 58 19.49 -14.79 -12.18
N GLY A 59 19.65 -13.52 -12.48
CA GLY A 59 19.70 -13.08 -13.88
C GLY A 59 18.65 -13.80 -14.72
N ASN A 60 17.42 -13.85 -14.21
CA ASN A 60 16.34 -14.53 -14.93
C ASN A 60 15.34 -13.50 -15.47
N GLY A 61 15.74 -12.23 -15.44
CA GLY A 61 14.88 -11.17 -15.96
C GLY A 61 13.45 -11.36 -15.47
N THR A 62 13.28 -12.19 -14.44
CA THR A 62 11.96 -12.46 -13.89
C THR A 62 11.98 -12.47 -12.38
N ILE A 63 10.95 -11.88 -11.77
CA ILE A 63 10.88 -11.83 -10.32
C ILE A 63 9.98 -12.95 -9.80
N GLU A 64 10.53 -13.77 -8.90
CA GLU A 64 9.77 -14.87 -8.32
C GLU A 64 9.01 -14.39 -7.10
N PHE A 65 8.09 -15.23 -6.62
CA PHE A 65 7.28 -14.86 -5.46
C PHE A 65 8.17 -14.45 -4.29
N ASP A 66 9.21 -15.24 -4.02
CA ASP A 66 10.12 -14.93 -2.93
C ASP A 66 10.77 -13.56 -3.15
N GLU A 67 11.12 -13.28 -4.40
CA GLU A 67 11.74 -12.00 -4.74
C GLU A 67 10.72 -10.87 -4.68
N PHE A 68 9.56 -11.09 -5.29
CA PHE A 68 8.51 -10.09 -5.29
C PHE A 68 8.12 -9.72 -3.87
N LEU A 69 7.98 -10.74 -3.02
CA LEU A 69 7.60 -10.48 -1.63
C LEU A 69 8.64 -9.57 -0.96
N SER A 70 9.90 -10.01 -0.97
CA SER A 70 10.96 -9.22 -0.38
C SER A 70 11.06 -7.87 -1.06
N LEU A 71 10.94 -7.87 -2.38
CA LEU A 71 11.04 -6.64 -3.14
C LEU A 71 10.14 -5.56 -2.54
N MET A 72 8.85 -5.86 -2.44
CA MET A 72 7.90 -4.90 -1.90
C MET A 72 8.10 -4.73 -0.40
N ALA A 73 8.31 -5.83 0.29
CA ALA A 73 8.50 -5.79 1.73
C ALA A 73 9.70 -4.92 2.10
N LYS A 74 10.77 -5.06 1.34
CA LYS A 74 11.97 -4.27 1.59
C LYS A 74 11.80 -2.84 1.14
N LYS A 75 11.55 -2.65 -0.15
CA LYS A 75 11.37 -1.31 -0.68
C LYS A 75 9.97 -0.79 -0.37
N VAL A 76 9.92 0.36 0.27
CA VAL A 76 8.64 0.98 0.62
C VAL A 76 8.72 2.49 0.45
N LYS A 77 8.43 3.24 1.52
CA LYS A 77 8.46 4.69 1.48
C LYS A 77 9.55 5.17 0.53
N ASP A 78 9.30 6.30 -0.13
CA ASP A 78 10.27 6.85 -1.08
C ASP A 78 10.52 8.32 -0.79
N THR A 79 10.23 8.74 0.44
CA THR A 79 10.43 10.13 0.83
C THR A 79 9.59 11.06 -0.02
N ASP A 80 8.27 10.96 0.13
CA ASP A 80 7.36 11.81 -0.64
C ASP A 80 6.07 12.03 0.14
N ALA A 81 5.90 13.24 0.65
CA ALA A 81 4.69 13.57 1.42
C ALA A 81 3.48 13.69 0.51
N GLU A 82 3.58 14.55 -0.50
CA GLU A 82 2.49 14.75 -1.44
C GLU A 82 2.02 13.41 -2.02
N GLU A 83 2.89 12.42 -1.99
CA GLU A 83 2.56 11.11 -2.53
C GLU A 83 1.77 10.30 -1.52
N GLU A 84 2.32 10.17 -0.31
CA GLU A 84 1.66 9.40 0.74
C GLU A 84 0.44 10.16 1.25
N LEU A 85 0.53 11.48 1.29
CA LEU A 85 -0.57 12.30 1.76
C LEU A 85 -1.76 12.22 0.83
N LYS A 86 -1.50 12.23 -0.47
CA LYS A 86 -2.56 12.16 -1.46
C LYS A 86 -2.97 10.71 -1.72
N GLU A 87 -1.98 9.85 -1.91
CA GLU A 87 -2.25 8.45 -2.18
C GLU A 87 -3.04 7.84 -1.02
N ALA A 88 -2.65 8.18 0.21
CA ALA A 88 -3.33 7.66 1.39
C ALA A 88 -4.77 8.15 1.41
N PHE A 89 -4.95 9.47 1.39
CA PHE A 89 -6.29 10.05 1.40
C PHE A 89 -7.11 9.51 0.23
N LYS A 90 -6.47 9.41 -0.93
CA LYS A 90 -7.16 8.92 -2.13
C LYS A 90 -7.76 7.54 -1.87
N VAL A 91 -7.05 6.71 -1.09
CA VAL A 91 -7.53 5.38 -0.77
C VAL A 91 -8.67 5.45 0.24
N PHE A 92 -8.41 6.10 1.37
CA PHE A 92 -9.42 6.23 2.42
C PHE A 92 -10.67 6.85 1.86
N ASP A 93 -10.52 7.93 1.12
CA ASP A 93 -11.67 8.61 0.53
C ASP A 93 -12.04 7.96 -0.80
N LYS A 94 -12.42 6.69 -0.75
CA LYS A 94 -12.79 5.96 -1.97
C LYS A 94 -13.62 6.85 -2.89
N ASP A 95 -14.75 7.33 -2.40
CA ASP A 95 -15.63 8.18 -3.19
C ASP A 95 -14.92 9.48 -3.54
N GLN A 96 -13.71 9.66 -3.03
CA GLN A 96 -12.93 10.86 -3.30
C GLN A 96 -13.82 12.09 -3.40
N ASN A 97 -14.55 12.36 -2.32
CA ASN A 97 -15.47 13.50 -2.30
C ASN A 97 -14.83 14.66 -1.56
N GLY A 98 -13.58 14.49 -1.15
CA GLY A 98 -12.86 15.54 -0.44
C GLY A 98 -12.97 15.35 1.07
N TYR A 99 -13.66 14.30 1.49
CA TYR A 99 -13.82 14.02 2.91
C TYR A 99 -13.80 12.52 3.16
N ILE A 100 -13.30 12.12 4.32
CA ILE A 100 -13.21 10.70 4.67
C ILE A 100 -14.41 10.30 5.53
N SER A 101 -15.25 9.43 5.00
CA SER A 101 -16.43 8.96 5.73
C SER A 101 -16.07 7.76 6.61
N ALA A 102 -16.83 7.57 7.70
CA ALA A 102 -16.57 6.47 8.60
C ALA A 102 -16.66 5.14 7.86
N SER A 103 -17.69 4.99 7.02
CA SER A 103 -17.87 3.77 6.27
C SER A 103 -16.69 3.52 5.34
N GLU A 104 -16.27 4.58 4.63
CA GLU A 104 -15.14 4.47 3.72
C GLU A 104 -13.88 4.04 4.48
N LEU A 105 -13.56 4.77 5.53
CA LEU A 105 -12.40 4.43 6.34
C LEU A 105 -12.58 3.07 6.99
N ARG A 106 -13.83 2.63 7.10
CA ARG A 106 -14.13 1.34 7.71
C ARG A 106 -13.92 0.20 6.72
N HIS A 107 -14.42 0.40 5.50
CA HIS A 107 -14.29 -0.62 4.46
C HIS A 107 -12.84 -1.03 4.31
N VAL A 108 -11.97 -0.03 4.13
CA VAL A 108 -10.55 -0.32 3.97
C VAL A 108 -10.01 -0.98 5.24
N MET A 109 -10.03 -0.24 6.35
CA MET A 109 -9.52 -0.76 7.62
C MET A 109 -9.72 -2.28 7.71
N ILE A 110 -10.94 -2.71 7.96
CA ILE A 110 -11.23 -4.13 8.07
C ILE A 110 -10.62 -4.91 6.91
N ASN A 111 -10.86 -4.45 5.69
CA ASN A 111 -10.32 -5.13 4.51
C ASN A 111 -8.85 -5.44 4.69
N LEU A 112 -8.26 -4.92 5.76
CA LEU A 112 -6.85 -5.15 6.04
C LEU A 112 -6.69 -6.38 6.95
N GLY A 113 -7.76 -7.14 7.10
CA GLY A 113 -7.74 -8.33 7.94
C GLY A 113 -8.14 -8.01 9.38
N GLU A 114 -7.59 -6.93 9.92
CA GLU A 114 -7.89 -6.53 11.29
C GLU A 114 -9.40 -6.41 11.47
N LYS A 115 -9.94 -7.13 12.45
CA LYS A 115 -11.37 -7.10 12.71
C LYS A 115 -11.69 -6.16 13.87
N LEU A 116 -12.18 -4.98 13.54
CA LEU A 116 -12.52 -3.99 14.57
C LEU A 116 -14.02 -3.71 14.57
N THR A 117 -14.62 -3.75 15.75
CA THR A 117 -16.05 -3.52 15.88
C THR A 117 -16.39 -2.08 15.49
N ASP A 118 -17.69 -1.81 15.32
CA ASP A 118 -18.13 -0.48 14.94
C ASP A 118 -17.84 0.51 16.06
N GLU A 119 -17.74 0.01 17.28
CA GLU A 119 -17.47 0.88 18.43
C GLU A 119 -16.05 1.44 18.35
N GLU A 120 -15.08 0.57 18.10
CA GLU A 120 -13.69 1.00 18.01
C GLU A 120 -13.49 1.93 16.81
N VAL A 121 -14.07 1.53 15.66
CA VAL A 121 -13.95 2.33 14.45
C VAL A 121 -14.58 3.70 14.64
N GLU A 122 -15.80 3.72 15.18
CA GLU A 122 -16.52 4.96 15.41
C GLU A 122 -15.76 5.83 16.42
N GLN A 123 -15.13 5.18 17.39
CA GLN A 123 -14.37 5.91 18.41
C GLN A 123 -13.27 6.74 17.76
N MET A 124 -12.43 6.09 16.97
CA MET A 124 -11.35 6.80 16.31
C MET A 124 -11.91 7.97 15.52
N ILE A 125 -13.05 7.74 14.88
CA ILE A 125 -13.65 8.77 14.04
C ILE A 125 -13.99 9.97 14.87
N LYS A 126 -14.51 9.72 16.07
CA LYS A 126 -14.89 10.81 16.97
C LYS A 126 -13.66 11.60 17.38
N GLU A 127 -12.53 10.91 17.49
CA GLU A 127 -11.28 11.58 17.88
C GLU A 127 -10.70 12.38 16.72
N ALA A 128 -10.53 11.71 15.57
CA ALA A 128 -9.98 12.36 14.40
C ALA A 128 -10.91 13.49 13.94
N ASP A 129 -12.21 13.26 14.05
CA ASP A 129 -13.18 14.27 13.63
C ASP A 129 -13.24 15.40 14.66
N LEU A 130 -12.67 16.54 14.30
CA LEU A 130 -12.65 17.69 15.19
C LEU A 130 -14.07 18.23 15.40
N ASP A 131 -14.85 18.24 14.33
CA ASP A 131 -16.21 18.75 14.40
C ASP A 131 -17.17 17.66 14.83
N GLY A 132 -16.63 16.47 15.10
CA GLY A 132 -17.44 15.35 15.54
C GLY A 132 -18.64 15.16 14.61
N ASP A 133 -18.45 15.44 13.33
CA ASP A 133 -19.52 15.30 12.34
C ASP A 133 -19.42 13.95 11.63
N GLY A 134 -18.72 13.01 12.27
CA GLY A 134 -18.59 11.67 11.70
C GLY A 134 -17.91 11.75 10.33
N GLN A 135 -17.23 12.85 10.08
CA GLN A 135 -16.55 13.05 8.80
C GLN A 135 -15.24 13.81 8.98
N VAL A 136 -14.24 13.47 8.16
CA VAL A 136 -12.95 14.13 8.24
C VAL A 136 -12.58 14.73 6.89
N ASN A 137 -12.27 16.02 6.90
CA ASN A 137 -11.88 16.71 5.68
C ASN A 137 -10.37 16.58 5.44
N TYR A 138 -9.95 16.77 4.20
CA TYR A 138 -8.54 16.67 3.86
C TYR A 138 -7.71 17.57 4.77
N GLU A 139 -8.22 18.77 5.04
CA GLU A 139 -7.51 19.70 5.91
C GLU A 139 -7.34 19.11 7.30
N GLU A 140 -8.43 18.60 7.87
CA GLU A 140 -8.38 17.99 9.19
C GLU A 140 -7.43 16.80 9.19
N PHE A 141 -7.44 16.04 8.11
CA PHE A 141 -6.58 14.86 8.01
C PHE A 141 -5.10 15.27 8.09
N VAL A 142 -4.74 16.30 7.33
CA VAL A 142 -3.36 16.77 7.32
C VAL A 142 -2.92 17.15 8.72
N LYS A 143 -3.76 17.93 9.42
CA LYS A 143 -3.44 18.35 10.77
C LYS A 143 -3.38 17.17 11.72
N MET A 144 -4.26 16.19 11.50
CA MET A 144 -4.29 15.00 12.33
C MET A 144 -3.06 14.13 12.11
N MET A 145 -2.59 14.10 10.87
CA MET A 145 -1.43 13.31 10.53
C MET A 145 -0.15 13.97 11.01
N MET A 146 -0.20 15.29 11.18
CA MET A 146 0.96 16.05 11.63
C MET A 146 0.98 16.12 13.12
N THR A 147 1.56 17.19 13.69
CA THR A 147 1.65 17.38 15.13
C THR A 147 0.95 16.29 15.88
N VAL A 148 -0.37 16.14 15.65
CA VAL A 148 -1.17 15.09 16.28
C VAL A 148 -1.90 15.67 17.48
N ARG A 149 -1.72 16.96 17.71
CA ARG A 149 -2.37 17.63 18.84
C ARG A 149 -2.57 19.11 18.53
N ALA B 1 -5.87 7.66 19.13
CA ALA B 1 -6.25 6.98 17.87
C ALA B 1 -5.21 7.29 16.79
N ARG B 2 -4.13 7.96 17.18
CA ARG B 2 -3.09 8.32 16.24
C ARG B 2 -2.43 7.07 15.67
N GLN B 3 -2.30 6.05 16.51
CA GLN B 3 -1.67 4.80 16.09
C GLN B 3 -2.52 4.12 15.01
N ARG B 4 -3.83 4.07 15.24
CA ARG B 4 -4.74 3.45 14.28
C ARG B 4 -4.65 4.17 12.94
N TRP B 5 -4.62 5.49 12.99
CA TRP B 5 -4.53 6.28 11.75
C TRP B 5 -3.23 5.96 11.01
N ARG B 6 -2.12 6.03 11.75
CA ARG B 6 -0.82 5.73 11.14
C ARG B 6 -0.76 4.28 10.74
N SER B 7 -1.39 3.42 11.53
CA SER B 7 -1.41 1.99 11.24
C SER B 7 -2.07 1.74 9.89
N SER B 8 -3.20 2.40 9.66
CA SER B 8 -3.92 2.24 8.40
C SER B 8 -3.02 2.63 7.23
N VAL B 9 -2.33 3.77 7.37
CA VAL B 9 -1.43 4.23 6.33
C VAL B 9 -0.22 3.31 6.21
N SER B 10 0.32 2.90 7.35
CA SER B 10 1.48 2.02 7.36
C SER B 10 1.15 0.70 6.69
N ILE B 11 -0.04 0.17 6.97
CA ILE B 11 -0.46 -1.09 6.37
C ILE B 11 -0.54 -0.94 4.85
N VAL B 12 -1.08 0.18 4.41
CA VAL B 12 -1.20 0.44 2.97
C VAL B 12 0.18 0.37 2.32
N LYS B 13 1.17 0.97 2.97
CA LYS B 13 2.52 0.97 2.43
C LYS B 13 3.02 -0.46 2.27
N ASN B 14 2.81 -1.27 3.30
CA ASN B 14 3.24 -2.66 3.27
C ASN B 14 2.39 -3.44 2.28
N ARG B 15 1.12 -3.06 2.15
CA ARG B 15 0.20 -3.75 1.25
C ARG B 15 0.01 -2.95 -0.02
N ALA B 16 0.91 -2.00 -0.27
CA ALA B 16 0.83 -1.16 -1.47
C ALA B 16 0.32 -1.97 -2.67
N ARG B 17 -0.98 -1.95 -2.86
CA ARG B 17 -1.59 -2.70 -3.97
C ARG B 17 -1.31 -1.98 -5.29
N ARG B 18 -0.91 -0.72 -5.19
CA ARG B 18 -0.62 0.07 -6.39
C ARG B 18 0.87 0.00 -6.73
N PHE B 19 1.63 -0.65 -5.86
CA PHE B 19 3.08 -0.78 -6.09
C PHE B 19 3.73 0.59 -6.12
N ARG B 20 3.75 1.26 -4.98
CA ARG B 20 4.33 2.60 -4.91
C ARG B 20 5.75 2.59 -5.46
N MET B 21 6.51 1.56 -5.12
CA MET B 21 7.88 1.46 -5.58
C MET B 21 7.94 1.29 -7.10
N ILE B 22 7.38 0.21 -7.59
CA ILE B 22 7.39 -0.07 -9.02
C ILE B 22 6.61 1.00 -9.77
N SER B 23 5.46 1.38 -9.25
CA SER B 23 4.64 2.41 -9.89
C SER B 23 5.44 3.69 -10.06
N ASN B 24 6.14 4.11 -9.01
CA ASN B 24 6.94 5.31 -9.06
C ASN B 24 8.10 5.15 -10.03
N LEU B 25 8.72 3.97 -10.01
CA LEU B 25 9.85 3.70 -10.90
C LEU B 25 9.41 2.77 -12.04
CA CA C . 3.07 -14.15 -15.46
CA CA D . 15.12 -13.30 -10.34
CA CA E . -16.17 10.33 1.41
CA CA F . -14.84 17.28 10.67
N ALA A 1 11.66 -1.10 19.28
CA ALA A 1 12.61 -0.70 18.23
C ALA A 1 12.40 -1.56 16.99
N ASP A 2 11.93 -0.95 15.91
CA ASP A 2 11.68 -1.68 14.67
C ASP A 2 10.93 -2.97 14.95
N ILE A 3 9.61 -2.87 15.07
CA ILE A 3 8.78 -4.03 15.34
C ILE A 3 9.11 -5.16 14.37
N LEU A 4 8.82 -6.39 14.79
CA LEU A 4 9.09 -7.56 13.95
C LEU A 4 8.02 -8.62 14.12
N SER A 5 6.76 -8.17 14.07
CA SER A 5 5.64 -9.07 14.22
C SER A 5 5.46 -9.92 12.97
N GLU A 6 5.16 -11.20 13.15
CA GLU A 6 4.96 -12.09 12.01
C GLU A 6 3.99 -11.49 11.01
N GLU A 7 3.35 -10.39 11.39
CA GLU A 7 2.41 -9.72 10.50
C GLU A 7 3.14 -9.05 9.34
N GLN A 8 4.17 -8.29 9.65
CA GLN A 8 4.94 -7.61 8.61
C GLN A 8 5.32 -8.59 7.51
N ILE A 9 5.82 -9.75 7.93
CA ILE A 9 6.22 -10.78 6.96
C ILE A 9 5.02 -11.28 6.19
N VAL A 10 3.93 -11.51 6.90
CA VAL A 10 2.72 -12.01 6.27
C VAL A 10 2.29 -11.04 5.17
N ASP A 11 2.28 -9.75 5.49
CA ASP A 11 1.86 -8.76 4.49
C ASP A 11 2.75 -8.85 3.26
N PHE A 12 4.06 -8.78 3.47
CA PHE A 12 5.00 -8.88 2.37
C PHE A 12 4.82 -10.21 1.65
N LYS A 13 4.67 -11.27 2.42
CA LYS A 13 4.49 -12.59 1.85
C LYS A 13 3.22 -12.65 1.03
N GLU A 14 2.17 -12.00 1.53
CA GLU A 14 0.88 -11.99 0.83
C GLU A 14 1.05 -11.40 -0.57
N ALA A 15 1.67 -10.23 -0.64
CA ALA A 15 1.88 -9.57 -1.92
C ALA A 15 2.71 -10.46 -2.85
N PHE A 16 3.70 -11.13 -2.27
CA PHE A 16 4.56 -12.02 -3.06
C PHE A 16 3.72 -13.12 -3.70
N GLY A 17 2.89 -13.78 -2.90
CA GLY A 17 2.05 -14.85 -3.40
C GLY A 17 1.17 -14.35 -4.52
N LEU A 18 0.75 -13.09 -4.42
CA LEU A 18 -0.10 -12.52 -5.46
C LEU A 18 0.64 -12.46 -6.79
N PHE A 19 1.82 -11.89 -6.77
CA PHE A 19 2.62 -11.77 -7.99
C PHE A 19 2.82 -13.13 -8.63
N ASP A 20 2.90 -14.15 -7.79
CA ASP A 20 3.10 -15.51 -8.29
C ASP A 20 1.81 -16.31 -8.27
N LYS A 21 0.99 -16.12 -9.28
CA LYS A 21 -0.29 -16.82 -9.36
C LYS A 21 -0.06 -18.33 -9.44
N ASP A 22 1.17 -18.71 -9.79
CA ASP A 22 1.53 -20.11 -9.91
C ASP A 22 2.53 -20.51 -8.85
N GLY A 23 2.44 -19.88 -7.66
CA GLY A 23 3.34 -20.16 -6.54
C GLY A 23 4.58 -20.92 -6.99
N ASP A 24 5.27 -20.37 -7.99
CA ASP A 24 6.46 -21.02 -8.52
C ASP A 24 7.64 -20.82 -7.57
N GLY A 25 7.61 -19.71 -6.84
CA GLY A 25 8.67 -19.38 -5.88
C GLY A 25 9.49 -18.17 -6.36
N CYS A 26 9.02 -17.52 -7.42
CA CYS A 26 9.71 -16.36 -7.95
C CYS A 26 8.79 -15.55 -8.87
N ILE A 27 9.20 -14.34 -9.20
CA ILE A 27 8.41 -13.48 -10.08
C ILE A 27 9.14 -13.26 -11.39
N THR A 28 8.56 -13.78 -12.47
CA THR A 28 9.17 -13.65 -13.80
C THR A 28 8.67 -12.40 -14.51
N VAL A 29 9.50 -11.86 -15.38
CA VAL A 29 9.15 -10.66 -16.12
C VAL A 29 7.78 -10.83 -16.76
N GLU A 30 7.55 -11.99 -17.37
CA GLU A 30 6.26 -12.26 -18.01
C GLU A 30 5.15 -12.26 -16.97
N GLU A 31 5.33 -13.04 -15.90
CA GLU A 31 4.32 -13.12 -14.85
C GLU A 31 4.02 -11.72 -14.33
N LEU A 32 5.06 -10.93 -14.12
CA LEU A 32 4.89 -9.58 -13.63
C LEU A 32 4.11 -8.74 -14.64
N ALA A 33 4.35 -9.01 -15.92
CA ALA A 33 3.66 -8.27 -16.97
C ALA A 33 2.16 -8.54 -16.92
N THR A 34 1.79 -9.81 -16.77
CA THR A 34 0.39 -10.18 -16.72
C THR A 34 -0.31 -9.48 -15.57
N VAL A 35 0.33 -9.50 -14.40
CA VAL A 35 -0.24 -8.86 -13.22
C VAL A 35 -0.44 -7.36 -13.48
N ILE A 36 0.57 -6.72 -14.04
CA ILE A 36 0.48 -5.29 -14.33
C ILE A 36 -0.66 -5.02 -15.30
N ARG A 37 -0.80 -5.87 -16.30
CA ARG A 37 -1.86 -5.70 -17.28
C ARG A 37 -3.22 -5.70 -16.58
N SER A 38 -3.34 -6.50 -15.54
CA SER A 38 -4.60 -6.58 -14.79
C SER A 38 -4.89 -5.27 -14.07
N LEU A 39 -3.86 -4.64 -13.54
CA LEU A 39 -4.00 -3.37 -12.81
C LEU A 39 -3.53 -2.20 -13.66
N ASP A 40 -3.21 -2.47 -14.91
CA ASP A 40 -2.74 -1.42 -15.82
C ASP A 40 -2.83 -1.89 -17.26
N GLN A 41 -2.55 -0.98 -18.18
CA GLN A 41 -2.60 -1.30 -19.60
C GLN A 41 -1.55 -2.35 -19.96
N ASN A 42 -0.39 -1.88 -20.40
CA ASN A 42 0.69 -2.80 -20.76
C ASN A 42 1.93 -2.01 -21.22
N PRO A 43 2.73 -1.57 -20.28
CA PRO A 43 3.97 -0.80 -20.59
C PRO A 43 4.88 -1.55 -21.56
N THR A 44 6.18 -1.27 -21.48
CA THR A 44 7.16 -1.92 -22.35
C THR A 44 8.00 -2.91 -21.55
N GLU A 45 8.37 -4.01 -22.20
CA GLU A 45 9.17 -5.04 -21.55
C GLU A 45 10.49 -4.46 -21.05
N GLU A 46 10.87 -3.30 -21.60
CA GLU A 46 12.12 -2.67 -21.20
C GLU A 46 12.05 -2.21 -19.75
N GLU A 47 10.96 -1.56 -19.38
CA GLU A 47 10.80 -1.07 -18.01
C GLU A 47 10.67 -2.24 -17.04
N LEU A 48 10.14 -3.35 -17.53
CA LEU A 48 9.96 -4.53 -16.70
C LEU A 48 11.28 -5.28 -16.53
N GLN A 49 11.92 -5.61 -17.65
CA GLN A 49 13.18 -6.32 -17.61
C GLN A 49 14.26 -5.45 -16.98
N ASP A 50 14.11 -4.13 -17.13
CA ASP A 50 15.08 -3.20 -16.57
C ASP A 50 15.02 -3.20 -15.06
N MET A 51 13.82 -2.99 -14.50
CA MET A 51 13.66 -2.96 -13.05
C MET A 51 14.14 -4.26 -12.43
N ILE A 52 13.75 -5.38 -13.01
CA ILE A 52 14.17 -6.67 -12.49
C ILE A 52 15.65 -6.89 -12.72
N SER A 53 16.16 -6.31 -13.80
CA SER A 53 17.57 -6.45 -14.12
C SER A 53 18.43 -5.65 -13.17
N GLU A 54 18.01 -4.42 -12.88
CA GLU A 54 18.76 -3.55 -11.98
C GLU A 54 18.92 -4.20 -10.62
N VAL A 55 17.87 -4.88 -10.16
CA VAL A 55 17.90 -5.54 -8.85
C VAL A 55 17.86 -7.06 -9.02
N ASP A 56 18.76 -7.59 -9.85
CA ASP A 56 18.84 -9.03 -10.08
C ASP A 56 20.06 -9.59 -9.36
N ALA A 57 19.84 -10.32 -8.28
CA ALA A 57 20.94 -10.92 -7.52
C ALA A 57 21.31 -12.30 -8.07
N ASP A 58 20.40 -12.88 -8.87
CA ASP A 58 20.64 -14.21 -9.44
C ASP A 58 20.62 -14.14 -10.96
N GLY A 59 20.73 -12.93 -11.52
CA GLY A 59 20.72 -12.75 -12.97
C GLY A 59 19.78 -13.75 -13.63
N ASN A 60 18.68 -14.07 -12.95
CA ASN A 60 17.70 -15.02 -13.48
C ASN A 60 16.50 -14.29 -14.06
N GLY A 61 16.61 -12.97 -14.21
CA GLY A 61 15.52 -12.19 -14.77
C GLY A 61 14.26 -12.33 -13.93
N THR A 62 14.42 -12.77 -12.67
CA THR A 62 13.29 -12.95 -11.77
C THR A 62 13.62 -12.41 -10.39
N ILE A 63 12.58 -12.11 -9.61
CA ILE A 63 12.76 -11.58 -8.28
C ILE A 63 12.43 -12.64 -7.24
N GLU A 64 13.34 -12.85 -6.30
CA GLU A 64 13.14 -13.84 -5.24
C GLU A 64 12.56 -13.18 -3.99
N PHE A 65 11.89 -13.97 -3.16
CA PHE A 65 11.29 -13.44 -1.94
C PHE A 65 12.24 -12.47 -1.25
N ASP A 66 13.48 -12.91 -1.06
CA ASP A 66 14.47 -12.08 -0.40
C ASP A 66 14.72 -10.81 -1.21
N GLU A 67 14.67 -10.93 -2.53
CA GLU A 67 14.88 -9.79 -3.40
C GLU A 67 13.66 -8.87 -3.36
N PHE A 68 12.48 -9.46 -3.44
CA PHE A 68 11.24 -8.70 -3.40
C PHE A 68 11.14 -7.94 -2.08
N LEU A 69 11.48 -8.62 -1.00
CA LEU A 69 11.41 -8.01 0.32
C LEU A 69 12.30 -6.78 0.39
N SER A 70 13.59 -6.97 0.13
CA SER A 70 14.53 -5.87 0.18
C SER A 70 14.20 -4.84 -0.89
N LEU A 71 13.81 -5.31 -2.06
CA LEU A 71 13.48 -4.41 -3.14
C LEU A 71 12.40 -3.44 -2.73
N MET A 72 11.37 -3.95 -2.05
CA MET A 72 10.27 -3.10 -1.62
C MET A 72 10.65 -2.29 -0.38
N ALA A 73 10.96 -2.99 0.70
CA ALA A 73 11.31 -2.33 1.95
C ALA A 73 12.40 -1.28 1.75
N LYS A 74 13.45 -1.67 1.03
CA LYS A 74 14.56 -0.77 0.75
C LYS A 74 14.10 0.37 -0.15
N LYS A 75 12.79 0.50 -0.36
CA LYS A 75 12.27 1.57 -1.19
C LYS A 75 10.91 2.02 -0.69
N VAL A 76 10.83 2.35 0.59
CA VAL A 76 9.58 2.82 1.17
C VAL A 76 9.82 3.98 2.11
N LYS A 77 10.44 3.68 3.26
CA LYS A 77 10.74 4.70 4.27
C LYS A 77 9.69 5.81 4.24
N ASP A 78 9.96 6.84 3.45
CA ASP A 78 9.05 7.98 3.30
C ASP A 78 8.73 8.25 1.84
N THR A 79 9.77 8.33 1.02
CA THR A 79 9.59 8.61 -0.40
C THR A 79 9.09 10.03 -0.62
N ASP A 80 7.90 10.33 -0.08
CA ASP A 80 7.31 11.65 -0.23
C ASP A 80 6.05 11.77 0.62
N ALA A 81 5.86 12.93 1.23
CA ALA A 81 4.69 13.17 2.06
C ALA A 81 3.44 13.36 1.20
N GLU A 82 3.51 14.29 0.27
CA GLU A 82 2.36 14.57 -0.61
C GLU A 82 1.94 13.29 -1.35
N GLU A 83 2.86 12.33 -1.43
CA GLU A 83 2.57 11.08 -2.10
C GLU A 83 1.82 10.12 -1.18
N GLU A 84 2.37 9.88 0.00
CA GLU A 84 1.73 8.99 0.95
C GLU A 84 0.48 9.63 1.54
N LEU A 85 0.54 10.94 1.73
CA LEU A 85 -0.57 11.68 2.30
C LEU A 85 -1.74 11.74 1.33
N LYS A 86 -1.43 11.87 0.03
CA LYS A 86 -2.46 11.94 -0.97
C LYS A 86 -2.93 10.54 -1.36
N GLU A 87 -1.99 9.60 -1.48
CA GLU A 87 -2.34 8.23 -1.86
C GLU A 87 -3.24 7.61 -0.81
N ALA A 88 -2.94 7.87 0.46
CA ALA A 88 -3.75 7.32 1.54
C ALA A 88 -5.14 7.94 1.51
N PHE A 89 -5.21 9.26 1.60
CA PHE A 89 -6.50 9.94 1.58
C PHE A 89 -7.29 9.53 0.35
N LYS A 90 -6.61 9.45 -0.79
CA LYS A 90 -7.26 9.06 -2.03
C LYS A 90 -7.90 7.69 -1.88
N VAL A 91 -7.26 6.80 -1.12
CA VAL A 91 -7.80 5.46 -0.91
C VAL A 91 -8.98 5.50 0.06
N PHE A 92 -8.77 6.12 1.21
CA PHE A 92 -9.81 6.21 2.23
C PHE A 92 -11.03 6.91 1.66
N ASP A 93 -10.80 8.03 1.00
CA ASP A 93 -11.91 8.78 0.42
C ASP A 93 -12.27 8.21 -0.95
N LYS A 94 -12.70 6.96 -0.97
CA LYS A 94 -13.04 6.30 -2.24
C LYS A 94 -13.83 7.24 -3.14
N ASP A 95 -14.96 7.72 -2.65
CA ASP A 95 -15.80 8.64 -3.44
C ASP A 95 -15.09 9.98 -3.65
N GLN A 96 -13.91 10.11 -3.08
CA GLN A 96 -13.13 11.34 -3.21
C GLN A 96 -14.04 12.56 -3.08
N ASN A 97 -14.95 12.51 -2.12
CA ASN A 97 -15.88 13.60 -1.89
C ASN A 97 -15.21 14.72 -1.09
N GLY A 98 -13.95 14.49 -0.71
CA GLY A 98 -13.21 15.47 0.07
C GLY A 98 -13.31 15.17 1.56
N TYR A 99 -14.08 14.15 1.92
CA TYR A 99 -14.24 13.78 3.33
C TYR A 99 -14.24 12.27 3.47
N ILE A 100 -13.69 11.77 4.57
CA ILE A 100 -13.63 10.33 4.81
C ILE A 100 -14.83 9.90 5.65
N SER A 101 -15.66 9.05 5.07
CA SER A 101 -16.84 8.54 5.77
C SER A 101 -16.48 7.29 6.58
N ALA A 102 -17.22 7.04 7.65
CA ALA A 102 -16.96 5.88 8.48
C ALA A 102 -17.01 4.59 7.66
N SER A 103 -18.02 4.47 6.81
CA SER A 103 -18.17 3.28 5.98
C SER A 103 -16.94 3.10 5.07
N GLU A 104 -16.47 4.19 4.50
CA GLU A 104 -15.30 4.15 3.63
C GLU A 104 -14.06 3.73 4.42
N LEU A 105 -13.83 4.41 5.53
CA LEU A 105 -12.68 4.12 6.38
C LEU A 105 -12.85 2.74 7.03
N ARG A 106 -14.10 2.34 7.19
CA ARG A 106 -14.40 1.05 7.80
C ARG A 106 -14.20 -0.09 6.81
N HIS A 107 -14.72 0.11 5.59
CA HIS A 107 -14.60 -0.90 4.55
C HIS A 107 -13.13 -1.27 4.36
N VAL A 108 -12.28 -0.26 4.20
CA VAL A 108 -10.87 -0.53 4.01
C VAL A 108 -10.30 -1.26 5.22
N MET A 109 -10.31 -0.59 6.38
CA MET A 109 -9.78 -1.18 7.62
C MET A 109 -10.02 -2.69 7.64
N ILE A 110 -11.25 -3.09 7.89
CA ILE A 110 -11.57 -4.50 7.95
C ILE A 110 -11.03 -5.23 6.72
N ASN A 111 -11.29 -4.66 5.55
CA ASN A 111 -10.83 -5.27 4.31
C ASN A 111 -9.31 -5.25 4.24
N LEU A 112 -8.70 -4.47 5.13
CA LEU A 112 -7.25 -4.36 5.17
C LEU A 112 -6.65 -5.49 5.99
N GLY A 113 -5.87 -5.15 7.02
CA GLY A 113 -5.25 -6.15 7.88
C GLY A 113 -5.52 -5.83 9.34
N GLU A 114 -6.74 -5.41 9.65
CA GLU A 114 -7.12 -5.11 11.01
C GLU A 114 -8.63 -5.10 11.15
N LYS A 115 -9.15 -5.94 12.05
CA LYS A 115 -10.60 -6.01 12.27
C LYS A 115 -10.99 -5.15 13.46
N LEU A 116 -11.56 -3.98 13.17
CA LEU A 116 -11.98 -3.06 14.24
C LEU A 116 -13.50 -3.05 14.36
N THR A 117 -13.97 -3.23 15.59
CA THR A 117 -15.41 -3.25 15.85
C THR A 117 -16.01 -1.88 15.57
N ASP A 118 -17.33 -1.80 15.66
CA ASP A 118 -18.02 -0.54 15.41
C ASP A 118 -17.62 0.50 16.45
N GLU A 119 -17.36 0.04 17.68
CA GLU A 119 -16.97 0.96 18.75
C GLU A 119 -15.58 1.55 18.47
N GLU A 120 -14.64 0.68 18.10
CA GLU A 120 -13.28 1.13 17.81
C GLU A 120 -13.27 2.09 16.63
N VAL A 121 -14.02 1.74 15.59
CA VAL A 121 -14.10 2.58 14.41
C VAL A 121 -14.75 3.92 14.76
N GLU A 122 -15.83 3.86 15.52
CA GLU A 122 -16.55 5.07 15.91
C GLU A 122 -15.65 5.95 16.78
N GLN A 123 -14.66 5.32 17.40
CA GLN A 123 -13.74 6.06 18.26
C GLN A 123 -12.77 6.88 17.42
N MET A 124 -12.03 6.21 16.54
CA MET A 124 -11.05 6.90 15.71
C MET A 124 -11.70 8.02 14.92
N ILE A 125 -12.81 7.72 14.26
CA ILE A 125 -13.49 8.73 13.47
C ILE A 125 -13.92 9.90 14.35
N LYS A 126 -14.42 9.59 15.54
CA LYS A 126 -14.84 10.62 16.46
C LYS A 126 -13.66 11.46 16.92
N GLU A 127 -12.53 10.81 17.17
CA GLU A 127 -11.34 11.51 17.62
C GLU A 127 -10.72 12.32 16.50
N ALA A 128 -10.58 11.69 15.33
CA ALA A 128 -10.00 12.37 14.18
C ALA A 128 -10.87 13.55 13.77
N ASP A 129 -12.18 13.39 13.89
CA ASP A 129 -13.11 14.45 13.52
C ASP A 129 -13.10 15.53 14.61
N LEU A 130 -12.45 16.65 14.30
CA LEU A 130 -12.37 17.77 15.23
C LEU A 130 -13.70 18.48 15.34
N ASP A 131 -14.46 18.52 14.24
CA ASP A 131 -15.75 19.18 14.22
C ASP A 131 -16.88 18.19 14.44
N GLY A 132 -16.53 16.91 14.58
CA GLY A 132 -17.53 15.87 14.81
C GLY A 132 -18.64 15.96 13.76
N ASP A 133 -18.27 16.38 12.55
CA ASP A 133 -19.25 16.51 11.48
C ASP A 133 -19.72 15.14 11.00
N GLY A 134 -18.99 14.10 11.40
CA GLY A 134 -19.33 12.73 11.02
C GLY A 134 -18.43 12.23 9.89
N GLN A 135 -17.53 13.09 9.44
CA GLN A 135 -16.61 12.74 8.37
C GLN A 135 -15.32 13.54 8.47
N VAL A 136 -14.19 12.86 8.36
CA VAL A 136 -12.90 13.53 8.45
C VAL A 136 -12.55 14.20 7.12
N ASN A 137 -12.25 15.49 7.20
CA ASN A 137 -11.89 16.25 6.00
C ASN A 137 -10.38 16.17 5.74
N TYR A 138 -9.99 16.34 4.49
CA TYR A 138 -8.58 16.28 4.13
C TYR A 138 -7.77 17.18 5.04
N GLU A 139 -8.28 18.37 5.33
CA GLU A 139 -7.58 19.31 6.19
C GLU A 139 -7.32 18.68 7.55
N GLU A 140 -8.35 18.08 8.14
CA GLU A 140 -8.20 17.44 9.44
C GLU A 140 -7.24 16.27 9.35
N PHE A 141 -7.29 15.55 8.22
CA PHE A 141 -6.39 14.41 8.03
C PHE A 141 -4.94 14.87 8.08
N VAL A 142 -4.63 15.94 7.35
CA VAL A 142 -3.26 16.45 7.33
C VAL A 142 -2.82 16.81 8.74
N LYS A 143 -3.68 17.52 9.46
CA LYS A 143 -3.36 17.92 10.83
C LYS A 143 -3.24 16.69 11.72
N MET A 144 -3.99 15.65 11.39
CA MET A 144 -3.96 14.42 12.16
C MET A 144 -2.64 13.68 11.94
N MET A 145 -2.05 13.90 10.76
CA MET A 145 -0.79 13.24 10.43
C MET A 145 0.40 14.05 10.93
N MET A 146 0.17 15.33 11.19
CA MET A 146 1.23 16.21 11.67
C MET A 146 1.97 15.58 12.87
N THR A 147 2.55 16.42 13.71
CA THR A 147 3.26 15.93 14.87
C THR A 147 2.30 15.38 15.91
N VAL A 148 1.19 16.08 16.12
CA VAL A 148 0.21 15.63 17.11
C VAL A 148 0.89 15.29 18.43
N ARG A 149 0.81 16.23 19.38
CA ARG A 149 1.43 16.03 20.70
C ARG A 149 0.53 16.57 21.80
N ALA B 1 -6.25 6.85 19.26
CA ALA B 1 -6.57 6.25 17.93
C ALA B 1 -5.51 6.66 16.92
N ARG B 2 -4.47 7.33 17.40
CA ARG B 2 -3.39 7.78 16.53
C ARG B 2 -2.72 6.59 15.86
N GLN B 3 -2.49 5.53 16.62
CA GLN B 3 -1.85 4.34 16.10
C GLN B 3 -2.73 3.70 15.02
N ARG B 4 -4.03 3.70 15.25
CA ARG B 4 -4.95 3.12 14.28
C ARG B 4 -4.87 3.85 12.95
N TRP B 5 -4.87 5.17 13.01
CA TRP B 5 -4.78 5.96 11.79
C TRP B 5 -3.44 5.72 11.11
N ARG B 6 -2.38 5.78 11.90
CA ARG B 6 -1.04 5.57 11.37
C ARG B 6 -0.92 4.15 10.86
N SER B 7 -1.53 3.21 11.58
CA SER B 7 -1.47 1.82 11.18
C SER B 7 -2.11 1.65 9.81
N SER B 8 -3.26 2.27 9.62
CA SER B 8 -3.94 2.15 8.33
C SER B 8 -3.05 2.66 7.22
N VAL B 9 -2.41 3.80 7.44
CA VAL B 9 -1.53 4.38 6.43
C VAL B 9 -0.29 3.52 6.25
N SER B 10 0.30 3.09 7.37
CA SER B 10 1.51 2.27 7.32
C SER B 10 1.23 0.91 6.70
N ILE B 11 0.10 0.33 7.04
CA ILE B 11 -0.27 -0.97 6.50
C ILE B 11 -0.46 -0.87 4.99
N VAL B 12 -1.11 0.19 4.56
CA VAL B 12 -1.38 0.38 3.14
C VAL B 12 -0.08 0.45 2.36
N LYS B 13 0.87 1.22 2.85
CA LYS B 13 2.14 1.35 2.15
C LYS B 13 2.95 0.05 2.26
N ASN B 14 2.70 -0.68 3.34
CA ASN B 14 3.41 -1.92 3.57
C ASN B 14 2.79 -3.04 2.76
N ARG B 15 1.47 -2.97 2.56
CA ARG B 15 0.77 -3.99 1.79
C ARG B 15 0.83 -3.69 0.30
N ALA B 16 0.50 -2.45 -0.07
CA ALA B 16 0.50 -2.06 -1.48
C ALA B 16 0.02 -3.21 -2.36
N ARG B 17 -1.17 -3.71 -2.08
CA ARG B 17 -1.71 -4.84 -2.85
C ARG B 17 -1.69 -4.50 -4.34
N ARG B 18 -1.43 -3.24 -4.66
CA ARG B 18 -1.38 -2.80 -6.06
C ARG B 18 0.06 -2.49 -6.47
N PHE B 19 0.96 -2.49 -5.50
CA PHE B 19 2.36 -2.21 -5.77
C PHE B 19 2.53 -0.78 -6.27
N ARG B 20 1.97 0.17 -5.52
CA ARG B 20 2.06 1.57 -5.91
C ARG B 20 3.44 1.90 -6.48
N MET B 21 4.46 1.23 -5.96
CA MET B 21 5.82 1.45 -6.43
C MET B 21 6.03 0.87 -7.82
N ILE B 22 5.92 -0.45 -7.93
CA ILE B 22 6.11 -1.12 -9.21
C ILE B 22 5.04 -0.67 -10.21
N SER B 23 3.81 -0.57 -9.73
CA SER B 23 2.70 -0.16 -10.58
C SER B 23 3.00 1.20 -11.19
N ASN B 24 3.51 2.13 -10.38
CA ASN B 24 3.83 3.46 -10.86
C ASN B 24 5.28 3.54 -11.29
N LEU B 25 6.03 2.44 -11.09
CA LEU B 25 7.46 2.37 -11.46
C LEU B 25 8.07 3.77 -11.56
CA CA C . 5.42 -16.76 -10.35
CA CA D . 17.12 -12.76 -8.96
CA CA E . -16.35 10.03 1.35
CA CA F . -14.56 16.80 10.06
N ALA A 1 10.95 -17.57 5.70
CA ALA A 1 11.07 -16.18 6.22
C ALA A 1 9.82 -15.82 7.01
N ASP A 2 9.72 -16.32 8.24
CA ASP A 2 8.56 -16.05 9.09
C ASP A 2 8.97 -15.19 10.28
N ILE A 3 9.73 -14.13 10.01
CA ILE A 3 10.17 -13.23 11.06
C ILE A 3 9.04 -12.29 11.48
N LEU A 4 8.42 -11.64 10.49
CA LEU A 4 7.32 -10.71 10.78
C LEU A 4 6.02 -11.47 10.97
N SER A 5 5.12 -11.38 9.97
CA SER A 5 3.84 -12.07 10.05
C SER A 5 3.45 -12.57 8.66
N GLU A 6 2.88 -13.77 8.62
CA GLU A 6 2.46 -14.36 7.36
C GLU A 6 1.79 -13.31 6.46
N GLU A 7 1.25 -12.28 7.09
CA GLU A 7 0.59 -11.20 6.34
C GLU A 7 1.60 -10.51 5.41
N GLN A 8 2.74 -10.12 5.96
CA GLN A 8 3.76 -9.44 5.18
C GLN A 8 4.06 -10.23 3.92
N ILE A 9 4.36 -11.51 4.09
CA ILE A 9 4.66 -12.36 2.95
C ILE A 9 3.48 -12.40 1.99
N VAL A 10 2.28 -12.53 2.55
CA VAL A 10 1.09 -12.58 1.72
C VAL A 10 0.99 -11.31 0.87
N ASP A 11 1.09 -10.16 1.50
CA ASP A 11 0.99 -8.89 0.79
C ASP A 11 1.98 -8.87 -0.37
N PHE A 12 3.22 -9.23 -0.08
CA PHE A 12 4.25 -9.27 -1.11
C PHE A 12 3.94 -10.34 -2.15
N LYS A 13 3.53 -11.50 -1.68
CA LYS A 13 3.21 -12.61 -2.58
C LYS A 13 2.14 -12.18 -3.58
N GLU A 14 1.13 -11.48 -3.10
CA GLU A 14 0.06 -11.02 -3.97
C GLU A 14 0.59 -10.04 -5.02
N ALA A 15 1.32 -9.03 -4.55
CA ALA A 15 1.88 -8.03 -5.44
C ALA A 15 2.67 -8.71 -6.56
N PHE A 16 3.46 -9.72 -6.19
CA PHE A 16 4.26 -10.44 -7.17
C PHE A 16 3.36 -11.05 -8.24
N GLY A 17 2.28 -11.71 -7.80
CA GLY A 17 1.36 -12.35 -8.73
C GLY A 17 0.90 -11.34 -9.78
N LEU A 18 0.66 -10.11 -9.34
CA LEU A 18 0.21 -9.07 -10.27
C LEU A 18 1.28 -8.77 -11.31
N PHE A 19 2.52 -8.67 -10.85
CA PHE A 19 3.62 -8.37 -11.75
C PHE A 19 3.88 -9.53 -12.71
N ASP A 20 3.87 -10.74 -12.16
CA ASP A 20 4.12 -11.93 -12.98
C ASP A 20 2.85 -12.46 -13.62
N LYS A 21 2.39 -11.77 -14.66
CA LYS A 21 1.18 -12.18 -15.35
C LYS A 21 1.32 -13.61 -15.84
N ASP A 22 2.48 -13.95 -16.39
CA ASP A 22 2.72 -15.28 -16.89
C ASP A 22 3.32 -16.16 -15.81
N GLY A 23 2.87 -15.97 -14.57
CA GLY A 23 3.34 -16.75 -13.42
C GLY A 23 4.50 -17.67 -13.79
N ASP A 24 5.62 -17.06 -14.15
CA ASP A 24 6.80 -17.84 -14.56
C ASP A 24 7.71 -18.04 -13.35
N GLY A 25 7.56 -17.18 -12.36
CA GLY A 25 8.38 -17.25 -11.14
C GLY A 25 9.28 -16.04 -11.01
N CYS A 26 9.64 -15.42 -12.13
CA CYS A 26 10.50 -14.23 -12.11
C CYS A 26 9.97 -13.19 -13.09
N ILE A 27 9.87 -11.96 -12.62
CA ILE A 27 9.35 -10.87 -13.45
C ILE A 27 10.42 -10.45 -14.45
N THR A 28 10.02 -10.30 -15.70
CA THR A 28 10.95 -9.91 -16.76
C THR A 28 10.85 -8.42 -17.07
N VAL A 29 11.94 -7.83 -17.54
CA VAL A 29 11.95 -6.42 -17.87
C VAL A 29 10.75 -6.07 -18.74
N GLU A 30 10.48 -6.91 -19.74
CA GLU A 30 9.35 -6.67 -20.64
C GLU A 30 8.05 -6.66 -19.85
N GLU A 31 7.79 -7.74 -19.10
CA GLU A 31 6.58 -7.82 -18.30
C GLU A 31 6.45 -6.58 -17.44
N LEU A 32 7.57 -6.13 -16.88
CA LEU A 32 7.55 -4.96 -16.04
C LEU A 32 7.13 -3.73 -16.86
N ALA A 33 7.63 -3.64 -18.07
CA ALA A 33 7.31 -2.51 -18.93
C ALA A 33 5.81 -2.48 -19.20
N THR A 34 5.24 -3.64 -19.50
CA THR A 34 3.81 -3.73 -19.79
C THR A 34 3.01 -3.21 -18.60
N VAL A 35 3.40 -3.62 -17.40
CA VAL A 35 2.71 -3.17 -16.19
C VAL A 35 2.81 -1.65 -16.04
N ILE A 36 4.03 -1.13 -16.21
CA ILE A 36 4.25 0.31 -16.10
C ILE A 36 3.50 1.05 -17.21
N ARG A 37 3.59 0.53 -18.43
CA ARG A 37 2.92 1.15 -19.56
C ARG A 37 1.42 1.16 -19.36
N SER A 38 0.90 0.08 -18.80
CA SER A 38 -0.53 -0.03 -18.55
C SER A 38 -0.94 0.93 -17.44
N LEU A 39 -0.01 1.20 -16.53
CA LEU A 39 -0.30 2.09 -15.41
C LEU A 39 -0.48 3.53 -15.91
N ASP A 40 -0.74 3.67 -17.21
CA ASP A 40 -0.93 5.00 -17.79
C ASP A 40 0.39 5.77 -17.84
N GLN A 41 1.35 5.25 -18.58
CA GLN A 41 2.65 5.90 -18.70
C GLN A 41 3.45 5.31 -19.86
N ASN A 42 4.45 6.04 -20.31
CA ASN A 42 5.29 5.57 -21.42
C ASN A 42 6.74 6.00 -21.20
N PRO A 43 7.36 5.53 -20.16
CA PRO A 43 8.78 5.86 -19.84
C PRO A 43 9.76 5.11 -20.74
N THR A 44 10.97 5.65 -20.86
CA THR A 44 11.99 5.02 -21.69
C THR A 44 12.48 3.72 -21.04
N GLU A 45 12.66 2.69 -21.86
CA GLU A 45 13.13 1.41 -21.36
C GLU A 45 14.44 1.57 -20.61
N GLU A 46 15.36 2.35 -21.17
CA GLU A 46 16.66 2.57 -20.55
C GLU A 46 16.51 2.72 -19.03
N GLU A 47 15.53 3.50 -18.61
CA GLU A 47 15.28 3.70 -17.19
C GLU A 47 14.75 2.42 -16.54
N LEU A 48 14.03 1.62 -17.33
CA LEU A 48 13.49 0.36 -16.83
C LEU A 48 14.58 -0.70 -16.75
N GLN A 49 15.38 -0.81 -17.79
CA GLN A 49 16.44 -1.80 -17.82
C GLN A 49 17.49 -1.50 -16.75
N ASP A 50 17.75 -0.21 -16.55
CA ASP A 50 18.73 0.20 -15.55
C ASP A 50 18.22 -0.07 -14.14
N MET A 51 17.01 0.43 -13.85
CA MET A 51 16.42 0.25 -12.53
C MET A 51 16.31 -1.22 -12.19
N ILE A 52 15.91 -2.02 -13.17
CA ILE A 52 15.78 -3.45 -12.96
C ILE A 52 17.13 -4.08 -12.64
N SER A 53 18.16 -3.66 -13.37
CA SER A 53 19.49 -4.20 -13.16
C SER A 53 20.23 -3.42 -12.07
N GLU A 54 19.68 -2.28 -11.70
CA GLU A 54 20.30 -1.44 -10.67
C GLU A 54 20.46 -2.22 -9.37
N VAL A 55 19.42 -2.95 -9.00
CA VAL A 55 19.44 -3.74 -7.77
C VAL A 55 19.85 -5.18 -8.04
N ASP A 56 19.39 -5.72 -9.17
CA ASP A 56 19.70 -7.10 -9.54
C ASP A 56 21.15 -7.42 -9.20
N ALA A 57 21.35 -8.19 -8.14
CA ALA A 57 22.69 -8.57 -7.70
C ALA A 57 23.16 -9.82 -8.43
N ASP A 58 22.38 -10.27 -9.40
CA ASP A 58 22.73 -11.46 -10.18
C ASP A 58 22.64 -11.19 -11.67
N GLY A 59 22.56 -9.91 -12.05
CA GLY A 59 22.46 -9.52 -13.45
C GLY A 59 21.68 -10.56 -14.26
N ASN A 60 20.61 -11.09 -13.66
CA ASN A 60 19.82 -12.11 -14.34
C ASN A 60 18.89 -11.47 -15.36
N GLY A 61 18.41 -10.27 -15.06
CA GLY A 61 17.50 -9.56 -15.98
C GLY A 61 16.06 -9.71 -15.51
N THR A 62 15.84 -10.53 -14.48
CA THR A 62 14.50 -10.74 -13.95
C THR A 62 14.52 -10.73 -12.43
N ILE A 63 13.52 -10.08 -11.83
CA ILE A 63 13.45 -9.99 -10.37
C ILE A 63 12.72 -11.19 -9.79
N GLU A 64 13.39 -11.89 -8.88
CA GLU A 64 12.80 -13.06 -8.24
C GLU A 64 11.96 -12.64 -7.04
N PHE A 65 11.08 -13.52 -6.60
CA PHE A 65 10.22 -13.22 -5.45
C PHE A 65 11.06 -12.68 -4.29
N ASP A 66 12.14 -13.35 -3.97
CA ASP A 66 13.00 -12.92 -2.87
C ASP A 66 13.54 -11.52 -3.15
N GLU A 67 13.88 -11.26 -4.40
CA GLU A 67 14.39 -9.95 -4.78
C GLU A 67 13.28 -8.90 -4.76
N PHE A 68 12.14 -9.25 -5.34
CA PHE A 68 11.00 -8.33 -5.38
C PHE A 68 10.61 -7.94 -3.96
N LEU A 69 10.55 -8.93 -3.07
CA LEU A 69 10.16 -8.66 -1.69
C LEU A 69 11.12 -7.64 -1.07
N SER A 70 12.40 -7.95 -1.13
CA SER A 70 13.41 -7.04 -0.58
C SER A 70 13.33 -5.68 -1.25
N LEU A 71 13.14 -5.69 -2.57
CA LEU A 71 13.09 -4.45 -3.30
C LEU A 71 12.08 -3.48 -2.68
N MET A 72 10.83 -3.92 -2.58
CA MET A 72 9.80 -3.06 -2.03
C MET A 72 9.97 -2.88 -0.53
N ALA A 73 10.30 -3.97 0.15
CA ALA A 73 10.47 -3.92 1.60
C ALA A 73 11.54 -2.91 1.99
N LYS A 74 12.60 -2.86 1.20
CA LYS A 74 13.69 -1.93 1.49
C LYS A 74 13.27 -0.49 1.23
N LYS A 75 12.89 -0.19 -0.01
CA LYS A 75 12.49 1.15 -0.36
C LYS A 75 11.08 1.44 0.14
N VAL A 76 10.99 2.34 1.13
CA VAL A 76 9.70 2.71 1.68
C VAL A 76 9.76 4.09 2.32
N LYS A 77 10.51 4.18 3.42
CA LYS A 77 10.65 5.45 4.14
C LYS A 77 9.36 6.27 4.05
N ASP A 78 9.26 7.11 3.03
CA ASP A 78 8.08 7.93 2.83
C ASP A 78 8.04 8.49 1.42
N THR A 79 9.21 8.51 0.75
CA THR A 79 9.29 9.03 -0.61
C THR A 79 8.94 10.50 -0.65
N ASP A 80 7.69 10.82 -0.35
CA ASP A 80 7.23 12.20 -0.36
C ASP A 80 5.92 12.34 0.41
N ALA A 81 5.78 13.43 1.14
CA ALA A 81 4.57 13.67 1.92
C ALA A 81 3.35 13.80 1.00
N GLU A 82 3.41 14.75 0.07
CA GLU A 82 2.30 14.96 -0.85
C GLU A 82 1.90 13.66 -1.53
N GLU A 83 2.82 12.69 -1.54
CA GLU A 83 2.55 11.40 -2.16
C GLU A 83 1.78 10.49 -1.22
N GLU A 84 2.30 10.30 -0.02
CA GLU A 84 1.65 9.45 0.96
C GLU A 84 0.36 10.08 1.45
N LEU A 85 0.38 11.40 1.62
CA LEU A 85 -0.79 12.12 2.07
C LEU A 85 -1.90 12.10 1.03
N LYS A 86 -1.50 12.18 -0.24
CA LYS A 86 -2.48 12.17 -1.31
C LYS A 86 -2.89 10.74 -1.67
N GLU A 87 -1.91 9.85 -1.77
CA GLU A 87 -2.19 8.45 -2.12
C GLU A 87 -3.11 7.84 -1.06
N ALA A 88 -2.87 8.17 0.20
CA ALA A 88 -3.68 7.64 1.28
C ALA A 88 -5.10 8.18 1.16
N PHE A 89 -5.24 9.50 1.18
CA PHE A 89 -6.57 10.12 1.07
C PHE A 89 -7.27 9.61 -0.19
N LYS A 90 -6.51 9.47 -1.26
CA LYS A 90 -7.08 9.00 -2.51
C LYS A 90 -7.66 7.59 -2.34
N VAL A 91 -6.98 6.76 -1.57
CA VAL A 91 -7.46 5.40 -1.33
C VAL A 91 -8.65 5.41 -0.38
N PHE A 92 -8.47 6.03 0.77
CA PHE A 92 -9.54 6.11 1.76
C PHE A 92 -10.75 6.81 1.17
N ASP A 93 -10.52 7.96 0.54
CA ASP A 93 -11.61 8.72 -0.07
C ASP A 93 -11.97 8.11 -1.41
N LYS A 94 -12.31 6.82 -1.40
CA LYS A 94 -12.65 6.13 -2.64
C LYS A 94 -13.51 7.00 -3.55
N ASP A 95 -14.68 7.41 -3.06
CA ASP A 95 -15.58 8.25 -3.84
C ASP A 95 -14.97 9.63 -4.07
N GLN A 96 -13.84 9.88 -3.44
CA GLN A 96 -13.16 11.17 -3.59
C GLN A 96 -14.16 12.31 -3.47
N ASN A 97 -14.84 12.37 -2.33
CA ASN A 97 -15.82 13.43 -2.09
C ASN A 97 -15.20 14.56 -1.29
N GLY A 98 -13.94 14.40 -0.92
CA GLY A 98 -13.23 15.42 -0.14
C GLY A 98 -13.37 15.15 1.36
N TYR A 99 -14.02 14.04 1.71
CA TYR A 99 -14.21 13.69 3.11
C TYR A 99 -14.13 12.18 3.29
N ILE A 100 -13.66 11.75 4.45
CA ILE A 100 -13.53 10.31 4.72
C ILE A 100 -14.73 9.83 5.53
N SER A 101 -15.50 8.92 4.93
CA SER A 101 -16.68 8.36 5.60
C SER A 101 -16.28 7.14 6.41
N ALA A 102 -16.97 6.92 7.52
CA ALA A 102 -16.68 5.77 8.38
C ALA A 102 -16.65 4.48 7.55
N SER A 103 -17.63 4.31 6.69
CA SER A 103 -17.71 3.11 5.86
C SER A 103 -16.47 2.99 4.98
N GLU A 104 -16.03 4.12 4.42
CA GLU A 104 -14.86 4.12 3.56
C GLU A 104 -13.62 3.72 4.36
N LEU A 105 -13.38 4.41 5.47
CA LEU A 105 -12.24 4.11 6.32
C LEU A 105 -12.41 2.74 6.98
N ARG A 106 -13.66 2.31 7.09
CA ARG A 106 -13.94 1.01 7.71
C ARG A 106 -13.78 -0.11 6.70
N HIS A 107 -14.23 0.13 5.46
CA HIS A 107 -14.13 -0.87 4.40
C HIS A 107 -12.66 -1.23 4.20
N VAL A 108 -11.79 -0.23 4.12
CA VAL A 108 -10.37 -0.49 3.94
C VAL A 108 -9.83 -1.23 5.15
N MET A 109 -9.92 -0.59 6.32
CA MET A 109 -9.43 -1.21 7.57
C MET A 109 -9.61 -2.73 7.52
N ILE A 110 -10.84 -3.19 7.68
CA ILE A 110 -11.10 -4.62 7.65
C ILE A 110 -10.43 -5.27 6.45
N ASN A 111 -10.61 -4.69 5.27
CA ASN A 111 -10.01 -5.23 4.06
C ASN A 111 -8.49 -5.30 4.21
N LEU A 112 -7.98 -4.69 5.28
CA LEU A 112 -6.54 -4.69 5.55
C LEU A 112 -6.22 -5.54 6.77
N GLY A 113 -7.22 -6.23 7.28
CA GLY A 113 -7.03 -7.08 8.45
C GLY A 113 -7.20 -6.29 9.74
N GLU A 114 -8.43 -5.85 10.00
CA GLU A 114 -8.72 -5.09 11.22
C GLU A 114 -10.23 -4.98 11.43
N LYS A 115 -10.74 -5.71 12.40
CA LYS A 115 -12.17 -5.68 12.71
C LYS A 115 -12.45 -4.79 13.91
N LEU A 116 -12.90 -3.57 13.65
CA LEU A 116 -13.19 -2.62 14.72
C LEU A 116 -14.67 -2.68 15.09
N THR A 117 -14.95 -2.69 16.39
CA THR A 117 -16.33 -2.74 16.86
C THR A 117 -17.00 -1.38 16.72
N ASP A 118 -18.32 -1.36 16.83
CA ASP A 118 -19.06 -0.11 16.69
C ASP A 118 -18.42 0.99 17.52
N GLU A 119 -18.21 0.73 18.80
CA GLU A 119 -17.59 1.71 19.68
C GLU A 119 -16.20 2.09 19.16
N GLU A 120 -15.46 1.09 18.70
CA GLU A 120 -14.12 1.33 18.18
C GLU A 120 -14.18 2.18 16.92
N VAL A 121 -15.16 1.90 16.07
CA VAL A 121 -15.32 2.64 14.83
C VAL A 121 -15.58 4.13 15.13
N GLU A 122 -16.41 4.38 16.13
CA GLU A 122 -16.73 5.76 16.49
C GLU A 122 -15.47 6.50 16.94
N GLN A 123 -14.84 6.00 18.00
CA GLN A 123 -13.63 6.64 18.52
C GLN A 123 -12.54 6.63 17.46
N MET A 124 -12.58 5.65 16.57
CA MET A 124 -11.58 5.54 15.53
C MET A 124 -11.59 6.77 14.64
N ILE A 125 -12.77 7.12 14.12
CA ILE A 125 -12.90 8.27 13.25
C ILE A 125 -13.25 9.53 14.04
N LYS A 126 -14.02 9.34 15.11
CA LYS A 126 -14.44 10.46 15.93
C LYS A 126 -13.27 11.16 16.58
N GLU A 127 -12.15 10.43 16.70
CA GLU A 127 -10.96 11.00 17.30
C GLU A 127 -10.29 12.01 16.37
N ALA A 128 -10.04 11.58 15.14
CA ALA A 128 -9.39 12.46 14.16
C ALA A 128 -10.23 13.71 13.95
N ASP A 129 -11.54 13.55 13.98
CA ASP A 129 -12.43 14.69 13.78
C ASP A 129 -12.61 15.47 15.08
N LEU A 130 -11.95 16.62 15.17
CA LEU A 130 -12.04 17.46 16.36
C LEU A 130 -13.47 17.97 16.53
N ASP A 131 -14.09 18.38 15.41
CA ASP A 131 -15.45 18.89 15.44
C ASP A 131 -16.46 17.75 15.27
N GLY A 132 -15.94 16.54 15.05
CA GLY A 132 -16.80 15.36 14.87
C GLY A 132 -17.36 15.37 13.49
N ASP A 133 -18.61 14.91 13.35
CA ASP A 133 -19.31 14.85 12.05
C ASP A 133 -19.16 13.47 11.41
N GLY A 134 -18.49 12.56 12.10
CA GLY A 134 -18.32 11.21 11.60
C GLY A 134 -17.61 11.23 10.26
N GLN A 135 -16.98 12.35 9.94
CA GLN A 135 -16.29 12.49 8.67
C GLN A 135 -15.03 13.31 8.84
N VAL A 136 -13.95 12.86 8.19
CA VAL A 136 -12.67 13.58 8.25
C VAL A 136 -12.36 14.22 6.90
N ASN A 137 -12.18 15.54 6.93
CA ASN A 137 -11.85 16.28 5.71
C ASN A 137 -10.35 16.23 5.45
N TYR A 138 -9.97 16.44 4.20
CA TYR A 138 -8.55 16.43 3.83
C TYR A 138 -7.75 17.29 4.80
N GLU A 139 -8.25 18.48 5.09
CA GLU A 139 -7.57 19.40 6.01
C GLU A 139 -7.44 18.75 7.38
N GLU A 140 -8.53 18.16 7.86
CA GLU A 140 -8.52 17.50 9.16
C GLU A 140 -7.58 16.31 9.14
N PHE A 141 -7.55 15.60 8.00
CA PHE A 141 -6.67 14.44 7.88
C PHE A 141 -5.21 14.84 7.99
N VAL A 142 -4.83 15.89 7.26
CA VAL A 142 -3.45 16.36 7.28
C VAL A 142 -3.04 16.73 8.70
N LYS A 143 -3.89 17.47 9.39
CA LYS A 143 -3.60 17.87 10.75
C LYS A 143 -3.46 16.67 11.67
N MET A 144 -4.28 15.66 11.42
CA MET A 144 -4.23 14.44 12.23
C MET A 144 -2.93 13.67 11.98
N MET A 145 -2.49 13.65 10.73
CA MET A 145 -1.29 12.92 10.35
C MET A 145 -0.07 13.78 10.51
N MET A 146 -0.24 15.10 10.40
CA MET A 146 0.87 16.04 10.53
C MET A 146 1.94 15.53 11.47
N THR A 147 2.82 14.69 10.95
CA THR A 147 3.88 14.10 11.75
C THR A 147 3.36 13.72 13.13
N VAL A 148 2.54 12.67 13.18
CA VAL A 148 1.96 12.20 14.44
C VAL A 148 2.96 12.36 15.58
N ARG A 149 2.93 13.53 16.22
CA ARG A 149 3.85 13.83 17.33
C ARG A 149 3.08 13.92 18.63
N ALA B 1 -6.54 6.35 19.28
CA ALA B 1 -6.88 6.01 17.87
C ALA B 1 -5.77 6.53 16.95
N ARG B 2 -4.77 7.18 17.54
CA ARG B 2 -3.66 7.73 16.77
C ARG B 2 -2.89 6.61 16.08
N GLN B 3 -2.69 5.51 16.79
CA GLN B 3 -1.96 4.37 16.24
C GLN B 3 -2.76 3.72 15.12
N ARG B 4 -4.08 3.63 15.32
CA ARG B 4 -4.94 3.03 14.32
C ARG B 4 -4.85 3.80 13.00
N TRP B 5 -4.89 5.13 13.10
CA TRP B 5 -4.81 5.95 11.91
C TRP B 5 -3.48 5.73 11.20
N ARG B 6 -2.40 5.80 11.97
CA ARG B 6 -1.06 5.61 11.42
C ARG B 6 -0.92 4.17 10.92
N SER B 7 -1.49 3.24 11.67
CA SER B 7 -1.43 1.83 11.30
C SER B 7 -2.06 1.63 9.94
N SER B 8 -3.20 2.28 9.71
CA SER B 8 -3.88 2.15 8.43
C SER B 8 -2.99 2.65 7.30
N VAL B 9 -2.42 3.84 7.49
CA VAL B 9 -1.53 4.42 6.49
C VAL B 9 -0.25 3.59 6.37
N SER B 10 0.22 3.09 7.50
CA SER B 10 1.43 2.27 7.51
C SER B 10 1.21 1.00 6.71
N ILE B 11 0.06 0.37 6.89
CA ILE B 11 -0.24 -0.85 6.17
C ILE B 11 -0.43 -0.54 4.68
N VAL B 12 -0.85 0.68 4.38
CA VAL B 12 -1.05 1.09 3.00
C VAL B 12 0.28 1.20 2.27
N LYS B 13 1.26 1.81 2.94
CA LYS B 13 2.57 1.98 2.33
C LYS B 13 3.21 0.62 2.07
N ASN B 14 2.97 -0.30 2.99
CA ASN B 14 3.55 -1.63 2.87
C ASN B 14 2.76 -2.45 1.86
N ARG B 15 1.45 -2.19 1.80
CA ARG B 15 0.58 -2.91 0.88
C ARG B 15 0.82 -2.47 -0.55
N ALA B 16 0.89 -1.15 -0.76
CA ALA B 16 1.10 -0.58 -2.10
C ALA B 16 0.67 -1.58 -3.19
N ARG B 17 -0.63 -1.63 -3.44
CA ARG B 17 -1.15 -2.56 -4.44
C ARG B 17 -0.91 -2.02 -5.84
N ARG B 18 -0.48 -0.76 -5.91
CA ARG B 18 -0.21 -0.12 -7.20
C ARG B 18 1.28 0.06 -7.41
N PHE B 19 2.06 -0.35 -6.42
CA PHE B 19 3.51 -0.22 -6.52
C PHE B 19 3.90 1.24 -6.70
N ARG B 20 3.68 2.04 -5.67
CA ARG B 20 3.99 3.46 -5.74
C ARG B 20 5.45 3.67 -6.11
N MET B 21 6.32 2.79 -5.60
CA MET B 21 7.74 2.89 -5.88
C MET B 21 8.03 2.64 -7.36
N ILE B 22 7.72 1.44 -7.82
CA ILE B 22 7.94 1.08 -9.21
C ILE B 22 7.11 1.96 -10.13
N SER B 23 5.86 2.17 -9.77
CA SER B 23 4.97 2.99 -10.59
C SER B 23 5.58 4.37 -10.83
N ASN B 24 6.13 4.95 -9.77
CA ASN B 24 6.76 6.26 -9.88
C ASN B 24 7.97 6.20 -10.80
N LEU B 25 8.74 5.11 -10.70
CA LEU B 25 9.93 4.94 -11.54
C LEU B 25 9.60 4.08 -12.75
CA CA C . 7.20 -13.15 -15.16
CA CA D . 17.57 -11.88 -10.31
CA CA E . -15.43 9.92 0.59
CA CA F . -15.06 16.81 10.67
N ALA A 1 12.73 -1.03 16.31
CA ALA A 1 12.08 -1.08 14.97
C ALA A 1 12.72 -0.02 14.07
N ASP A 2 13.86 -0.37 13.49
CA ASP A 2 14.57 0.55 12.61
C ASP A 2 13.92 0.56 11.23
N ILE A 3 14.63 0.02 10.23
CA ILE A 3 14.12 -0.02 8.86
C ILE A 3 14.16 -1.45 8.31
N LEU A 4 13.93 -2.42 9.18
CA LEU A 4 13.95 -3.81 8.76
C LEU A 4 13.37 -4.70 9.85
N SER A 5 12.25 -4.28 10.43
CA SER A 5 11.62 -5.04 11.49
C SER A 5 10.98 -6.31 10.92
N GLU A 6 10.62 -7.23 11.80
CA GLU A 6 10.02 -8.49 11.38
C GLU A 6 8.74 -8.22 10.59
N GLU A 7 8.00 -7.20 11.00
CA GLU A 7 6.75 -6.86 10.31
C GLU A 7 6.98 -6.72 8.81
N GLN A 8 7.85 -5.79 8.43
CA GLN A 8 8.15 -5.59 7.02
C GLN A 8 8.38 -6.92 6.31
N ILE A 9 9.01 -7.85 7.02
CA ILE A 9 9.28 -9.17 6.46
C ILE A 9 8.01 -10.02 6.48
N VAL A 10 7.18 -9.82 7.49
CA VAL A 10 5.95 -10.60 7.60
C VAL A 10 5.02 -10.28 6.44
N ASP A 11 4.78 -8.99 6.20
CA ASP A 11 3.90 -8.58 5.11
C ASP A 11 4.54 -8.94 3.77
N PHE A 12 5.84 -8.71 3.66
CA PHE A 12 6.55 -9.01 2.43
C PHE A 12 6.50 -10.49 2.15
N LYS A 13 6.68 -11.28 3.20
CA LYS A 13 6.63 -12.72 3.06
C LYS A 13 5.22 -13.16 2.66
N GLU A 14 4.21 -12.43 3.15
CA GLU A 14 2.83 -12.77 2.83
C GLU A 14 2.60 -12.64 1.33
N ALA A 15 3.06 -11.53 0.75
CA ALA A 15 2.91 -11.31 -0.69
C ALA A 15 3.67 -12.38 -1.47
N PHE A 16 4.82 -12.78 -0.95
CA PHE A 16 5.62 -13.80 -1.62
C PHE A 16 4.83 -15.10 -1.74
N GLY A 17 4.24 -15.54 -0.64
CA GLY A 17 3.46 -16.76 -0.64
C GLY A 17 2.28 -16.65 -1.59
N LEU A 18 1.74 -15.44 -1.72
CA LEU A 18 0.61 -15.21 -2.62
C LEU A 18 1.04 -15.42 -4.07
N PHE A 19 2.14 -14.81 -4.47
CA PHE A 19 2.63 -14.94 -5.83
C PHE A 19 3.04 -16.38 -6.11
N ASP A 20 3.54 -17.05 -5.08
CA ASP A 20 3.98 -18.44 -5.22
C ASP A 20 2.88 -19.42 -4.85
N LYS A 21 2.03 -19.74 -5.83
CA LYS A 21 0.95 -20.69 -5.61
C LYS A 21 1.50 -22.09 -5.36
N ASP A 22 2.57 -22.43 -6.07
CA ASP A 22 3.19 -23.76 -5.95
C ASP A 22 4.47 -23.69 -5.11
N GLY A 23 4.52 -22.73 -4.18
CA GLY A 23 5.68 -22.58 -3.30
C GLY A 23 6.96 -23.13 -3.93
N ASP A 24 7.25 -22.69 -5.15
CA ASP A 24 8.44 -23.16 -5.86
C ASP A 24 9.66 -22.44 -5.33
N GLY A 25 9.68 -22.18 -4.03
CA GLY A 25 10.80 -21.50 -3.41
C GLY A 25 11.04 -20.13 -4.06
N CYS A 26 10.30 -19.85 -5.12
CA CYS A 26 10.45 -18.59 -5.84
C CYS A 26 9.28 -18.40 -6.78
N ILE A 27 9.22 -17.22 -7.41
CA ILE A 27 8.14 -16.90 -8.34
C ILE A 27 8.64 -17.00 -9.77
N THR A 28 8.10 -17.94 -10.54
CA THR A 28 8.50 -18.13 -11.93
C THR A 28 7.67 -17.25 -12.85
N VAL A 29 8.23 -16.93 -14.01
CA VAL A 29 7.54 -16.08 -14.98
C VAL A 29 6.09 -16.54 -15.14
N GLU A 30 5.89 -17.85 -15.32
CA GLU A 30 4.55 -18.39 -15.50
C GLU A 30 3.69 -18.09 -14.28
N GLU A 31 4.17 -18.47 -13.10
CA GLU A 31 3.43 -18.23 -11.88
C GLU A 31 2.99 -16.78 -11.79
N LEU A 32 3.92 -15.87 -12.09
CA LEU A 32 3.62 -14.45 -12.05
C LEU A 32 2.54 -14.11 -13.08
N ALA A 33 2.66 -14.69 -14.27
CA ALA A 33 1.70 -14.43 -15.33
C ALA A 33 0.28 -14.77 -14.87
N THR A 34 0.12 -15.96 -14.33
CA THR A 34 -1.20 -16.41 -13.87
C THR A 34 -1.74 -15.42 -12.84
N VAL A 35 -0.91 -15.05 -11.88
CA VAL A 35 -1.32 -14.12 -10.84
C VAL A 35 -1.71 -12.77 -11.46
N ILE A 36 -0.90 -12.31 -12.41
CA ILE A 36 -1.16 -11.05 -13.07
C ILE A 36 -2.50 -11.10 -13.79
N ARG A 37 -2.77 -12.21 -14.45
CA ARG A 37 -4.03 -12.37 -15.17
C ARG A 37 -5.20 -12.24 -14.20
N SER A 38 -5.02 -12.71 -12.98
CA SER A 38 -6.07 -12.63 -11.99
C SER A 38 -6.24 -11.19 -11.52
N LEU A 39 -5.11 -10.53 -11.27
CA LEU A 39 -5.12 -9.14 -10.80
C LEU A 39 -5.00 -8.17 -11.98
N ASP A 40 -5.00 -8.72 -13.19
CA ASP A 40 -4.89 -7.91 -14.38
C ASP A 40 -5.40 -8.66 -15.60
N GLN A 41 -5.54 -7.95 -16.70
CA GLN A 41 -6.04 -8.56 -17.92
C GLN A 41 -5.09 -9.64 -18.43
N ASN A 42 -4.14 -9.22 -19.27
CA ASN A 42 -3.17 -10.16 -19.82
C ASN A 42 -2.11 -9.43 -20.65
N PRO A 43 -0.94 -9.20 -20.10
CA PRO A 43 0.18 -8.51 -20.82
C PRO A 43 0.90 -9.47 -21.77
N THR A 44 2.15 -9.16 -22.08
CA THR A 44 2.95 -10.00 -22.96
C THR A 44 4.02 -10.73 -22.13
N GLU A 45 4.39 -11.92 -22.59
CA GLU A 45 5.41 -12.72 -21.90
C GLU A 45 6.75 -11.99 -21.87
N GLU A 46 7.13 -11.40 -23.00
CA GLU A 46 8.39 -10.68 -23.09
C GLU A 46 8.38 -9.46 -22.17
N GLU A 47 7.20 -8.87 -22.01
CA GLU A 47 7.07 -7.70 -21.16
C GLU A 47 7.43 -8.03 -19.73
N LEU A 48 7.08 -9.23 -19.29
CA LEU A 48 7.39 -9.67 -17.92
C LEU A 48 8.86 -10.00 -17.80
N GLN A 49 9.34 -10.94 -18.61
CA GLN A 49 10.74 -11.34 -18.57
C GLN A 49 11.65 -10.12 -18.68
N ASP A 50 11.14 -9.07 -19.31
CA ASP A 50 11.90 -7.83 -19.45
C ASP A 50 11.86 -7.00 -18.17
N MET A 51 10.67 -6.84 -17.60
CA MET A 51 10.52 -6.08 -16.37
C MET A 51 11.23 -6.80 -15.22
N ILE A 52 11.44 -8.10 -15.38
CA ILE A 52 12.12 -8.86 -14.35
C ILE A 52 13.60 -8.60 -14.42
N SER A 53 14.27 -9.11 -15.44
CA SER A 53 15.71 -8.91 -15.56
C SER A 53 16.06 -7.45 -15.39
N GLU A 54 15.04 -6.58 -15.38
CA GLU A 54 15.28 -5.15 -15.18
C GLU A 54 15.74 -4.86 -13.75
N VAL A 55 15.17 -5.58 -12.78
CA VAL A 55 15.51 -5.40 -11.37
C VAL A 55 16.12 -6.67 -10.80
N ASP A 56 16.01 -7.76 -11.54
CA ASP A 56 16.55 -9.05 -11.09
C ASP A 56 17.97 -9.24 -11.62
N ALA A 57 18.95 -9.00 -10.76
CA ALA A 57 20.34 -9.15 -11.15
C ALA A 57 20.56 -10.43 -11.96
N ASP A 58 20.49 -11.57 -11.27
CA ASP A 58 20.70 -12.85 -11.92
C ASP A 58 19.53 -13.19 -12.85
N GLY A 59 18.68 -12.19 -13.13
CA GLY A 59 17.52 -12.36 -14.03
C GLY A 59 17.40 -13.80 -14.53
N ASN A 60 17.06 -14.69 -13.61
CA ASN A 60 16.91 -16.11 -13.93
C ASN A 60 15.44 -16.45 -14.15
N GLY A 61 14.66 -15.43 -14.47
CA GLY A 61 13.24 -15.64 -14.72
C GLY A 61 12.53 -16.07 -13.44
N THR A 62 13.21 -15.93 -12.31
CA THR A 62 12.64 -16.31 -11.03
C THR A 62 12.97 -15.28 -9.96
N ILE A 63 12.15 -15.19 -8.93
CA ILE A 63 12.37 -14.23 -7.84
C ILE A 63 12.38 -14.95 -6.50
N GLU A 64 13.39 -14.65 -5.67
CA GLU A 64 13.49 -15.27 -4.36
C GLU A 64 13.19 -14.25 -3.26
N PHE A 65 13.05 -14.73 -2.03
CA PHE A 65 12.74 -13.86 -0.91
C PHE A 65 13.76 -12.71 -0.84
N ASP A 66 15.02 -13.04 -1.03
CA ASP A 66 16.07 -12.03 -0.97
C ASP A 66 15.85 -10.96 -2.04
N GLU A 67 15.40 -11.40 -3.21
CA GLU A 67 15.14 -10.47 -4.31
C GLU A 67 13.83 -9.73 -4.08
N PHE A 68 12.83 -10.44 -3.58
CA PHE A 68 11.53 -9.83 -3.30
C PHE A 68 11.69 -8.74 -2.25
N LEU A 69 12.45 -9.04 -1.20
CA LEU A 69 12.66 -8.07 -0.14
C LEU A 69 13.37 -6.84 -0.68
N SER A 70 14.42 -7.07 -1.46
CA SER A 70 15.19 -5.96 -2.04
C SER A 70 14.30 -5.11 -2.95
N LEU A 71 13.47 -5.78 -3.76
CA LEU A 71 12.60 -5.07 -4.68
C LEU A 71 11.68 -4.11 -3.93
N MET A 72 11.01 -4.63 -2.91
CA MET A 72 10.09 -3.82 -2.12
C MET A 72 10.86 -2.83 -1.25
N ALA A 73 11.99 -3.28 -0.71
CA ALA A 73 12.80 -2.43 0.15
C ALA A 73 13.13 -1.12 -0.55
N LYS A 74 13.28 -1.17 -1.88
CA LYS A 74 13.57 0.03 -2.65
C LYS A 74 12.33 0.90 -2.77
N LYS A 75 11.21 0.28 -3.08
CA LYS A 75 9.96 1.01 -3.20
C LYS A 75 9.37 1.28 -1.83
N VAL A 76 8.79 2.47 -1.69
CA VAL A 76 8.17 2.89 -0.44
C VAL A 76 9.22 3.11 0.62
N LYS A 77 9.34 4.35 1.11
CA LYS A 77 10.32 4.70 2.14
C LYS A 77 10.53 6.21 2.20
N ASP A 78 11.27 6.73 1.22
CA ASP A 78 11.58 8.15 1.14
C ASP A 78 10.95 8.75 -0.13
N THR A 79 9.72 8.35 -0.41
CA THR A 79 9.02 8.84 -1.59
C THR A 79 8.82 10.36 -1.52
N ASP A 80 7.75 10.79 -0.84
CA ASP A 80 7.46 12.21 -0.71
C ASP A 80 6.19 12.41 0.11
N ALA A 81 6.11 13.57 0.77
CA ALA A 81 4.94 13.88 1.57
C ALA A 81 3.71 14.08 0.70
N GLU A 82 3.81 14.98 -0.27
CA GLU A 82 2.69 15.25 -1.16
C GLU A 82 2.24 14.00 -1.89
N GLU A 83 3.15 13.03 -2.00
CA GLU A 83 2.83 11.77 -2.66
C GLU A 83 2.01 10.87 -1.76
N GLU A 84 2.52 10.61 -0.56
CA GLU A 84 1.81 9.76 0.39
C GLU A 84 0.58 10.48 0.94
N LEU A 85 0.69 11.79 1.07
CA LEU A 85 -0.40 12.60 1.60
C LEU A 85 -1.60 12.58 0.65
N LYS A 86 -1.33 12.60 -0.65
CA LYS A 86 -2.40 12.57 -1.64
C LYS A 86 -2.84 11.15 -1.95
N GLU A 87 -1.86 10.24 -2.08
CA GLU A 87 -2.17 8.85 -2.38
C GLU A 87 -3.07 8.26 -1.29
N ALA A 88 -2.81 8.63 -0.05
CA ALA A 88 -3.61 8.15 1.06
C ALA A 88 -5.01 8.73 0.95
N PHE A 89 -5.11 10.06 0.93
CA PHE A 89 -6.43 10.68 0.82
C PHE A 89 -7.20 10.09 -0.36
N LYS A 90 -6.48 9.64 -1.38
CA LYS A 90 -7.11 9.06 -2.55
C LYS A 90 -7.71 7.69 -2.22
N VAL A 91 -7.00 6.94 -1.37
CA VAL A 91 -7.49 5.62 -0.98
C VAL A 91 -8.63 5.72 0.03
N PHE A 92 -8.40 6.48 1.08
CA PHE A 92 -9.42 6.65 2.11
C PHE A 92 -10.65 7.34 1.54
N ASP A 93 -10.43 8.42 0.80
CA ASP A 93 -11.54 9.16 0.20
C ASP A 93 -11.86 8.59 -1.18
N LYS A 94 -12.34 7.34 -1.20
CA LYS A 94 -12.65 6.69 -2.46
C LYS A 94 -13.42 7.62 -3.39
N ASP A 95 -14.53 8.15 -2.91
CA ASP A 95 -15.34 9.05 -3.72
C ASP A 95 -14.70 10.43 -3.83
N GLN A 96 -13.53 10.58 -3.20
CA GLN A 96 -12.82 11.86 -3.25
C GLN A 96 -13.79 13.01 -3.05
N ASN A 97 -14.89 12.75 -2.35
CA ASN A 97 -15.90 13.77 -2.10
C ASN A 97 -15.33 14.90 -1.27
N GLY A 98 -14.12 14.70 -0.74
CA GLY A 98 -13.46 15.72 0.08
C GLY A 98 -13.54 15.35 1.55
N TYR A 99 -14.43 14.41 1.90
CA TYR A 99 -14.59 13.99 3.29
C TYR A 99 -14.53 12.48 3.39
N ILE A 100 -13.75 11.97 4.34
CA ILE A 100 -13.63 10.54 4.53
C ILE A 100 -14.77 10.03 5.38
N SER A 101 -15.61 9.19 4.78
CA SER A 101 -16.75 8.61 5.49
C SER A 101 -16.32 7.40 6.30
N ALA A 102 -17.03 7.15 7.39
CA ALA A 102 -16.72 6.01 8.25
C ALA A 102 -16.70 4.72 7.44
N SER A 103 -17.70 4.54 6.58
CA SER A 103 -17.79 3.34 5.76
C SER A 103 -16.49 3.14 4.96
N GLU A 104 -15.97 4.24 4.43
CA GLU A 104 -14.72 4.16 3.67
C GLU A 104 -13.57 3.73 4.56
N LEU A 105 -13.48 4.35 5.73
CA LEU A 105 -12.44 4.00 6.69
C LEU A 105 -12.67 2.60 7.24
N ARG A 106 -13.93 2.21 7.33
CA ARG A 106 -14.26 0.89 7.86
C ARG A 106 -13.67 -0.20 6.96
N HIS A 107 -13.80 -0.02 5.65
CA HIS A 107 -13.25 -1.00 4.71
C HIS A 107 -11.73 -0.98 4.75
N VAL A 108 -11.16 0.21 4.54
CA VAL A 108 -9.72 0.37 4.56
C VAL A 108 -9.13 -0.27 5.82
N MET A 109 -9.98 -0.48 6.80
CA MET A 109 -9.54 -1.11 8.06
C MET A 109 -9.62 -2.64 7.95
N ILE A 110 -10.83 -3.18 8.04
CA ILE A 110 -11.03 -4.62 7.98
C ILE A 110 -10.28 -5.20 6.79
N ASN A 111 -10.23 -4.44 5.71
CA ASN A 111 -9.54 -4.89 4.52
C ASN A 111 -8.13 -5.36 4.86
N LEU A 112 -7.59 -4.84 5.97
CA LEU A 112 -6.25 -5.19 6.41
C LEU A 112 -6.29 -6.41 7.34
N GLY A 113 -7.49 -6.93 7.57
CA GLY A 113 -7.66 -8.10 8.43
C GLY A 113 -8.03 -7.67 9.85
N GLU A 114 -7.92 -6.38 10.13
CA GLU A 114 -8.24 -5.85 11.45
C GLU A 114 -9.75 -5.64 11.59
N LYS A 115 -10.40 -6.51 12.35
CA LYS A 115 -11.83 -6.40 12.55
C LYS A 115 -12.16 -5.53 13.74
N LEU A 116 -12.60 -4.30 13.47
CA LEU A 116 -12.95 -3.36 14.55
C LEU A 116 -14.47 -3.24 14.67
N THR A 117 -14.94 -3.41 15.90
CA THR A 117 -16.37 -3.31 16.16
C THR A 117 -16.86 -1.90 15.90
N ASP A 118 -18.18 -1.71 15.97
CA ASP A 118 -18.76 -0.38 15.73
C ASP A 118 -18.28 0.60 16.78
N GLU A 119 -18.02 0.09 17.99
CA GLU A 119 -17.56 0.95 19.07
C GLU A 119 -16.16 1.47 18.79
N GLU A 120 -15.27 0.59 18.35
CA GLU A 120 -13.90 0.98 18.05
C GLU A 120 -13.87 1.94 16.87
N VAL A 121 -14.69 1.66 15.86
CA VAL A 121 -14.75 2.52 14.68
C VAL A 121 -15.25 3.91 15.06
N GLU A 122 -16.30 3.96 15.89
CA GLU A 122 -16.87 5.22 16.33
C GLU A 122 -15.84 6.01 17.14
N GLN A 123 -14.97 5.29 17.84
CA GLN A 123 -13.93 5.94 18.63
C GLN A 123 -12.91 6.63 17.74
N MET A 124 -12.29 5.87 16.84
CA MET A 124 -11.27 6.42 15.95
C MET A 124 -11.79 7.67 15.25
N ILE A 125 -12.89 7.51 14.52
CA ILE A 125 -13.46 8.64 13.79
C ILE A 125 -13.69 9.82 14.74
N LYS A 126 -14.08 9.52 15.96
CA LYS A 126 -14.33 10.57 16.95
C LYS A 126 -13.03 11.26 17.33
N GLU A 127 -11.95 10.48 17.44
CA GLU A 127 -10.65 11.04 17.82
C GLU A 127 -9.97 11.70 16.62
N ALA A 128 -10.46 11.39 15.41
CA ALA A 128 -9.89 11.96 14.19
C ALA A 128 -10.79 13.08 13.68
N ASP A 129 -12.08 12.99 13.96
CA ASP A 129 -13.03 14.01 13.53
C ASP A 129 -13.01 15.20 14.48
N LEU A 130 -12.41 16.30 14.04
CA LEU A 130 -12.32 17.50 14.87
C LEU A 130 -13.71 18.08 15.12
N ASP A 131 -14.53 18.12 14.08
CA ASP A 131 -15.88 18.67 14.20
C ASP A 131 -16.84 17.62 14.76
N GLY A 132 -16.30 16.44 15.04
CA GLY A 132 -17.13 15.36 15.57
C GLY A 132 -18.40 15.19 14.74
N ASP A 133 -18.29 15.46 13.44
CA ASP A 133 -19.44 15.34 12.54
C ASP A 133 -19.47 13.95 11.92
N GLY A 134 -18.70 13.02 12.49
CA GLY A 134 -18.68 11.66 11.98
C GLY A 134 -18.02 11.61 10.60
N GLN A 135 -17.18 12.60 10.31
CA GLN A 135 -16.49 12.66 9.02
C GLN A 135 -15.14 13.35 9.17
N VAL A 136 -14.26 13.10 8.20
CA VAL A 136 -12.94 13.71 8.19
C VAL A 136 -12.62 14.36 6.85
N ASN A 137 -12.25 15.63 6.89
CA ASN A 137 -11.91 16.37 5.67
C ASN A 137 -10.42 16.27 5.39
N TYR A 138 -10.03 16.57 4.15
CA TYR A 138 -8.63 16.51 3.77
C TYR A 138 -7.79 17.34 4.74
N GLU A 139 -8.29 18.50 5.11
CA GLU A 139 -7.57 19.36 6.04
C GLU A 139 -7.36 18.66 7.38
N GLU A 140 -8.44 18.09 7.92
CA GLU A 140 -8.36 17.38 9.19
C GLU A 140 -7.43 16.18 9.06
N PHE A 141 -7.52 15.49 7.93
CA PHE A 141 -6.67 14.33 7.69
C PHE A 141 -5.20 14.72 7.76
N VAL A 142 -4.85 15.81 7.08
CA VAL A 142 -3.47 16.28 7.07
C VAL A 142 -3.00 16.55 8.50
N LYS A 143 -3.83 17.26 9.26
CA LYS A 143 -3.47 17.58 10.64
C LYS A 143 -3.29 16.31 11.46
N MET A 144 -4.10 15.30 11.17
CA MET A 144 -4.02 14.03 11.89
C MET A 144 -2.69 13.34 11.58
N MET A 145 -2.10 13.66 10.45
CA MET A 145 -0.84 13.06 10.05
C MET A 145 0.35 13.88 10.56
N MET A 146 0.10 15.16 10.86
CA MET A 146 1.17 16.03 11.35
C MET A 146 0.63 16.96 12.44
N THR A 147 0.02 16.39 13.46
CA THR A 147 -0.52 17.18 14.55
C THR A 147 -0.99 16.28 15.69
N VAL A 148 -1.84 15.31 15.34
CA VAL A 148 -2.37 14.38 16.33
C VAL A 148 -3.32 15.11 17.28
N ARG A 149 -2.81 15.51 18.43
CA ARG A 149 -3.60 16.21 19.44
C ARG A 149 -5.05 15.76 19.42
N ALA B 1 -6.04 6.16 18.99
CA ALA B 1 -6.74 6.26 17.68
C ALA B 1 -5.76 6.75 16.61
N ARG B 2 -4.87 7.66 17.01
CA ARG B 2 -3.91 8.21 16.09
C ARG B 2 -3.05 7.10 15.48
N GLN B 3 -2.76 6.09 16.30
CA GLN B 3 -1.94 4.97 15.84
C GLN B 3 -2.67 4.22 14.73
N ARG B 4 -3.96 3.99 14.92
CA ARG B 4 -4.75 3.27 13.92
C ARG B 4 -4.73 4.03 12.60
N TRP B 5 -4.79 5.36 12.67
CA TRP B 5 -4.78 6.17 11.47
C TRP B 5 -3.47 5.97 10.72
N ARG B 6 -2.37 6.09 11.44
CA ARG B 6 -1.05 5.93 10.84
C ARG B 6 -0.86 4.47 10.44
N SER B 7 -1.36 3.57 11.27
CA SER B 7 -1.25 2.15 10.99
C SER B 7 -2.01 1.82 9.72
N SER B 8 -3.19 2.37 9.57
CA SER B 8 -3.99 2.10 8.39
C SER B 8 -3.23 2.53 7.14
N VAL B 9 -2.65 3.72 7.18
CA VAL B 9 -1.90 4.22 6.02
C VAL B 9 -0.62 3.41 5.82
N SER B 10 0.08 3.15 6.92
CA SER B 10 1.34 2.41 6.86
C SER B 10 1.10 0.96 6.48
N ILE B 11 0.08 0.36 7.08
CA ILE B 11 -0.24 -1.03 6.80
C ILE B 11 -0.61 -1.19 5.33
N VAL B 12 -1.39 -0.24 4.81
CA VAL B 12 -1.80 -0.30 3.42
C VAL B 12 -0.59 -0.28 2.51
N LYS B 13 0.36 0.59 2.80
CA LYS B 13 1.56 0.68 1.96
C LYS B 13 2.57 -0.37 2.35
N ASN B 14 2.41 -0.93 3.55
CA ASN B 14 3.33 -1.96 4.02
C ASN B 14 2.73 -3.34 3.82
N ARG B 15 1.43 -3.38 3.48
CA ARG B 15 0.75 -4.65 3.27
C ARG B 15 0.54 -4.89 1.78
N ALA B 16 0.08 -3.85 1.07
CA ALA B 16 -0.17 -3.97 -0.37
C ALA B 16 -1.10 -5.14 -0.66
N ARG B 17 -0.56 -6.36 -0.58
CA ARG B 17 -1.34 -7.56 -0.85
C ARG B 17 -1.72 -7.64 -2.32
N ARG B 18 -2.02 -6.48 -2.91
CA ARG B 18 -2.39 -6.43 -4.32
C ARG B 18 -1.17 -6.18 -5.18
N PHE B 19 -0.04 -5.88 -4.54
CA PHE B 19 1.20 -5.61 -5.27
C PHE B 19 1.10 -4.31 -6.06
N ARG B 20 0.77 -3.23 -5.35
CA ARG B 20 0.64 -1.93 -6.01
C ARG B 20 1.87 -1.64 -6.85
N MET B 21 3.01 -2.13 -6.39
CA MET B 21 4.26 -1.91 -7.11
C MET B 21 4.24 -2.63 -8.46
N ILE B 22 4.25 -3.96 -8.42
CA ILE B 22 4.22 -4.75 -9.65
C ILE B 22 2.92 -4.53 -10.39
N SER B 23 1.82 -4.50 -9.66
CA SER B 23 0.50 -4.30 -10.28
C SER B 23 0.51 -3.05 -11.14
N ASN B 24 1.05 -1.96 -10.60
CA ASN B 24 1.11 -0.70 -11.34
C ASN B 24 2.03 -0.84 -12.54
N LEU B 25 3.15 -1.53 -12.36
CA LEU B 25 4.11 -1.72 -13.44
C LEU B 25 3.87 -3.07 -14.13
CA CA C . 6.12 -20.55 -6.86
CA CA D . 16.45 -14.22 -9.59
CA CA E . -15.71 9.81 1.12
CA CA F . -14.78 16.82 10.44
N ALA A 1 11.99 -8.37 18.14
CA ALA A 1 11.09 -7.99 17.02
C ALA A 1 11.79 -8.23 15.70
N ASP A 2 11.33 -9.24 14.97
CA ASP A 2 11.93 -9.58 13.67
C ASP A 2 11.36 -8.69 12.58
N ILE A 3 10.62 -7.66 12.97
CA ILE A 3 10.01 -6.74 12.01
C ILE A 3 9.08 -7.50 11.07
N LEU A 4 9.67 -8.30 10.19
CA LEU A 4 8.89 -9.08 9.23
C LEU A 4 7.73 -9.77 9.94
N SER A 5 6.72 -10.17 9.15
CA SER A 5 5.56 -10.85 9.70
C SER A 5 4.86 -11.69 8.64
N GLU A 6 4.18 -12.75 9.07
CA GLU A 6 3.48 -13.62 8.14
C GLU A 6 2.59 -12.80 7.22
N GLU A 7 1.91 -11.80 7.79
CA GLU A 7 1.04 -10.92 6.99
C GLU A 7 1.86 -10.18 5.94
N GLN A 8 2.93 -9.52 6.40
CA GLN A 8 3.79 -8.78 5.48
C GLN A 8 4.16 -9.69 4.30
N ILE A 9 4.59 -10.90 4.61
CA ILE A 9 4.97 -11.84 3.56
C ILE A 9 3.78 -12.16 2.69
N VAL A 10 2.63 -12.37 3.31
CA VAL A 10 1.42 -12.69 2.55
C VAL A 10 1.07 -11.54 1.62
N ASP A 11 1.00 -10.33 2.16
CA ASP A 11 0.66 -9.17 1.36
C ASP A 11 1.64 -9.03 0.19
N PHE A 12 2.93 -9.05 0.50
CA PHE A 12 3.96 -8.95 -0.53
C PHE A 12 3.83 -10.11 -1.51
N LYS A 13 3.61 -11.31 -0.97
CA LYS A 13 3.47 -12.49 -1.80
C LYS A 13 2.28 -12.35 -2.74
N GLU A 14 1.23 -11.71 -2.25
CA GLU A 14 0.02 -11.51 -3.06
C GLU A 14 0.34 -10.64 -4.26
N ALA A 15 0.98 -9.49 -4.01
CA ALA A 15 1.34 -8.58 -5.10
C ALA A 15 2.17 -9.32 -6.15
N PHE A 16 3.04 -10.21 -5.69
CA PHE A 16 3.88 -10.98 -6.61
C PHE A 16 3.00 -11.84 -7.52
N GLY A 17 2.02 -12.51 -6.94
CA GLY A 17 1.12 -13.36 -7.71
C GLY A 17 0.44 -12.56 -8.81
N LEU A 18 0.09 -11.31 -8.50
CA LEU A 18 -0.56 -10.46 -9.48
C LEU A 18 0.35 -10.22 -10.69
N PHE A 19 1.57 -9.78 -10.42
CA PHE A 19 2.52 -9.52 -11.49
C PHE A 19 2.64 -10.74 -12.40
N ASP A 20 2.50 -11.92 -11.82
CA ASP A 20 2.61 -13.16 -12.58
C ASP A 20 1.23 -13.72 -12.92
N LYS A 21 0.57 -13.11 -13.90
CA LYS A 21 -0.75 -13.56 -14.31
C LYS A 21 -0.74 -15.06 -14.59
N ASP A 22 0.43 -15.58 -14.95
CA ASP A 22 0.57 -17.00 -15.26
C ASP A 22 1.34 -17.70 -14.17
N GLY A 23 1.12 -17.30 -12.91
CA GLY A 23 1.79 -17.90 -11.76
C GLY A 23 2.87 -18.88 -12.17
N ASP A 24 3.91 -18.36 -12.86
CA ASP A 24 4.98 -19.20 -13.35
C ASP A 24 6.02 -19.38 -12.27
N GLY A 25 6.11 -18.40 -11.37
CA GLY A 25 7.08 -18.46 -10.27
C GLY A 25 8.16 -17.40 -10.44
N CYS A 26 7.96 -16.49 -11.38
CA CYS A 26 8.92 -15.43 -11.63
C CYS A 26 8.27 -14.29 -12.40
N ILE A 27 8.93 -13.12 -12.40
CA ILE A 27 8.41 -11.95 -13.10
C ILE A 27 9.36 -11.54 -14.22
N THR A 28 8.84 -11.49 -15.44
CA THR A 28 9.66 -11.11 -16.59
C THR A 28 9.30 -9.71 -17.06
N VAL A 29 10.28 -9.03 -17.67
CA VAL A 29 10.07 -7.68 -18.17
C VAL A 29 8.79 -7.61 -18.99
N GLU A 30 8.54 -8.64 -19.79
CA GLU A 30 7.35 -8.67 -20.63
C GLU A 30 6.09 -8.67 -19.76
N GLU A 31 6.01 -9.61 -18.83
CA GLU A 31 4.86 -9.70 -17.94
C GLU A 31 4.73 -8.43 -17.12
N LEU A 32 5.85 -7.96 -16.58
CA LEU A 32 5.85 -6.74 -15.79
C LEU A 32 5.47 -5.54 -16.65
N ALA A 33 5.96 -5.53 -17.89
CA ALA A 33 5.68 -4.43 -18.81
C ALA A 33 4.18 -4.37 -19.09
N THR A 34 3.58 -5.53 -19.35
CA THR A 34 2.15 -5.59 -19.64
C THR A 34 1.35 -5.01 -18.48
N VAL A 35 1.75 -5.37 -17.26
CA VAL A 35 1.07 -4.87 -16.07
C VAL A 35 1.25 -3.35 -15.96
N ILE A 36 2.48 -2.89 -16.16
CA ILE A 36 2.77 -1.46 -16.08
C ILE A 36 2.04 -0.70 -17.18
N ARG A 37 2.08 -1.24 -18.40
CA ARG A 37 1.42 -0.60 -19.54
C ARG A 37 -0.08 -0.54 -19.30
N SER A 38 -0.62 -1.57 -18.68
CA SER A 38 -2.06 -1.63 -18.39
C SER A 38 -2.37 -0.89 -17.10
N LEU A 39 -1.43 -0.04 -16.67
CA LEU A 39 -1.62 0.73 -15.44
C LEU A 39 -1.71 2.20 -15.73
N ASP A 40 -1.98 2.55 -16.98
CA ASP A 40 -2.11 3.95 -17.39
C ASP A 40 -0.75 4.52 -17.77
N GLN A 41 0.30 4.00 -17.14
CA GLN A 41 1.66 4.47 -17.43
C GLN A 41 2.24 3.69 -18.59
N ASN A 42 3.06 4.34 -19.40
CA ASN A 42 3.68 3.69 -20.56
C ASN A 42 5.12 4.16 -20.73
N PRO A 43 5.98 3.80 -19.81
CA PRO A 43 7.41 4.20 -19.84
C PRO A 43 8.20 3.39 -20.88
N THR A 44 9.29 3.99 -21.37
CA THR A 44 10.13 3.32 -22.36
C THR A 44 10.65 2.00 -21.80
N GLU A 45 10.86 1.04 -22.70
CA GLU A 45 11.37 -0.26 -22.30
C GLU A 45 12.80 -0.15 -21.79
N GLU A 46 13.54 0.82 -22.32
CA GLU A 46 14.93 1.01 -21.93
C GLU A 46 15.03 1.20 -20.42
N GLU A 47 14.15 2.04 -19.87
CA GLU A 47 14.16 2.29 -18.44
C GLU A 47 13.94 0.98 -17.67
N LEU A 48 12.81 0.33 -17.93
CA LEU A 48 12.50 -0.93 -17.25
C LEU A 48 13.69 -1.87 -17.32
N GLN A 49 14.32 -1.95 -18.49
CA GLN A 49 15.49 -2.81 -18.66
C GLN A 49 16.60 -2.41 -17.71
N ASP A 50 16.88 -1.11 -17.66
CA ASP A 50 17.94 -0.60 -16.78
C ASP A 50 17.55 -0.80 -15.31
N MET A 51 16.33 -0.40 -14.97
CA MET A 51 15.86 -0.53 -13.59
C MET A 51 15.78 -1.99 -13.18
N ILE A 52 15.23 -2.81 -14.06
CA ILE A 52 15.10 -4.24 -13.79
C ILE A 52 16.47 -4.91 -13.71
N SER A 53 17.35 -4.52 -14.62
CA SER A 53 18.69 -5.09 -14.64
C SER A 53 19.53 -4.58 -13.46
N GLU A 54 19.30 -3.33 -13.09
CA GLU A 54 20.05 -2.73 -11.99
C GLU A 54 19.91 -3.57 -10.72
N VAL A 55 18.72 -4.12 -10.51
CA VAL A 55 18.46 -4.94 -9.33
C VAL A 55 18.83 -6.40 -9.60
N ASP A 56 18.31 -6.94 -10.70
CA ASP A 56 18.58 -8.32 -11.06
C ASP A 56 20.08 -8.57 -11.19
N ALA A 57 20.69 -9.03 -10.11
CA ALA A 57 22.13 -9.30 -10.11
C ALA A 57 22.53 -10.06 -11.37
N ASP A 58 22.16 -11.34 -11.42
CA ASP A 58 22.47 -12.18 -12.57
C ASP A 58 21.81 -11.63 -13.82
N GLY A 59 21.27 -10.41 -13.73
CA GLY A 59 20.60 -9.77 -14.86
C GLY A 59 19.93 -10.81 -15.76
N ASN A 60 18.94 -11.51 -15.21
CA ASN A 60 18.24 -12.54 -15.97
C ASN A 60 16.90 -12.01 -16.47
N GLY A 61 16.84 -10.70 -16.71
CA GLY A 61 15.62 -10.07 -17.19
C GLY A 61 14.40 -10.60 -16.44
N THR A 62 14.66 -11.22 -15.29
CA THR A 62 13.57 -11.77 -14.48
C THR A 62 13.83 -11.50 -13.00
N ILE A 63 12.75 -11.19 -12.27
CA ILE A 63 12.88 -10.92 -10.84
C ILE A 63 12.28 -12.06 -10.03
N GLU A 64 13.07 -12.57 -9.08
CA GLU A 64 12.63 -13.67 -8.23
C GLU A 64 11.95 -13.12 -6.98
N PHE A 65 11.18 -13.96 -6.31
CA PHE A 65 10.47 -13.54 -5.10
C PHE A 65 11.42 -12.82 -4.15
N ASP A 66 12.58 -13.41 -3.92
CA ASP A 66 13.56 -12.81 -3.02
C ASP A 66 13.95 -11.43 -3.51
N GLU A 67 14.09 -11.29 -4.82
CA GLU A 67 14.46 -10.01 -5.41
C GLU A 67 13.28 -9.03 -5.38
N PHE A 68 12.09 -9.55 -5.65
CA PHE A 68 10.89 -8.71 -5.65
C PHE A 68 10.65 -8.13 -4.26
N LEU A 69 10.75 -8.98 -3.24
CA LEU A 69 10.52 -8.54 -1.88
C LEU A 69 11.54 -7.47 -1.49
N SER A 70 12.81 -7.74 -1.75
CA SER A 70 13.87 -6.79 -1.43
C SER A 70 13.71 -5.52 -2.25
N LEU A 71 13.41 -5.68 -3.53
CA LEU A 71 13.25 -4.53 -4.41
C LEU A 71 12.16 -3.60 -3.87
N MET A 72 11.01 -4.17 -3.54
CA MET A 72 9.90 -3.38 -3.03
C MET A 72 10.17 -2.88 -1.62
N ALA A 73 10.83 -3.71 -0.83
CA ALA A 73 11.14 -3.36 0.55
C ALA A 73 12.01 -2.12 0.60
N LYS A 74 12.83 -1.93 -0.42
CA LYS A 74 13.72 -0.78 -0.47
C LYS A 74 12.93 0.52 -0.46
N LYS A 75 12.16 0.75 -1.52
CA LYS A 75 11.37 1.95 -1.63
C LYS A 75 10.68 2.26 -0.33
N VAL A 76 9.50 1.65 -0.11
CA VAL A 76 8.71 1.88 1.11
C VAL A 76 9.53 2.63 2.15
N LYS A 77 9.07 3.81 2.50
CA LYS A 77 9.79 4.64 3.47
C LYS A 77 8.97 5.89 3.80
N ASP A 78 9.40 7.05 3.28
CA ASP A 78 8.70 8.29 3.54
C ASP A 78 9.35 9.43 2.74
N THR A 79 9.80 9.11 1.53
CA THR A 79 10.43 10.11 0.68
C THR A 79 9.45 11.21 0.31
N ASP A 80 8.42 10.85 -0.44
CA ASP A 80 7.41 11.82 -0.87
C ASP A 80 6.22 11.85 0.09
N ALA A 81 6.04 12.99 0.75
CA ALA A 81 4.94 13.14 1.69
C ALA A 81 3.61 13.30 0.94
N GLU A 82 3.57 14.25 0.02
CA GLU A 82 2.37 14.50 -0.76
C GLU A 82 1.91 13.22 -1.46
N GLU A 83 2.80 12.23 -1.50
CA GLU A 83 2.47 10.96 -2.14
C GLU A 83 1.74 10.03 -1.18
N GLU A 84 2.37 9.73 -0.06
CA GLU A 84 1.76 8.86 0.93
C GLU A 84 0.52 9.52 1.54
N LEU A 85 0.59 10.83 1.68
CA LEU A 85 -0.53 11.58 2.25
C LEU A 85 -1.71 11.64 1.27
N LYS A 86 -1.38 11.75 -0.02
CA LYS A 86 -2.41 11.81 -1.04
C LYS A 86 -2.90 10.42 -1.43
N GLU A 87 -1.96 9.51 -1.65
CA GLU A 87 -2.30 8.13 -2.01
C GLU A 87 -3.17 7.51 -0.93
N ALA A 88 -2.83 7.77 0.34
CA ALA A 88 -3.61 7.23 1.44
C ALA A 88 -5.02 7.80 1.42
N PHE A 89 -5.12 9.14 1.48
CA PHE A 89 -6.42 9.79 1.46
C PHE A 89 -7.20 9.38 0.20
N LYS A 90 -6.49 9.26 -0.92
CA LYS A 90 -7.12 8.87 -2.18
C LYS A 90 -7.78 7.50 -2.03
N VAL A 91 -7.13 6.61 -1.30
CA VAL A 91 -7.67 5.27 -1.10
C VAL A 91 -8.80 5.29 -0.07
N PHE A 92 -8.54 5.95 1.06
CA PHE A 92 -9.55 6.03 2.11
C PHE A 92 -10.81 6.70 1.59
N ASP A 93 -10.64 7.82 0.90
CA ASP A 93 -11.78 8.55 0.35
C ASP A 93 -12.11 8.03 -1.05
N LYS A 94 -12.45 6.76 -1.13
CA LYS A 94 -12.77 6.14 -2.43
C LYS A 94 -13.55 7.11 -3.32
N ASP A 95 -14.70 7.54 -2.84
CA ASP A 95 -15.54 8.47 -3.61
C ASP A 95 -14.82 9.78 -3.83
N GLN A 96 -13.71 9.97 -3.14
CA GLN A 96 -12.93 11.20 -3.27
C GLN A 96 -13.85 12.41 -3.28
N ASN A 97 -14.50 12.67 -2.15
CA ASN A 97 -15.40 13.80 -2.04
C ASN A 97 -14.80 14.90 -1.16
N GLY A 98 -13.59 14.65 -0.67
CA GLY A 98 -12.90 15.62 0.17
C GLY A 98 -13.11 15.29 1.65
N TYR A 99 -13.88 14.23 1.91
CA TYR A 99 -14.15 13.82 3.29
C TYR A 99 -14.12 12.31 3.41
N ILE A 100 -13.64 11.82 4.55
CA ILE A 100 -13.57 10.38 4.78
C ILE A 100 -14.78 9.91 5.55
N SER A 101 -15.59 9.06 4.91
CA SER A 101 -16.79 8.51 5.56
C SER A 101 -16.44 7.29 6.37
N ALA A 102 -17.15 7.08 7.47
CA ALA A 102 -16.91 5.93 8.32
C ALA A 102 -16.95 4.64 7.52
N SER A 103 -17.94 4.52 6.65
CA SER A 103 -18.08 3.32 5.81
C SER A 103 -16.83 3.13 4.94
N GLU A 104 -16.37 4.22 4.35
CA GLU A 104 -15.18 4.16 3.49
C GLU A 104 -13.95 3.77 4.31
N LEU A 105 -13.74 4.49 5.42
CA LEU A 105 -12.61 4.20 6.29
C LEU A 105 -12.77 2.84 6.96
N ARG A 106 -14.02 2.39 7.05
CA ARG A 106 -14.30 1.10 7.67
C ARG A 106 -14.09 -0.04 6.69
N HIS A 107 -14.53 0.17 5.44
CA HIS A 107 -14.38 -0.86 4.41
C HIS A 107 -12.92 -1.24 4.28
N VAL A 108 -12.05 -0.24 4.12
CA VAL A 108 -10.62 -0.51 3.98
C VAL A 108 -10.10 -1.19 5.24
N MET A 109 -10.14 -0.46 6.37
CA MET A 109 -9.64 -1.01 7.64
C MET A 109 -9.82 -2.52 7.68
N ILE A 110 -11.05 -2.97 7.87
CA ILE A 110 -11.32 -4.41 7.91
C ILE A 110 -10.64 -5.12 6.76
N ASN A 111 -10.83 -4.60 5.55
CA ASN A 111 -10.24 -5.22 4.36
C ASN A 111 -8.75 -5.42 4.57
N LEU A 112 -8.22 -4.86 5.66
CA LEU A 112 -6.79 -5.00 5.96
C LEU A 112 -6.59 -5.88 7.17
N GLY A 113 -6.62 -7.20 6.96
CA GLY A 113 -6.44 -8.17 8.05
C GLY A 113 -6.54 -7.52 9.43
N GLU A 114 -7.71 -6.94 9.71
CA GLU A 114 -7.93 -6.24 10.97
C GLU A 114 -9.35 -6.44 11.44
N LYS A 115 -9.50 -7.02 12.63
CA LYS A 115 -10.82 -7.27 13.19
C LYS A 115 -11.17 -6.21 14.21
N LEU A 116 -11.78 -5.12 13.74
CA LEU A 116 -12.18 -4.02 14.63
C LEU A 116 -13.68 -3.81 14.59
N THR A 117 -14.29 -3.79 15.76
CA THR A 117 -15.74 -3.61 15.86
C THR A 117 -16.12 -2.21 15.43
N ASP A 118 -17.42 -1.99 15.21
CA ASP A 118 -17.91 -0.69 14.80
C ASP A 118 -17.60 0.36 15.85
N GLU A 119 -17.51 -0.07 17.11
CA GLU A 119 -17.22 0.84 18.21
C GLU A 119 -15.82 1.42 18.05
N GLU A 120 -14.83 0.56 17.88
CA GLU A 120 -13.45 1.01 17.73
C GLU A 120 -13.32 1.94 16.52
N VAL A 121 -13.97 1.58 15.43
CA VAL A 121 -13.92 2.40 14.22
C VAL A 121 -14.61 3.74 14.45
N GLU A 122 -15.80 3.69 15.06
CA GLU A 122 -16.55 4.92 15.33
C GLU A 122 -15.76 5.83 16.26
N GLN A 123 -14.85 5.26 17.01
CA GLN A 123 -14.03 6.04 17.92
C GLN A 123 -12.96 6.80 17.16
N MET A 124 -12.11 6.07 16.45
CA MET A 124 -11.04 6.70 15.70
C MET A 124 -11.54 7.88 14.90
N ILE A 125 -12.59 7.67 14.13
CA ILE A 125 -13.15 8.74 13.32
C ILE A 125 -13.64 9.89 14.20
N LYS A 126 -14.35 9.54 15.27
CA LYS A 126 -14.86 10.55 16.19
C LYS A 126 -13.71 11.32 16.82
N GLU A 127 -12.63 10.61 17.14
CA GLU A 127 -11.47 11.25 17.75
C GLU A 127 -10.79 12.19 16.75
N ALA A 128 -10.59 11.70 15.53
CA ALA A 128 -9.94 12.51 14.50
C ALA A 128 -10.79 13.73 14.18
N ASP A 129 -12.11 13.56 14.24
CA ASP A 129 -13.03 14.67 13.95
C ASP A 129 -12.96 15.71 15.07
N LEU A 130 -12.21 16.77 14.82
CA LEU A 130 -12.06 17.84 15.80
C LEU A 130 -13.33 18.67 15.92
N ASP A 131 -13.93 18.97 14.78
CA ASP A 131 -15.16 19.78 14.75
C ASP A 131 -16.39 18.90 14.95
N GLY A 132 -16.15 17.60 15.15
CA GLY A 132 -17.25 16.67 15.34
C GLY A 132 -18.32 16.83 14.26
N ASP A 133 -18.44 15.81 13.42
CA ASP A 133 -19.43 15.86 12.35
C ASP A 133 -19.72 14.46 11.83
N GLY A 134 -18.81 13.53 12.08
CA GLY A 134 -18.98 12.14 11.64
C GLY A 134 -18.14 11.87 10.39
N GLN A 135 -17.32 12.84 10.01
CA GLN A 135 -16.47 12.68 8.83
C GLN A 135 -15.16 13.44 9.01
N VAL A 136 -14.13 13.00 8.29
CA VAL A 136 -12.83 13.65 8.38
C VAL A 136 -12.46 14.29 7.05
N ASN A 137 -12.18 15.59 7.08
CA ASN A 137 -11.80 16.31 5.88
C ASN A 137 -10.31 16.16 5.60
N TYR A 138 -9.92 16.23 4.34
CA TYR A 138 -8.51 16.11 3.97
C TYR A 138 -7.67 17.08 4.79
N GLU A 139 -8.16 18.30 4.96
CA GLU A 139 -7.43 19.30 5.72
C GLU A 139 -7.28 18.85 7.17
N GLU A 140 -8.38 18.42 7.77
CA GLU A 140 -8.35 17.94 9.15
C GLU A 140 -7.43 16.72 9.23
N PHE A 141 -7.46 15.87 8.21
CA PHE A 141 -6.62 14.68 8.20
C PHE A 141 -5.14 15.06 8.17
N VAL A 142 -4.81 15.98 7.28
CA VAL A 142 -3.41 16.43 7.15
C VAL A 142 -2.91 17.01 8.45
N LYS A 143 -3.72 17.86 9.07
CA LYS A 143 -3.34 18.49 10.32
C LYS A 143 -3.11 17.44 11.40
N MET A 144 -3.91 16.39 11.38
CA MET A 144 -3.79 15.31 12.36
C MET A 144 -2.52 14.48 12.10
N MET A 145 -2.18 14.34 10.83
CA MET A 145 -1.02 13.56 10.44
C MET A 145 0.26 14.30 10.74
N MET A 146 0.18 15.63 10.75
CA MET A 146 1.34 16.47 11.03
C MET A 146 1.95 16.13 12.38
N THR A 147 2.32 14.88 12.57
CA THR A 147 2.92 14.43 13.81
C THR A 147 1.86 14.23 14.89
N VAL A 148 1.69 15.25 15.72
CA VAL A 148 0.72 15.19 16.80
C VAL A 148 0.93 13.94 17.64
N ARG A 149 2.19 13.56 17.82
CA ARG A 149 2.52 12.38 18.63
C ARG A 149 3.30 12.78 19.87
N ALA B 1 -7.45 8.34 18.47
CA ALA B 1 -6.70 7.12 18.07
C ALA B 1 -5.69 7.48 16.98
N ARG B 2 -4.71 8.31 17.33
CA ARG B 2 -3.69 8.72 16.37
C ARG B 2 -2.87 7.52 15.92
N GLN B 3 -2.59 6.61 16.84
CA GLN B 3 -1.80 5.43 16.52
C GLN B 3 -2.55 4.54 15.54
N ARG B 4 -3.86 4.36 15.78
CA ARG B 4 -4.67 3.55 14.90
C ARG B 4 -4.71 4.15 13.51
N TRP B 5 -4.88 5.47 13.44
CA TRP B 5 -4.93 6.16 12.15
C TRP B 5 -3.65 5.89 11.37
N ARG B 6 -2.51 5.99 12.07
CA ARG B 6 -1.23 5.74 11.43
C ARG B 6 -1.13 4.28 11.01
N SER B 7 -1.66 3.40 11.84
CA SER B 7 -1.63 1.97 11.55
C SER B 7 -2.32 1.69 10.22
N SER B 8 -3.49 2.29 10.03
CA SER B 8 -4.23 2.09 8.77
C SER B 8 -3.41 2.61 7.59
N VAL B 9 -2.81 3.78 7.77
CA VAL B 9 -2.00 4.38 6.71
C VAL B 9 -0.74 3.54 6.48
N SER B 10 -0.14 3.07 7.58
CA SER B 10 1.08 2.28 7.48
C SER B 10 0.83 1.01 6.68
N ILE B 11 -0.29 0.36 6.94
CA ILE B 11 -0.62 -0.87 6.24
C ILE B 11 -0.92 -0.57 4.77
N VAL B 12 -1.40 0.63 4.51
CA VAL B 12 -1.72 1.03 3.14
C VAL B 12 -0.44 1.15 2.32
N LYS B 13 0.58 1.79 2.90
CA LYS B 13 1.83 1.98 2.20
C LYS B 13 2.49 0.61 1.94
N ASN B 14 2.34 -0.29 2.91
CA ASN B 14 2.95 -1.60 2.80
C ASN B 14 2.21 -2.42 1.75
N ARG B 15 0.88 -2.28 1.73
CA ARG B 15 0.07 -3.02 0.78
C ARG B 15 0.39 -2.61 -0.66
N ALA B 16 0.47 -1.31 -0.89
CA ALA B 16 0.77 -0.79 -2.22
C ALA B 16 0.09 -1.64 -3.29
N ARG B 17 -1.25 -1.63 -3.28
CA ARG B 17 -2.00 -2.41 -4.26
C ARG B 17 -1.87 -1.81 -5.65
N ARG B 18 -1.00 -0.83 -5.78
CA ARG B 18 -0.79 -0.17 -7.08
C ARG B 18 0.68 -0.18 -7.44
N PHE B 19 1.50 -0.74 -6.56
CA PHE B 19 2.94 -0.81 -6.81
C PHE B 19 3.53 0.60 -6.90
N ARG B 20 3.18 1.46 -5.96
CA ARG B 20 3.67 2.83 -5.97
C ARG B 20 5.15 2.86 -6.34
N MET B 21 5.88 1.83 -5.94
CA MET B 21 7.30 1.75 -6.25
C MET B 21 7.52 1.58 -7.74
N ILE B 22 7.18 0.41 -8.26
CA ILE B 22 7.36 0.12 -9.67
C ILE B 22 6.50 1.07 -10.51
N SER B 23 5.27 1.29 -10.09
CA SER B 23 4.37 2.16 -10.82
C SER B 23 5.01 3.53 -11.03
N ASN B 24 5.62 4.07 -9.98
CA ASN B 24 6.28 5.37 -10.08
C ASN B 24 7.45 5.29 -11.05
N LEU B 25 8.21 4.20 -10.97
CA LEU B 25 9.37 4.03 -11.84
C LEU B 25 9.02 3.10 -13.01
CA CA C . 4.99 -14.72 -14.40
CA CA D . 17.42 -11.78 -11.14
CA CA E . -16.20 10.04 1.36
CA CA F . -13.95 16.38 11.04
N ALA A 1 15.66 -4.37 19.83
CA ALA A 1 17.14 -4.54 19.79
C ALA A 1 17.59 -4.68 18.35
N ASP A 2 18.06 -3.58 17.77
CA ASP A 2 18.53 -3.59 16.38
C ASP A 2 17.45 -4.13 15.46
N ILE A 3 17.67 -4.02 14.16
CA ILE A 3 16.72 -4.49 13.18
C ILE A 3 15.41 -3.72 13.30
N LEU A 4 14.46 -4.04 12.43
CA LEU A 4 13.16 -3.37 12.44
C LEU A 4 12.12 -4.19 13.19
N SER A 5 11.23 -4.83 12.46
CA SER A 5 10.19 -5.65 13.07
C SER A 5 9.81 -6.82 12.17
N GLU A 6 9.50 -7.95 12.77
CA GLU A 6 9.12 -9.14 12.00
C GLU A 6 7.98 -8.81 11.04
N GLU A 7 7.21 -7.78 11.37
CA GLU A 7 6.09 -7.38 10.52
C GLU A 7 6.61 -6.96 9.14
N GLN A 8 7.55 -6.02 9.12
CA GLN A 8 8.11 -5.56 7.87
C GLN A 8 8.55 -6.74 7.01
N ILE A 9 9.18 -7.72 7.65
CA ILE A 9 9.62 -8.91 6.94
C ILE A 9 8.43 -9.72 6.47
N VAL A 10 7.43 -9.86 7.33
CA VAL A 10 6.25 -10.63 6.98
C VAL A 10 5.57 -10.02 5.74
N ASP A 11 5.37 -8.70 5.78
CA ASP A 11 4.73 -8.02 4.66
C ASP A 11 5.56 -8.21 3.40
N PHE A 12 6.87 -7.98 3.52
CA PHE A 12 7.77 -8.14 2.38
C PHE A 12 7.75 -9.58 1.88
N LYS A 13 7.82 -10.52 2.81
CA LYS A 13 7.80 -11.93 2.47
C LYS A 13 6.48 -12.32 1.83
N GLU A 14 5.40 -11.74 2.33
CA GLU A 14 4.07 -12.04 1.81
C GLU A 14 3.98 -11.72 0.33
N ALA A 15 4.40 -10.50 -0.03
CA ALA A 15 4.36 -10.08 -1.42
C ALA A 15 5.27 -10.97 -2.27
N PHE A 16 6.43 -11.33 -1.71
CA PHE A 16 7.38 -12.17 -2.42
C PHE A 16 6.75 -13.54 -2.73
N GLY A 17 6.18 -14.16 -1.72
CA GLY A 17 5.55 -15.47 -1.90
C GLY A 17 4.41 -15.38 -2.90
N LEU A 18 3.74 -14.23 -2.93
CA LEU A 18 2.62 -14.04 -3.84
C LEU A 18 3.09 -14.14 -5.29
N PHE A 19 4.09 -13.34 -5.64
CA PHE A 19 4.63 -13.35 -7.00
C PHE A 19 5.09 -14.75 -7.36
N ASP A 20 5.48 -15.54 -6.36
CA ASP A 20 5.96 -16.89 -6.60
C ASP A 20 4.89 -17.92 -6.28
N LYS A 21 4.06 -18.23 -7.27
CA LYS A 21 3.00 -19.20 -7.09
C LYS A 21 3.57 -20.59 -6.85
N ASP A 22 4.68 -20.88 -7.53
CA ASP A 22 5.34 -22.18 -7.40
C ASP A 22 6.44 -22.12 -6.37
N GLY A 23 6.29 -21.27 -5.36
CA GLY A 23 7.29 -21.13 -4.30
C GLY A 23 8.61 -21.81 -4.66
N ASP A 24 9.26 -21.29 -5.69
CA ASP A 24 10.52 -21.86 -6.15
C ASP A 24 11.68 -21.19 -5.44
N GLY A 25 11.47 -19.94 -5.02
CA GLY A 25 12.51 -19.17 -4.33
C GLY A 25 13.01 -18.02 -5.20
N CYS A 26 12.39 -17.87 -6.37
CA CYS A 26 12.79 -16.79 -7.28
C CYS A 26 11.70 -16.55 -8.32
N ILE A 27 11.29 -15.31 -8.45
CA ILE A 27 10.25 -14.95 -9.42
C ILE A 27 10.82 -14.92 -10.81
N THR A 28 10.25 -15.71 -11.72
CA THR A 28 10.72 -15.76 -13.10
C THR A 28 9.87 -14.87 -14.00
N VAL A 29 10.48 -14.39 -15.08
CA VAL A 29 9.77 -13.52 -16.02
C VAL A 29 8.41 -14.12 -16.35
N GLU A 30 8.39 -15.43 -16.59
CA GLU A 30 7.14 -16.11 -16.93
C GLU A 30 6.11 -15.92 -15.82
N GLU A 31 6.43 -16.40 -14.63
CA GLU A 31 5.52 -16.27 -13.49
C GLU A 31 5.13 -14.80 -13.31
N LEU A 32 6.12 -13.91 -13.41
CA LEU A 32 5.86 -12.49 -13.27
C LEU A 32 4.90 -12.03 -14.35
N ALA A 33 5.07 -12.57 -15.56
CA ALA A 33 4.20 -12.18 -16.68
C ALA A 33 2.75 -12.47 -16.34
N THR A 34 2.48 -13.67 -15.83
CA THR A 34 1.12 -14.06 -15.48
C THR A 34 0.54 -13.07 -14.47
N VAL A 35 1.28 -12.80 -13.40
CA VAL A 35 0.82 -11.87 -12.38
C VAL A 35 0.58 -10.49 -12.99
N ILE A 36 1.52 -10.06 -13.83
CA ILE A 36 1.39 -8.77 -14.49
C ILE A 36 0.17 -8.74 -15.40
N ARG A 37 -0.03 -9.83 -16.14
CA ARG A 37 -1.15 -9.90 -17.06
C ARG A 37 -2.46 -9.62 -16.33
N SER A 38 -2.63 -10.25 -15.17
CA SER A 38 -3.83 -10.04 -14.37
C SER A 38 -3.81 -8.63 -13.77
N LEU A 39 -2.64 -8.19 -13.33
CA LEU A 39 -2.50 -6.87 -12.75
C LEU A 39 -2.60 -5.80 -13.85
N ASP A 40 -2.71 -6.24 -15.08
CA ASP A 40 -2.81 -5.31 -16.21
C ASP A 40 -3.42 -6.01 -17.41
N GLN A 41 -2.81 -5.77 -18.58
CA GLN A 41 -3.30 -6.39 -19.81
C GLN A 41 -2.15 -6.59 -20.80
N ASN A 42 -1.21 -7.46 -20.46
CA ASN A 42 -0.08 -7.74 -21.33
C ASN A 42 0.55 -6.44 -21.80
N PRO A 43 1.42 -5.86 -21.00
CA PRO A 43 2.12 -4.59 -21.36
C PRO A 43 3.21 -4.79 -22.39
N THR A 44 4.44 -4.98 -21.93
CA THR A 44 5.57 -5.20 -22.82
C THR A 44 6.69 -5.93 -22.10
N GLU A 45 7.27 -6.91 -22.76
CA GLU A 45 8.35 -7.69 -22.16
C GLU A 45 9.61 -6.85 -21.98
N GLU A 46 9.69 -5.75 -22.71
CA GLU A 46 10.85 -4.88 -22.62
C GLU A 46 10.92 -4.20 -21.26
N GLU A 47 9.93 -3.40 -20.95
CA GLU A 47 9.89 -2.68 -19.67
C GLU A 47 10.01 -3.67 -18.51
N LEU A 48 9.65 -4.92 -18.76
CA LEU A 48 9.73 -5.94 -17.72
C LEU A 48 11.16 -6.34 -17.42
N GLN A 49 11.83 -6.90 -18.42
CA GLN A 49 13.20 -7.34 -18.24
C GLN A 49 14.11 -6.14 -18.02
N ASP A 50 13.66 -4.98 -18.48
CA ASP A 50 14.46 -3.75 -18.33
C ASP A 50 14.53 -3.33 -16.87
N MET A 51 13.36 -3.20 -16.23
CA MET A 51 13.33 -2.77 -14.84
C MET A 51 14.02 -3.79 -13.94
N ILE A 52 13.78 -5.07 -14.20
CA ILE A 52 14.41 -6.12 -13.41
C ILE A 52 15.90 -6.25 -13.76
N SER A 53 16.25 -5.86 -14.96
CA SER A 53 17.63 -5.95 -15.40
C SER A 53 18.51 -4.93 -14.66
N GLU A 54 18.04 -3.70 -14.60
CA GLU A 54 18.78 -2.64 -13.93
C GLU A 54 19.15 -3.06 -12.52
N VAL A 55 18.27 -3.85 -11.89
CA VAL A 55 18.51 -4.31 -10.53
C VAL A 55 19.13 -5.71 -10.52
N ASP A 56 18.46 -6.65 -11.17
CA ASP A 56 18.94 -8.02 -11.22
C ASP A 56 20.44 -8.06 -11.46
N ALA A 57 21.21 -8.08 -10.37
CA ALA A 57 22.66 -8.11 -10.48
C ALA A 57 23.12 -9.16 -11.49
N ASP A 58 22.99 -10.43 -11.12
CA ASP A 58 23.40 -11.51 -12.00
C ASP A 58 22.53 -11.55 -13.23
N GLY A 59 21.85 -10.44 -13.54
CA GLY A 59 20.99 -10.36 -14.72
C GLY A 59 20.58 -11.74 -15.21
N ASN A 60 19.93 -12.49 -14.31
CA ASN A 60 19.51 -13.86 -14.65
C ASN A 60 18.10 -13.84 -15.25
N GLY A 61 17.33 -12.81 -14.89
CA GLY A 61 15.96 -12.69 -15.40
C GLY A 61 14.96 -13.09 -14.34
N THR A 62 15.41 -13.20 -13.09
CA THR A 62 14.53 -13.58 -12.00
C THR A 62 14.86 -12.77 -10.75
N ILE A 63 13.85 -12.53 -9.92
CA ILE A 63 14.04 -11.76 -8.69
C ILE A 63 14.10 -12.67 -7.49
N GLU A 64 15.18 -12.56 -6.71
CA GLU A 64 15.35 -13.38 -5.52
C GLU A 64 15.02 -12.58 -4.27
N PHE A 65 14.68 -13.28 -3.19
CA PHE A 65 14.34 -12.61 -1.93
C PHE A 65 15.23 -11.38 -1.71
N ASP A 66 16.54 -11.59 -1.70
CA ASP A 66 17.47 -10.48 -1.51
C ASP A 66 17.22 -9.38 -2.53
N GLU A 67 16.85 -9.78 -3.74
CA GLU A 67 16.58 -8.82 -4.80
C GLU A 67 15.22 -8.15 -4.59
N PHE A 68 14.28 -8.90 -4.02
CA PHE A 68 12.95 -8.38 -3.74
C PHE A 68 13.01 -7.28 -2.69
N LEU A 69 13.79 -7.54 -1.63
CA LEU A 69 13.94 -6.55 -0.56
C LEU A 69 14.58 -5.29 -1.09
N SER A 70 15.60 -5.45 -1.94
CA SER A 70 16.29 -4.29 -2.51
C SER A 70 15.31 -3.42 -3.31
N LEU A 71 14.45 -4.08 -4.09
CA LEU A 71 13.47 -3.37 -4.90
C LEU A 71 12.50 -2.57 -4.02
N MET A 72 11.98 -3.23 -3.00
CA MET A 72 11.04 -2.58 -2.08
C MET A 72 11.79 -1.67 -1.11
N ALA A 73 13.01 -2.06 -0.77
CA ALA A 73 13.81 -1.29 0.17
C ALA A 73 13.84 0.18 -0.25
N LYS A 74 13.82 0.39 -1.57
CA LYS A 74 13.83 1.77 -2.09
C LYS A 74 12.42 2.36 -2.07
N LYS A 75 11.42 1.49 -1.96
CA LYS A 75 10.04 1.93 -1.92
C LYS A 75 9.75 2.63 -0.60
N VAL A 76 9.18 3.83 -0.68
CA VAL A 76 8.83 4.59 0.52
C VAL A 76 10.05 4.78 1.41
N LYS A 77 10.40 6.03 1.68
CA LYS A 77 11.54 6.33 2.53
C LYS A 77 11.16 7.33 3.62
N ASP A 78 12.11 8.17 3.99
CA ASP A 78 11.87 9.17 5.03
C ASP A 78 11.34 10.46 4.42
N THR A 79 10.65 10.33 3.29
CA THR A 79 10.08 11.51 2.63
C THR A 79 8.78 11.14 1.91
N ASP A 80 8.55 11.76 0.75
CA ASP A 80 7.34 11.50 -0.01
C ASP A 80 6.11 11.70 0.85
N ALA A 81 5.99 12.89 1.44
CA ALA A 81 4.85 13.20 2.29
C ALA A 81 3.59 13.38 1.46
N GLU A 82 3.64 14.31 0.52
CA GLU A 82 2.48 14.57 -0.35
C GLU A 82 2.16 13.34 -1.19
N GLU A 83 3.13 12.45 -1.32
CA GLU A 83 2.92 11.24 -2.10
C GLU A 83 2.08 10.23 -1.33
N GLU A 84 2.45 9.99 -0.08
CA GLU A 84 1.73 9.05 0.76
C GLU A 84 0.48 9.70 1.32
N LEU A 85 0.58 10.98 1.66
CA LEU A 85 -0.55 11.71 2.21
C LEU A 85 -1.68 11.82 1.20
N LYS A 86 -1.31 11.93 -0.08
CA LYS A 86 -2.30 12.05 -1.14
C LYS A 86 -2.83 10.69 -1.56
N GLU A 87 -1.94 9.71 -1.66
CA GLU A 87 -2.33 8.36 -2.03
C GLU A 87 -3.21 7.74 -0.96
N ALA A 88 -2.88 7.99 0.30
CA ALA A 88 -3.66 7.45 1.41
C ALA A 88 -5.07 8.02 1.39
N PHE A 89 -5.17 9.36 1.42
CA PHE A 89 -6.48 10.01 1.40
C PHE A 89 -7.28 9.53 0.19
N LYS A 90 -6.61 9.42 -0.95
CA LYS A 90 -7.26 8.98 -2.18
C LYS A 90 -7.86 7.58 -1.98
N VAL A 91 -7.19 6.76 -1.17
CA VAL A 91 -7.67 5.41 -0.90
C VAL A 91 -8.86 5.44 0.05
N PHE A 92 -8.64 5.97 1.24
CA PHE A 92 -9.69 6.04 2.24
C PHE A 92 -10.94 6.67 1.65
N ASP A 93 -10.76 7.75 0.92
CA ASP A 93 -11.88 8.43 0.29
C ASP A 93 -12.24 7.79 -1.03
N LYS A 94 -12.68 6.53 -0.98
CA LYS A 94 -13.04 5.81 -2.19
C LYS A 94 -13.83 6.69 -3.15
N ASP A 95 -14.93 7.26 -2.66
CA ASP A 95 -15.77 8.11 -3.49
C ASP A 95 -15.08 9.44 -3.78
N GLN A 96 -13.91 9.64 -3.19
CA GLN A 96 -13.16 10.87 -3.40
C GLN A 96 -14.08 12.08 -3.31
N ASN A 97 -14.95 12.08 -2.31
CA ASN A 97 -15.90 13.18 -2.13
C ASN A 97 -15.23 14.34 -1.40
N GLY A 98 -13.98 14.15 -1.02
CA GLY A 98 -13.24 15.19 -0.31
C GLY A 98 -13.36 15.01 1.19
N TYR A 99 -14.15 14.04 1.61
CA TYR A 99 -14.35 13.78 3.04
C TYR A 99 -14.33 12.29 3.32
N ILE A 100 -13.77 11.91 4.47
CA ILE A 100 -13.69 10.51 4.84
C ILE A 100 -14.90 10.12 5.68
N SER A 101 -15.75 9.27 5.10
CA SER A 101 -16.95 8.80 5.79
C SER A 101 -16.63 7.56 6.62
N ALA A 102 -17.34 7.41 7.74
CA ALA A 102 -17.12 6.27 8.61
C ALA A 102 -17.16 4.96 7.81
N SER A 103 -18.14 4.84 6.93
CA SER A 103 -18.27 3.64 6.12
C SER A 103 -17.04 3.43 5.26
N GLU A 104 -16.56 4.51 4.64
CA GLU A 104 -15.38 4.44 3.79
C GLU A 104 -14.16 3.99 4.61
N LEU A 105 -13.89 4.71 5.69
CA LEU A 105 -12.77 4.38 6.55
C LEU A 105 -12.99 3.04 7.23
N ARG A 106 -14.25 2.63 7.33
CA ARG A 106 -14.58 1.35 7.96
C ARG A 106 -14.31 0.19 7.01
N HIS A 107 -14.80 0.30 5.78
CA HIS A 107 -14.63 -0.76 4.80
C HIS A 107 -13.15 -1.09 4.68
N VAL A 108 -12.32 -0.07 4.50
CA VAL A 108 -10.88 -0.31 4.36
C VAL A 108 -10.34 -0.97 5.61
N MET A 109 -10.35 -0.25 6.74
CA MET A 109 -9.83 -0.80 7.99
C MET A 109 -10.04 -2.32 8.06
N ILE A 110 -11.29 -2.72 8.29
CA ILE A 110 -11.60 -4.13 8.39
C ILE A 110 -11.05 -4.89 7.18
N ASN A 111 -11.25 -4.33 6.00
CA ASN A 111 -10.76 -4.94 4.77
C ASN A 111 -9.24 -4.85 4.70
N LEU A 112 -8.66 -4.08 5.63
CA LEU A 112 -7.22 -3.91 5.66
C LEU A 112 -6.56 -5.03 6.43
N GLY A 113 -7.27 -6.12 6.62
CA GLY A 113 -6.74 -7.26 7.35
C GLY A 113 -7.25 -7.25 8.80
N GLU A 114 -6.71 -6.34 9.60
CA GLU A 114 -7.11 -6.25 11.00
C GLU A 114 -8.62 -6.13 11.11
N LYS A 115 -9.21 -6.90 12.03
CA LYS A 115 -10.65 -6.88 12.22
C LYS A 115 -11.04 -5.90 13.32
N LEU A 116 -11.64 -4.78 12.91
CA LEU A 116 -12.09 -3.76 13.87
C LEU A 116 -13.60 -3.61 13.83
N THR A 117 -14.20 -3.57 15.00
CA THR A 117 -15.65 -3.43 15.11
C THR A 117 -16.06 -2.00 14.76
N ASP A 118 -17.37 -1.77 14.70
CA ASP A 118 -17.89 -0.44 14.37
C ASP A 118 -17.61 0.53 15.51
N GLU A 119 -17.48 0.00 16.72
CA GLU A 119 -17.22 0.84 17.89
C GLU A 119 -15.82 1.44 17.81
N GLU A 120 -14.83 0.60 17.56
CA GLU A 120 -13.44 1.06 17.45
C GLU A 120 -13.31 2.08 16.31
N VAL A 121 -13.91 1.76 15.18
CA VAL A 121 -13.86 2.66 14.03
C VAL A 121 -14.59 3.96 14.34
N GLU A 122 -15.72 3.86 15.01
CA GLU A 122 -16.50 5.05 15.37
C GLU A 122 -15.71 5.93 16.33
N GLN A 123 -14.84 5.31 17.12
CA GLN A 123 -14.04 6.06 18.08
C GLN A 123 -13.00 6.94 17.37
N MET A 124 -12.22 6.32 16.49
CA MET A 124 -11.19 7.05 15.77
C MET A 124 -11.82 8.20 14.98
N ILE A 125 -12.99 7.94 14.41
CA ILE A 125 -13.70 8.94 13.62
C ILE A 125 -14.09 10.11 14.49
N LYS A 126 -14.59 9.80 15.68
CA LYS A 126 -14.99 10.84 16.61
C LYS A 126 -13.78 11.60 17.15
N GLU A 127 -12.68 10.87 17.36
CA GLU A 127 -11.48 11.48 17.89
C GLU A 127 -10.71 12.23 16.80
N ALA A 128 -10.36 11.51 15.74
CA ALA A 128 -9.61 12.11 14.64
C ALA A 128 -10.28 13.41 14.20
N ASP A 129 -11.61 13.43 14.22
CA ASP A 129 -12.35 14.62 13.81
C ASP A 129 -12.62 15.51 15.03
N LEU A 130 -11.95 16.65 15.09
CA LEU A 130 -12.11 17.56 16.21
C LEU A 130 -13.55 18.05 16.30
N ASP A 131 -14.11 18.45 15.16
CA ASP A 131 -15.48 18.95 15.13
C ASP A 131 -16.47 17.79 15.25
N GLY A 132 -15.95 16.58 15.25
CA GLY A 132 -16.81 15.40 15.36
C GLY A 132 -18.01 15.49 14.43
N ASP A 133 -17.76 15.95 13.21
CA ASP A 133 -18.83 16.08 12.22
C ASP A 133 -19.13 14.72 11.59
N GLY A 134 -18.73 13.66 12.28
CA GLY A 134 -18.97 12.31 11.78
C GLY A 134 -18.19 12.07 10.50
N GLN A 135 -17.37 13.05 10.11
CA GLN A 135 -16.59 12.94 8.89
C GLN A 135 -15.27 13.69 9.05
N VAL A 136 -14.29 13.30 8.25
CA VAL A 136 -12.98 13.96 8.26
C VAL A 136 -12.63 14.50 6.89
N ASN A 137 -12.32 15.79 6.85
CA ASN A 137 -11.95 16.44 5.58
C ASN A 137 -10.45 16.37 5.36
N TYR A 138 -10.03 16.43 4.10
CA TYR A 138 -8.61 16.37 3.78
C TYR A 138 -7.82 17.30 4.68
N GLU A 139 -8.34 18.51 4.89
CA GLU A 139 -7.66 19.48 5.74
C GLU A 139 -7.52 18.95 7.16
N GLU A 140 -8.64 18.50 7.73
CA GLU A 140 -8.63 17.95 9.09
C GLU A 140 -7.66 16.77 9.17
N PHE A 141 -7.68 15.93 8.13
CA PHE A 141 -6.80 14.76 8.11
C PHE A 141 -5.34 15.19 8.14
N VAL A 142 -4.99 16.17 7.32
CA VAL A 142 -3.61 16.65 7.26
C VAL A 142 -3.18 17.18 8.63
N LYS A 143 -4.04 17.97 9.25
CA LYS A 143 -3.72 18.54 10.56
C LYS A 143 -3.58 17.45 11.61
N MET A 144 -4.36 16.38 11.45
CA MET A 144 -4.31 15.28 12.40
C MET A 144 -3.08 14.41 12.17
N MET A 145 -2.63 14.35 10.92
CA MET A 145 -1.47 13.55 10.57
C MET A 145 -0.18 14.37 10.72
N MET A 146 -0.31 15.68 10.56
CA MET A 146 0.85 16.56 10.67
C MET A 146 1.20 16.80 12.14
N THR A 147 0.18 16.99 12.96
CA THR A 147 0.40 17.25 14.39
C THR A 147 0.93 16.00 15.08
N VAL A 148 1.14 14.94 14.31
CA VAL A 148 1.64 13.71 14.87
C VAL A 148 2.89 13.97 15.72
N ARG A 149 2.84 13.53 16.97
CA ARG A 149 3.97 13.72 17.87
C ARG A 149 3.97 12.64 18.96
N ALA B 1 -6.87 8.76 17.84
CA ALA B 1 -6.20 7.46 17.55
C ALA B 1 -5.20 7.64 16.41
N ARG B 2 -4.10 8.33 16.69
CA ARG B 2 -3.07 8.57 15.69
C ARG B 2 -2.42 7.25 15.27
N GLN B 3 -2.28 6.34 16.24
CA GLN B 3 -1.66 5.06 15.95
C GLN B 3 -2.51 4.27 14.95
N ARG B 4 -3.81 4.20 15.21
CA ARG B 4 -4.72 3.48 14.33
C ARG B 4 -4.68 4.09 12.94
N TRP B 5 -4.71 5.42 12.87
CA TRP B 5 -4.66 6.10 11.58
C TRP B 5 -3.36 5.76 10.86
N ARG B 6 -2.25 5.90 11.57
CA ARG B 6 -0.95 5.60 10.99
C ARG B 6 -0.84 4.12 10.67
N SER B 7 -1.47 3.30 11.50
CA SER B 7 -1.43 1.85 11.28
C SER B 7 -2.02 1.50 9.94
N SER B 8 -3.19 2.04 9.64
CA SER B 8 -3.83 1.78 8.35
C SER B 8 -2.96 2.29 7.22
N VAL B 9 -2.38 3.47 7.39
CA VAL B 9 -1.51 4.04 6.37
C VAL B 9 -0.23 3.24 6.25
N SER B 10 0.34 2.86 7.39
CA SER B 10 1.60 2.11 7.39
C SER B 10 1.39 0.73 6.78
N ILE B 11 0.31 0.07 7.18
CA ILE B 11 0.02 -1.25 6.67
C ILE B 11 -0.22 -1.20 5.17
N VAL B 12 -0.95 -0.17 4.73
CA VAL B 12 -1.24 -0.03 3.31
C VAL B 12 0.05 0.06 2.51
N LYS B 13 0.99 0.86 3.00
CA LYS B 13 2.26 1.02 2.30
C LYS B 13 3.03 -0.30 2.28
N ASN B 14 3.06 -0.97 3.42
CA ASN B 14 3.76 -2.24 3.53
C ASN B 14 2.95 -3.35 2.85
N ARG B 15 1.63 -3.17 2.81
CA ARG B 15 0.77 -4.16 2.20
C ARG B 15 1.01 -4.24 0.70
N ALA B 16 0.83 -3.11 0.01
CA ALA B 16 1.01 -3.05 -1.44
C ALA B 16 0.82 -4.44 -2.07
N ARG B 17 -0.25 -5.12 -1.64
CA ARG B 17 -0.52 -6.46 -2.14
C ARG B 17 -0.73 -6.42 -3.65
N ARG B 18 -0.67 -5.22 -4.22
CA ARG B 18 -0.84 -5.05 -5.66
C ARG B 18 0.46 -4.63 -6.32
N PHE B 19 1.48 -4.38 -5.50
CA PHE B 19 2.78 -3.98 -6.03
C PHE B 19 2.69 -2.61 -6.69
N ARG B 20 2.05 -1.67 -6.00
CA ARG B 20 1.90 -0.32 -6.54
C ARG B 20 3.21 0.16 -7.17
N MET B 21 4.33 -0.39 -6.69
CA MET B 21 5.64 -0.02 -7.21
C MET B 21 5.81 -0.55 -8.63
N ILE B 22 5.82 -1.87 -8.76
CA ILE B 22 5.96 -2.51 -10.06
C ILE B 22 4.79 -2.15 -10.96
N SER B 23 3.59 -2.17 -10.39
CA SER B 23 2.39 -1.86 -11.16
C SER B 23 2.54 -0.49 -11.83
N ASN B 24 2.87 0.51 -11.03
CA ASN B 24 3.06 1.86 -11.56
C ASN B 24 4.32 1.94 -12.40
N LEU B 25 5.37 1.26 -11.95
CA LEU B 25 6.64 1.26 -12.67
C LEU B 25 6.87 -0.08 -13.38
CA CA C . 9.13 -19.02 -9.04
CA CA D . 18.57 -12.51 -10.05
CA CA E . -14.66 9.91 0.54
CA CA F . -15.14 17.35 10.33
N ALA A 1 18.18 -9.18 17.91
CA ALA A 1 16.85 -8.83 18.50
C ALA A 1 15.77 -9.01 17.45
N ASP A 2 14.62 -9.52 17.88
CA ASP A 2 13.49 -9.74 16.97
C ASP A 2 12.58 -8.52 16.94
N ILE A 3 11.83 -8.38 15.85
CA ILE A 3 10.91 -7.25 15.71
C ILE A 3 10.01 -7.44 14.50
N LEU A 4 10.41 -8.34 13.61
CA LEU A 4 9.63 -8.61 12.39
C LEU A 4 8.73 -9.80 12.61
N SER A 5 7.44 -9.62 12.36
CA SER A 5 6.46 -10.69 12.51
C SER A 5 5.96 -11.16 11.16
N GLU A 6 5.38 -12.36 11.13
CA GLU A 6 4.87 -12.91 9.88
C GLU A 6 3.97 -11.90 9.18
N GLU A 7 3.33 -11.04 9.96
CA GLU A 7 2.45 -10.03 9.38
C GLU A 7 3.21 -9.12 8.42
N GLN A 8 4.51 -8.97 8.65
CA GLN A 8 5.34 -8.15 7.79
C GLN A 8 5.71 -8.91 6.53
N ILE A 9 6.29 -10.09 6.70
CA ILE A 9 6.66 -10.93 5.57
C ILE A 9 5.43 -11.31 4.77
N VAL A 10 4.35 -11.63 5.46
CA VAL A 10 3.12 -12.01 4.79
C VAL A 10 2.63 -10.87 3.90
N ASP A 11 2.54 -9.68 4.46
CA ASP A 11 2.07 -8.52 3.69
C ASP A 11 2.90 -8.37 2.40
N PHE A 12 4.22 -8.32 2.57
CA PHE A 12 5.11 -8.18 1.43
C PHE A 12 4.99 -9.41 0.51
N LYS A 13 4.92 -10.58 1.11
CA LYS A 13 4.81 -11.81 0.35
C LYS A 13 3.54 -11.80 -0.49
N GLU A 14 2.44 -11.34 0.12
CA GLU A 14 1.17 -11.29 -0.59
C GLU A 14 1.31 -10.48 -1.87
N ALA A 15 1.85 -9.27 -1.75
CA ALA A 15 2.04 -8.42 -2.92
C ALA A 15 2.92 -9.12 -3.95
N PHE A 16 4.02 -9.71 -3.48
CA PHE A 16 4.93 -10.41 -4.37
C PHE A 16 4.20 -11.54 -5.10
N GLY A 17 3.45 -12.33 -4.35
CA GLY A 17 2.70 -13.44 -4.93
C GLY A 17 1.78 -12.93 -6.02
N LEU A 18 1.24 -11.73 -5.83
CA LEU A 18 0.34 -11.15 -6.81
C LEU A 18 1.08 -10.93 -8.12
N PHE A 19 2.22 -10.26 -8.06
CA PHE A 19 2.99 -10.00 -9.27
C PHE A 19 3.26 -11.30 -10.02
N ASP A 20 3.41 -12.38 -9.26
CA ASP A 20 3.67 -13.69 -9.86
C ASP A 20 2.37 -14.45 -10.07
N LYS A 21 1.62 -14.07 -11.10
CA LYS A 21 0.35 -14.72 -11.39
C LYS A 21 0.55 -16.23 -11.48
N ASP A 22 1.71 -16.65 -11.94
CA ASP A 22 2.01 -18.07 -12.07
C ASP A 22 2.89 -18.54 -10.94
N GLY A 23 2.65 -18.02 -9.73
CA GLY A 23 3.43 -18.37 -8.53
C GLY A 23 4.64 -19.24 -8.89
N ASP A 24 5.58 -18.64 -9.61
CA ASP A 24 6.78 -19.36 -10.04
C ASP A 24 7.90 -19.19 -9.02
N GLY A 25 7.84 -18.08 -8.27
CA GLY A 25 8.86 -17.79 -7.26
C GLY A 25 9.76 -16.64 -7.69
N CYS A 26 9.36 -15.92 -8.72
CA CYS A 26 10.15 -14.80 -9.22
C CYS A 26 9.29 -13.89 -10.08
N ILE A 27 9.80 -12.68 -10.36
CA ILE A 27 9.08 -11.74 -11.21
C ILE A 27 9.85 -11.50 -12.50
N THR A 28 9.22 -11.83 -13.63
CA THR A 28 9.86 -11.66 -14.94
C THR A 28 9.33 -10.41 -15.64
N VAL A 29 10.19 -9.81 -16.46
CA VAL A 29 9.80 -8.60 -17.19
C VAL A 29 8.45 -8.81 -17.86
N GLU A 30 8.26 -9.98 -18.46
CA GLU A 30 7.00 -10.29 -19.13
C GLU A 30 5.84 -10.26 -18.13
N GLU A 31 5.98 -11.01 -17.05
CA GLU A 31 4.94 -11.07 -16.03
C GLU A 31 4.67 -9.67 -15.48
N LEU A 32 5.75 -8.93 -15.21
CA LEU A 32 5.62 -7.58 -14.67
C LEU A 32 4.87 -6.69 -15.67
N ALA A 33 5.09 -6.94 -16.96
CA ALA A 33 4.42 -6.16 -18.00
C ALA A 33 2.93 -6.46 -18.02
N THR A 34 2.58 -7.74 -17.89
CA THR A 34 1.18 -8.14 -17.91
C THR A 34 0.41 -7.47 -16.78
N VAL A 35 0.96 -7.55 -15.57
CA VAL A 35 0.31 -6.95 -14.41
C VAL A 35 0.14 -5.45 -14.60
N ILE A 36 1.20 -4.80 -15.06
CA ILE A 36 1.15 -3.34 -15.28
C ILE A 36 0.08 -3.00 -16.30
N ARG A 37 0.01 -3.77 -17.37
CA ARG A 37 -0.98 -3.54 -18.41
C ARG A 37 -2.39 -3.59 -17.83
N SER A 38 -2.57 -4.44 -16.82
CA SER A 38 -3.88 -4.57 -16.18
C SER A 38 -4.22 -3.35 -15.32
N LEU A 39 -3.22 -2.85 -14.60
CA LEU A 39 -3.43 -1.69 -13.74
C LEU A 39 -3.00 -0.40 -14.43
N ASP A 40 -2.60 -0.52 -15.69
CA ASP A 40 -2.16 0.65 -16.44
C ASP A 40 -1.99 0.30 -17.92
N GLN A 41 -1.65 1.28 -18.72
CA GLN A 41 -1.46 1.08 -20.15
C GLN A 41 -0.28 0.17 -20.41
N ASN A 42 0.34 0.31 -21.57
CA ASN A 42 1.50 -0.52 -21.93
C ASN A 42 2.71 0.35 -22.26
N PRO A 43 3.43 0.78 -21.25
CA PRO A 43 4.65 1.62 -21.43
C PRO A 43 5.66 0.94 -22.35
N THR A 44 6.87 1.51 -22.41
CA THR A 44 7.94 0.96 -23.25
C THR A 44 8.78 -0.01 -22.44
N GLU A 45 9.11 -1.15 -23.05
CA GLU A 45 9.91 -2.16 -22.38
C GLU A 45 11.21 -1.56 -21.83
N GLU A 46 11.82 -0.68 -22.61
CA GLU A 46 13.06 -0.04 -22.19
C GLU A 46 12.93 0.50 -20.77
N GLU A 47 11.79 1.12 -20.48
CA GLU A 47 11.55 1.68 -19.15
C GLU A 47 11.47 0.56 -18.11
N LEU A 48 10.92 -0.57 -18.53
CA LEU A 48 10.79 -1.71 -17.63
C LEU A 48 12.14 -2.39 -17.39
N GLN A 49 12.89 -2.59 -18.47
CA GLN A 49 14.19 -3.23 -18.37
C GLN A 49 15.17 -2.30 -17.67
N ASP A 50 14.97 -1.00 -17.84
CA ASP A 50 15.86 -0.02 -17.22
C ASP A 50 15.67 0.00 -15.71
N MET A 51 14.44 0.26 -15.26
CA MET A 51 14.15 0.30 -13.84
C MET A 51 14.47 -1.03 -13.19
N ILE A 52 14.13 -2.11 -13.87
CA ILE A 52 14.39 -3.44 -13.35
C ILE A 52 15.88 -3.70 -13.25
N SER A 53 16.62 -3.22 -14.23
CA SER A 53 18.07 -3.40 -14.26
C SER A 53 18.77 -2.32 -13.44
N GLU A 54 18.07 -1.22 -13.21
CA GLU A 54 18.64 -0.12 -12.44
C GLU A 54 19.09 -0.60 -11.07
N VAL A 55 18.23 -1.38 -10.40
CA VAL A 55 18.55 -1.90 -9.08
C VAL A 55 19.09 -3.32 -9.17
N ASP A 56 18.36 -4.19 -9.86
CA ASP A 56 18.77 -5.58 -9.99
C ASP A 56 20.24 -5.67 -10.40
N ALA A 57 21.12 -5.71 -9.40
CA ALA A 57 22.55 -5.79 -9.65
C ALA A 57 22.84 -6.83 -10.73
N ASP A 58 22.72 -8.10 -10.38
CA ASP A 58 22.98 -9.18 -11.32
C ASP A 58 22.06 -9.08 -12.52
N GLY A 59 21.25 -8.00 -12.57
CA GLY A 59 20.33 -7.76 -13.68
C GLY A 59 20.07 -9.05 -14.46
N ASN A 60 19.54 -10.06 -13.77
CA ASN A 60 19.27 -11.34 -14.40
C ASN A 60 18.03 -11.26 -15.26
N GLY A 61 17.26 -10.19 -15.08
CA GLY A 61 16.03 -10.00 -15.85
C GLY A 61 14.80 -10.32 -15.00
N THR A 62 15.04 -10.73 -13.75
CA THR A 62 13.94 -11.04 -12.85
C THR A 62 14.27 -10.58 -11.44
N ILE A 63 13.23 -10.21 -10.69
CA ILE A 63 13.42 -9.75 -9.32
C ILE A 63 13.10 -10.87 -8.33
N GLU A 64 14.08 -11.18 -7.49
CA GLU A 64 13.92 -12.24 -6.48
C GLU A 64 13.29 -11.67 -5.22
N PHE A 65 12.73 -12.54 -4.39
CA PHE A 65 12.09 -12.11 -3.15
C PHE A 65 12.99 -11.12 -2.42
N ASP A 66 14.24 -11.50 -2.18
CA ASP A 66 15.17 -10.62 -1.48
C ASP A 66 15.27 -9.27 -2.18
N GLU A 67 15.26 -9.30 -3.51
CA GLU A 67 15.34 -8.08 -4.29
C GLU A 67 14.03 -7.28 -4.20
N PHE A 68 12.92 -8.01 -4.22
CA PHE A 68 11.60 -7.36 -4.15
C PHE A 68 11.47 -6.59 -2.85
N LEU A 69 11.88 -7.21 -1.74
CA LEU A 69 11.81 -6.55 -0.44
C LEU A 69 12.66 -5.31 -0.42
N SER A 70 13.92 -5.45 -0.83
CA SER A 70 14.82 -4.30 -0.84
C SER A 70 14.36 -3.25 -1.85
N LEU A 71 13.97 -3.71 -3.02
CA LEU A 71 13.54 -2.79 -4.06
C LEU A 71 12.38 -1.93 -3.57
N MET A 72 11.41 -2.56 -2.92
CA MET A 72 10.24 -1.85 -2.43
C MET A 72 10.53 -1.19 -1.08
N ALA A 73 11.03 -1.98 -0.14
CA ALA A 73 11.32 -1.47 1.18
C ALA A 73 12.20 -0.23 1.11
N LYS A 74 13.10 -0.20 0.12
CA LYS A 74 14.00 0.93 -0.05
C LYS A 74 13.25 2.15 -0.56
N LYS A 75 12.61 2.00 -1.72
CA LYS A 75 11.87 3.11 -2.32
C LYS A 75 11.18 3.95 -1.26
N VAL A 76 10.18 3.37 -0.62
CA VAL A 76 9.44 4.08 0.40
C VAL A 76 10.15 4.00 1.76
N LYS A 77 11.22 4.77 1.91
CA LYS A 77 11.98 4.78 3.15
C LYS A 77 11.51 5.90 4.07
N ASP A 78 12.24 7.00 4.09
CA ASP A 78 11.90 8.14 4.94
C ASP A 78 11.46 9.32 4.10
N THR A 79 11.04 9.05 2.87
CA THR A 79 10.60 10.12 1.97
C THR A 79 9.45 9.64 1.17
N ASP A 80 8.38 10.47 1.05
CA ASP A 80 7.17 10.13 0.29
C ASP A 80 5.92 10.58 1.04
N ALA A 81 6.01 11.70 1.75
CA ALA A 81 4.87 12.20 2.50
C ALA A 81 3.74 12.60 1.57
N GLU A 82 4.01 13.53 0.67
CA GLU A 82 2.99 13.98 -0.26
C GLU A 82 2.51 12.83 -1.14
N GLU A 83 3.34 11.80 -1.24
CA GLU A 83 2.99 10.63 -2.04
C GLU A 83 2.06 9.70 -1.28
N GLU A 84 2.36 9.48 -0.01
CA GLU A 84 1.54 8.61 0.82
C GLU A 84 0.33 9.37 1.35
N LEU A 85 0.54 10.65 1.65
CA LEU A 85 -0.54 11.47 2.18
C LEU A 85 -1.63 11.69 1.14
N LYS A 86 -1.21 11.87 -0.12
CA LYS A 86 -2.17 12.09 -1.18
C LYS A 86 -2.79 10.77 -1.65
N GLU A 87 -1.96 9.75 -1.81
CA GLU A 87 -2.44 8.44 -2.25
C GLU A 87 -3.33 7.83 -1.16
N ALA A 88 -2.92 7.96 0.09
CA ALA A 88 -3.68 7.42 1.20
C ALA A 88 -5.08 8.02 1.20
N PHE A 89 -5.17 9.35 1.14
CA PHE A 89 -6.46 10.02 1.11
C PHE A 89 -7.28 9.54 -0.09
N LYS A 90 -6.63 9.41 -1.23
CA LYS A 90 -7.31 8.96 -2.44
C LYS A 90 -7.95 7.59 -2.20
N VAL A 91 -7.26 6.74 -1.45
CA VAL A 91 -7.78 5.41 -1.14
C VAL A 91 -8.85 5.50 -0.06
N PHE A 92 -8.55 6.20 1.01
CA PHE A 92 -9.49 6.34 2.12
C PHE A 92 -10.77 7.01 1.63
N ASP A 93 -10.62 8.12 0.92
CA ASP A 93 -11.78 8.84 0.41
C ASP A 93 -12.15 8.33 -0.97
N LYS A 94 -12.41 7.04 -1.08
CA LYS A 94 -12.76 6.43 -2.36
C LYS A 94 -13.63 7.38 -3.18
N ASP A 95 -14.69 7.90 -2.56
CA ASP A 95 -15.60 8.81 -3.25
C ASP A 95 -14.88 10.10 -3.62
N GLN A 96 -13.81 10.41 -2.89
CA GLN A 96 -13.03 11.62 -3.15
C GLN A 96 -13.90 12.86 -2.97
N ASN A 97 -15.00 12.70 -2.26
CA ASN A 97 -15.92 13.81 -2.02
C ASN A 97 -15.25 14.87 -1.16
N GLY A 98 -14.00 14.62 -0.78
CA GLY A 98 -13.26 15.56 0.05
C GLY A 98 -13.43 15.25 1.52
N TYR A 99 -14.12 14.15 1.82
CA TYR A 99 -14.36 13.75 3.21
C TYR A 99 -14.26 12.24 3.35
N ILE A 100 -13.76 11.79 4.50
CA ILE A 100 -13.62 10.36 4.76
C ILE A 100 -14.80 9.87 5.58
N SER A 101 -15.65 9.05 4.95
CA SER A 101 -16.81 8.50 5.62
C SER A 101 -16.43 7.29 6.47
N ALA A 102 -17.19 7.06 7.52
CA ALA A 102 -16.92 5.92 8.40
C ALA A 102 -16.88 4.62 7.61
N SER A 103 -17.84 4.46 6.71
CA SER A 103 -17.92 3.25 5.90
C SER A 103 -16.65 3.10 5.06
N GLU A 104 -16.19 4.21 4.49
CA GLU A 104 -14.98 4.18 3.67
C GLU A 104 -13.77 3.81 4.53
N LEU A 105 -13.62 4.50 5.66
CA LEU A 105 -12.52 4.22 6.57
C LEU A 105 -12.70 2.83 7.19
N ARG A 106 -13.93 2.35 7.21
CA ARG A 106 -14.23 1.04 7.78
C ARG A 106 -13.99 -0.06 6.76
N HIS A 107 -14.40 0.19 5.51
CA HIS A 107 -14.22 -0.78 4.45
C HIS A 107 -12.75 -1.13 4.31
N VAL A 108 -11.89 -0.10 4.23
CA VAL A 108 -10.47 -0.34 4.09
C VAL A 108 -9.96 -1.08 5.32
N MET A 109 -10.02 -0.42 6.49
CA MET A 109 -9.54 -1.04 7.73
C MET A 109 -9.74 -2.56 7.71
N ILE A 110 -10.99 -2.98 7.88
CA ILE A 110 -11.29 -4.40 7.88
C ILE A 110 -10.66 -5.10 6.69
N ASN A 111 -10.85 -4.52 5.51
CA ASN A 111 -10.29 -5.11 4.30
C ASN A 111 -8.77 -5.26 4.43
N LEU A 112 -8.21 -4.60 5.42
CA LEU A 112 -6.76 -4.67 5.66
C LEU A 112 -6.46 -5.49 6.90
N GLY A 113 -6.42 -6.81 6.73
CA GLY A 113 -6.14 -7.71 7.83
C GLY A 113 -6.73 -7.21 9.14
N GLU A 114 -6.01 -6.33 9.81
CA GLU A 114 -6.48 -5.78 11.08
C GLU A 114 -7.90 -5.27 10.94
N LYS A 115 -8.80 -5.87 11.71
CA LYS A 115 -10.22 -5.48 11.70
C LYS A 115 -10.60 -4.85 13.02
N LEU A 116 -11.36 -3.76 12.94
CA LEU A 116 -11.81 -3.04 14.14
C LEU A 116 -13.32 -3.15 14.30
N THR A 117 -13.77 -3.23 15.55
CA THR A 117 -15.18 -3.33 15.84
C THR A 117 -15.88 -2.01 15.54
N ASP A 118 -17.18 -1.96 15.79
CA ASP A 118 -17.97 -0.76 15.53
C ASP A 118 -17.59 0.34 16.51
N GLU A 119 -17.24 -0.05 17.74
CA GLU A 119 -16.87 0.92 18.77
C GLU A 119 -15.52 1.54 18.46
N GLU A 120 -14.58 0.72 18.02
CA GLU A 120 -13.24 1.22 17.70
C GLU A 120 -13.29 2.14 16.49
N VAL A 121 -14.09 1.76 15.50
CA VAL A 121 -14.20 2.56 14.29
C VAL A 121 -14.87 3.90 14.59
N GLU A 122 -16.12 3.83 15.07
CA GLU A 122 -16.87 5.04 15.39
C GLU A 122 -16.08 5.91 16.36
N GLN A 123 -15.19 5.29 17.12
CA GLN A 123 -14.38 6.04 18.07
C GLN A 123 -13.36 6.92 17.36
N MET A 124 -12.43 6.29 16.67
CA MET A 124 -11.40 7.03 15.98
C MET A 124 -11.99 8.17 15.18
N ILE A 125 -12.89 7.84 14.27
CA ILE A 125 -13.51 8.87 13.43
C ILE A 125 -14.10 9.98 14.28
N LYS A 126 -14.71 9.60 15.40
CA LYS A 126 -15.31 10.58 16.29
C LYS A 126 -14.22 11.48 16.90
N GLU A 127 -13.08 10.88 17.24
CA GLU A 127 -11.98 11.64 17.83
C GLU A 127 -11.24 12.44 16.76
N ALA A 128 -10.73 11.74 15.75
CA ALA A 128 -10.00 12.39 14.67
C ALA A 128 -10.72 13.66 14.23
N ASP A 129 -12.05 13.65 14.34
CA ASP A 129 -12.85 14.80 13.93
C ASP A 129 -12.83 15.86 15.04
N LEU A 130 -12.21 16.99 14.75
CA LEU A 130 -12.13 18.07 15.71
C LEU A 130 -13.46 18.80 15.85
N ASP A 131 -14.19 18.90 14.75
CA ASP A 131 -15.47 19.60 14.75
C ASP A 131 -16.61 18.61 14.94
N GLY A 132 -16.27 17.34 15.09
CA GLY A 132 -17.28 16.29 15.28
C GLY A 132 -18.42 16.43 14.26
N ASP A 133 -18.63 15.40 13.48
CA ASP A 133 -19.70 15.43 12.48
C ASP A 133 -19.94 14.04 11.90
N GLY A 134 -18.92 13.19 12.01
CA GLY A 134 -19.03 11.82 11.48
C GLY A 134 -18.24 11.66 10.19
N GLN A 135 -17.51 12.72 9.81
CA GLN A 135 -16.70 12.68 8.60
C GLN A 135 -15.44 13.50 8.78
N VAL A 136 -14.36 13.05 8.15
CA VAL A 136 -13.08 13.75 8.25
C VAL A 136 -12.69 14.35 6.89
N ASN A 137 -12.37 15.64 6.90
CA ASN A 137 -11.97 16.32 5.68
C ASN A 137 -10.45 16.21 5.48
N TYR A 138 -10.03 16.18 4.22
CA TYR A 138 -8.61 16.07 3.91
C TYR A 138 -7.80 17.03 4.78
N GLU A 139 -8.33 18.23 4.98
CA GLU A 139 -7.63 19.22 5.79
C GLU A 139 -7.42 18.71 7.21
N GLU A 140 -8.51 18.34 7.86
CA GLU A 140 -8.43 17.82 9.23
C GLU A 140 -7.52 16.60 9.29
N PHE A 141 -7.63 15.74 8.27
CA PHE A 141 -6.81 14.54 8.23
C PHE A 141 -5.33 14.90 8.22
N VAL A 142 -4.95 15.81 7.34
CA VAL A 142 -3.55 16.23 7.26
C VAL A 142 -3.08 16.79 8.59
N LYS A 143 -3.89 17.67 9.17
CA LYS A 143 -3.54 18.29 10.44
C LYS A 143 -3.32 17.22 11.51
N MET A 144 -4.07 16.13 11.42
CA MET A 144 -3.93 15.04 12.38
C MET A 144 -2.60 14.32 12.18
N MET A 145 -2.21 14.11 10.92
CA MET A 145 -0.97 13.43 10.61
C MET A 145 0.22 14.20 11.15
N MET A 146 0.02 15.49 11.37
CA MET A 146 1.09 16.34 11.90
C MET A 146 1.63 15.78 13.22
N THR A 147 1.93 16.66 14.16
CA THR A 147 2.46 16.25 15.44
C THR A 147 1.34 15.74 16.35
N VAL A 148 0.46 16.64 16.76
CA VAL A 148 -0.65 16.27 17.63
C VAL A 148 -0.13 15.79 18.98
N ARG A 149 -0.25 16.66 20.00
CA ARG A 149 0.21 16.31 21.34
C ARG A 149 -0.71 16.90 22.39
N ALA B 1 -6.39 7.29 19.38
CA ALA B 1 -6.57 6.48 18.14
C ALA B 1 -5.65 7.00 17.05
N ARG B 2 -4.72 7.89 17.43
CA ARG B 2 -3.79 8.46 16.47
C ARG B 2 -2.94 7.36 15.83
N GLN B 3 -2.43 6.46 16.68
CA GLN B 3 -1.60 5.37 16.19
C GLN B 3 -2.38 4.49 15.23
N ARG B 4 -3.63 4.22 15.56
CA ARG B 4 -4.47 3.40 14.71
C ARG B 4 -4.60 4.03 13.32
N TRP B 5 -4.74 5.35 13.28
CA TRP B 5 -4.86 6.03 12.01
C TRP B 5 -3.63 5.77 11.15
N ARG B 6 -2.46 5.95 11.77
CA ARG B 6 -1.21 5.71 11.05
C ARG B 6 -1.08 4.23 10.71
N SER B 7 -1.60 3.38 11.60
CA SER B 7 -1.53 1.94 11.39
C SER B 7 -2.24 1.57 10.10
N SER B 8 -3.43 2.12 9.91
CA SER B 8 -4.19 1.84 8.68
C SER B 8 -3.41 2.31 7.46
N VAL B 9 -2.84 3.51 7.55
CA VAL B 9 -2.06 4.05 6.44
C VAL B 9 -0.78 3.24 6.26
N SER B 10 -0.17 2.85 7.38
CA SER B 10 1.08 2.08 7.32
C SER B 10 0.85 0.75 6.62
N ILE B 11 -0.27 0.11 6.95
CA ILE B 11 -0.60 -1.17 6.34
C ILE B 11 -0.76 -1.00 4.83
N VAL B 12 -1.41 0.08 4.43
CA VAL B 12 -1.61 0.35 3.01
C VAL B 12 -0.25 0.44 2.32
N LYS B 13 0.70 1.11 2.95
CA LYS B 13 2.02 1.25 2.37
C LYS B 13 2.62 -0.13 2.12
N ASN B 14 2.54 -0.99 3.13
CA ASN B 14 3.10 -2.33 3.01
C ASN B 14 2.25 -3.16 2.07
N ARG B 15 1.00 -2.73 1.89
CA ARG B 15 0.08 -3.44 1.02
C ARG B 15 0.34 -3.11 -0.44
N ALA B 16 0.26 -1.82 -0.78
CA ALA B 16 0.49 -1.38 -2.16
C ALA B 16 0.03 -2.45 -3.15
N ARG B 17 -1.21 -2.90 -2.99
CA ARG B 17 -1.75 -3.93 -3.87
C ARG B 17 -1.63 -3.50 -5.32
N ARG B 18 -1.24 -2.25 -5.53
CA ARG B 18 -1.10 -1.71 -6.89
C ARG B 18 0.36 -1.36 -7.18
N PHE B 19 1.19 -1.45 -6.14
CA PHE B 19 2.62 -1.14 -6.30
C PHE B 19 2.80 0.33 -6.68
N ARG B 20 2.60 1.22 -5.70
CA ARG B 20 2.73 2.64 -5.96
C ARG B 20 4.08 2.96 -6.57
N MET B 21 5.12 2.35 -6.02
CA MET B 21 6.48 2.59 -6.51
C MET B 21 6.65 2.12 -7.95
N ILE B 22 6.46 0.83 -8.17
CA ILE B 22 6.61 0.26 -9.50
C ILE B 22 5.57 0.86 -10.45
N SER B 23 4.34 0.97 -9.98
CA SER B 23 3.28 1.52 -10.81
C SER B 23 3.67 2.89 -11.36
N ASN B 24 4.26 3.72 -10.50
CA ASN B 24 4.69 5.05 -10.92
C ASN B 24 5.82 4.95 -11.94
N LEU B 25 6.75 4.02 -11.70
CA LEU B 25 7.88 3.85 -12.62
C LEU B 25 7.52 2.85 -13.72
CA CA C . 6.02 -15.14 -11.58
CA CA D . 17.84 -10.43 -9.99
CA CA E . -16.18 10.09 0.90
CA CA F . -14.69 16.90 10.30
N ALA A 1 4.72 -16.70 16.34
CA ALA A 1 5.75 -15.64 16.56
C ALA A 1 6.64 -15.53 15.33
N ASP A 2 6.07 -15.76 14.16
CA ASP A 2 6.82 -15.69 12.91
C ASP A 2 6.89 -14.25 12.42
N ILE A 3 8.10 -13.71 12.38
CA ILE A 3 8.30 -12.33 11.92
C ILE A 3 7.39 -12.03 10.74
N LEU A 4 7.42 -12.90 9.73
CA LEU A 4 6.58 -12.71 8.54
C LEU A 4 5.35 -13.60 8.62
N SER A 5 4.20 -12.97 8.87
CA SER A 5 2.95 -13.71 8.96
C SER A 5 2.41 -14.05 7.58
N GLU A 6 1.68 -15.15 7.48
CA GLU A 6 1.12 -15.58 6.20
C GLU A 6 0.52 -14.39 5.46
N GLU A 7 0.04 -13.40 6.21
CA GLU A 7 -0.55 -12.21 5.61
C GLU A 7 0.51 -11.44 4.82
N GLN A 8 1.69 -11.27 5.42
CA GLN A 8 2.77 -10.54 4.78
C GLN A 8 3.04 -11.14 3.39
N ILE A 9 3.27 -12.44 3.33
CA ILE A 9 3.53 -13.11 2.07
C ILE A 9 2.36 -12.89 1.11
N VAL A 10 1.15 -13.00 1.64
CA VAL A 10 -0.05 -12.81 0.80
C VAL A 10 -0.06 -11.41 0.20
N ASP A 11 0.13 -10.40 1.04
CA ASP A 11 0.14 -9.02 0.57
C ASP A 11 1.09 -8.87 -0.62
N PHE A 12 2.33 -9.31 -0.44
CA PHE A 12 3.32 -9.24 -1.52
C PHE A 12 2.88 -10.11 -2.69
N LYS A 13 2.31 -11.27 -2.39
CA LYS A 13 1.86 -12.19 -3.43
C LYS A 13 0.85 -11.49 -4.33
N GLU A 14 -0.12 -10.82 -3.73
CA GLU A 14 -1.14 -10.11 -4.50
C GLU A 14 -0.50 -9.11 -5.45
N ALA A 15 0.36 -8.26 -4.91
CA ALA A 15 1.04 -7.26 -5.73
C ALA A 15 1.75 -7.92 -6.91
N PHE A 16 2.47 -9.01 -6.62
CA PHE A 16 3.18 -9.73 -7.67
C PHE A 16 2.19 -10.27 -8.70
N GLY A 17 1.09 -10.83 -8.22
CA GLY A 17 0.08 -11.39 -9.10
C GLY A 17 -0.36 -10.36 -10.13
N LEU A 18 -0.50 -9.11 -9.70
CA LEU A 18 -0.90 -8.04 -10.60
C LEU A 18 0.13 -7.83 -11.70
N PHE A 19 1.41 -7.85 -11.31
CA PHE A 19 2.47 -7.67 -12.28
C PHE A 19 2.51 -8.82 -13.28
N ASP A 20 2.30 -10.04 -12.78
CA ASP A 20 2.32 -11.22 -13.63
C ASP A 20 0.92 -11.58 -14.09
N LYS A 21 0.40 -10.82 -15.04
CA LYS A 21 -0.94 -11.07 -15.56
C LYS A 21 -1.03 -12.46 -16.14
N ASP A 22 0.06 -12.91 -16.78
CA ASP A 22 0.11 -14.24 -17.37
C ASP A 22 0.63 -15.25 -16.36
N GLY A 23 0.29 -15.06 -15.09
CA GLY A 23 0.73 -15.97 -14.05
C GLY A 23 1.82 -16.93 -14.53
N ASP A 24 2.98 -16.36 -14.83
CA ASP A 24 4.10 -17.17 -15.32
C ASP A 24 4.99 -17.57 -14.12
N GLY A 25 4.97 -16.76 -13.07
CA GLY A 25 5.77 -17.03 -11.88
C GLY A 25 6.82 -15.96 -11.66
N CYS A 26 7.24 -15.32 -12.74
CA CYS A 26 8.24 -14.25 -12.65
C CYS A 26 7.76 -13.02 -13.42
N ILE A 27 8.55 -11.95 -13.35
CA ILE A 27 8.20 -10.70 -14.04
C ILE A 27 9.22 -10.42 -15.14
N THR A 28 8.75 -10.39 -16.38
CA THR A 28 9.63 -10.13 -17.53
C THR A 28 9.80 -8.64 -17.75
N VAL A 29 10.59 -8.30 -18.75
CA VAL A 29 10.83 -6.88 -19.08
C VAL A 29 9.63 -6.30 -19.83
N GLU A 30 9.18 -7.01 -20.86
CA GLU A 30 8.04 -6.56 -21.64
C GLU A 30 6.81 -6.42 -20.76
N GLU A 31 6.56 -7.43 -19.93
CA GLU A 31 5.41 -7.40 -19.04
C GLU A 31 5.46 -6.18 -18.13
N LEU A 32 6.63 -5.91 -17.57
CA LEU A 32 6.80 -4.76 -16.69
C LEU A 32 6.47 -3.47 -17.45
N ALA A 33 6.92 -3.39 -18.70
CA ALA A 33 6.67 -2.21 -19.51
C ALA A 33 5.17 -2.03 -19.73
N THR A 34 4.48 -3.13 -20.05
CA THR A 34 3.04 -3.07 -20.29
C THR A 34 2.32 -2.52 -19.06
N VAL A 35 2.61 -3.09 -17.90
CA VAL A 35 1.97 -2.63 -16.67
C VAL A 35 2.28 -1.16 -16.42
N ILE A 36 3.55 -0.79 -16.55
CA ILE A 36 3.96 0.59 -16.34
C ILE A 36 3.25 1.51 -17.32
N ARG A 37 3.16 1.09 -18.57
CA ARG A 37 2.51 1.89 -19.60
C ARG A 37 1.10 2.26 -19.16
N SER A 38 0.42 1.32 -18.51
CA SER A 38 -0.95 1.56 -18.04
C SER A 38 -0.94 1.98 -16.58
N LEU A 39 0.18 2.53 -16.12
CA LEU A 39 0.31 2.97 -14.74
C LEU A 39 0.81 4.41 -14.67
N ASP A 40 1.15 4.97 -15.82
CA ASP A 40 1.65 6.34 -15.87
C ASP A 40 2.03 6.72 -17.30
N GLN A 41 3.13 6.13 -17.79
CA GLN A 41 3.58 6.42 -19.14
C GLN A 41 4.48 5.30 -19.65
N ASN A 42 5.06 5.50 -20.83
CA ASN A 42 5.94 4.50 -21.43
C ASN A 42 7.38 5.01 -21.50
N PRO A 43 8.15 4.78 -20.47
CA PRO A 43 9.56 5.22 -20.41
C PRO A 43 10.49 4.34 -21.24
N THR A 44 11.67 4.85 -21.57
CA THR A 44 12.63 4.09 -22.36
C THR A 44 12.99 2.78 -21.66
N GLU A 45 12.99 1.69 -22.43
CA GLU A 45 13.30 0.39 -21.88
C GLU A 45 14.64 0.42 -21.15
N GLU A 46 15.55 1.27 -21.61
CA GLU A 46 16.86 1.39 -20.99
C GLU A 46 16.72 1.62 -19.49
N GLU A 47 15.81 2.51 -19.12
CA GLU A 47 15.59 2.81 -17.70
C GLU A 47 15.05 1.58 -16.98
N LEU A 48 14.27 0.77 -17.70
CA LEU A 48 13.70 -0.44 -17.11
C LEU A 48 14.77 -1.53 -17.00
N GLN A 49 15.57 -1.68 -18.05
CA GLN A 49 16.63 -2.68 -18.06
C GLN A 49 17.60 -2.44 -16.89
N ASP A 50 17.87 -1.17 -16.62
CA ASP A 50 18.79 -0.82 -15.52
C ASP A 50 18.13 -1.06 -14.18
N MET A 51 16.91 -0.56 -14.02
CA MET A 51 16.18 -0.73 -12.76
C MET A 51 15.98 -2.21 -12.46
N ILE A 52 15.61 -2.98 -13.47
CA ILE A 52 15.41 -4.41 -13.29
C ILE A 52 16.71 -5.11 -12.93
N SER A 53 17.77 -4.79 -13.66
CA SER A 53 19.08 -5.39 -13.41
C SER A 53 19.70 -4.86 -12.13
N GLU A 54 19.14 -3.76 -11.63
CA GLU A 54 19.66 -3.14 -10.42
C GLU A 54 19.55 -4.08 -9.23
N VAL A 55 18.38 -4.68 -9.08
CA VAL A 55 18.15 -5.61 -7.97
C VAL A 55 18.41 -7.04 -8.38
N ASP A 56 18.13 -7.34 -9.65
CA ASP A 56 18.33 -8.70 -10.15
C ASP A 56 19.70 -9.23 -9.76
N ALA A 57 19.72 -10.09 -8.75
CA ALA A 57 20.98 -10.67 -8.28
C ALA A 57 21.32 -11.92 -9.08
N ASP A 58 20.55 -12.18 -10.12
CA ASP A 58 20.78 -13.36 -10.96
C ASP A 58 20.82 -12.98 -12.43
N GLY A 59 20.92 -11.69 -12.71
CA GLY A 59 20.94 -11.20 -14.08
C GLY A 59 20.15 -12.11 -15.01
N ASN A 60 19.05 -12.68 -14.47
CA ASN A 60 18.23 -13.58 -15.25
C ASN A 60 17.40 -12.82 -16.27
N GLY A 61 17.05 -11.58 -15.92
CA GLY A 61 16.25 -10.74 -16.81
C GLY A 61 14.83 -10.60 -16.30
N THR A 62 14.52 -11.29 -15.21
CA THR A 62 13.18 -11.24 -14.62
C THR A 62 13.26 -11.20 -13.12
N ILE A 63 12.21 -10.66 -12.48
CA ILE A 63 12.19 -10.57 -11.03
C ILE A 63 11.28 -11.66 -10.46
N GLU A 64 11.83 -12.45 -9.53
CA GLU A 64 11.08 -13.54 -8.91
C GLU A 64 10.34 -13.02 -7.67
N PHE A 65 9.51 -13.88 -7.09
CA PHE A 65 8.75 -13.50 -5.91
C PHE A 65 9.69 -13.13 -4.76
N ASP A 66 10.75 -13.91 -4.60
CA ASP A 66 11.72 -13.66 -3.53
C ASP A 66 12.32 -12.27 -3.67
N GLU A 67 12.63 -11.88 -4.90
CA GLU A 67 13.22 -10.56 -5.15
C GLU A 67 12.15 -9.47 -4.99
N PHE A 68 10.98 -9.70 -5.56
CA PHE A 68 9.89 -8.74 -5.47
C PHE A 68 9.54 -8.49 -4.01
N LEU A 69 9.45 -9.56 -3.22
CA LEU A 69 9.10 -9.43 -1.82
C LEU A 69 10.15 -8.60 -1.08
N SER A 70 11.41 -9.03 -1.18
CA SER A 70 12.49 -8.31 -0.51
C SER A 70 12.64 -6.91 -1.09
N LEU A 71 12.60 -6.81 -2.41
CA LEU A 71 12.74 -5.53 -3.06
C LEU A 71 11.87 -4.47 -2.42
N MET A 72 10.57 -4.74 -2.37
CA MET A 72 9.63 -3.79 -1.78
C MET A 72 9.74 -3.77 -0.27
N ALA A 73 9.63 -4.95 0.34
CA ALA A 73 9.72 -5.06 1.80
C ALA A 73 10.81 -4.15 2.34
N LYS A 74 11.84 -3.95 1.53
CA LYS A 74 12.96 -3.09 1.94
C LYS A 74 12.60 -1.62 1.79
N LYS A 75 12.21 -1.23 0.58
CA LYS A 75 11.85 0.15 0.31
C LYS A 75 10.49 0.48 0.90
N VAL A 76 10.50 0.98 2.14
CA VAL A 76 9.26 1.33 2.81
C VAL A 76 9.52 2.42 3.86
N LYS A 77 9.84 3.62 3.40
CA LYS A 77 10.11 4.72 4.32
C LYS A 77 8.99 5.75 4.25
N ASP A 78 9.14 6.73 3.35
CA ASP A 78 8.13 7.77 3.20
C ASP A 78 8.06 8.23 1.74
N THR A 79 9.19 8.16 1.05
CA THR A 79 9.24 8.58 -0.35
C THR A 79 8.92 10.05 -0.48
N ASP A 80 7.69 10.42 -0.15
CA ASP A 80 7.26 11.81 -0.24
C ASP A 80 5.95 12.02 0.53
N ALA A 81 5.78 13.22 1.07
CA ALA A 81 4.58 13.53 1.82
C ALA A 81 3.36 13.62 0.91
N GLU A 82 3.45 14.47 -0.10
CA GLU A 82 2.34 14.65 -1.03
C GLU A 82 1.94 13.33 -1.65
N GLU A 83 2.88 12.39 -1.69
CA GLU A 83 2.61 11.08 -2.27
C GLU A 83 1.78 10.22 -1.32
N GLU A 84 2.31 10.01 -0.12
CA GLU A 84 1.61 9.19 0.86
C GLU A 84 0.37 9.91 1.37
N LEU A 85 0.45 11.22 1.48
CA LEU A 85 -0.67 12.02 1.96
C LEU A 85 -1.82 11.98 0.98
N LYS A 86 -1.49 11.98 -0.31
CA LYS A 86 -2.52 11.95 -1.35
C LYS A 86 -2.98 10.53 -1.65
N GLU A 87 -2.00 9.63 -1.81
CA GLU A 87 -2.31 8.23 -2.09
C GLU A 87 -3.18 7.65 -0.98
N ALA A 88 -2.83 7.97 0.27
CA ALA A 88 -3.60 7.47 1.41
C ALA A 88 -5.03 8.01 1.36
N PHE A 89 -5.16 9.34 1.33
CA PHE A 89 -6.48 9.96 1.28
C PHE A 89 -7.26 9.45 0.07
N LYS A 90 -6.57 9.28 -1.05
CA LYS A 90 -7.20 8.81 -2.27
C LYS A 90 -7.82 7.42 -2.06
N VAL A 91 -7.13 6.58 -1.30
CA VAL A 91 -7.63 5.24 -1.03
C VAL A 91 -8.74 5.27 -0.01
N PHE A 92 -8.48 5.91 1.13
CA PHE A 92 -9.47 6.00 2.20
C PHE A 92 -10.75 6.64 1.67
N ASP A 93 -10.61 7.74 0.95
CA ASP A 93 -11.77 8.43 0.38
C ASP A 93 -12.14 7.81 -0.96
N LYS A 94 -12.45 6.52 -0.96
CA LYS A 94 -12.81 5.83 -2.18
C LYS A 94 -13.66 6.71 -3.08
N ASP A 95 -14.81 7.13 -2.58
CA ASP A 95 -15.71 7.97 -3.36
C ASP A 95 -15.08 9.31 -3.69
N GLN A 96 -13.92 9.57 -3.10
CA GLN A 96 -13.21 10.83 -3.33
C GLN A 96 -14.19 11.99 -3.32
N ASN A 97 -14.91 12.16 -2.21
CA ASN A 97 -15.87 13.25 -2.08
C ASN A 97 -15.27 14.42 -1.34
N GLY A 98 -14.01 14.27 -0.91
CA GLY A 98 -13.33 15.34 -0.19
C GLY A 98 -13.39 15.09 1.32
N TYR A 99 -14.03 14.00 1.71
CA TYR A 99 -14.14 13.66 3.12
C TYR A 99 -14.09 12.15 3.33
N ILE A 100 -13.58 11.73 4.48
CA ILE A 100 -13.49 10.30 4.78
C ILE A 100 -14.69 9.86 5.62
N SER A 101 -15.50 8.99 5.05
CA SER A 101 -16.68 8.48 5.76
C SER A 101 -16.30 7.27 6.60
N ALA A 102 -17.00 7.08 7.72
CA ALA A 102 -16.73 5.96 8.61
C ALA A 102 -16.76 4.64 7.84
N SER A 103 -17.77 4.49 6.99
CA SER A 103 -17.90 3.26 6.20
C SER A 103 -16.67 3.07 5.30
N GLU A 104 -16.25 4.15 4.66
CA GLU A 104 -15.07 4.10 3.77
C GLU A 104 -13.84 3.69 4.58
N LEU A 105 -13.57 4.43 5.65
CA LEU A 105 -12.42 4.13 6.50
C LEU A 105 -12.58 2.73 7.11
N ARG A 106 -13.82 2.24 7.16
CA ARG A 106 -14.10 0.93 7.73
C ARG A 106 -13.87 -0.16 6.71
N HIS A 107 -14.34 0.07 5.48
CA HIS A 107 -14.19 -0.92 4.41
C HIS A 107 -12.73 -1.31 4.27
N VAL A 108 -11.86 -0.31 4.12
CA VAL A 108 -10.43 -0.58 3.98
C VAL A 108 -9.89 -1.27 5.22
N MET A 109 -9.92 -0.55 6.36
CA MET A 109 -9.42 -1.12 7.61
C MET A 109 -9.63 -2.64 7.66
N ILE A 110 -10.87 -3.05 7.91
CA ILE A 110 -11.19 -4.46 7.98
C ILE A 110 -10.61 -5.21 6.78
N ASN A 111 -10.84 -4.67 5.59
CA ASN A 111 -10.33 -5.28 4.37
C ASN A 111 -8.81 -5.31 4.38
N LEU A 112 -8.21 -4.62 5.35
CA LEU A 112 -6.76 -4.57 5.46
C LEU A 112 -6.27 -5.53 6.53
N GLY A 113 -7.17 -6.39 7.00
CA GLY A 113 -6.82 -7.35 8.03
C GLY A 113 -7.41 -6.97 9.38
N GLU A 114 -6.87 -5.91 9.97
CA GLU A 114 -7.35 -5.46 11.27
C GLU A 114 -8.85 -5.28 11.24
N LYS A 115 -9.57 -6.08 12.03
CA LYS A 115 -11.02 -6.00 12.08
C LYS A 115 -11.46 -5.22 13.32
N LEU A 116 -12.08 -4.07 13.09
CA LEU A 116 -12.55 -3.23 14.19
C LEU A 116 -14.07 -3.13 14.19
N THR A 117 -14.67 -3.28 15.36
CA THR A 117 -16.12 -3.21 15.49
C THR A 117 -16.62 -1.82 15.12
N ASP A 118 -17.94 -1.67 15.05
CA ASP A 118 -18.53 -0.38 14.71
C ASP A 118 -18.27 0.64 15.80
N GLU A 119 -18.20 0.17 17.05
CA GLU A 119 -17.96 1.05 18.18
C GLU A 119 -16.53 1.60 18.14
N GLU A 120 -15.58 0.71 17.84
CA GLU A 120 -14.18 1.11 17.77
C GLU A 120 -13.97 2.11 16.62
N VAL A 121 -14.57 1.82 15.48
CA VAL A 121 -14.46 2.70 14.32
C VAL A 121 -15.10 4.05 14.63
N GLU A 122 -16.29 4.01 15.24
CA GLU A 122 -16.99 5.24 15.59
C GLU A 122 -16.19 6.03 16.62
N GLN A 123 -15.28 5.34 17.31
CA GLN A 123 -14.47 6.00 18.31
C GLN A 123 -13.35 6.81 17.69
N MET A 124 -12.43 6.13 17.01
CA MET A 124 -11.31 6.81 16.39
C MET A 124 -11.75 7.94 15.49
N ILE A 125 -12.79 7.69 14.71
CA ILE A 125 -13.30 8.69 13.79
C ILE A 125 -13.83 9.90 14.55
N LYS A 126 -14.53 9.63 15.65
CA LYS A 126 -15.08 10.70 16.46
C LYS A 126 -13.93 11.53 17.07
N GLU A 127 -12.86 10.86 17.44
CA GLU A 127 -11.71 11.54 18.04
C GLU A 127 -10.89 12.26 16.98
N ALA A 128 -10.50 11.52 15.93
CA ALA A 128 -9.71 12.11 14.85
C ALA A 128 -10.34 13.43 14.39
N ASP A 129 -11.67 13.43 14.27
CA ASP A 129 -12.39 14.63 13.85
C ASP A 129 -12.51 15.61 15.02
N LEU A 130 -11.87 16.77 14.88
CA LEU A 130 -11.90 17.77 15.94
C LEU A 130 -13.32 18.30 16.14
N ASP A 131 -14.02 18.52 15.04
CA ASP A 131 -15.38 19.06 15.11
C ASP A 131 -16.39 17.93 15.28
N GLY A 132 -15.89 16.70 15.31
CA GLY A 132 -16.77 15.55 15.48
C GLY A 132 -17.96 15.62 14.53
N ASP A 133 -17.71 16.07 13.32
CA ASP A 133 -18.77 16.18 12.33
C ASP A 133 -19.20 14.80 11.85
N GLY A 134 -18.37 13.80 12.13
CA GLY A 134 -18.67 12.43 11.71
C GLY A 134 -17.87 12.08 10.45
N GLN A 135 -17.12 13.05 9.94
CA GLN A 135 -16.30 12.83 8.74
C GLN A 135 -15.00 13.60 8.84
N VAL A 136 -13.95 13.07 8.21
CA VAL A 136 -12.65 13.73 8.23
C VAL A 136 -12.34 14.32 6.86
N ASN A 137 -12.08 15.63 6.84
CA ASN A 137 -11.75 16.31 5.59
C ASN A 137 -10.25 16.27 5.35
N TYR A 138 -9.84 16.46 4.10
CA TYR A 138 -8.43 16.45 3.74
C TYR A 138 -7.64 17.36 4.68
N GLU A 139 -8.21 18.53 4.97
CA GLU A 139 -7.55 19.49 5.86
C GLU A 139 -7.36 18.87 7.25
N GLU A 140 -8.44 18.36 7.82
CA GLU A 140 -8.38 17.74 9.14
C GLU A 140 -7.44 16.54 9.12
N PHE A 141 -7.45 15.80 8.02
CA PHE A 141 -6.58 14.63 7.89
C PHE A 141 -5.12 15.05 7.96
N VAL A 142 -4.76 16.08 7.19
CA VAL A 142 -3.38 16.56 7.19
C VAL A 142 -2.95 16.96 8.58
N LYS A 143 -3.79 17.72 9.28
CA LYS A 143 -3.48 18.18 10.61
C LYS A 143 -3.45 17.01 11.60
N MET A 144 -4.26 16.01 11.32
CA MET A 144 -4.32 14.85 12.20
C MET A 144 -3.10 13.95 12.03
N MET A 145 -2.68 13.77 10.78
CA MET A 145 -1.53 12.92 10.50
C MET A 145 -0.26 13.70 10.38
N MET A 146 -0.38 14.96 9.95
CA MET A 146 0.80 15.82 9.76
C MET A 146 2.00 14.98 9.31
N THR A 147 1.72 13.87 8.62
CA THR A 147 2.77 12.96 8.17
C THR A 147 3.49 12.37 9.38
N VAL A 148 2.83 11.42 10.06
CA VAL A 148 3.41 10.79 11.24
C VAL A 148 4.64 9.99 10.87
N ARG A 149 5.76 10.30 11.49
CA ARG A 149 7.01 9.59 11.23
C ARG A 149 7.88 9.52 12.48
N ALA B 1 -5.17 7.83 19.39
CA ALA B 1 -5.90 7.37 18.16
C ALA B 1 -4.97 7.44 16.96
N ARG B 2 -3.86 8.14 17.11
CA ARG B 2 -2.89 8.27 16.03
C ARG B 2 -2.35 6.90 15.63
N GLN B 3 -2.28 6.00 16.59
CA GLN B 3 -1.78 4.66 16.32
C GLN B 3 -2.64 3.95 15.28
N ARG B 4 -3.95 3.98 15.50
CA ARG B 4 -4.89 3.36 14.56
C ARG B 4 -4.83 4.06 13.21
N TRP B 5 -4.83 5.39 13.24
CA TRP B 5 -4.76 6.17 12.02
C TRP B 5 -3.43 5.90 11.29
N ARG B 6 -2.35 5.89 12.06
CA ARG B 6 -1.03 5.64 11.50
C ARG B 6 -0.94 4.19 11.04
N SER B 7 -1.50 3.28 11.82
CA SER B 7 -1.46 1.86 11.49
C SER B 7 -2.12 1.63 10.14
N SER B 8 -3.26 2.28 9.91
CA SER B 8 -3.97 2.14 8.65
C SER B 8 -3.10 2.63 7.49
N VAL B 9 -2.45 3.77 7.69
CA VAL B 9 -1.57 4.33 6.67
C VAL B 9 -0.34 3.44 6.49
N SER B 10 0.23 2.98 7.61
CA SER B 10 1.41 2.13 7.54
C SER B 10 1.13 0.86 6.76
N ILE B 11 -0.01 0.25 7.02
CA ILE B 11 -0.41 -0.97 6.31
C ILE B 11 -0.55 -0.67 4.81
N VAL B 12 -1.14 0.47 4.50
CA VAL B 12 -1.33 0.87 3.11
C VAL B 12 0.03 0.98 2.41
N LYS B 13 0.99 1.56 3.11
CA LYS B 13 2.33 1.74 2.55
C LYS B 13 2.92 0.38 2.19
N ASN B 14 2.83 -0.57 3.10
CA ASN B 14 3.35 -1.92 2.86
C ASN B 14 2.52 -2.61 1.78
N ARG B 15 1.21 -2.32 1.77
CA ARG B 15 0.31 -2.93 0.80
C ARG B 15 0.66 -2.46 -0.61
N ALA B 16 0.67 -1.14 -0.80
CA ALA B 16 0.99 -0.57 -2.11
C ALA B 16 0.60 -1.52 -3.24
N ARG B 17 -0.62 -1.37 -3.75
CA ARG B 17 -1.09 -2.22 -4.83
C ARG B 17 -0.73 -1.59 -6.18
N ARG B 18 -0.19 -0.37 -6.15
CA ARG B 18 0.17 0.33 -7.37
C ARG B 18 1.69 0.38 -7.51
N PHE B 19 2.39 -0.22 -6.56
CA PHE B 19 3.86 -0.24 -6.60
C PHE B 19 4.42 1.17 -6.51
N ARG B 20 3.91 1.94 -5.57
CA ARG B 20 4.36 3.32 -5.37
C ARG B 20 5.88 3.41 -5.54
N MET B 21 6.56 2.33 -5.19
CA MET B 21 8.02 2.29 -5.31
C MET B 21 8.44 2.30 -6.78
N ILE B 22 8.10 1.22 -7.49
CA ILE B 22 8.45 1.10 -8.89
C ILE B 22 7.76 2.19 -9.70
N SER B 23 6.49 2.43 -9.40
CA SER B 23 5.73 3.45 -10.11
C SER B 23 6.42 4.79 -10.02
N ASN B 24 6.93 5.13 -8.84
CA ASN B 24 7.62 6.39 -8.64
C ASN B 24 8.91 6.42 -9.47
N LEU B 25 9.62 5.31 -9.51
CA LEU B 25 10.86 5.22 -10.28
C LEU B 25 10.56 4.90 -11.74
CA CA C . 4.96 -13.02 -16.11
CA CA D . 15.80 -12.64 -10.72
CA CA E . -16.23 9.89 1.31
CA CA F . -14.90 17.27 10.65
N ALA A 1 15.53 -5.58 12.03
CA ALA A 1 14.95 -6.88 11.60
C ALA A 1 13.70 -7.16 12.42
N ASP A 2 13.89 -7.74 13.61
CA ASP A 2 12.77 -8.06 14.48
C ASP A 2 11.71 -8.85 13.72
N ILE A 3 10.62 -9.21 14.40
CA ILE A 3 9.53 -9.96 13.78
C ILE A 3 8.18 -9.39 14.23
N LEU A 4 7.30 -9.21 13.26
CA LEU A 4 5.96 -8.68 13.53
C LEU A 4 4.97 -9.82 13.72
N SER A 5 4.36 -10.29 12.63
CA SER A 5 3.42 -11.38 12.72
C SER A 5 3.27 -12.10 11.38
N GLU A 6 2.84 -13.36 11.40
CA GLU A 6 2.66 -14.09 10.16
C GLU A 6 1.88 -13.26 9.13
N GLU A 7 1.33 -12.13 9.57
CA GLU A 7 0.57 -11.26 8.67
C GLU A 7 1.45 -10.70 7.56
N GLN A 8 2.57 -10.08 7.94
CA GLN A 8 3.46 -9.49 6.96
C GLN A 8 3.84 -10.52 5.89
N ILE A 9 4.26 -11.70 6.32
CA ILE A 9 4.64 -12.74 5.38
C ILE A 9 3.43 -13.20 4.57
N VAL A 10 2.31 -13.38 5.25
CA VAL A 10 1.11 -13.81 4.57
C VAL A 10 0.73 -12.81 3.49
N ASP A 11 0.72 -11.53 3.84
CA ASP A 11 0.38 -10.51 2.88
C ASP A 11 1.30 -10.57 1.68
N PHE A 12 2.60 -10.59 1.95
CA PHE A 12 3.60 -10.66 0.88
C PHE A 12 3.42 -11.95 0.10
N LYS A 13 3.23 -13.05 0.82
CA LYS A 13 3.06 -14.34 0.18
C LYS A 13 1.80 -14.34 -0.69
N GLU A 14 0.75 -13.68 -0.19
CA GLU A 14 -0.50 -13.60 -0.92
C GLU A 14 -0.32 -12.80 -2.21
N ALA A 15 0.25 -11.61 -2.09
CA ALA A 15 0.47 -10.75 -3.24
C ALA A 15 1.44 -11.42 -4.21
N PHE A 16 2.43 -12.13 -3.68
CA PHE A 16 3.40 -12.80 -4.53
C PHE A 16 2.69 -13.82 -5.41
N GLY A 17 1.86 -14.66 -4.80
CA GLY A 17 1.12 -15.66 -5.54
C GLY A 17 0.25 -15.02 -6.60
N LEU A 18 -0.20 -13.80 -6.33
CA LEU A 18 -1.04 -13.09 -7.29
C LEU A 18 -0.25 -12.80 -8.56
N PHE A 19 0.95 -12.23 -8.40
CA PHE A 19 1.79 -11.91 -9.55
C PHE A 19 2.08 -13.18 -10.35
N ASP A 20 2.15 -14.30 -9.66
CA ASP A 20 2.44 -15.57 -10.31
C ASP A 20 1.17 -16.33 -10.62
N LYS A 21 0.57 -16.02 -11.75
CA LYS A 21 -0.66 -16.66 -12.17
C LYS A 21 -0.43 -18.15 -12.36
N ASP A 22 0.72 -18.49 -12.94
CA ASP A 22 1.07 -19.88 -13.19
C ASP A 22 1.86 -20.46 -12.03
N GLY A 23 1.55 -20.02 -10.80
CA GLY A 23 2.21 -20.49 -9.56
C GLY A 23 3.42 -21.35 -9.86
N ASP A 24 4.41 -20.76 -10.52
CA ASP A 24 5.62 -21.47 -10.89
C ASP A 24 6.65 -21.41 -9.77
N GLY A 25 6.51 -20.41 -8.92
CA GLY A 25 7.43 -20.22 -7.79
C GLY A 25 8.25 -18.95 -7.97
N CYS A 26 8.38 -18.47 -9.21
CA CYS A 26 9.15 -17.27 -9.50
C CYS A 26 8.48 -16.45 -10.60
N ILE A 27 8.42 -15.14 -10.40
CA ILE A 27 7.78 -14.26 -11.37
C ILE A 27 8.71 -14.06 -12.56
N THR A 28 8.22 -14.38 -13.76
CA THR A 28 9.02 -14.24 -14.98
C THR A 28 8.91 -12.83 -15.54
N VAL A 29 9.47 -12.63 -16.72
CA VAL A 29 9.43 -11.33 -17.38
C VAL A 29 8.08 -11.13 -18.07
N GLU A 30 7.66 -12.12 -18.85
CA GLU A 30 6.39 -12.04 -19.57
C GLU A 30 5.23 -11.90 -18.59
N GLU A 31 5.19 -12.77 -17.60
CA GLU A 31 4.13 -12.73 -16.60
C GLU A 31 4.05 -11.35 -15.97
N LEU A 32 5.21 -10.81 -15.61
CA LEU A 32 5.27 -9.49 -14.99
C LEU A 32 4.69 -8.44 -15.94
N ALA A 33 4.99 -8.59 -17.23
CA ALA A 33 4.49 -7.66 -18.22
C ALA A 33 2.96 -7.66 -18.26
N THR A 34 2.38 -8.87 -18.26
CA THR A 34 0.93 -9.00 -18.31
C THR A 34 0.28 -8.28 -17.13
N VAL A 35 0.79 -8.54 -15.94
CA VAL A 35 0.25 -7.90 -14.75
C VAL A 35 0.37 -6.39 -14.86
N ILE A 36 1.54 -5.92 -15.26
CA ILE A 36 1.74 -4.48 -15.40
C ILE A 36 0.82 -3.91 -16.47
N ARG A 37 0.76 -4.58 -17.62
CA ARG A 37 -0.08 -4.11 -18.72
C ARG A 37 -1.45 -3.69 -18.18
N SER A 38 -2.09 -4.60 -17.48
CA SER A 38 -3.41 -4.32 -16.90
C SER A 38 -3.29 -3.20 -15.86
N LEU A 39 -2.20 -3.22 -15.10
CA LEU A 39 -1.98 -2.23 -14.05
C LEU A 39 -1.57 -0.88 -14.67
N ASP A 40 -1.42 -0.86 -15.98
CA ASP A 40 -1.04 0.36 -16.67
C ASP A 40 -1.46 0.28 -18.13
N GLN A 41 -0.52 0.55 -19.04
CA GLN A 41 -0.81 0.52 -20.48
C GLN A 41 0.11 -0.46 -21.18
N ASN A 42 1.36 -0.05 -21.41
CA ASN A 42 2.32 -0.90 -22.09
C ASN A 42 3.76 -0.53 -21.69
N PRO A 43 4.43 -1.32 -20.87
CA PRO A 43 5.82 -1.01 -20.45
C PRO A 43 6.85 -1.37 -21.53
N THR A 44 8.12 -1.32 -21.17
CA THR A 44 9.20 -1.63 -22.10
C THR A 44 10.03 -2.80 -21.59
N GLU A 45 10.62 -3.55 -22.52
CA GLU A 45 11.43 -4.71 -22.16
C GLU A 45 12.71 -4.26 -21.46
N GLU A 46 13.30 -3.20 -21.99
CA GLU A 46 14.55 -2.67 -21.44
C GLU A 46 14.38 -2.24 -19.99
N GLU A 47 13.48 -1.28 -19.76
CA GLU A 47 13.24 -0.79 -18.40
C GLU A 47 12.86 -1.94 -17.46
N LEU A 48 12.18 -2.93 -18.01
CA LEU A 48 11.76 -4.09 -17.22
C LEU A 48 12.95 -4.99 -16.91
N GLN A 49 13.67 -5.38 -17.95
CA GLN A 49 14.83 -6.24 -17.76
C GLN A 49 15.90 -5.50 -16.96
N ASP A 50 15.86 -4.17 -17.03
CA ASP A 50 16.83 -3.37 -16.30
C ASP A 50 16.60 -3.48 -14.80
N MET A 51 15.39 -3.11 -14.35
CA MET A 51 15.07 -3.17 -12.94
C MET A 51 15.15 -4.61 -12.45
N ILE A 52 14.70 -5.53 -13.27
CA ILE A 52 14.72 -6.95 -12.91
C ILE A 52 16.15 -7.45 -12.82
N SER A 53 17.05 -6.77 -13.53
CA SER A 53 18.46 -7.16 -13.52
C SER A 53 19.20 -6.49 -12.36
N GLU A 54 18.71 -5.33 -11.94
CA GLU A 54 19.35 -4.59 -10.85
C GLU A 54 19.00 -5.22 -9.49
N VAL A 55 18.08 -6.18 -9.51
CA VAL A 55 17.67 -6.87 -8.28
C VAL A 55 18.00 -8.36 -8.37
N ASP A 56 17.91 -8.92 -9.57
CA ASP A 56 18.20 -10.33 -9.75
C ASP A 56 19.68 -10.61 -9.52
N ALA A 57 19.99 -11.23 -8.38
CA ALA A 57 21.36 -11.56 -8.04
C ALA A 57 21.76 -12.91 -8.61
N ASP A 58 20.88 -13.48 -9.44
CA ASP A 58 21.17 -14.78 -10.06
C ASP A 58 20.94 -14.72 -11.57
N GLY A 59 20.87 -13.50 -12.12
CA GLY A 59 20.65 -13.31 -13.57
C GLY A 59 19.82 -14.45 -14.14
N ASN A 60 18.81 -14.89 -13.38
CA ASN A 60 17.96 -15.99 -13.82
C ASN A 60 16.87 -15.49 -14.77
N GLY A 61 16.45 -14.24 -14.58
CA GLY A 61 15.39 -13.65 -15.42
C GLY A 61 14.05 -13.65 -14.71
N THR A 62 14.02 -14.17 -13.48
CA THR A 62 12.79 -14.20 -12.69
C THR A 62 13.06 -13.76 -11.26
N ILE A 63 12.01 -13.30 -10.57
CA ILE A 63 12.15 -12.85 -9.18
C ILE A 63 11.61 -13.91 -8.23
N GLU A 64 12.41 -14.24 -7.21
CA GLU A 64 12.02 -15.22 -6.21
C GLU A 64 11.43 -14.54 -4.99
N PHE A 65 10.74 -15.31 -4.16
CA PHE A 65 10.11 -14.76 -2.97
C PHE A 65 11.12 -13.96 -2.16
N ASP A 66 12.32 -14.52 -2.00
CA ASP A 66 13.36 -13.84 -1.24
C ASP A 66 13.71 -12.51 -1.90
N GLU A 67 13.76 -12.52 -3.23
CA GLU A 67 14.08 -11.30 -3.97
C GLU A 67 12.91 -10.31 -3.91
N PHE A 68 11.70 -10.82 -4.11
CA PHE A 68 10.51 -9.97 -4.09
C PHE A 68 10.34 -9.32 -2.72
N LEU A 69 10.52 -10.12 -1.67
CA LEU A 69 10.36 -9.60 -0.32
C LEU A 69 11.38 -8.49 -0.07
N SER A 70 12.65 -8.79 -0.34
CA SER A 70 13.71 -7.81 -0.15
C SER A 70 13.52 -6.63 -1.08
N LEU A 71 13.15 -6.92 -2.33
CA LEU A 71 12.96 -5.85 -3.31
C LEU A 71 12.05 -4.76 -2.75
N MET A 72 10.94 -5.17 -2.15
CA MET A 72 10.00 -4.22 -1.59
C MET A 72 10.41 -3.79 -0.18
N ALA A 73 10.47 -4.75 0.73
CA ALA A 73 10.83 -4.46 2.11
C ALA A 73 11.99 -3.47 2.17
N LYS A 74 13.00 -3.67 1.32
CA LYS A 74 14.15 -2.80 1.31
C LYS A 74 13.73 -1.36 1.01
N LYS A 75 13.19 -1.14 -0.19
CA LYS A 75 12.76 0.20 -0.61
C LYS A 75 11.28 0.20 -0.96
N VAL A 76 10.48 0.76 -0.07
CA VAL A 76 9.04 0.86 -0.30
C VAL A 76 8.71 2.20 -0.93
N LYS A 77 8.19 3.12 -0.14
CA LYS A 77 7.82 4.44 -0.63
C LYS A 77 7.40 5.34 0.52
N ASP A 78 8.39 5.94 1.19
CA ASP A 78 8.13 6.83 2.31
C ASP A 78 8.95 8.12 2.19
N THR A 79 9.43 8.39 0.98
CA THR A 79 10.22 9.59 0.72
C THR A 79 9.41 10.62 -0.05
N ASP A 80 8.10 10.66 0.20
CA ASP A 80 7.23 11.60 -0.48
C ASP A 80 5.93 11.78 0.31
N ALA A 81 5.81 12.92 0.98
CA ALA A 81 4.61 13.21 1.77
C ALA A 81 3.40 13.43 0.86
N GLU A 82 3.54 14.35 -0.08
CA GLU A 82 2.45 14.65 -0.99
C GLU A 82 1.93 13.38 -1.66
N GLU A 83 2.75 12.35 -1.63
CA GLU A 83 2.37 11.06 -2.22
C GLU A 83 1.54 10.24 -1.25
N GLU A 84 2.09 9.98 -0.06
CA GLU A 84 1.37 9.20 0.93
C GLU A 84 0.15 9.96 1.43
N LEU A 85 0.32 11.27 1.56
CA LEU A 85 -0.75 12.12 2.04
C LEU A 85 -1.89 12.18 1.03
N LYS A 86 -1.56 12.31 -0.25
CA LYS A 86 -2.58 12.36 -1.28
C LYS A 86 -3.05 10.96 -1.65
N GLU A 87 -2.11 10.04 -1.80
CA GLU A 87 -2.45 8.66 -2.17
C GLU A 87 -3.33 8.04 -1.11
N ALA A 88 -3.05 8.37 0.15
CA ALA A 88 -3.84 7.85 1.25
C ALA A 88 -5.27 8.37 1.15
N PHE A 89 -5.42 9.69 1.10
CA PHE A 89 -6.76 10.27 1.00
C PHE A 89 -7.53 9.64 -0.15
N LYS A 90 -6.85 9.45 -1.28
CA LYS A 90 -7.48 8.86 -2.45
C LYS A 90 -7.96 7.44 -2.14
N VAL A 91 -7.20 6.72 -1.32
CA VAL A 91 -7.58 5.36 -0.96
C VAL A 91 -8.70 5.37 0.08
N PHE A 92 -8.50 6.13 1.16
CA PHE A 92 -9.49 6.21 2.23
C PHE A 92 -10.78 6.82 1.72
N ASP A 93 -10.68 7.93 1.00
CA ASP A 93 -11.86 8.59 0.48
C ASP A 93 -12.15 8.09 -0.93
N LYS A 94 -12.63 6.86 -1.04
CA LYS A 94 -12.91 6.26 -2.33
C LYS A 94 -13.63 7.24 -3.25
N ASP A 95 -14.73 7.79 -2.77
CA ASP A 95 -15.50 8.74 -3.56
C ASP A 95 -14.81 10.09 -3.62
N GLN A 96 -13.69 10.22 -2.92
CA GLN A 96 -12.94 11.47 -2.91
C GLN A 96 -13.88 12.67 -2.88
N ASN A 97 -15.05 12.47 -2.28
CA ASN A 97 -16.05 13.53 -2.18
C ASN A 97 -15.48 14.74 -1.45
N GLY A 98 -14.23 14.61 -1.00
CA GLY A 98 -13.57 15.69 -0.28
C GLY A 98 -13.57 15.44 1.22
N TYR A 99 -14.29 14.39 1.65
CA TYR A 99 -14.37 14.05 3.06
C TYR A 99 -14.32 12.54 3.24
N ILE A 100 -13.71 12.09 4.33
CA ILE A 100 -13.60 10.65 4.60
C ILE A 100 -14.79 10.19 5.43
N SER A 101 -15.60 9.32 4.84
CA SER A 101 -16.77 8.78 5.52
C SER A 101 -16.36 7.60 6.40
N ALA A 102 -17.06 7.44 7.53
CA ALA A 102 -16.75 6.36 8.45
C ALA A 102 -16.78 5.02 7.72
N SER A 103 -17.82 4.81 6.91
CA SER A 103 -17.95 3.56 6.16
C SER A 103 -16.76 3.34 5.24
N GLU A 104 -16.33 4.41 4.58
CA GLU A 104 -15.20 4.31 3.66
C GLU A 104 -13.94 3.97 4.44
N LEU A 105 -13.64 4.76 5.46
CA LEU A 105 -12.47 4.50 6.28
C LEU A 105 -12.58 3.14 6.94
N ARG A 106 -13.82 2.68 7.12
CA ARG A 106 -14.05 1.39 7.75
C ARG A 106 -13.80 0.26 6.79
N HIS A 107 -14.42 0.35 5.62
CA HIS A 107 -14.26 -0.67 4.61
C HIS A 107 -12.79 -0.99 4.44
N VAL A 108 -11.98 0.04 4.21
CA VAL A 108 -10.55 -0.18 4.04
C VAL A 108 -9.97 -0.83 5.28
N MET A 109 -10.02 -0.11 6.41
CA MET A 109 -9.46 -0.63 7.68
C MET A 109 -9.51 -2.16 7.71
N ILE A 110 -10.70 -2.71 7.86
CA ILE A 110 -10.82 -4.15 7.90
C ILE A 110 -10.17 -4.80 6.68
N ASN A 111 -10.29 -4.14 5.53
CA ASN A 111 -9.72 -4.68 4.30
C ASN A 111 -8.25 -5.05 4.51
N LEU A 112 -7.68 -4.61 5.63
CA LEU A 112 -6.28 -4.92 5.92
C LEU A 112 -6.19 -6.23 6.72
N GLY A 113 -5.80 -6.13 7.98
CA GLY A 113 -5.66 -7.30 8.83
C GLY A 113 -6.09 -6.98 10.26
N GLU A 114 -7.07 -6.09 10.39
CA GLU A 114 -7.56 -5.70 11.71
C GLU A 114 -9.07 -5.57 11.69
N LYS A 115 -9.75 -6.43 12.43
CA LYS A 115 -11.21 -6.40 12.49
C LYS A 115 -11.67 -5.44 13.58
N LEU A 116 -12.28 -4.33 13.19
CA LEU A 116 -12.76 -3.33 14.15
C LEU A 116 -14.27 -3.16 14.04
N THR A 117 -14.95 -3.21 15.18
CA THR A 117 -16.39 -3.05 15.19
C THR A 117 -16.78 -1.60 14.94
N ASP A 118 -18.08 -1.34 14.87
CA ASP A 118 -18.56 0.00 14.63
C ASP A 118 -18.20 0.93 15.79
N GLU A 119 -18.04 0.33 16.98
CA GLU A 119 -17.69 1.12 18.15
C GLU A 119 -16.26 1.65 18.04
N GLU A 120 -15.31 0.75 17.81
CA GLU A 120 -13.91 1.14 17.69
C GLU A 120 -13.75 2.16 16.56
N VAL A 121 -14.49 1.95 15.48
CA VAL A 121 -14.41 2.88 14.36
C VAL A 121 -15.00 4.23 14.76
N GLU A 122 -16.13 4.20 15.46
CA GLU A 122 -16.78 5.42 15.89
C GLU A 122 -15.89 6.17 16.89
N GLN A 123 -14.98 5.44 17.51
CA GLN A 123 -14.07 6.05 18.48
C GLN A 123 -12.96 6.84 17.78
N MET A 124 -12.17 6.17 16.96
CA MET A 124 -11.06 6.84 16.27
C MET A 124 -11.58 8.05 15.51
N ILE A 125 -12.67 7.88 14.79
CA ILE A 125 -13.20 8.98 14.00
C ILE A 125 -13.62 10.12 14.92
N LYS A 126 -14.19 9.77 16.06
CA LYS A 126 -14.60 10.78 17.02
C LYS A 126 -13.38 11.53 17.57
N GLU A 127 -12.31 10.81 17.83
CA GLU A 127 -11.10 11.43 18.37
C GLU A 127 -10.30 12.10 17.25
N ALA A 128 -9.98 11.34 16.21
CA ALA A 128 -9.21 11.87 15.09
C ALA A 128 -9.87 13.13 14.56
N ASP A 129 -11.19 13.11 14.44
CA ASP A 129 -11.93 14.26 13.94
C ASP A 129 -12.32 15.17 15.11
N LEU A 130 -11.74 16.36 15.12
CA LEU A 130 -12.02 17.32 16.20
C LEU A 130 -13.48 17.73 16.22
N ASP A 131 -14.00 18.15 15.06
CA ASP A 131 -15.39 18.58 14.97
C ASP A 131 -16.32 17.38 14.83
N GLY A 132 -15.75 16.21 14.55
CA GLY A 132 -16.56 15.01 14.40
C GLY A 132 -17.54 15.15 13.25
N ASP A 133 -18.74 15.64 13.56
CA ASP A 133 -19.77 15.80 12.55
C ASP A 133 -20.10 14.47 11.87
N GLY A 134 -19.26 13.45 12.10
CA GLY A 134 -19.47 12.15 11.50
C GLY A 134 -18.68 12.04 10.19
N GLN A 135 -17.81 13.01 9.93
CA GLN A 135 -16.99 13.00 8.71
C GLN A 135 -15.67 13.71 8.93
N VAL A 136 -14.68 13.42 8.07
CA VAL A 136 -13.37 14.05 8.16
C VAL A 136 -12.97 14.67 6.82
N ASN A 137 -12.61 15.94 6.87
CA ASN A 137 -12.18 16.65 5.67
C ASN A 137 -10.68 16.45 5.45
N TYR A 138 -10.26 16.57 4.19
CA TYR A 138 -8.84 16.39 3.86
C TYR A 138 -7.97 17.26 4.75
N GLU A 139 -8.40 18.50 4.97
CA GLU A 139 -7.64 19.41 5.81
C GLU A 139 -7.49 18.85 7.22
N GLU A 140 -8.58 18.35 7.77
CA GLU A 140 -8.56 17.77 9.11
C GLU A 140 -7.70 16.52 9.13
N PHE A 141 -7.79 15.74 8.07
CA PHE A 141 -7.01 14.52 7.98
C PHE A 141 -5.52 14.83 8.02
N VAL A 142 -5.11 15.81 7.23
CA VAL A 142 -3.69 16.18 7.19
C VAL A 142 -3.22 16.63 8.55
N LYS A 143 -4.02 17.47 9.20
CA LYS A 143 -3.66 17.98 10.52
C LYS A 143 -3.52 16.84 11.52
N MET A 144 -4.34 15.80 11.36
CA MET A 144 -4.29 14.66 12.26
C MET A 144 -3.14 13.73 11.88
N MET A 145 -2.88 13.63 10.57
CA MET A 145 -1.80 12.78 10.08
C MET A 145 -0.45 13.24 10.62
N MET A 146 -0.32 14.54 10.83
CA MET A 146 0.92 15.10 11.36
C MET A 146 1.44 14.25 12.53
N THR A 147 2.68 14.49 12.91
CA THR A 147 3.30 13.75 14.01
C THR A 147 2.72 14.21 15.33
N VAL A 148 1.64 13.55 15.76
CA VAL A 148 1.00 13.91 17.01
C VAL A 148 1.81 13.39 18.19
N ARG A 149 2.07 14.27 19.16
CA ARG A 149 2.85 13.91 20.33
C ARG A 149 2.62 14.91 21.46
N ALA B 1 -5.81 6.55 18.91
CA ALA B 1 -6.47 6.68 17.58
C ALA B 1 -5.42 7.03 16.52
N ARG B 2 -4.41 7.78 16.93
CA ARG B 2 -3.36 8.18 16.01
C ARG B 2 -2.66 6.96 15.44
N GLN B 3 -2.47 5.95 16.28
CA GLN B 3 -1.82 4.72 15.85
C GLN B 3 -2.68 3.98 14.84
N ARG B 4 -3.98 3.98 15.06
CA ARG B 4 -4.90 3.30 14.15
C ARG B 4 -4.83 3.93 12.78
N TRP B 5 -4.73 5.26 12.74
CA TRP B 5 -4.66 5.96 11.47
C TRP B 5 -3.35 5.62 10.76
N ARG B 6 -2.25 5.77 11.48
CA ARG B 6 -0.95 5.49 10.90
C ARG B 6 -0.84 4.01 10.61
N SER B 7 -1.45 3.19 11.45
CA SER B 7 -1.40 1.75 11.25
C SER B 7 -2.04 1.38 9.92
N SER B 8 -3.20 1.93 9.64
CA SER B 8 -3.85 1.62 8.37
C SER B 8 -3.00 2.07 7.20
N VAL B 9 -2.47 3.29 7.29
CA VAL B 9 -1.63 3.80 6.23
C VAL B 9 -0.32 3.04 6.16
N SER B 10 0.26 2.75 7.32
CA SER B 10 1.52 2.03 7.39
C SER B 10 1.40 0.64 6.80
N ILE B 11 0.33 -0.05 7.14
CA ILE B 11 0.11 -1.39 6.63
C ILE B 11 -0.02 -1.33 5.12
N VAL B 12 -0.74 -0.31 4.63
CA VAL B 12 -0.93 -0.16 3.20
C VAL B 12 0.42 -0.07 2.50
N LYS B 13 1.34 0.70 3.05
CA LYS B 13 2.65 0.83 2.45
C LYS B 13 3.36 -0.52 2.43
N ASN B 14 3.28 -1.24 3.54
CA ASN B 14 3.91 -2.54 3.62
C ASN B 14 3.21 -3.54 2.71
N ARG B 15 1.88 -3.48 2.68
CA ARG B 15 1.11 -4.40 1.86
C ARG B 15 1.29 -4.09 0.38
N ALA B 16 1.23 -2.81 0.03
CA ALA B 16 1.36 -2.39 -1.37
C ALA B 16 0.71 -3.40 -2.30
N ARG B 17 -0.56 -3.70 -2.05
CA ARG B 17 -1.28 -4.67 -2.87
C ARG B 17 -1.27 -4.22 -4.33
N ARG B 18 -0.80 -2.98 -4.57
CA ARG B 18 -0.75 -2.44 -5.93
C ARG B 18 0.70 -2.30 -6.38
N PHE B 19 1.63 -2.62 -5.49
CA PHE B 19 3.04 -2.53 -5.83
C PHE B 19 3.43 -1.09 -6.09
N ARG B 20 3.05 -0.19 -5.19
CA ARG B 20 3.36 1.22 -5.34
C ARG B 20 4.78 1.40 -5.87
N MET B 21 5.64 0.46 -5.50
CA MET B 21 7.03 0.53 -5.93
C MET B 21 7.17 0.17 -7.40
N ILE B 22 6.97 -1.10 -7.72
CA ILE B 22 7.07 -1.57 -9.10
C ILE B 22 6.09 -0.82 -9.98
N SER B 23 5.03 -0.29 -9.39
CA SER B 23 4.04 0.46 -10.14
C SER B 23 4.57 1.86 -10.45
N ASN B 24 5.31 2.43 -9.49
CA ASN B 24 5.87 3.78 -9.65
C ASN B 24 7.36 3.74 -9.95
N LEU B 25 7.86 2.55 -10.26
CA LEU B 25 9.27 2.36 -10.58
C LEU B 25 9.85 3.53 -11.36
CA CA C . 5.51 -17.11 -12.54
CA CA D . 16.51 -13.37 -9.76
CA CA E . -16.44 10.09 1.33
CA CA F . -14.72 16.89 10.32
N ALA A 1 11.61 3.46 11.95
CA ALA A 1 12.64 2.82 11.10
C ALA A 1 13.41 1.80 11.93
N ASP A 2 14.35 1.11 11.28
CA ASP A 2 15.16 0.10 11.96
C ASP A 2 14.33 -1.11 12.33
N ILE A 3 13.05 -0.88 12.68
CA ILE A 3 12.14 -1.96 13.07
C ILE A 3 12.49 -3.25 12.34
N LEU A 4 12.43 -4.36 13.07
CA LEU A 4 12.76 -5.65 12.49
C LEU A 4 11.99 -6.76 13.20
N SER A 5 10.71 -6.52 13.45
CA SER A 5 9.88 -7.51 14.13
C SER A 5 9.56 -8.66 13.19
N GLU A 6 9.31 -9.84 13.74
CA GLU A 6 8.99 -11.00 12.92
C GLU A 6 7.80 -10.72 12.01
N GLU A 7 7.01 -9.71 12.35
CA GLU A 7 5.83 -9.35 11.56
C GLU A 7 6.24 -8.94 10.16
N GLN A 8 7.12 -7.95 10.06
CA GLN A 8 7.56 -7.49 8.76
C GLN A 8 7.96 -8.68 7.88
N ILE A 9 8.62 -9.66 8.51
CA ILE A 9 9.05 -10.84 7.80
C ILE A 9 7.84 -11.65 7.34
N VAL A 10 6.88 -11.79 8.23
CA VAL A 10 5.69 -12.54 7.92
C VAL A 10 4.99 -11.93 6.71
N ASP A 11 4.81 -10.62 6.74
CA ASP A 11 4.16 -9.93 5.62
C ASP A 11 4.85 -10.26 4.32
N PHE A 12 6.11 -9.88 4.22
CA PHE A 12 6.88 -10.14 3.00
C PHE A 12 6.91 -11.63 2.71
N LYS A 13 7.10 -12.43 3.75
CA LYS A 13 7.13 -13.87 3.57
C LYS A 13 5.79 -14.38 3.06
N GLU A 14 4.71 -13.72 3.48
CA GLU A 14 3.37 -14.13 3.06
C GLU A 14 3.21 -13.93 1.54
N ALA A 15 3.59 -12.74 1.08
CA ALA A 15 3.49 -12.44 -0.35
C ALA A 15 4.40 -13.36 -1.14
N PHE A 16 5.56 -13.68 -0.59
CA PHE A 16 6.49 -14.56 -1.28
C PHE A 16 5.83 -15.93 -1.51
N GLY A 17 5.26 -16.49 -0.45
CA GLY A 17 4.61 -17.78 -0.54
C GLY A 17 3.52 -17.74 -1.60
N LEU A 18 2.91 -16.57 -1.77
CA LEU A 18 1.86 -16.43 -2.76
C LEU A 18 2.41 -16.62 -4.17
N PHE A 19 3.52 -15.95 -4.46
CA PHE A 19 4.15 -16.05 -5.77
C PHE A 19 4.61 -17.49 -6.03
N ASP A 20 5.07 -18.14 -4.97
CA ASP A 20 5.56 -19.51 -5.09
C ASP A 20 4.44 -20.52 -4.90
N LYS A 21 3.62 -20.66 -5.93
CA LYS A 21 2.50 -21.60 -5.87
C LYS A 21 3.01 -23.03 -5.78
N ASP A 22 4.24 -23.24 -6.25
CA ASP A 22 4.85 -24.57 -6.24
C ASP A 22 5.98 -24.64 -5.23
N GLY A 23 5.86 -23.89 -4.13
CA GLY A 23 6.87 -23.87 -3.06
C GLY A 23 8.24 -24.31 -3.57
N ASP A 24 8.65 -23.77 -4.72
CA ASP A 24 9.93 -24.15 -5.31
C ASP A 24 11.09 -23.50 -4.55
N GLY A 25 10.80 -22.36 -3.95
CA GLY A 25 11.81 -21.60 -3.18
C GLY A 25 12.17 -20.31 -3.89
N CYS A 26 11.75 -20.14 -5.14
CA CYS A 26 12.04 -18.93 -5.90
C CYS A 26 10.91 -18.62 -6.88
N ILE A 27 10.95 -17.44 -7.48
CA ILE A 27 9.92 -17.03 -8.43
C ILE A 27 10.51 -16.97 -9.83
N THR A 28 10.00 -17.83 -10.71
CA THR A 28 10.49 -17.86 -12.09
C THR A 28 9.82 -16.77 -12.93
N VAL A 29 10.52 -16.34 -13.97
CA VAL A 29 10.00 -15.28 -14.84
C VAL A 29 8.61 -15.67 -15.32
N GLU A 30 8.46 -16.90 -15.79
CA GLU A 30 7.18 -17.37 -16.28
C GLU A 30 6.15 -17.37 -15.15
N GLU A 31 6.51 -17.98 -14.02
CA GLU A 31 5.61 -18.05 -12.89
C GLU A 31 5.16 -16.64 -12.51
N LEU A 32 6.10 -15.71 -12.52
CA LEU A 32 5.78 -14.33 -12.20
C LEU A 32 4.79 -13.77 -13.22
N ALA A 33 4.96 -14.18 -14.48
CA ALA A 33 4.08 -13.72 -15.54
C ALA A 33 2.64 -14.14 -15.26
N THR A 34 2.47 -15.41 -14.89
CA THR A 34 1.14 -15.94 -14.61
C THR A 34 0.48 -15.12 -13.50
N VAL A 35 1.23 -14.85 -12.44
CA VAL A 35 0.71 -14.07 -11.33
C VAL A 35 0.37 -12.65 -11.79
N ILE A 36 1.29 -12.03 -12.53
CA ILE A 36 1.07 -10.68 -13.02
C ILE A 36 -0.12 -10.64 -13.99
N ARG A 37 -0.19 -11.62 -14.88
CA ARG A 37 -1.27 -11.67 -15.84
C ARG A 37 -2.62 -11.68 -15.14
N SER A 38 -2.71 -12.49 -14.09
CA SER A 38 -3.96 -12.58 -13.33
C SER A 38 -4.36 -11.20 -12.86
N LEU A 39 -3.38 -10.34 -12.65
CA LEU A 39 -3.64 -8.98 -12.20
C LEU A 39 -4.38 -8.19 -13.27
N ASP A 40 -4.97 -8.90 -14.23
CA ASP A 40 -5.70 -8.27 -15.31
C ASP A 40 -4.74 -7.64 -16.32
N GLN A 41 -3.65 -7.08 -15.81
CA GLN A 41 -2.66 -6.44 -16.67
C GLN A 41 -1.80 -7.49 -17.34
N ASN A 42 -1.18 -7.12 -18.45
CA ASN A 42 -0.32 -8.05 -19.19
C ASN A 42 0.83 -7.29 -19.86
N PRO A 43 1.74 -6.78 -19.07
CA PRO A 43 2.92 -6.01 -19.58
C PRO A 43 3.78 -6.86 -20.53
N THR A 44 5.07 -6.54 -20.59
CA THR A 44 6.01 -7.27 -21.45
C THR A 44 7.12 -7.86 -20.59
N GLU A 45 7.63 -9.02 -21.02
CA GLU A 45 8.69 -9.69 -20.29
C GLU A 45 9.91 -8.78 -20.13
N GLU A 46 10.03 -7.80 -21.00
CA GLU A 46 11.15 -6.87 -20.95
C GLU A 46 11.15 -6.12 -19.62
N GLU A 47 9.97 -5.66 -19.20
CA GLU A 47 9.86 -4.94 -17.94
C GLU A 47 10.16 -5.86 -16.75
N LEU A 48 9.87 -7.14 -16.93
CA LEU A 48 10.12 -8.12 -15.87
C LEU A 48 11.61 -8.48 -15.81
N GLN A 49 12.20 -8.75 -16.96
CA GLN A 49 13.60 -9.10 -17.01
C GLN A 49 14.45 -7.90 -16.63
N ASP A 50 13.94 -6.70 -16.88
CA ASP A 50 14.67 -5.49 -16.53
C ASP A 50 14.81 -5.34 -15.03
N MET A 51 13.69 -5.38 -14.32
CA MET A 51 13.73 -5.24 -12.86
C MET A 51 14.46 -6.42 -12.23
N ILE A 52 14.24 -7.60 -12.78
CA ILE A 52 14.87 -8.81 -12.26
C ILE A 52 16.35 -8.87 -12.66
N SER A 53 16.68 -8.31 -13.82
CA SER A 53 18.07 -8.33 -14.29
C SER A 53 18.97 -7.51 -13.37
N GLU A 54 18.53 -6.30 -13.06
CA GLU A 54 19.32 -5.42 -12.20
C GLU A 54 19.44 -6.01 -10.80
N VAL A 55 18.34 -6.55 -10.29
CA VAL A 55 18.32 -7.15 -8.97
C VAL A 55 18.95 -8.54 -8.97
N ASP A 56 19.01 -9.15 -10.15
CA ASP A 56 19.58 -10.49 -10.27
C ASP A 56 21.00 -10.52 -9.72
N ALA A 57 21.14 -10.98 -8.49
CA ALA A 57 22.45 -11.05 -7.85
C ALA A 57 23.13 -12.37 -8.22
N ASP A 58 22.36 -13.34 -8.70
CA ASP A 58 22.90 -14.65 -9.08
C ASP A 58 22.46 -15.01 -10.49
N GLY A 59 22.11 -14.01 -11.30
CA GLY A 59 21.67 -14.25 -12.69
C GLY A 59 21.01 -15.61 -12.83
N ASN A 60 20.24 -16.00 -11.83
CA ASN A 60 19.56 -17.29 -11.83
C ASN A 60 18.31 -17.25 -12.70
N GLY A 61 17.74 -16.05 -12.85
CA GLY A 61 16.53 -15.88 -13.65
C GLY A 61 15.29 -15.87 -12.76
N THR A 62 15.48 -16.16 -11.47
CA THR A 62 14.37 -16.17 -10.51
C THR A 62 14.68 -15.27 -9.33
N ILE A 63 13.67 -14.98 -8.53
CA ILE A 63 13.83 -14.12 -7.36
C ILE A 63 13.79 -14.94 -6.08
N GLU A 64 14.75 -14.70 -5.19
CA GLU A 64 14.83 -15.41 -3.92
C GLU A 64 14.28 -14.54 -2.79
N PHE A 65 13.83 -15.19 -1.72
CA PHE A 65 13.27 -14.46 -0.59
C PHE A 65 14.12 -13.24 -0.26
N ASP A 66 15.43 -13.45 -0.16
CA ASP A 66 16.33 -12.35 0.15
C ASP A 66 16.26 -11.27 -0.94
N GLU A 67 16.07 -11.71 -2.18
CA GLU A 67 15.97 -10.77 -3.28
C GLU A 67 14.62 -10.06 -3.28
N PHE A 68 13.56 -10.82 -3.08
CA PHE A 68 12.22 -10.26 -3.06
C PHE A 68 12.11 -9.28 -1.90
N LEU A 69 12.76 -9.60 -0.79
CA LEU A 69 12.71 -8.76 0.39
C LEU A 69 13.31 -7.39 0.08
N SER A 70 14.60 -7.39 -0.27
CA SER A 70 15.30 -6.14 -0.58
C SER A 70 14.68 -5.44 -1.77
N LEU A 71 14.26 -6.23 -2.75
CA LEU A 71 13.67 -5.68 -3.95
C LEU A 71 12.45 -4.83 -3.61
N MET A 72 11.59 -5.32 -2.73
CA MET A 72 10.40 -4.58 -2.34
C MET A 72 10.68 -3.61 -1.20
N ALA A 73 11.35 -4.11 -0.16
CA ALA A 73 11.67 -3.28 0.99
C ALA A 73 12.30 -1.97 0.54
N LYS A 74 12.83 -1.95 -0.68
CA LYS A 74 13.44 -0.74 -1.19
C LYS A 74 12.45 0.41 -1.21
N LYS A 75 11.41 0.27 -2.01
CA LYS A 75 10.40 1.31 -2.11
C LYS A 75 10.05 1.82 -0.73
N VAL A 76 9.04 1.18 -0.09
CA VAL A 76 8.57 1.55 1.25
C VAL A 76 9.45 2.62 1.85
N LYS A 77 8.91 3.83 1.97
CA LYS A 77 9.66 4.95 2.52
C LYS A 77 10.62 5.51 1.46
N ASP A 78 10.21 6.60 0.82
CA ASP A 78 11.04 7.24 -0.22
C ASP A 78 10.20 8.24 -1.03
N THR A 79 8.88 8.14 -0.90
CA THR A 79 7.99 9.04 -1.64
C THR A 79 7.81 10.36 -0.90
N ASP A 80 7.47 11.40 -1.65
CA ASP A 80 7.28 12.72 -1.07
C ASP A 80 6.08 12.72 -0.14
N ALA A 81 5.92 13.80 0.59
CA ALA A 81 4.82 13.91 1.52
C ALA A 81 3.50 14.03 0.77
N GLU A 82 3.44 14.98 -0.14
CA GLU A 82 2.23 15.20 -0.94
C GLU A 82 1.85 13.92 -1.69
N GLU A 83 2.82 13.03 -1.84
CA GLU A 83 2.58 11.77 -2.54
C GLU A 83 1.86 10.78 -1.63
N GLU A 84 2.45 10.49 -0.47
CA GLU A 84 1.85 9.56 0.47
C GLU A 84 0.61 10.18 1.11
N LEU A 85 0.66 11.48 1.34
CA LEU A 85 -0.47 12.18 1.94
C LEU A 85 -1.67 12.22 1.00
N LYS A 86 -1.42 12.40 -0.29
CA LYS A 86 -2.49 12.44 -1.27
C LYS A 86 -2.91 11.03 -1.67
N GLU A 87 -1.93 10.15 -1.92
CA GLU A 87 -2.25 8.78 -2.32
C GLU A 87 -3.04 8.08 -1.22
N ALA A 88 -2.69 8.36 0.02
CA ALA A 88 -3.40 7.77 1.13
C ALA A 88 -4.83 8.27 1.17
N PHE A 89 -5.01 9.58 1.24
CA PHE A 89 -6.35 10.15 1.27
C PHE A 89 -7.16 9.64 0.09
N LYS A 90 -6.50 9.52 -1.05
CA LYS A 90 -7.16 9.03 -2.26
C LYS A 90 -7.74 7.64 -2.02
N VAL A 91 -7.02 6.83 -1.25
CA VAL A 91 -7.49 5.48 -0.95
C VAL A 91 -8.66 5.52 0.03
N PHE A 92 -8.46 6.18 1.16
CA PHE A 92 -9.50 6.28 2.18
C PHE A 92 -10.71 6.99 1.63
N ASP A 93 -10.48 8.13 0.98
CA ASP A 93 -11.58 8.89 0.41
C ASP A 93 -11.99 8.28 -0.93
N LYS A 94 -12.46 7.03 -0.89
CA LYS A 94 -12.85 6.33 -2.11
C LYS A 94 -13.68 7.25 -3.01
N ASP A 95 -14.78 7.77 -2.47
CA ASP A 95 -15.66 8.66 -3.23
C ASP A 95 -14.93 9.96 -3.58
N GLN A 96 -13.67 10.06 -3.15
CA GLN A 96 -12.87 11.26 -3.42
C GLN A 96 -13.73 12.52 -3.40
N ASN A 97 -14.63 12.59 -2.43
CA ASN A 97 -15.54 13.72 -2.31
C ASN A 97 -14.93 14.81 -1.44
N GLY A 98 -13.71 14.58 -0.99
CA GLY A 98 -13.00 15.54 -0.16
C GLY A 98 -13.27 15.28 1.32
N TYR A 99 -14.18 14.35 1.62
CA TYR A 99 -14.51 14.03 3.00
C TYR A 99 -14.48 12.52 3.19
N ILE A 100 -13.88 12.08 4.30
CA ILE A 100 -13.78 10.66 4.59
C ILE A 100 -14.92 10.24 5.50
N SER A 101 -15.77 9.36 4.99
CA SER A 101 -16.91 8.86 5.77
C SER A 101 -16.51 7.63 6.58
N ALA A 102 -17.18 7.42 7.70
CA ALA A 102 -16.86 6.28 8.56
C ALA A 102 -16.86 4.98 7.75
N SER A 103 -17.87 4.81 6.90
CA SER A 103 -17.98 3.60 6.08
C SER A 103 -16.73 3.44 5.21
N GLU A 104 -16.20 4.56 4.72
CA GLU A 104 -15.02 4.52 3.88
C GLU A 104 -13.81 4.06 4.68
N LEU A 105 -13.56 4.75 5.79
CA LEU A 105 -12.43 4.40 6.66
C LEU A 105 -12.65 3.02 7.25
N ARG A 106 -13.91 2.63 7.40
CA ARG A 106 -14.24 1.33 7.95
C ARG A 106 -13.97 0.22 6.94
N HIS A 107 -14.44 0.44 5.71
CA HIS A 107 -14.26 -0.55 4.65
C HIS A 107 -12.79 -0.88 4.52
N VAL A 108 -11.94 0.14 4.43
CA VAL A 108 -10.52 -0.11 4.29
C VAL A 108 -10.01 -0.85 5.51
N MET A 109 -10.10 -0.22 6.69
CA MET A 109 -9.62 -0.84 7.93
C MET A 109 -9.79 -2.36 7.90
N ILE A 110 -11.01 -2.82 8.10
CA ILE A 110 -11.27 -4.25 8.10
C ILE A 110 -10.66 -4.92 6.87
N ASN A 111 -10.87 -4.33 5.70
CA ASN A 111 -10.33 -4.90 4.47
C ASN A 111 -8.85 -5.24 4.62
N LEU A 112 -8.26 -4.79 5.74
CA LEU A 112 -6.85 -5.06 6.03
C LEU A 112 -6.74 -6.15 7.07
N GLY A 113 -5.62 -6.16 7.80
CA GLY A 113 -5.40 -7.16 8.83
C GLY A 113 -5.95 -6.71 10.17
N GLU A 114 -6.21 -5.40 10.30
CA GLU A 114 -6.73 -4.86 11.53
C GLU A 114 -8.26 -4.92 11.53
N LYS A 115 -8.80 -5.90 12.24
CA LYS A 115 -10.26 -6.07 12.32
C LYS A 115 -10.83 -5.30 13.50
N LEU A 116 -11.57 -4.23 13.19
CA LEU A 116 -12.18 -3.39 14.23
C LEU A 116 -13.68 -3.58 14.24
N THR A 117 -14.29 -3.32 15.39
CA THR A 117 -15.74 -3.46 15.54
C THR A 117 -16.44 -2.15 15.22
N ASP A 118 -17.77 -2.16 15.25
CA ASP A 118 -18.54 -0.96 14.99
C ASP A 118 -18.30 0.11 16.06
N GLU A 119 -18.17 -0.34 17.30
CA GLU A 119 -17.93 0.59 18.40
C GLU A 119 -16.54 1.23 18.28
N GLU A 120 -15.54 0.40 18.00
CA GLU A 120 -14.17 0.91 17.88
C GLU A 120 -14.06 1.86 16.69
N VAL A 121 -14.75 1.53 15.60
CA VAL A 121 -14.72 2.38 14.42
C VAL A 121 -15.27 3.77 14.74
N GLU A 122 -16.41 3.79 15.43
CA GLU A 122 -17.03 5.06 15.79
C GLU A 122 -16.09 5.88 16.67
N GLN A 123 -15.39 5.21 17.56
CA GLN A 123 -14.46 5.89 18.43
C GLN A 123 -13.42 6.65 17.64
N MET A 124 -12.61 5.93 16.86
CA MET A 124 -11.57 6.57 16.07
C MET A 124 -12.12 7.75 15.31
N ILE A 125 -13.25 7.56 14.66
CA ILE A 125 -13.86 8.63 13.89
C ILE A 125 -14.10 9.84 14.79
N LYS A 126 -14.48 9.58 16.03
CA LYS A 126 -14.74 10.66 16.97
C LYS A 126 -13.44 11.23 17.54
N GLU A 127 -12.39 10.41 17.52
CA GLU A 127 -11.09 10.84 18.04
C GLU A 127 -10.30 11.64 17.00
N ALA A 128 -10.05 11.02 15.85
CA ALA A 128 -9.29 11.67 14.79
C ALA A 128 -9.99 12.95 14.35
N ASP A 129 -11.29 12.88 14.21
CA ASP A 129 -12.07 14.04 13.80
C ASP A 129 -12.32 14.97 14.98
N LEU A 130 -11.76 16.18 14.90
CA LEU A 130 -11.91 17.15 15.98
C LEU A 130 -13.34 17.62 16.12
N ASP A 131 -13.92 18.07 15.02
CA ASP A 131 -15.29 18.56 15.04
C ASP A 131 -16.27 17.40 14.85
N GLY A 132 -15.74 16.23 14.52
CA GLY A 132 -16.60 15.06 14.34
C GLY A 132 -17.55 15.27 13.18
N ASP A 133 -18.65 15.98 13.43
CA ASP A 133 -19.66 16.25 12.41
C ASP A 133 -20.13 14.93 11.73
N GLY A 134 -19.40 13.84 11.97
CA GLY A 134 -19.70 12.54 11.38
C GLY A 134 -18.87 12.31 10.12
N GLN A 135 -17.95 13.25 9.82
CA GLN A 135 -17.11 13.11 8.64
C GLN A 135 -15.77 13.81 8.84
N VAL A 136 -14.77 13.45 8.03
CA VAL A 136 -13.45 14.06 8.11
C VAL A 136 -13.03 14.66 6.78
N ASN A 137 -12.63 15.93 6.82
CA ASN A 137 -12.18 16.62 5.61
C ASN A 137 -10.68 16.42 5.41
N TYR A 138 -10.21 16.70 4.20
CA TYR A 138 -8.80 16.56 3.88
C TYR A 138 -7.95 17.43 4.81
N GLU A 139 -8.43 18.62 5.12
CA GLU A 139 -7.70 19.53 5.99
C GLU A 139 -7.45 18.89 7.35
N GLU A 140 -8.51 18.38 7.96
CA GLU A 140 -8.39 17.73 9.26
C GLU A 140 -7.44 16.55 9.18
N PHE A 141 -7.51 15.83 8.06
CA PHE A 141 -6.65 14.68 7.87
C PHE A 141 -5.18 15.08 7.89
N VAL A 142 -4.84 16.13 7.14
CA VAL A 142 -3.46 16.59 7.09
C VAL A 142 -2.92 16.87 8.49
N LYS A 143 -3.58 17.76 9.21
CA LYS A 143 -3.12 18.11 10.55
C LYS A 143 -3.13 16.90 11.47
N MET A 144 -4.05 15.97 11.20
CA MET A 144 -4.16 14.77 12.01
C MET A 144 -2.99 13.84 11.72
N MET A 145 -2.39 13.99 10.55
CA MET A 145 -1.24 13.14 10.17
C MET A 145 0.07 13.79 10.55
N MET A 146 0.03 15.11 10.76
CA MET A 146 1.24 15.86 11.11
C MET A 146 1.80 15.39 12.46
N THR A 147 2.01 14.08 12.58
CA THR A 147 2.53 13.49 13.79
C THR A 147 1.87 14.09 15.02
N VAL A 148 0.70 13.56 15.37
CA VAL A 148 -0.05 14.06 16.52
C VAL A 148 0.47 13.40 17.80
N ARG A 149 1.75 13.60 18.09
CA ARG A 149 2.37 13.02 19.28
C ARG A 149 3.19 14.08 20.01
N ALA B 1 -5.90 6.52 18.84
CA ALA B 1 -6.55 6.62 17.50
C ALA B 1 -5.51 7.01 16.45
N ARG B 2 -4.52 7.79 16.87
CA ARG B 2 -3.47 8.21 15.97
C ARG B 2 -2.74 7.01 15.38
N GLN B 3 -2.62 5.97 16.18
CA GLN B 3 -1.95 4.75 15.71
C GLN B 3 -2.78 4.07 14.64
N ARG B 4 -4.09 4.07 14.81
CA ARG B 4 -4.97 3.44 13.85
C ARG B 4 -4.85 4.12 12.49
N TRP B 5 -4.78 5.45 12.51
CA TRP B 5 -4.66 6.20 11.26
C TRP B 5 -3.32 5.87 10.58
N ARG B 6 -2.24 5.98 11.34
CA ARG B 6 -0.93 5.69 10.80
C ARG B 6 -0.84 4.22 10.42
N SER B 7 -1.45 3.38 11.24
CA SER B 7 -1.45 1.95 10.98
C SER B 7 -2.12 1.67 9.66
N SER B 8 -3.23 2.35 9.40
CA SER B 8 -3.93 2.13 8.15
C SER B 8 -3.02 2.46 6.98
N VAL B 9 -2.31 3.57 7.07
CA VAL B 9 -1.41 3.96 5.99
C VAL B 9 -0.23 3.00 5.90
N SER B 10 0.34 2.67 7.05
CA SER B 10 1.50 1.78 7.08
C SER B 10 1.10 0.36 6.68
N ILE B 11 -0.04 -0.09 7.17
CA ILE B 11 -0.52 -1.42 6.85
C ILE B 11 -0.75 -1.54 5.35
N VAL B 12 -1.35 -0.52 4.76
CA VAL B 12 -1.61 -0.54 3.34
C VAL B 12 -0.31 -0.66 2.57
N LYS B 13 0.68 0.14 2.94
CA LYS B 13 1.95 0.10 2.23
C LYS B 13 2.65 -1.22 2.48
N ASN B 14 2.68 -1.63 3.74
CA ASN B 14 3.31 -2.88 4.12
C ASN B 14 2.54 -4.07 3.56
N ARG B 15 1.21 -3.96 3.56
CA ARG B 15 0.38 -5.05 3.07
C ARG B 15 0.59 -5.26 1.58
N ALA B 16 0.64 -4.15 0.82
CA ALA B 16 0.82 -4.23 -0.64
C ALA B 16 0.03 -5.40 -1.19
N ARG B 17 0.65 -6.58 -1.21
CA ARG B 17 0.01 -7.79 -1.71
C ARG B 17 -0.24 -7.66 -3.21
N ARG B 18 -0.51 -6.44 -3.66
CA ARG B 18 -0.77 -6.19 -5.07
C ARG B 18 0.55 -5.95 -5.79
N PHE B 19 1.63 -5.89 -5.03
CA PHE B 19 2.94 -5.68 -5.63
C PHE B 19 3.01 -4.32 -6.31
N ARG B 20 2.49 -3.30 -5.65
CA ARG B 20 2.49 -1.94 -6.20
C ARG B 20 3.77 -1.68 -6.99
N MET B 21 4.87 -2.26 -6.52
CA MET B 21 6.15 -2.09 -7.20
C MET B 21 6.14 -2.80 -8.56
N ILE B 22 6.14 -4.13 -8.52
CA ILE B 22 6.15 -4.93 -9.75
C ILE B 22 4.87 -4.66 -10.56
N SER B 23 3.74 -4.62 -9.88
CA SER B 23 2.47 -4.39 -10.55
C SER B 23 2.54 -3.12 -11.39
N ASN B 24 3.09 -2.06 -10.81
CA ASN B 24 3.21 -0.79 -11.52
C ASN B 24 4.14 -0.95 -12.71
N LEU B 25 5.24 -1.67 -12.51
CA LEU B 25 6.22 -1.88 -13.58
C LEU B 25 5.90 -3.16 -14.36
CA CA C . 7.81 -20.70 -7.53
CA CA D . 18.17 -13.78 -8.74
CA CA E . -15.56 10.09 0.43
CA CA F . -14.57 16.92 10.37
N ALA A 1 11.52 -4.21 10.33
CA ALA A 1 10.79 -3.71 11.53
C ALA A 1 9.49 -4.49 11.70
N ASP A 2 8.77 -4.67 10.59
CA ASP A 2 7.51 -5.40 10.63
C ASP A 2 7.67 -6.70 11.40
N ILE A 3 6.55 -7.34 11.71
CA ILE A 3 6.58 -8.59 12.46
C ILE A 3 6.79 -9.77 11.52
N LEU A 4 6.38 -10.96 11.97
CA LEU A 4 6.53 -12.17 11.16
C LEU A 4 5.28 -13.04 11.27
N SER A 5 4.14 -12.40 11.52
CA SER A 5 2.88 -13.13 11.65
C SER A 5 2.50 -13.77 10.31
N GLU A 6 1.92 -14.95 10.38
CA GLU A 6 1.51 -15.66 9.18
C GLU A 6 0.65 -14.76 8.30
N GLU A 7 -0.07 -13.83 8.92
CA GLU A 7 -0.93 -12.91 8.17
C GLU A 7 -0.10 -12.14 7.15
N GLN A 8 0.92 -11.44 7.62
CA GLN A 8 1.78 -10.66 6.72
C GLN A 8 2.24 -11.53 5.57
N ILE A 9 2.71 -12.74 5.89
CA ILE A 9 3.17 -13.66 4.85
C ILE A 9 2.02 -14.05 3.93
N VAL A 10 0.87 -14.33 4.52
CA VAL A 10 -0.29 -14.71 3.72
C VAL A 10 -0.59 -13.62 2.70
N ASP A 11 -0.62 -12.37 3.15
CA ASP A 11 -0.91 -11.25 2.25
C ASP A 11 0.08 -11.25 1.10
N PHE A 12 1.37 -11.33 1.43
CA PHE A 12 2.41 -11.34 0.41
C PHE A 12 2.18 -12.50 -0.56
N LYS A 13 1.84 -13.66 -0.01
CA LYS A 13 1.61 -14.83 -0.83
C LYS A 13 0.47 -14.56 -1.81
N GLU A 14 -0.56 -13.88 -1.35
CA GLU A 14 -1.70 -13.56 -2.20
C GLU A 14 -1.26 -12.74 -3.40
N ALA A 15 -0.53 -11.66 -3.14
CA ALA A 15 -0.05 -10.80 -4.23
C ALA A 15 0.74 -11.63 -5.24
N PHE A 16 1.55 -12.55 -4.74
CA PHE A 16 2.35 -13.41 -5.62
C PHE A 16 1.45 -14.24 -6.51
N GLY A 17 0.43 -14.85 -5.91
CA GLY A 17 -0.50 -15.68 -6.67
C GLY A 17 -1.10 -14.89 -7.83
N LEU A 18 -1.38 -13.61 -7.59
CA LEU A 18 -1.95 -12.76 -8.63
C LEU A 18 -0.96 -12.59 -9.78
N PHE A 19 0.29 -12.29 -9.43
CA PHE A 19 1.32 -12.10 -10.44
C PHE A 19 1.61 -13.42 -11.16
N ASP A 20 1.67 -14.50 -10.39
CA ASP A 20 1.96 -15.81 -10.96
C ASP A 20 0.68 -16.59 -11.23
N LYS A 21 -0.01 -16.22 -12.31
CA LYS A 21 -1.26 -16.87 -12.66
C LYS A 21 -1.03 -18.37 -12.84
N ASP A 22 0.18 -18.74 -13.28
CA ASP A 22 0.52 -20.14 -13.49
C ASP A 22 1.36 -20.67 -12.35
N GLY A 23 1.11 -20.16 -11.13
CA GLY A 23 1.85 -20.59 -9.95
C GLY A 23 3.01 -21.51 -10.28
N ASP A 24 3.99 -20.97 -11.01
CA ASP A 24 5.15 -21.76 -11.44
C ASP A 24 6.22 -21.70 -10.37
N GLY A 25 6.21 -20.62 -9.59
CA GLY A 25 7.20 -20.44 -8.52
C GLY A 25 8.14 -19.28 -8.84
N CYS A 26 7.81 -18.54 -9.90
CA CYS A 26 8.63 -17.40 -10.31
C CYS A 26 7.94 -16.58 -11.39
N ILE A 27 7.77 -15.29 -11.15
CA ILE A 27 7.11 -14.42 -12.12
C ILE A 27 8.06 -14.15 -13.28
N THR A 28 7.57 -14.39 -14.50
CA THR A 28 8.38 -14.19 -15.70
C THR A 28 8.12 -12.83 -16.32
N VAL A 29 9.11 -12.32 -17.04
CA VAL A 29 8.98 -11.02 -17.69
C VAL A 29 7.64 -10.93 -18.42
N GLU A 30 7.28 -11.98 -19.15
CA GLU A 30 6.03 -12.00 -19.89
C GLU A 30 4.85 -11.85 -18.92
N GLU A 31 4.80 -12.71 -17.92
CA GLU A 31 3.72 -12.66 -16.93
C GLU A 31 3.59 -11.23 -16.39
N LEU A 32 4.72 -10.60 -16.12
CA LEU A 32 4.71 -9.22 -15.62
C LEU A 32 4.08 -8.30 -16.64
N ALA A 33 4.40 -8.51 -17.90
CA ALA A 33 3.85 -7.67 -18.96
C ALA A 33 2.32 -7.71 -18.92
N THR A 34 1.76 -8.92 -18.83
CA THR A 34 0.31 -9.06 -18.80
C THR A 34 -0.28 -8.31 -17.61
N VAL A 35 0.21 -8.61 -16.41
CA VAL A 35 -0.28 -7.95 -15.20
C VAL A 35 -0.04 -6.45 -15.28
N ILE A 36 1.16 -6.06 -15.68
CA ILE A 36 1.50 -4.64 -15.80
C ILE A 36 0.58 -3.98 -16.81
N ARG A 37 0.30 -4.65 -17.91
CA ARG A 37 -0.59 -4.12 -18.93
C ARG A 37 -2.00 -3.94 -18.36
N SER A 38 -2.34 -4.78 -17.39
CA SER A 38 -3.66 -4.72 -16.76
C SER A 38 -3.66 -3.72 -15.62
N LEU A 39 -2.74 -2.76 -15.67
CA LEU A 39 -2.64 -1.74 -14.63
C LEU A 39 -3.02 -0.38 -15.17
N ASP A 40 -3.54 -0.35 -16.39
CA ASP A 40 -3.94 0.91 -17.02
C ASP A 40 -2.75 1.60 -17.68
N GLN A 41 -1.70 0.83 -17.93
CA GLN A 41 -0.50 1.38 -18.56
C GLN A 41 0.21 0.30 -19.38
N ASN A 42 1.06 0.74 -20.31
CA ASN A 42 1.79 -0.20 -21.16
C ASN A 42 3.20 0.32 -21.43
N PRO A 43 4.07 0.23 -20.46
CA PRO A 43 5.48 0.72 -20.59
C PRO A 43 6.34 -0.22 -21.43
N THR A 44 7.50 0.27 -21.84
CA THR A 44 8.41 -0.53 -22.65
C THR A 44 9.11 -1.57 -21.78
N GLU A 45 9.44 -2.70 -22.38
CA GLU A 45 10.10 -3.79 -21.66
C GLU A 45 11.41 -3.28 -21.05
N GLU A 46 12.15 -2.49 -21.82
CA GLU A 46 13.42 -1.96 -21.35
C GLU A 46 13.30 -1.50 -19.90
N GLU A 47 12.23 -0.76 -19.60
CA GLU A 47 12.01 -0.27 -18.25
C GLU A 47 11.71 -1.43 -17.30
N LEU A 48 11.14 -2.50 -17.84
CA LEU A 48 10.81 -3.67 -17.04
C LEU A 48 12.06 -4.51 -16.77
N GLN A 49 12.81 -4.80 -17.83
CA GLN A 49 14.02 -5.59 -17.71
C GLN A 49 15.04 -4.85 -16.83
N ASP A 50 14.98 -3.52 -16.85
CA ASP A 50 15.91 -2.73 -16.05
C ASP A 50 15.60 -2.85 -14.57
N MET A 51 14.37 -2.47 -14.20
CA MET A 51 13.97 -2.54 -12.81
C MET A 51 14.05 -3.98 -12.30
N ILE A 52 13.63 -4.92 -13.13
CA ILE A 52 13.67 -6.33 -12.74
C ILE A 52 15.11 -6.79 -12.59
N SER A 53 16.01 -6.17 -13.32
CA SER A 53 17.43 -6.53 -13.26
C SER A 53 18.13 -5.77 -12.14
N GLU A 54 17.55 -4.63 -11.76
CA GLU A 54 18.13 -3.81 -10.72
C GLU A 54 17.97 -4.48 -9.35
N VAL A 55 17.28 -5.62 -9.34
CA VAL A 55 17.06 -6.37 -8.10
C VAL A 55 17.44 -7.83 -8.28
N ASP A 56 17.11 -8.39 -9.44
CA ASP A 56 17.42 -9.79 -9.71
C ASP A 56 18.85 -10.11 -9.32
N ALA A 57 19.02 -10.81 -8.20
CA ALA A 57 20.34 -11.18 -7.72
C ALA A 57 20.82 -12.46 -8.38
N ASP A 58 20.04 -12.96 -9.33
CA ASP A 58 20.38 -14.18 -10.05
C ASP A 58 20.25 -13.99 -11.55
N GLY A 59 20.17 -12.74 -11.99
CA GLY A 59 20.02 -12.43 -13.42
C GLY A 59 19.29 -13.57 -14.15
N ASN A 60 18.27 -14.13 -13.48
CA ASN A 60 17.53 -15.25 -14.08
C ASN A 60 16.47 -14.72 -15.03
N GLY A 61 15.93 -13.54 -14.72
CA GLY A 61 14.91 -12.93 -15.56
C GLY A 61 13.52 -13.13 -14.96
N THR A 62 13.46 -13.79 -13.81
CA THR A 62 12.18 -14.02 -13.12
C THR A 62 12.32 -13.78 -11.63
N ILE A 63 11.31 -13.17 -11.04
CA ILE A 63 11.35 -12.86 -9.61
C ILE A 63 10.69 -13.98 -8.82
N GLU A 64 11.42 -14.50 -7.82
CA GLU A 64 10.89 -15.57 -6.97
C GLU A 64 10.15 -14.99 -5.78
N PHE A 65 9.32 -15.81 -5.15
CA PHE A 65 8.54 -15.35 -3.99
C PHE A 65 9.44 -14.61 -3.01
N ASP A 66 10.58 -15.20 -2.69
CA ASP A 66 11.52 -14.58 -1.76
C ASP A 66 12.00 -13.23 -2.31
N GLU A 67 12.21 -13.18 -3.62
CA GLU A 67 12.67 -11.95 -4.25
C GLU A 67 11.53 -10.93 -4.33
N PHE A 68 10.35 -11.40 -4.72
CA PHE A 68 9.19 -10.53 -4.83
C PHE A 68 8.84 -9.94 -3.47
N LEU A 69 8.87 -10.78 -2.44
CA LEU A 69 8.54 -10.33 -1.10
C LEU A 69 9.47 -9.19 -0.68
N SER A 70 10.77 -9.46 -0.66
CA SER A 70 11.74 -8.45 -0.27
C SER A 70 11.67 -7.25 -1.21
N LEU A 71 11.46 -7.53 -2.49
CA LEU A 71 11.39 -6.46 -3.47
C LEU A 71 10.33 -5.44 -3.08
N MET A 72 9.14 -5.92 -2.74
CA MET A 72 8.06 -5.02 -2.36
C MET A 72 8.18 -4.58 -0.91
N ALA A 73 8.44 -5.54 -0.03
CA ALA A 73 8.57 -5.24 1.39
C ALA A 73 9.69 -4.23 1.62
N LYS A 74 10.74 -4.31 0.80
CA LYS A 74 11.86 -3.40 0.94
C LYS A 74 11.57 -2.08 0.24
N LYS A 75 11.29 -2.14 -1.05
CA LYS A 75 11.00 -0.94 -1.81
C LYS A 75 9.61 -0.42 -1.53
N VAL A 76 9.53 0.67 -0.77
CA VAL A 76 8.25 1.27 -0.45
C VAL A 76 8.36 2.77 -0.49
N LYS A 77 8.01 3.44 0.62
CA LYS A 77 8.06 4.90 0.70
C LYS A 77 8.87 5.49 -0.43
N ASP A 78 8.25 6.37 -1.19
CA ASP A 78 8.92 6.98 -2.34
C ASP A 78 9.44 8.35 -1.98
N THR A 79 8.55 9.34 -1.97
CA THR A 79 8.94 10.71 -1.64
C THR A 79 7.79 11.66 -1.91
N ASP A 80 8.09 12.97 -1.91
CA ASP A 80 7.08 13.99 -2.16
C ASP A 80 5.94 13.87 -1.15
N ALA A 81 5.55 15.01 -0.59
CA ALA A 81 4.48 15.05 0.38
C ALA A 81 3.12 14.89 -0.28
N GLU A 82 2.87 15.68 -1.30
CA GLU A 82 1.60 15.62 -2.02
C GLU A 82 1.35 14.22 -2.57
N GLU A 83 2.40 13.43 -2.61
CA GLU A 83 2.28 12.06 -3.12
C GLU A 83 1.81 11.11 -2.04
N GLU A 84 2.54 11.08 -0.93
CA GLU A 84 2.16 10.20 0.17
C GLU A 84 0.84 10.66 0.80
N LEU A 85 0.67 11.97 0.92
CA LEU A 85 -0.54 12.53 1.50
C LEU A 85 -1.74 12.31 0.61
N LYS A 86 -1.50 12.28 -0.70
CA LYS A 86 -2.57 12.07 -1.65
C LYS A 86 -2.88 10.59 -1.83
N GLU A 87 -1.81 9.78 -1.89
CA GLU A 87 -1.99 8.34 -2.06
C GLU A 87 -2.86 7.77 -0.96
N ALA A 88 -2.62 8.21 0.27
CA ALA A 88 -3.41 7.74 1.41
C ALA A 88 -4.85 8.23 1.27
N PHE A 89 -5.02 9.56 1.20
CA PHE A 89 -6.35 10.13 1.06
C PHE A 89 -7.08 9.51 -0.14
N LYS A 90 -6.34 9.27 -1.21
CA LYS A 90 -6.92 8.67 -2.41
C LYS A 90 -7.47 7.28 -2.11
N VAL A 91 -6.75 6.54 -1.27
CA VAL A 91 -7.19 5.18 -0.91
C VAL A 91 -8.34 5.23 0.08
N PHE A 92 -8.15 5.98 1.16
CA PHE A 92 -9.17 6.09 2.19
C PHE A 92 -10.43 6.73 1.60
N ASP A 93 -10.25 7.84 0.90
CA ASP A 93 -11.39 8.53 0.30
C ASP A 93 -11.66 7.98 -1.08
N LYS A 94 -12.01 6.70 -1.15
CA LYS A 94 -12.28 6.06 -2.43
C LYS A 94 -13.05 6.99 -3.37
N ASP A 95 -14.21 7.43 -2.92
CA ASP A 95 -15.05 8.32 -3.73
C ASP A 95 -14.40 9.69 -3.88
N GLN A 96 -13.31 9.91 -3.15
CA GLN A 96 -12.60 11.18 -3.20
C GLN A 96 -13.59 12.34 -3.26
N ASN A 97 -14.41 12.47 -2.22
CA ASN A 97 -15.41 13.55 -2.18
C ASN A 97 -14.89 14.73 -1.37
N GLY A 98 -13.67 14.59 -0.85
CA GLY A 98 -13.06 15.66 -0.06
C GLY A 98 -13.15 15.34 1.43
N TYR A 99 -13.84 14.25 1.78
CA TYR A 99 -13.99 13.85 3.17
C TYR A 99 -13.93 12.35 3.31
N ILE A 100 -13.42 11.88 4.44
CA ILE A 100 -13.32 10.44 4.68
C ILE A 100 -14.53 9.97 5.49
N SER A 101 -15.31 9.09 4.88
CA SER A 101 -16.51 8.55 5.54
C SER A 101 -16.15 7.34 6.40
N ALA A 102 -16.87 7.15 7.49
CA ALA A 102 -16.61 6.03 8.39
C ALA A 102 -16.63 4.71 7.60
N SER A 103 -17.61 4.57 6.71
CA SER A 103 -17.72 3.35 5.92
C SER A 103 -16.48 3.16 5.06
N GLU A 104 -15.98 4.25 4.48
CA GLU A 104 -14.78 4.19 3.65
C GLU A 104 -13.57 3.82 4.50
N LEU A 105 -13.38 4.54 5.59
CA LEU A 105 -12.27 4.26 6.49
C LEU A 105 -12.44 2.90 7.15
N ARG A 106 -13.68 2.44 7.22
CA ARG A 106 -13.98 1.14 7.83
C ARG A 106 -13.76 0.01 6.82
N HIS A 107 -14.22 0.23 5.59
CA HIS A 107 -14.07 -0.78 4.54
C HIS A 107 -12.61 -1.17 4.42
N VAL A 108 -11.73 -0.18 4.28
CA VAL A 108 -10.30 -0.46 4.16
C VAL A 108 -9.81 -1.14 5.42
N MET A 109 -9.88 -0.43 6.55
CA MET A 109 -9.40 -0.99 7.82
C MET A 109 -9.54 -2.52 7.84
N ILE A 110 -10.77 -2.99 7.99
CA ILE A 110 -11.01 -4.43 8.02
C ILE A 110 -10.33 -5.12 6.86
N ASN A 111 -10.45 -4.54 5.67
CA ASN A 111 -9.83 -5.11 4.47
C ASN A 111 -8.36 -5.43 4.74
N LEU A 112 -7.85 -4.99 5.89
CA LEU A 112 -6.45 -5.24 6.25
C LEU A 112 -6.34 -6.45 7.16
N GLY A 113 -7.45 -7.19 7.30
CA GLY A 113 -7.44 -8.37 8.15
C GLY A 113 -7.56 -7.99 9.61
N GLU A 114 -8.47 -7.07 9.92
CA GLU A 114 -8.67 -6.63 11.30
C GLU A 114 -10.16 -6.55 11.63
N LYS A 115 -10.54 -7.15 12.75
CA LYS A 115 -11.94 -7.15 13.16
C LYS A 115 -12.19 -6.08 14.21
N LEU A 116 -12.63 -4.91 13.77
CA LEU A 116 -12.92 -3.80 14.69
C LEU A 116 -14.40 -3.71 14.97
N THR A 117 -14.75 -3.60 16.25
CA THR A 117 -16.15 -3.51 16.64
C THR A 117 -16.74 -2.17 16.22
N ASP A 118 -18.06 -2.10 16.15
CA ASP A 118 -18.74 -0.88 15.74
C ASP A 118 -18.41 0.25 16.72
N GLU A 119 -18.22 -0.11 17.98
CA GLU A 119 -17.90 0.88 19.00
C GLU A 119 -16.50 1.44 18.77
N GLU A 120 -15.55 0.56 18.48
CA GLU A 120 -14.17 0.98 18.26
C GLU A 120 -14.08 1.85 17.00
N VAL A 121 -14.75 1.42 15.94
CA VAL A 121 -14.74 2.18 14.69
C VAL A 121 -15.43 3.52 14.88
N GLU A 122 -16.59 3.51 15.54
CA GLU A 122 -17.34 4.73 15.78
C GLU A 122 -16.52 5.71 16.61
N GLN A 123 -15.60 5.17 17.42
CA GLN A 123 -14.74 6.00 18.24
C GLN A 123 -13.73 6.74 17.37
N MET A 124 -12.89 5.98 16.65
CA MET A 124 -11.87 6.59 15.81
C MET A 124 -12.44 7.74 15.01
N ILE A 125 -13.51 7.47 14.28
CA ILE A 125 -14.13 8.51 13.45
C ILE A 125 -14.50 9.71 14.31
N LYS A 126 -15.06 9.46 15.48
CA LYS A 126 -15.45 10.53 16.37
C LYS A 126 -14.21 11.20 16.98
N GLU A 127 -13.14 10.43 17.10
CA GLU A 127 -11.91 10.96 17.68
C GLU A 127 -11.14 11.79 16.66
N ALA A 128 -10.85 11.18 15.51
CA ALA A 128 -10.10 11.88 14.47
C ALA A 128 -10.70 13.26 14.22
N ASP A 129 -12.02 13.33 14.19
CA ASP A 129 -12.69 14.60 13.95
C ASP A 129 -12.72 15.44 15.22
N LEU A 130 -11.91 16.49 15.24
CA LEU A 130 -11.85 17.37 16.40
C LEU A 130 -13.03 18.34 16.41
N ASP A 131 -13.55 18.63 15.23
CA ASP A 131 -14.69 19.55 15.11
C ASP A 131 -16.00 18.79 15.22
N GLY A 132 -15.91 17.48 15.37
CA GLY A 132 -17.10 16.65 15.48
C GLY A 132 -18.06 16.90 14.32
N ASP A 133 -18.13 15.95 13.40
CA ASP A 133 -19.02 16.08 12.24
C ASP A 133 -19.41 14.71 11.70
N GLY A 134 -18.57 13.71 12.01
CA GLY A 134 -18.82 12.35 11.53
C GLY A 134 -17.99 12.06 10.29
N GLN A 135 -17.17 13.02 9.88
CA GLN A 135 -16.32 12.84 8.70
C GLN A 135 -15.02 13.59 8.87
N VAL A 136 -13.98 13.14 8.15
CA VAL A 136 -12.67 13.80 8.23
C VAL A 136 -12.32 14.41 6.87
N ASN A 137 -12.07 15.72 6.87
CA ASN A 137 -11.70 16.42 5.65
C ASN A 137 -10.19 16.33 5.42
N TYR A 138 -9.79 16.46 4.16
CA TYR A 138 -8.37 16.40 3.81
C TYR A 138 -7.56 17.28 4.77
N GLU A 139 -8.05 18.47 5.03
CA GLU A 139 -7.36 19.40 5.94
C GLU A 139 -7.24 18.77 7.33
N GLU A 140 -8.34 18.21 7.82
CA GLU A 140 -8.32 17.55 9.13
C GLU A 140 -7.39 16.35 9.11
N PHE A 141 -7.42 15.61 8.01
CA PHE A 141 -6.56 14.43 7.88
C PHE A 141 -5.10 14.82 8.00
N VAL A 142 -4.70 15.85 7.26
CA VAL A 142 -3.31 16.30 7.29
C VAL A 142 -2.91 16.67 8.71
N LYS A 143 -3.76 17.45 9.38
CA LYS A 143 -3.48 17.85 10.76
C LYS A 143 -3.42 16.64 11.67
N MET A 144 -4.20 15.62 11.35
CA MET A 144 -4.21 14.39 12.14
C MET A 144 -2.93 13.59 11.90
N MET A 145 -2.49 13.57 10.65
CA MET A 145 -1.30 12.81 10.29
C MET A 145 -0.07 13.39 10.95
N MET A 146 -0.12 14.68 11.24
CA MET A 146 1.00 15.35 11.88
C MET A 146 1.62 14.48 12.97
N THR A 147 2.87 14.75 13.29
CA THR A 147 3.57 13.98 14.30
C THR A 147 2.76 13.95 15.60
N VAL A 148 1.92 14.96 15.79
CA VAL A 148 1.10 15.04 16.99
C VAL A 148 1.99 15.00 18.24
N ARG A 149 3.24 15.38 18.08
CA ARG A 149 4.17 15.36 19.20
C ARG A 149 3.81 16.44 20.22
N ALA B 1 -5.76 7.09 19.15
CA ALA B 1 -6.26 6.90 17.76
C ALA B 1 -5.14 7.20 16.77
N ARG B 2 -4.09 7.83 17.26
CA ARG B 2 -2.95 8.18 16.41
C ARG B 2 -2.33 6.93 15.80
N GLN B 3 -2.18 5.91 16.64
CA GLN B 3 -1.59 4.66 16.18
C GLN B 3 -2.45 4.01 15.11
N ARG B 4 -3.77 4.02 15.35
CA ARG B 4 -4.70 3.44 14.40
C ARG B 4 -4.64 4.17 13.06
N TRP B 5 -4.66 5.49 13.13
CA TRP B 5 -4.58 6.29 11.90
C TRP B 5 -3.25 6.04 11.19
N ARG B 6 -2.17 6.09 11.94
CA ARG B 6 -0.85 5.86 11.38
C ARG B 6 -0.73 4.43 10.88
N SER B 7 -1.29 3.50 11.66
CA SER B 7 -1.25 2.09 11.28
C SER B 7 -1.96 1.88 9.96
N SER B 8 -3.10 2.55 9.79
CA SER B 8 -3.87 2.42 8.56
C SER B 8 -3.04 2.88 7.38
N VAL B 9 -2.35 4.01 7.53
CA VAL B 9 -1.51 4.52 6.47
C VAL B 9 -0.29 3.64 6.26
N SER B 10 0.32 3.22 7.37
CA SER B 10 1.51 2.38 7.29
C SER B 10 1.19 1.02 6.70
N ILE B 11 0.10 0.42 7.16
CA ILE B 11 -0.32 -0.88 6.67
C ILE B 11 -0.63 -0.81 5.18
N VAL B 12 -1.33 0.24 4.79
CA VAL B 12 -1.69 0.43 3.39
C VAL B 12 -0.43 0.53 2.55
N LYS B 13 0.58 1.23 3.07
CA LYS B 13 1.83 1.40 2.34
C LYS B 13 2.49 0.05 2.12
N ASN B 14 2.49 -0.77 3.16
CA ASN B 14 3.10 -2.10 3.07
C ASN B 14 2.17 -3.04 2.31
N ARG B 15 0.92 -2.63 2.15
CA ARG B 15 -0.06 -3.45 1.44
C ARG B 15 0.13 -3.33 -0.06
N ALA B 16 -0.01 -2.10 -0.58
CA ALA B 16 0.15 -1.87 -2.02
C ALA B 16 -0.39 -3.05 -2.83
N ARG B 17 -1.59 -3.49 -2.50
CA ARG B 17 -2.20 -4.61 -3.20
C ARG B 17 -2.32 -4.31 -4.68
N ARG B 18 -1.96 -3.09 -5.06
CA ARG B 18 -2.03 -2.68 -6.47
C ARG B 18 -0.63 -2.64 -7.07
N PHE B 19 0.37 -2.97 -6.26
CA PHE B 19 1.75 -2.98 -6.74
C PHE B 19 2.14 -1.60 -7.26
N ARG B 20 1.88 -0.58 -6.47
CA ARG B 20 2.19 0.79 -6.86
C ARG B 20 3.63 0.87 -7.36
N MET B 21 4.52 0.08 -6.78
CA MET B 21 5.91 0.08 -7.17
C MET B 21 6.06 -0.34 -8.63
N ILE B 22 5.79 -1.62 -8.90
CA ILE B 22 5.90 -2.14 -10.25
C ILE B 22 4.88 -1.46 -11.16
N SER B 23 3.65 -1.34 -10.66
CA SER B 23 2.58 -0.74 -11.44
C SER B 23 3.02 0.63 -11.97
N ASN B 24 3.66 1.42 -11.10
CA ASN B 24 4.12 2.74 -11.50
C ASN B 24 5.21 2.62 -12.56
N LEU B 25 6.10 1.65 -12.38
CA LEU B 25 7.19 1.45 -13.34
C LEU B 25 6.93 0.23 -14.20
CA CA C . 5.12 -17.93 -13.12
CA CA D . 15.54 -13.43 -9.80
CA CA E . -15.85 10.05 1.07
CA CA F . -14.82 17.03 10.44
N ALA A 1 14.99 -3.30 7.57
CA ALA A 1 16.13 -2.37 7.84
C ALA A 1 16.75 -2.73 9.19
N ASP A 2 15.91 -3.04 10.17
CA ASP A 2 16.39 -3.40 11.50
C ASP A 2 15.50 -4.47 12.12
N ILE A 3 14.49 -4.03 12.85
CA ILE A 3 13.55 -4.96 13.50
C ILE A 3 12.13 -4.67 13.04
N LEU A 4 11.43 -5.72 12.60
CA LEU A 4 10.04 -5.57 12.13
C LEU A 4 9.15 -6.59 12.81
N SER A 5 7.88 -6.22 12.98
CA SER A 5 6.92 -7.11 13.61
C SER A 5 6.43 -8.17 12.63
N GLU A 6 5.96 -9.29 13.16
CA GLU A 6 5.45 -10.37 12.32
C GLU A 6 4.44 -9.84 11.32
N GLU A 7 3.84 -8.69 11.64
CA GLU A 7 2.85 -8.09 10.74
C GLU A 7 3.50 -7.74 9.40
N GLN A 8 4.58 -6.96 9.46
CA GLN A 8 5.27 -6.55 8.24
C GLN A 8 5.59 -7.78 7.40
N ILE A 9 6.14 -8.81 8.04
CA ILE A 9 6.47 -10.05 7.33
C ILE A 9 5.21 -10.69 6.77
N VAL A 10 4.18 -10.78 7.59
CA VAL A 10 2.92 -11.38 7.16
C VAL A 10 2.40 -10.63 5.94
N ASP A 11 2.39 -9.31 6.01
CA ASP A 11 1.90 -8.49 4.91
C ASP A 11 2.62 -8.90 3.62
N PHE A 12 3.92 -8.66 3.57
CA PHE A 12 4.70 -9.01 2.38
C PHE A 12 4.38 -10.44 1.96
N LYS A 13 4.23 -11.33 2.92
CA LYS A 13 3.94 -12.73 2.63
C LYS A 13 2.61 -12.85 1.88
N GLU A 14 1.64 -12.04 2.28
CA GLU A 14 0.33 -12.06 1.62
C GLU A 14 0.46 -11.64 0.16
N ALA A 15 1.10 -10.50 -0.06
CA ALA A 15 1.28 -9.99 -1.41
C ALA A 15 2.00 -11.02 -2.28
N PHE A 16 2.95 -11.72 -1.68
CA PHE A 16 3.69 -12.75 -2.39
C PHE A 16 2.76 -13.86 -2.85
N GLY A 17 1.93 -14.34 -1.94
CA GLY A 17 0.99 -15.42 -2.26
C GLY A 17 0.14 -15.03 -3.45
N LEU A 18 -0.16 -13.74 -3.56
CA LEU A 18 -0.97 -13.26 -4.69
C LEU A 18 -0.20 -13.37 -5.99
N PHE A 19 1.06 -12.97 -5.96
CA PHE A 19 1.89 -13.04 -7.15
C PHE A 19 1.99 -14.47 -7.66
N ASP A 20 2.05 -15.42 -6.72
CA ASP A 20 2.16 -16.83 -7.08
C ASP A 20 0.81 -17.52 -6.99
N LYS A 21 0.00 -17.37 -8.04
CA LYS A 21 -1.32 -17.99 -8.05
C LYS A 21 -1.19 -19.50 -8.01
N ASP A 22 -0.02 -20.00 -8.37
CA ASP A 22 0.23 -21.45 -8.37
C ASP A 22 1.17 -21.83 -7.26
N GLY A 23 1.07 -21.15 -6.12
CA GLY A 23 1.93 -21.43 -4.96
C GLY A 23 3.14 -22.28 -5.33
N ASP A 24 3.93 -21.77 -6.28
CA ASP A 24 5.10 -22.51 -6.75
C ASP A 24 6.27 -22.26 -5.81
N GLY A 25 6.27 -21.10 -5.16
CA GLY A 25 7.34 -20.74 -4.23
C GLY A 25 8.26 -19.68 -4.82
N CYS A 26 7.86 -19.12 -5.95
CA CYS A 26 8.67 -18.09 -6.61
C CYS A 26 7.81 -17.31 -7.59
N ILE A 27 8.34 -16.15 -8.02
CA ILE A 27 7.61 -15.31 -8.97
C ILE A 27 8.35 -15.28 -10.31
N THR A 28 7.72 -15.85 -11.34
CA THR A 28 8.32 -15.88 -12.67
C THR A 28 8.01 -14.58 -13.42
N VAL A 29 8.28 -14.58 -14.73
CA VAL A 29 8.03 -13.41 -15.56
C VAL A 29 6.59 -13.44 -16.08
N GLU A 30 6.15 -14.61 -16.54
CA GLU A 30 4.80 -14.75 -17.06
C GLU A 30 3.78 -14.53 -15.95
N GLU A 31 4.08 -15.06 -14.77
CA GLU A 31 3.18 -14.92 -13.62
C GLU A 31 3.03 -13.44 -13.26
N LEU A 32 4.16 -12.75 -13.14
CA LEU A 32 4.15 -11.34 -12.82
C LEU A 32 3.42 -10.55 -13.91
N ALA A 33 3.62 -10.96 -15.15
CA ALA A 33 2.98 -10.29 -16.28
C ALA A 33 1.45 -10.38 -16.15
N THR A 34 0.96 -11.59 -15.87
CA THR A 34 -0.48 -11.80 -15.73
C THR A 34 -1.04 -10.86 -14.67
N VAL A 35 -0.36 -10.80 -13.52
CA VAL A 35 -0.81 -9.94 -12.43
C VAL A 35 -0.84 -8.49 -12.88
N ILE A 36 0.19 -8.07 -13.61
CA ILE A 36 0.27 -6.70 -14.10
C ILE A 36 -0.89 -6.40 -15.04
N ARG A 37 -1.17 -7.33 -15.94
CA ARG A 37 -2.26 -7.16 -16.90
C ARG A 37 -3.59 -7.06 -16.17
N SER A 38 -3.69 -7.74 -15.05
CA SER A 38 -4.93 -7.73 -14.26
C SER A 38 -5.31 -6.30 -13.91
N LEU A 39 -4.31 -5.44 -13.76
CA LEU A 39 -4.55 -4.03 -13.43
C LEU A 39 -5.01 -3.28 -14.66
N ASP A 40 -5.42 -4.01 -15.68
CA ASP A 40 -5.89 -3.39 -16.92
C ASP A 40 -4.77 -2.59 -17.58
N GLN A 41 -3.59 -3.19 -17.66
CA GLN A 41 -2.45 -2.53 -18.28
C GLN A 41 -1.48 -3.55 -18.83
N ASN A 42 -1.08 -3.39 -20.09
CA ASN A 42 -0.15 -4.33 -20.73
C ASN A 42 1.09 -3.59 -21.24
N PRO A 43 2.03 -3.31 -20.38
CA PRO A 43 3.29 -2.61 -20.75
C PRO A 43 4.13 -3.45 -21.70
N THR A 44 5.44 -3.23 -21.68
CA THR A 44 6.36 -3.98 -22.53
C THR A 44 7.23 -4.92 -21.70
N GLU A 45 7.57 -6.07 -22.26
CA GLU A 45 8.39 -7.04 -21.56
C GLU A 45 9.69 -6.41 -21.06
N GLU A 46 10.08 -5.31 -21.71
CA GLU A 46 11.30 -4.61 -21.32
C GLU A 46 11.20 -4.10 -19.89
N GLU A 47 10.05 -3.51 -19.56
CA GLU A 47 9.83 -2.99 -18.21
C GLU A 47 9.79 -4.13 -17.20
N LEU A 48 9.35 -5.30 -17.65
CA LEU A 48 9.27 -6.47 -16.78
C LEU A 48 10.66 -7.07 -16.57
N GLN A 49 11.32 -7.41 -17.66
CA GLN A 49 12.66 -7.99 -17.57
C GLN A 49 13.61 -7.03 -16.88
N ASP A 50 13.30 -5.73 -16.96
CA ASP A 50 14.15 -4.73 -16.32
C ASP A 50 14.04 -4.83 -14.81
N MET A 51 12.82 -4.68 -14.29
CA MET A 51 12.62 -4.76 -12.84
C MET A 51 12.98 -6.14 -12.33
N ILE A 52 12.60 -7.16 -13.08
CA ILE A 52 12.90 -8.53 -12.69
C ILE A 52 14.40 -8.76 -12.64
N SER A 53 15.12 -8.05 -13.47
CA SER A 53 16.59 -8.17 -13.51
C SER A 53 17.25 -7.11 -12.67
N GLU A 54 16.50 -6.05 -12.36
CA GLU A 54 17.04 -4.95 -11.58
C GLU A 54 17.48 -5.41 -10.20
N VAL A 55 16.63 -6.19 -9.54
CA VAL A 55 16.92 -6.69 -8.21
C VAL A 55 17.49 -8.10 -8.26
N ASP A 56 16.85 -8.95 -9.06
CA ASP A 56 17.27 -10.34 -9.18
C ASP A 56 18.74 -10.43 -9.57
N ALA A 57 19.61 -10.30 -8.58
CA ALA A 57 21.05 -10.38 -8.83
C ALA A 57 21.36 -11.53 -9.76
N ASP A 58 21.18 -12.76 -9.28
CA ASP A 58 21.45 -13.94 -10.08
C ASP A 58 20.48 -14.03 -11.24
N GLY A 59 19.81 -12.90 -11.55
CA GLY A 59 18.86 -12.85 -12.66
C GLY A 59 18.50 -14.24 -13.16
N ASN A 60 17.95 -15.06 -12.27
CA ASN A 60 17.60 -16.43 -12.62
C ASN A 60 16.26 -16.46 -13.32
N GLY A 61 15.64 -15.29 -13.45
CA GLY A 61 14.34 -15.19 -14.13
C GLY A 61 13.21 -15.35 -13.12
N THR A 62 13.56 -15.48 -11.85
CA THR A 62 12.56 -15.63 -10.79
C THR A 62 12.96 -14.82 -9.56
N ILE A 63 11.96 -14.29 -8.86
CA ILE A 63 12.22 -13.51 -7.66
C ILE A 63 11.79 -14.29 -6.42
N GLU A 64 12.64 -14.28 -5.40
CA GLU A 64 12.34 -14.99 -4.15
C GLU A 64 11.68 -14.04 -3.16
N PHE A 65 11.02 -14.62 -2.16
CA PHE A 65 10.33 -13.83 -1.15
C PHE A 65 11.27 -12.80 -0.54
N ASP A 66 12.47 -13.25 -0.18
CA ASP A 66 13.46 -12.36 0.42
C ASP A 66 13.80 -11.21 -0.52
N GLU A 67 13.79 -11.51 -1.82
CA GLU A 67 14.11 -10.49 -2.82
C GLU A 67 12.95 -9.50 -2.96
N PHE A 68 11.75 -10.04 -3.13
CA PHE A 68 10.57 -9.19 -3.27
C PHE A 68 10.36 -8.35 -2.01
N LEU A 69 10.52 -8.97 -0.86
CA LEU A 69 10.34 -8.27 0.41
C LEU A 69 11.25 -7.06 0.45
N SER A 70 12.55 -7.29 0.39
CA SER A 70 13.53 -6.20 0.44
C SER A 70 13.31 -5.23 -0.70
N LEU A 71 12.98 -5.76 -1.87
CA LEU A 71 12.77 -4.93 -3.04
C LEU A 71 11.85 -3.76 -2.70
N MET A 72 10.75 -4.04 -2.02
CA MET A 72 9.80 -3.00 -1.68
C MET A 72 10.10 -2.39 -0.31
N ALA A 73 10.26 -3.25 0.68
CA ALA A 73 10.52 -2.80 2.04
C ALA A 73 11.73 -1.89 2.08
N LYS A 74 12.71 -2.15 1.23
CA LYS A 74 13.92 -1.36 1.20
C LYS A 74 13.61 0.10 0.96
N LYS A 75 13.10 0.40 -0.23
CA LYS A 75 12.77 1.79 -0.60
C LYS A 75 11.30 1.92 -0.96
N VAL A 76 10.52 2.46 -0.05
CA VAL A 76 9.09 2.67 -0.29
C VAL A 76 8.87 4.07 -0.85
N LYS A 77 8.37 4.97 -0.02
CA LYS A 77 8.12 6.36 -0.43
C LYS A 77 9.36 7.21 -0.21
N ASP A 78 9.32 8.07 0.80
CA ASP A 78 10.45 8.93 1.12
C ASP A 78 10.56 10.06 0.11
N THR A 79 9.45 10.38 -0.56
CA THR A 79 9.43 11.44 -1.55
C THR A 79 8.10 12.16 -1.55
N ASP A 80 8.14 13.47 -1.70
CA ASP A 80 6.91 14.27 -1.72
C ASP A 80 5.96 13.83 -0.62
N ALA A 81 6.40 13.97 0.63
CA ALA A 81 5.57 13.58 1.78
C ALA A 81 4.10 13.86 1.49
N GLU A 82 3.84 14.91 0.72
CA GLU A 82 2.46 15.25 0.37
C GLU A 82 1.92 14.26 -0.66
N GLU A 83 2.40 14.37 -1.90
CA GLU A 83 1.95 13.47 -2.97
C GLU A 83 1.66 12.08 -2.41
N GLU A 84 2.46 11.68 -1.41
CA GLU A 84 2.25 10.38 -0.76
C GLU A 84 0.97 10.41 0.08
N LEU A 85 0.80 11.46 0.85
CA LEU A 85 -0.41 11.62 1.67
C LEU A 85 -1.62 11.89 0.78
N LYS A 86 -1.36 12.15 -0.50
CA LYS A 86 -2.45 12.41 -1.45
C LYS A 86 -3.05 11.12 -1.98
N GLU A 87 -2.19 10.22 -2.45
CA GLU A 87 -2.65 8.94 -2.96
C GLU A 87 -3.27 8.12 -1.82
N ALA A 88 -2.71 8.27 -0.61
CA ALA A 88 -3.22 7.56 0.55
C ALA A 88 -4.65 8.00 0.81
N PHE A 89 -4.87 9.32 0.81
CA PHE A 89 -6.22 9.86 1.02
C PHE A 89 -7.14 9.39 -0.10
N LYS A 90 -6.61 9.31 -1.32
CA LYS A 90 -7.40 8.88 -2.47
C LYS A 90 -7.94 7.47 -2.23
N VAL A 91 -7.19 6.67 -1.50
CA VAL A 91 -7.61 5.30 -1.20
C VAL A 91 -8.66 5.30 -0.08
N PHE A 92 -8.32 5.94 1.03
CA PHE A 92 -9.23 6.00 2.17
C PHE A 92 -10.56 6.60 1.75
N ASP A 93 -10.50 7.66 0.95
CA ASP A 93 -11.72 8.32 0.47
C ASP A 93 -12.07 7.79 -0.91
N LYS A 94 -12.64 6.59 -0.96
CA LYS A 94 -13.01 5.98 -2.24
C LYS A 94 -13.65 7.02 -3.17
N ASP A 95 -14.76 7.57 -2.74
CA ASP A 95 -15.47 8.57 -3.54
C ASP A 95 -14.64 9.83 -3.69
N GLN A 96 -13.47 9.85 -3.05
CA GLN A 96 -12.57 10.99 -3.12
C GLN A 96 -13.35 12.30 -3.21
N ASN A 97 -14.38 12.42 -2.38
CA ASN A 97 -15.22 13.61 -2.38
C ASN A 97 -14.58 14.70 -1.56
N GLY A 98 -13.39 14.42 -1.01
CA GLY A 98 -12.68 15.39 -0.20
C GLY A 98 -12.90 15.13 1.28
N TYR A 99 -13.83 14.22 1.60
CA TYR A 99 -14.12 13.89 2.99
C TYR A 99 -14.11 12.39 3.19
N ILE A 100 -13.49 11.93 4.28
CA ILE A 100 -13.41 10.51 4.57
C ILE A 100 -14.61 10.09 5.40
N SER A 101 -15.49 9.30 4.81
CA SER A 101 -16.69 8.83 5.49
C SER A 101 -16.37 7.61 6.36
N ALA A 102 -17.20 7.37 7.37
CA ALA A 102 -17.00 6.24 8.25
C ALA A 102 -17.07 4.93 7.46
N SER A 103 -18.04 4.84 6.56
CA SER A 103 -18.20 3.63 5.75
C SER A 103 -16.94 3.35 4.96
N GLU A 104 -16.35 4.40 4.38
CA GLU A 104 -15.13 4.24 3.59
C GLU A 104 -13.95 3.88 4.51
N LEU A 105 -13.75 4.69 5.54
CA LEU A 105 -12.67 4.45 6.48
C LEU A 105 -12.82 3.07 7.11
N ARG A 106 -14.06 2.60 7.19
CA ARG A 106 -14.33 1.28 7.77
C ARG A 106 -14.09 0.18 6.76
N HIS A 107 -14.51 0.41 5.52
CA HIS A 107 -14.34 -0.59 4.47
C HIS A 107 -12.90 -1.02 4.38
N VAL A 108 -12.01 -0.07 4.17
CA VAL A 108 -10.57 -0.39 4.06
C VAL A 108 -10.07 -1.01 5.35
N MET A 109 -10.10 -0.23 6.44
CA MET A 109 -9.60 -0.73 7.73
C MET A 109 -9.80 -2.25 7.84
N ILE A 110 -11.03 -2.67 8.04
CA ILE A 110 -11.32 -4.09 8.16
C ILE A 110 -10.74 -4.87 6.99
N ASN A 111 -10.91 -4.33 5.79
CA ASN A 111 -10.41 -5.00 4.59
C ASN A 111 -8.98 -5.46 4.79
N LEU A 112 -8.35 -4.96 5.85
CA LEU A 112 -6.97 -5.34 6.16
C LEU A 112 -6.95 -6.47 7.19
N GLY A 113 -5.80 -6.65 7.83
CA GLY A 113 -5.66 -7.69 8.84
C GLY A 113 -6.24 -7.24 10.18
N GLU A 114 -6.78 -6.03 10.20
CA GLU A 114 -7.37 -5.50 11.42
C GLU A 114 -8.67 -6.23 11.75
N LYS A 115 -9.39 -5.74 12.76
CA LYS A 115 -10.66 -6.34 13.16
C LYS A 115 -11.24 -5.61 14.35
N LEU A 116 -11.81 -4.45 14.10
CA LEU A 116 -12.40 -3.63 15.18
C LEU A 116 -13.91 -3.73 15.16
N THR A 117 -14.52 -3.47 16.31
CA THR A 117 -15.97 -3.53 16.42
C THR A 117 -16.60 -2.27 15.84
N ASP A 118 -17.93 -2.17 15.91
CA ASP A 118 -18.63 -1.01 15.39
C ASP A 118 -18.43 0.19 16.32
N GLU A 119 -18.27 -0.08 17.60
CA GLU A 119 -18.08 0.99 18.58
C GLU A 119 -16.66 1.54 18.50
N GLU A 120 -15.69 0.64 18.35
CA GLU A 120 -14.29 1.05 18.26
C GLU A 120 -14.05 1.85 17.00
N VAL A 121 -14.63 1.41 15.89
CA VAL A 121 -14.47 2.12 14.62
C VAL A 121 -15.07 3.52 14.71
N GLU A 122 -16.31 3.59 15.21
CA GLU A 122 -16.98 4.88 15.36
C GLU A 122 -16.19 5.78 16.30
N GLN A 123 -15.46 5.16 17.23
CA GLN A 123 -14.67 5.91 18.18
C GLN A 123 -13.51 6.62 17.47
N MET A 124 -12.72 5.87 16.70
CA MET A 124 -11.59 6.43 16.01
C MET A 124 -12.02 7.65 15.21
N ILE A 125 -12.96 7.45 14.30
CA ILE A 125 -13.43 8.55 13.45
C ILE A 125 -13.89 9.73 14.31
N LYS A 126 -14.52 9.41 15.44
CA LYS A 126 -14.99 10.45 16.34
C LYS A 126 -13.83 11.24 16.93
N GLU A 127 -12.79 10.52 17.35
CA GLU A 127 -11.62 11.17 17.93
C GLU A 127 -10.84 11.94 16.86
N ALA A 128 -10.62 11.30 15.72
CA ALA A 128 -9.88 11.92 14.63
C ALA A 128 -10.58 13.21 14.20
N ASP A 129 -11.89 13.28 14.43
CA ASP A 129 -12.65 14.47 14.06
C ASP A 129 -12.83 15.37 15.28
N LEU A 130 -12.06 16.45 15.33
CA LEU A 130 -12.14 17.38 16.46
C LEU A 130 -13.53 18.00 16.55
N ASP A 131 -14.02 18.52 15.43
CA ASP A 131 -15.33 19.15 15.41
C ASP A 131 -16.43 18.09 15.40
N GLY A 132 -16.03 16.83 15.30
CA GLY A 132 -17.00 15.73 15.29
C GLY A 132 -18.16 16.02 14.35
N ASP A 133 -17.83 16.53 13.17
CA ASP A 133 -18.86 16.85 12.17
C ASP A 133 -19.49 15.56 11.64
N GLY A 134 -18.92 14.41 12.03
CA GLY A 134 -19.44 13.12 11.58
C GLY A 134 -18.58 12.57 10.45
N GLN A 135 -17.59 13.35 10.04
CA GLN A 135 -16.69 12.92 8.96
C GLN A 135 -15.33 13.59 9.10
N VAL A 136 -14.39 13.22 8.23
CA VAL A 136 -13.05 13.80 8.26
C VAL A 136 -12.70 14.42 6.92
N ASN A 137 -12.31 15.69 6.94
CA ASN A 137 -11.92 16.38 5.72
C ASN A 137 -10.42 16.26 5.49
N TYR A 138 -10.01 16.40 4.22
CA TYR A 138 -8.60 16.29 3.88
C TYR A 138 -7.76 17.15 4.82
N GLU A 139 -8.23 18.36 5.10
CA GLU A 139 -7.51 19.25 6.00
C GLU A 139 -7.35 18.62 7.37
N GLU A 140 -8.45 18.10 7.92
CA GLU A 140 -8.42 17.45 9.22
C GLU A 140 -7.52 16.21 9.18
N PHE A 141 -7.61 15.46 8.09
CA PHE A 141 -6.79 14.26 7.93
C PHE A 141 -5.31 14.61 7.95
N VAL A 142 -4.93 15.60 7.14
CA VAL A 142 -3.54 16.02 7.07
C VAL A 142 -3.06 16.49 8.44
N LYS A 143 -3.89 17.28 9.11
CA LYS A 143 -3.53 17.83 10.40
C LYS A 143 -3.32 16.72 11.43
N MET A 144 -4.11 15.67 11.32
CA MET A 144 -3.99 14.54 12.23
C MET A 144 -2.74 13.71 11.93
N MET A 145 -2.35 13.71 10.67
CA MET A 145 -1.18 12.94 10.25
C MET A 145 0.08 13.78 10.36
N MET A 146 -0.07 15.10 10.22
CA MET A 146 1.07 16.01 10.30
C MET A 146 1.03 16.82 11.58
N THR A 147 0.83 16.14 12.70
CA THR A 147 0.78 16.81 13.99
C THR A 147 0.90 15.81 15.12
N VAL A 148 -0.19 15.09 15.40
CA VAL A 148 -0.19 14.11 16.46
C VAL A 148 -0.02 14.76 17.82
N ARG A 149 0.76 15.85 17.85
CA ARG A 149 1.01 16.57 19.09
C ARG A 149 -0.26 16.66 19.93
N ALA B 1 -5.75 6.64 19.21
CA ALA B 1 -6.34 6.43 17.86
C ALA B 1 -5.33 6.89 16.81
N ARG B 2 -4.32 7.64 17.24
CA ARG B 2 -3.31 8.15 16.33
C ARG B 2 -2.55 6.98 15.68
N GLN B 3 -2.29 5.95 16.46
CA GLN B 3 -1.58 4.78 15.95
C GLN B 3 -2.44 4.05 14.92
N ARG B 4 -3.73 3.96 15.20
CA ARG B 4 -4.65 3.29 14.28
C ARG B 4 -4.67 4.00 12.94
N TRP B 5 -4.64 5.32 12.97
CA TRP B 5 -4.64 6.10 11.74
C TRP B 5 -3.39 5.80 10.92
N ARG B 6 -2.23 5.92 11.57
CA ARG B 6 -0.97 5.65 10.89
C ARG B 6 -0.89 4.18 10.51
N SER B 7 -1.46 3.33 11.34
CA SER B 7 -1.46 1.89 11.07
C SER B 7 -2.16 1.60 9.77
N SER B 8 -3.33 2.21 9.57
CA SER B 8 -4.08 1.99 8.34
C SER B 8 -3.26 2.40 7.13
N VAL B 9 -2.65 3.58 7.20
CA VAL B 9 -1.83 4.08 6.11
C VAL B 9 -0.56 3.25 5.97
N SER B 10 0.06 2.91 7.10
CA SER B 10 1.29 2.13 7.08
C SER B 10 1.04 0.74 6.52
N ILE B 11 -0.09 0.16 6.91
CA ILE B 11 -0.44 -1.17 6.42
C ILE B 11 -0.60 -1.16 4.90
N VAL B 12 -1.26 -0.13 4.39
CA VAL B 12 -1.47 -0.01 2.95
C VAL B 12 -0.12 0.06 2.23
N LYS B 13 0.79 0.87 2.78
CA LYS B 13 2.10 1.02 2.16
C LYS B 13 2.97 -0.18 2.46
N ASN B 14 2.67 -0.86 3.56
CA ASN B 14 3.44 -2.04 3.94
C ASN B 14 2.81 -3.29 3.35
N ARG B 15 1.57 -3.15 2.86
CA ARG B 15 0.86 -4.28 2.26
C ARG B 15 0.75 -4.09 0.75
N ALA B 16 0.33 -2.90 0.33
CA ALA B 16 0.16 -2.62 -1.08
C ALA B 16 -0.92 -3.51 -1.68
N ARG B 17 -0.66 -4.81 -1.73
CA ARG B 17 -1.61 -5.76 -2.29
C ARG B 17 -1.75 -5.56 -3.78
N ARG B 18 -1.74 -4.31 -4.22
CA ARG B 18 -1.86 -3.99 -5.64
C ARG B 18 -0.49 -3.76 -6.26
N PHE B 19 0.55 -3.75 -5.42
CA PHE B 19 1.90 -3.55 -5.92
C PHE B 19 2.07 -2.15 -6.49
N ARG B 20 1.79 -1.15 -5.68
CA ARG B 20 1.89 0.23 -6.14
C ARG B 20 3.20 0.46 -6.89
N MET B 21 4.26 -0.14 -6.39
CA MET B 21 5.57 0.02 -7.01
C MET B 21 5.60 -0.64 -8.39
N ILE B 22 5.52 -1.96 -8.41
CA ILE B 22 5.56 -2.70 -9.66
C ILE B 22 4.38 -2.28 -10.55
N SER B 23 3.21 -2.16 -9.94
CA SER B 23 2.02 -1.76 -10.69
C SER B 23 2.30 -0.51 -11.51
N ASN B 24 2.94 0.48 -10.88
CA ASN B 24 3.26 1.72 -11.57
C ASN B 24 4.22 1.46 -12.72
N LEU B 25 5.21 0.61 -12.49
CA LEU B 25 6.18 0.28 -13.53
C LEU B 25 5.71 -0.92 -14.34
CA CA C . 4.32 -18.58 -8.86
CA CA D . 16.44 -14.33 -7.86
CA CA E . -16.32 9.96 1.38
CA CA F . -14.93 17.14 10.41
N ALA A 1 6.98 -4.02 15.16
CA ALA A 1 6.79 -4.80 16.42
C ALA A 1 6.29 -6.20 16.06
N ASP A 2 6.81 -6.75 14.97
CA ASP A 2 6.40 -8.09 14.54
C ASP A 2 7.61 -8.87 14.02
N ILE A 3 7.59 -10.18 14.21
CA ILE A 3 8.68 -11.03 13.76
C ILE A 3 8.51 -11.38 12.28
N LEU A 4 7.43 -12.10 11.97
CA LEU A 4 7.16 -12.49 10.59
C LEU A 4 5.89 -13.34 10.52
N SER A 5 4.74 -12.69 10.56
CA SER A 5 3.48 -13.41 10.48
C SER A 5 3.13 -13.73 9.04
N GLU A 6 2.41 -14.83 8.84
CA GLU A 6 2.01 -15.24 7.49
C GLU A 6 1.28 -14.10 6.79
N GLU A 7 0.70 -13.20 7.57
CA GLU A 7 -0.04 -12.08 7.00
C GLU A 7 0.89 -11.22 6.13
N GLN A 8 2.18 -11.24 6.45
CA GLN A 8 3.16 -10.48 5.67
C GLN A 8 3.46 -11.20 4.36
N ILE A 9 3.81 -12.47 4.46
CA ILE A 9 4.11 -13.27 3.27
C ILE A 9 2.89 -13.35 2.38
N VAL A 10 1.72 -13.49 2.99
CA VAL A 10 0.49 -13.58 2.22
C VAL A 10 0.28 -12.28 1.44
N ASP A 11 0.39 -11.14 2.11
CA ASP A 11 0.19 -9.87 1.45
C ASP A 11 1.06 -9.78 0.20
N PHE A 12 2.35 -10.06 0.37
CA PHE A 12 3.27 -10.03 -0.76
C PHE A 12 2.86 -11.06 -1.80
N LYS A 13 2.39 -12.20 -1.33
CA LYS A 13 1.99 -13.27 -2.25
C LYS A 13 0.91 -12.76 -3.20
N GLU A 14 -0.03 -12.00 -2.66
CA GLU A 14 -1.11 -11.46 -3.47
C GLU A 14 -0.54 -10.53 -4.55
N ALA A 15 0.35 -9.63 -4.12
CA ALA A 15 0.97 -8.70 -5.07
C ALA A 15 1.69 -9.46 -6.18
N PHE A 16 2.47 -10.46 -5.79
CA PHE A 16 3.19 -11.26 -6.78
C PHE A 16 2.21 -11.92 -7.75
N GLY A 17 1.16 -12.51 -7.21
CA GLY A 17 0.16 -13.19 -8.03
C GLY A 17 -0.39 -12.24 -9.09
N LEU A 18 -0.57 -10.98 -8.71
CA LEU A 18 -1.09 -9.99 -9.65
C LEU A 18 -0.14 -9.81 -10.82
N PHE A 19 1.15 -9.73 -10.51
CA PHE A 19 2.16 -9.56 -11.55
C PHE A 19 2.31 -10.83 -12.37
N ASP A 20 2.28 -11.97 -11.68
CA ASP A 20 2.42 -13.26 -12.35
C ASP A 20 1.06 -13.84 -12.71
N LYS A 21 0.52 -13.38 -13.83
CA LYS A 21 -0.79 -13.84 -14.27
C LYS A 21 -0.77 -15.35 -14.48
N ASP A 22 0.31 -15.85 -15.08
CA ASP A 22 0.44 -17.28 -15.33
C ASP A 22 1.16 -17.95 -14.18
N GLY A 23 0.96 -17.44 -12.96
CA GLY A 23 1.59 -18.00 -11.74
C GLY A 23 2.73 -18.96 -12.09
N ASP A 24 3.71 -18.45 -12.83
CA ASP A 24 4.83 -19.27 -13.24
C ASP A 24 5.82 -19.44 -12.08
N GLY A 25 5.85 -18.43 -11.20
CA GLY A 25 6.76 -18.47 -10.05
C GLY A 25 7.87 -17.43 -10.18
N CYS A 26 7.73 -16.53 -11.16
CA CYS A 26 8.72 -15.49 -11.38
C CYS A 26 8.12 -14.34 -12.17
N ILE A 27 8.80 -13.20 -12.17
CA ILE A 27 8.33 -12.02 -12.91
C ILE A 27 9.32 -11.67 -14.01
N THR A 28 8.81 -11.56 -15.24
CA THR A 28 9.66 -11.23 -16.39
C THR A 28 9.52 -9.74 -16.74
N VAL A 29 9.99 -9.39 -17.93
CA VAL A 29 9.91 -8.02 -18.42
C VAL A 29 8.60 -7.79 -19.18
N GLU A 30 8.19 -8.79 -19.96
CA GLU A 30 6.96 -8.69 -20.74
C GLU A 30 5.75 -8.66 -19.82
N GLU A 31 5.79 -9.46 -18.76
CA GLU A 31 4.68 -9.52 -17.81
C GLU A 31 4.60 -8.21 -17.03
N LEU A 32 5.73 -7.80 -16.47
CA LEU A 32 5.78 -6.56 -15.71
C LEU A 32 5.43 -5.38 -16.60
N ALA A 33 5.86 -5.45 -17.85
CA ALA A 33 5.59 -4.38 -18.79
C ALA A 33 4.08 -4.25 -19.02
N THR A 34 3.41 -5.39 -19.17
CA THR A 34 1.97 -5.38 -19.40
C THR A 34 1.26 -4.70 -18.24
N VAL A 35 1.57 -5.11 -17.03
CA VAL A 35 0.95 -4.52 -15.85
C VAL A 35 1.31 -3.04 -15.76
N ILE A 36 2.57 -2.72 -16.03
CA ILE A 36 3.02 -1.34 -15.98
C ILE A 36 2.22 -0.51 -16.99
N ARG A 37 2.06 -1.03 -18.19
CA ARG A 37 1.32 -0.31 -19.22
C ARG A 37 -0.13 -0.17 -18.82
N SER A 38 -0.58 -1.04 -17.91
CA SER A 38 -1.96 -1.00 -17.44
C SER A 38 -2.05 -0.19 -16.15
N LEU A 39 -1.04 0.65 -15.91
CA LEU A 39 -1.00 1.48 -14.70
C LEU A 39 -1.23 2.94 -15.05
N ASP A 40 -1.63 3.19 -16.28
CA ASP A 40 -1.88 4.56 -16.73
C ASP A 40 -0.57 5.27 -17.02
N GLN A 41 0.47 4.48 -17.31
CA GLN A 41 1.77 5.06 -17.62
C GLN A 41 2.56 4.12 -18.52
N ASN A 42 3.49 4.69 -19.29
CA ASN A 42 4.31 3.90 -20.20
C ASN A 42 5.78 4.32 -20.12
N PRO A 43 6.47 3.87 -19.10
CA PRO A 43 7.91 4.20 -18.89
C PRO A 43 8.78 3.57 -19.98
N THR A 44 9.95 4.17 -20.21
CA THR A 44 10.87 3.67 -21.22
C THR A 44 11.43 2.31 -20.79
N GLU A 45 11.59 1.41 -21.76
CA GLU A 45 12.13 0.07 -21.47
C GLU A 45 13.52 0.18 -20.86
N GLU A 46 14.29 1.18 -21.30
CA GLU A 46 15.65 1.36 -20.79
C GLU A 46 15.62 1.45 -19.27
N GLU A 47 14.86 2.38 -18.74
CA GLU A 47 14.76 2.55 -17.29
C GLU A 47 14.09 1.34 -16.67
N LEU A 48 13.13 0.76 -17.39
CA LEU A 48 12.43 -0.40 -16.89
C LEU A 48 13.39 -1.56 -16.65
N GLN A 49 14.16 -1.91 -17.68
CA GLN A 49 15.12 -2.99 -17.56
C GLN A 49 16.24 -2.61 -16.61
N ASP A 50 16.65 -1.34 -16.66
CA ASP A 50 17.72 -0.86 -15.79
C ASP A 50 17.28 -0.88 -14.32
N MET A 51 16.03 -0.47 -14.09
CA MET A 51 15.51 -0.43 -12.73
C MET A 51 15.49 -1.83 -12.13
N ILE A 52 15.01 -2.80 -12.91
CA ILE A 52 14.94 -4.18 -12.44
C ILE A 52 16.35 -4.74 -12.23
N SER A 53 17.25 -4.41 -13.16
CA SER A 53 18.62 -4.90 -13.08
C SER A 53 19.34 -4.29 -11.88
N GLU A 54 18.99 -3.05 -11.54
CA GLU A 54 19.62 -2.37 -10.41
C GLU A 54 19.39 -3.15 -9.12
N VAL A 55 18.18 -3.67 -8.95
CA VAL A 55 17.83 -4.44 -7.76
C VAL A 55 18.21 -5.92 -7.93
N ASP A 56 18.01 -6.43 -9.14
CA ASP A 56 18.31 -7.83 -9.42
C ASP A 56 19.81 -8.03 -9.58
N ALA A 57 20.46 -8.42 -8.47
CA ALA A 57 21.90 -8.64 -8.48
C ALA A 57 22.31 -9.41 -9.74
N ASP A 58 21.82 -10.63 -9.88
CA ASP A 58 22.15 -11.45 -11.03
C ASP A 58 21.51 -10.88 -12.29
N GLY A 59 20.99 -9.64 -12.20
CA GLY A 59 20.35 -8.95 -13.33
C GLY A 59 20.08 -9.91 -14.48
N ASN A 60 19.29 -10.93 -14.20
CA ASN A 60 18.96 -11.94 -15.20
C ASN A 60 17.75 -11.51 -16.02
N GLY A 61 17.10 -10.44 -15.59
CA GLY A 61 15.92 -9.92 -16.27
C GLY A 61 14.65 -10.49 -15.67
N THR A 62 14.80 -11.23 -14.57
CA THR A 62 13.65 -11.82 -13.89
C THR A 62 13.74 -11.61 -12.39
N ILE A 63 12.67 -11.07 -11.80
CA ILE A 63 12.65 -10.81 -10.36
C ILE A 63 11.98 -11.99 -9.65
N GLU A 64 12.75 -12.65 -8.79
CA GLU A 64 12.25 -13.79 -8.04
C GLU A 64 11.50 -13.31 -6.79
N PHE A 65 10.64 -14.18 -6.27
CA PHE A 65 9.86 -13.83 -5.08
C PHE A 65 10.75 -13.16 -4.03
N ASP A 66 11.81 -13.85 -3.65
CA ASP A 66 12.73 -13.32 -2.65
C ASP A 66 13.21 -11.93 -3.04
N GLU A 67 13.40 -11.71 -4.33
CA GLU A 67 13.85 -10.42 -4.81
C GLU A 67 12.73 -9.38 -4.75
N PHE A 68 11.54 -9.80 -5.17
CA PHE A 68 10.39 -8.89 -5.17
C PHE A 68 10.11 -8.38 -3.75
N LEU A 69 10.08 -9.31 -2.80
CA LEU A 69 9.81 -8.96 -1.41
C LEU A 69 10.91 -8.05 -0.89
N SER A 70 12.16 -8.41 -1.14
CA SER A 70 13.27 -7.61 -0.66
C SER A 70 13.15 -6.17 -1.16
N LEU A 71 12.83 -6.03 -2.44
CA LEU A 71 12.70 -4.70 -3.02
C LEU A 71 11.79 -3.81 -2.17
N MET A 72 10.55 -4.26 -1.99
CA MET A 72 9.59 -3.48 -1.21
C MET A 72 9.81 -3.65 0.29
N ALA A 73 9.99 -4.88 0.72
CA ALA A 73 10.18 -5.17 2.13
C ALA A 73 11.21 -4.22 2.74
N LYS A 74 12.16 -3.79 1.93
CA LYS A 74 13.20 -2.91 2.44
C LYS A 74 12.59 -1.70 3.13
N LYS A 75 11.99 -0.81 2.34
CA LYS A 75 11.38 0.39 2.90
C LYS A 75 10.86 1.29 1.78
N VAL A 76 9.79 0.84 1.12
CA VAL A 76 9.17 1.61 0.05
C VAL A 76 9.18 3.09 0.40
N LYS A 77 9.10 3.92 -0.63
CA LYS A 77 9.10 5.38 -0.44
C LYS A 77 7.82 6.00 -0.96
N ASP A 78 7.35 5.51 -2.10
CA ASP A 78 6.13 6.02 -2.72
C ASP A 78 6.44 7.27 -3.55
N THR A 79 6.79 8.36 -2.87
CA THR A 79 7.11 9.59 -3.57
C THR A 79 7.61 10.65 -2.58
N ASP A 80 6.68 11.19 -1.79
CA ASP A 80 7.03 12.21 -0.80
C ASP A 80 6.05 12.20 0.37
N ALA A 81 6.41 12.88 1.44
CA ALA A 81 5.56 12.93 2.61
C ALA A 81 4.14 13.30 2.21
N GLU A 82 4.00 14.38 1.44
CA GLU A 82 2.68 14.81 0.99
C GLU A 82 2.15 13.85 -0.08
N GLU A 83 2.80 13.87 -1.24
CA GLU A 83 2.40 12.99 -2.35
C GLU A 83 1.90 11.64 -1.81
N GLU A 84 2.58 11.16 -0.77
CA GLU A 84 2.21 9.91 -0.13
C GLU A 84 0.89 10.08 0.61
N LEU A 85 0.77 11.15 1.38
CA LEU A 85 -0.45 11.42 2.13
C LEU A 85 -1.62 11.63 1.17
N LYS A 86 -1.31 11.81 -0.10
CA LYS A 86 -2.34 11.99 -1.11
C LYS A 86 -2.89 10.64 -1.57
N GLU A 87 -1.98 9.70 -1.86
CA GLU A 87 -2.40 8.37 -2.29
C GLU A 87 -3.24 7.72 -1.19
N ALA A 88 -2.77 7.81 0.04
CA ALA A 88 -3.49 7.24 1.16
C ALA A 88 -4.90 7.82 1.23
N PHE A 89 -4.99 9.15 1.16
CA PHE A 89 -6.29 9.81 1.19
C PHE A 89 -7.16 9.33 0.05
N LYS A 90 -6.56 9.19 -1.13
CA LYS A 90 -7.29 8.74 -2.32
C LYS A 90 -7.88 7.36 -2.08
N VAL A 91 -7.16 6.52 -1.35
CA VAL A 91 -7.64 5.17 -1.06
C VAL A 91 -8.77 5.22 -0.04
N PHE A 92 -8.46 5.75 1.14
CA PHE A 92 -9.45 5.85 2.20
C PHE A 92 -10.72 6.48 1.64
N ASP A 93 -10.54 7.52 0.83
CA ASP A 93 -11.69 8.19 0.21
C ASP A 93 -12.05 7.51 -1.10
N LYS A 94 -12.36 6.22 -1.05
CA LYS A 94 -12.69 5.47 -2.26
C LYS A 94 -13.54 6.31 -3.21
N ASP A 95 -14.70 6.76 -2.73
CA ASP A 95 -15.59 7.57 -3.55
C ASP A 95 -14.92 8.88 -3.95
N GLN A 96 -13.82 9.20 -3.28
CA GLN A 96 -13.09 10.43 -3.57
C GLN A 96 -14.05 11.62 -3.62
N ASN A 97 -14.59 11.98 -2.45
CA ASN A 97 -15.52 13.11 -2.36
C ASN A 97 -14.84 14.29 -1.69
N GLY A 98 -13.60 14.11 -1.27
CA GLY A 98 -12.85 15.16 -0.60
C GLY A 98 -12.96 15.03 0.91
N TYR A 99 -13.64 13.97 1.37
CA TYR A 99 -13.80 13.74 2.80
C TYR A 99 -13.82 12.23 3.09
N ILE A 100 -13.37 11.86 4.28
CA ILE A 100 -13.33 10.46 4.67
C ILE A 100 -14.57 10.11 5.49
N SER A 101 -15.45 9.31 4.92
CA SER A 101 -16.67 8.90 5.61
C SER A 101 -16.39 7.70 6.51
N ALA A 102 -17.19 7.55 7.55
CA ALA A 102 -17.01 6.44 8.48
C ALA A 102 -17.06 5.11 7.74
N SER A 103 -18.02 4.96 6.83
CA SER A 103 -18.14 3.72 6.07
C SER A 103 -16.90 3.47 5.23
N GLU A 104 -16.40 4.51 4.58
CA GLU A 104 -15.21 4.37 3.75
C GLU A 104 -14.02 3.94 4.61
N LEU A 105 -13.78 4.70 5.68
CA LEU A 105 -12.67 4.39 6.58
C LEU A 105 -12.89 3.02 7.22
N ARG A 106 -14.15 2.58 7.24
CA ARG A 106 -14.50 1.30 7.82
C ARG A 106 -14.27 0.18 6.84
N HIS A 107 -14.62 0.41 5.58
CA HIS A 107 -14.46 -0.60 4.54
C HIS A 107 -13.01 -1.03 4.46
N VAL A 108 -12.10 -0.06 4.34
CA VAL A 108 -10.69 -0.39 4.26
C VAL A 108 -10.25 -1.09 5.53
N MET A 109 -10.31 -0.38 6.68
CA MET A 109 -9.89 -0.97 7.95
C MET A 109 -10.18 -2.47 8.00
N ILE A 110 -11.44 -2.81 8.15
CA ILE A 110 -11.84 -4.21 8.22
C ILE A 110 -11.28 -4.99 7.04
N ASN A 111 -11.41 -4.42 5.85
CA ASN A 111 -10.93 -5.08 4.64
C ASN A 111 -9.41 -5.11 4.63
N LEU A 112 -8.80 -4.42 5.58
CA LEU A 112 -7.34 -4.37 5.64
C LEU A 112 -6.79 -5.54 6.46
N GLY A 113 -7.62 -6.56 6.63
CA GLY A 113 -7.20 -7.74 7.38
C GLY A 113 -7.30 -7.49 8.87
N GLU A 114 -7.51 -6.23 9.25
CA GLU A 114 -7.62 -5.88 10.67
C GLU A 114 -9.05 -6.07 11.14
N LYS A 115 -9.20 -6.55 12.38
CA LYS A 115 -10.54 -6.76 12.95
C LYS A 115 -10.87 -5.68 13.96
N LEU A 116 -11.55 -4.65 13.48
CA LEU A 116 -11.94 -3.52 14.34
C LEU A 116 -13.44 -3.53 14.61
N THR A 117 -13.78 -3.41 15.88
CA THR A 117 -15.18 -3.39 16.28
C THR A 117 -15.85 -2.11 15.79
N ASP A 118 -17.17 -2.04 15.96
CA ASP A 118 -17.92 -0.87 15.52
C ASP A 118 -17.65 0.32 16.46
N GLU A 119 -17.45 0.03 17.73
CA GLU A 119 -17.18 1.10 18.70
C GLU A 119 -15.81 1.71 18.45
N GLU A 120 -14.83 0.87 18.11
CA GLU A 120 -13.49 1.36 17.83
C GLU A 120 -13.48 2.28 16.62
N VAL A 121 -14.16 1.85 15.56
CA VAL A 121 -14.23 2.65 14.35
C VAL A 121 -14.93 3.98 14.62
N GLU A 122 -16.06 3.92 15.31
CA GLU A 122 -16.82 5.12 15.64
C GLU A 122 -16.01 6.01 16.58
N GLN A 123 -15.07 5.40 17.28
CA GLN A 123 -14.25 6.16 18.21
C GLN A 123 -13.21 7.00 17.47
N MET A 124 -12.38 6.33 16.69
CA MET A 124 -11.32 7.03 15.95
C MET A 124 -11.90 8.14 15.09
N ILE A 125 -12.94 7.82 14.34
CA ILE A 125 -13.55 8.81 13.47
C ILE A 125 -14.05 10.00 14.28
N LYS A 126 -14.65 9.72 15.43
CA LYS A 126 -15.15 10.77 16.30
C LYS A 126 -14.00 11.54 16.94
N GLU A 127 -12.93 10.82 17.29
CA GLU A 127 -11.79 11.45 17.93
C GLU A 127 -10.90 12.14 16.91
N ALA A 128 -10.35 11.36 15.97
CA ALA A 128 -9.48 11.92 14.94
C ALA A 128 -10.08 13.19 14.36
N ASP A 129 -11.40 13.27 14.36
CA ASP A 129 -12.10 14.44 13.83
C ASP A 129 -12.25 15.50 14.93
N LEU A 130 -11.65 16.66 14.70
CA LEU A 130 -11.71 17.75 15.67
C LEU A 130 -13.11 18.28 15.82
N ASP A 131 -13.77 18.56 14.71
CA ASP A 131 -15.12 19.08 14.74
C ASP A 131 -16.15 17.96 14.65
N GLY A 132 -15.67 16.73 14.45
CA GLY A 132 -16.57 15.59 14.35
C GLY A 132 -17.41 15.68 13.10
N ASP A 133 -18.71 15.60 13.28
CA ASP A 133 -19.65 15.68 12.16
C ASP A 133 -19.74 14.33 11.44
N GLY A 134 -19.14 13.31 12.04
CA GLY A 134 -19.16 11.98 11.45
C GLY A 134 -18.46 11.96 10.10
N GLN A 135 -17.73 13.03 9.80
CA GLN A 135 -17.01 13.13 8.53
C GLN A 135 -15.69 13.84 8.72
N VAL A 136 -14.64 13.32 8.10
CA VAL A 136 -13.30 13.91 8.20
C VAL A 136 -12.87 14.47 6.85
N ASN A 137 -12.50 15.74 6.85
CA ASN A 137 -12.04 16.39 5.63
C ASN A 137 -10.53 16.27 5.48
N TYR A 138 -10.07 16.23 4.24
CA TYR A 138 -8.64 16.12 3.98
C TYR A 138 -7.86 17.05 4.89
N GLU A 139 -8.38 18.26 5.08
CA GLU A 139 -7.70 19.23 5.93
C GLU A 139 -7.50 18.67 7.34
N GLU A 140 -8.59 18.18 7.92
CA GLU A 140 -8.53 17.62 9.28
C GLU A 140 -7.57 16.43 9.30
N PHE A 141 -7.62 15.62 8.25
CA PHE A 141 -6.74 14.46 8.18
C PHE A 141 -5.27 14.90 8.26
N VAL A 142 -4.92 15.85 7.41
CA VAL A 142 -3.55 16.35 7.38
C VAL A 142 -3.16 16.86 8.76
N LYS A 143 -4.07 17.58 9.41
CA LYS A 143 -3.80 18.12 10.73
C LYS A 143 -3.40 17.01 11.69
N MET A 144 -4.03 15.85 11.57
CA MET A 144 -3.69 14.73 12.45
C MET A 144 -2.24 14.28 12.23
N MET A 145 -1.82 14.26 10.98
CA MET A 145 -0.46 13.85 10.65
C MET A 145 0.53 14.98 10.93
N MET A 146 -0.01 16.20 11.09
CA MET A 146 0.83 17.37 11.35
C MET A 146 0.28 18.17 12.51
N THR A 147 -0.34 17.47 13.46
CA THR A 147 -0.93 18.11 14.64
C THR A 147 -1.98 17.19 15.27
N VAL A 148 -1.63 16.59 16.39
CA VAL A 148 -2.57 15.70 17.07
C VAL A 148 -3.56 16.50 17.91
N ARG A 149 -3.06 17.14 18.96
CA ARG A 149 -3.91 17.93 19.84
C ARG A 149 -5.23 17.21 20.11
N ALA B 1 -6.20 5.83 19.31
CA ALA B 1 -6.59 5.75 17.88
C ALA B 1 -5.51 6.40 17.02
N ARG B 2 -4.60 7.11 17.66
CA ARG B 2 -3.52 7.78 16.94
C ARG B 2 -2.69 6.76 16.16
N GLN B 3 -2.32 5.68 16.84
CA GLN B 3 -1.51 4.64 16.21
C GLN B 3 -2.34 3.91 15.15
N ARG B 4 -3.62 3.74 15.43
CA ARG B 4 -4.49 3.06 14.49
C ARG B 4 -4.57 3.82 13.18
N TRP B 5 -4.71 5.13 13.26
CA TRP B 5 -4.77 5.95 12.07
C TRP B 5 -3.49 5.79 11.26
N ARG B 6 -2.36 5.90 11.96
CA ARG B 6 -1.08 5.75 11.29
C ARG B 6 -0.92 4.32 10.79
N SER B 7 -1.47 3.38 11.55
CA SER B 7 -1.39 1.97 11.17
C SER B 7 -2.10 1.76 9.84
N SER B 8 -3.27 2.35 9.71
CA SER B 8 -4.03 2.21 8.46
C SER B 8 -3.22 2.77 7.30
N VAL B 9 -2.61 3.93 7.52
CA VAL B 9 -1.81 4.56 6.48
C VAL B 9 -0.55 3.75 6.20
N SER B 10 0.08 3.26 7.27
CA SER B 10 1.30 2.48 7.14
C SER B 10 1.02 1.14 6.46
N ILE B 11 -0.03 0.47 6.93
CA ILE B 11 -0.38 -0.83 6.36
C ILE B 11 -0.72 -0.66 4.88
N VAL B 12 -1.43 0.40 4.56
CA VAL B 12 -1.81 0.66 3.18
C VAL B 12 -0.56 0.84 2.33
N LYS B 13 0.41 1.58 2.83
CA LYS B 13 1.63 1.81 2.08
C LYS B 13 2.35 0.47 1.86
N ASN B 14 2.34 -0.35 2.89
CA ASN B 14 3.02 -1.63 2.83
C ASN B 14 2.30 -2.56 1.86
N ARG B 15 0.97 -2.48 1.89
CA ARG B 15 0.17 -3.32 1.01
C ARG B 15 0.43 -2.98 -0.45
N ALA B 16 0.49 -1.68 -0.76
CA ALA B 16 0.73 -1.24 -2.12
C ALA B 16 -0.04 -2.11 -3.13
N ARG B 17 -1.36 -2.11 -3.01
CA ARG B 17 -2.19 -2.90 -3.91
C ARG B 17 -2.25 -2.24 -5.28
N ARG B 18 -1.19 -1.52 -5.63
CA ARG B 18 -1.14 -0.82 -6.93
C ARG B 18 0.29 -0.75 -7.43
N PHE B 19 1.24 -1.16 -6.60
CA PHE B 19 2.65 -1.14 -6.98
C PHE B 19 3.12 0.30 -7.14
N ARG B 20 2.89 1.12 -6.13
CA ARG B 20 3.29 2.51 -6.18
C ARG B 20 4.75 2.62 -6.59
N MET B 21 5.57 1.69 -6.13
CA MET B 21 6.99 1.72 -6.45
C MET B 21 7.21 1.56 -7.96
N ILE B 22 6.94 0.36 -8.47
CA ILE B 22 7.10 0.08 -9.89
C ILE B 22 6.18 0.96 -10.72
N SER B 23 4.93 1.07 -10.28
CA SER B 23 3.95 1.86 -11.01
C SER B 23 4.49 3.26 -11.26
N ASN B 24 5.06 3.88 -10.23
CA ASN B 24 5.62 5.22 -10.35
C ASN B 24 6.80 5.21 -11.32
N LEU B 25 7.63 4.16 -11.24
CA LEU B 25 8.79 4.05 -12.11
C LEU B 25 8.46 3.15 -13.32
CA CA C . 5.18 -15.28 -14.66
CA CA D . 16.97 -12.36 -10.42
CA CA E . -15.95 10.27 0.64
CA CA F . -15.18 17.22 10.43
N ALA A 1 8.28 0.34 13.89
CA ALA A 1 8.02 1.02 12.60
C ALA A 1 9.03 2.16 12.41
N ASP A 2 10.30 1.80 12.27
CA ASP A 2 11.35 2.80 12.09
C ASP A 2 12.59 2.17 11.47
N ILE A 3 13.54 1.77 12.32
CA ILE A 3 14.76 1.16 11.84
C ILE A 3 14.45 -0.09 11.05
N LEU A 4 13.75 -1.03 11.66
CA LEU A 4 13.41 -2.29 10.99
C LEU A 4 12.90 -3.31 12.01
N SER A 5 11.65 -3.16 12.40
CA SER A 5 11.06 -4.08 13.36
C SER A 5 10.78 -5.43 12.70
N GLU A 6 10.60 -6.46 13.52
CA GLU A 6 10.33 -7.80 13.01
C GLU A 6 9.09 -7.78 12.12
N GLU A 7 8.24 -6.77 12.30
CA GLU A 7 7.03 -6.64 11.49
C GLU A 7 7.41 -6.47 10.02
N GLN A 8 8.24 -5.48 9.74
CA GLN A 8 8.66 -5.21 8.36
C GLN A 8 9.11 -6.51 7.71
N ILE A 9 9.81 -7.34 8.47
CA ILE A 9 10.28 -8.61 7.96
C ILE A 9 9.11 -9.56 7.74
N VAL A 10 8.19 -9.59 8.70
CA VAL A 10 7.03 -10.48 8.58
C VAL A 10 6.21 -10.12 7.35
N ASP A 11 5.89 -8.83 7.21
CA ASP A 11 5.11 -8.39 6.07
C ASP A 11 5.86 -8.67 4.78
N PHE A 12 7.12 -8.27 4.75
CA PHE A 12 7.95 -8.48 3.57
C PHE A 12 8.01 -9.97 3.26
N LYS A 13 8.17 -10.77 4.29
CA LYS A 13 8.24 -12.21 4.13
C LYS A 13 6.91 -12.74 3.60
N GLU A 14 5.83 -12.12 4.03
CA GLU A 14 4.50 -12.54 3.60
C GLU A 14 4.37 -12.41 2.09
N ALA A 15 4.75 -11.24 1.57
CA ALA A 15 4.67 -10.99 0.13
C ALA A 15 5.59 -11.95 -0.61
N PHE A 16 6.74 -12.25 -0.02
CA PHE A 16 7.69 -13.15 -0.64
C PHE A 16 7.07 -14.52 -0.86
N GLY A 17 6.49 -15.07 0.20
CA GLY A 17 5.87 -16.38 0.12
C GLY A 17 4.74 -16.37 -0.89
N LEU A 18 4.09 -15.23 -1.04
CA LEU A 18 2.97 -15.11 -1.98
C LEU A 18 3.47 -15.37 -3.40
N PHE A 19 4.50 -14.63 -3.79
CA PHE A 19 5.05 -14.78 -5.14
C PHE A 19 5.55 -16.21 -5.34
N ASP A 20 5.98 -16.84 -4.25
CA ASP A 20 6.48 -18.21 -4.32
C ASP A 20 5.36 -19.19 -4.00
N LYS A 21 4.54 -19.50 -4.98
CA LYS A 21 3.44 -20.43 -4.80
C LYS A 21 3.95 -21.86 -4.71
N ASP A 22 5.20 -22.06 -5.14
CA ASP A 22 5.83 -23.38 -5.12
C ASP A 22 6.96 -23.43 -4.11
N GLY A 23 6.88 -22.57 -3.08
CA GLY A 23 7.91 -22.52 -2.03
C GLY A 23 9.23 -23.10 -2.50
N ASP A 24 9.81 -22.49 -3.53
CA ASP A 24 11.08 -22.96 -4.06
C ASP A 24 12.24 -22.30 -3.35
N GLY A 25 11.99 -21.08 -2.84
CA GLY A 25 13.01 -20.32 -2.13
C GLY A 25 13.46 -19.10 -2.93
N CYS A 26 12.91 -18.94 -4.12
CA CYS A 26 13.26 -17.82 -4.98
C CYS A 26 12.18 -17.58 -6.02
N ILE A 27 12.22 -16.42 -6.67
CA ILE A 27 11.23 -16.09 -7.69
C ILE A 27 11.89 -16.11 -9.07
N THR A 28 11.51 -17.08 -9.88
CA THR A 28 12.08 -17.21 -11.23
C THR A 28 11.42 -16.23 -12.20
N VAL A 29 11.67 -16.44 -13.50
CA VAL A 29 11.10 -15.59 -14.52
C VAL A 29 9.67 -16.03 -14.84
N GLU A 30 9.49 -17.33 -15.08
CA GLU A 30 8.18 -17.86 -15.40
C GLU A 30 7.23 -17.64 -14.22
N GLU A 31 7.70 -17.94 -13.03
CA GLU A 31 6.89 -17.77 -11.82
C GLU A 31 6.35 -16.35 -11.77
N LEU A 32 7.24 -15.39 -11.98
CA LEU A 32 6.83 -13.98 -11.95
C LEU A 32 5.81 -13.71 -13.05
N ALA A 33 6.05 -14.27 -14.23
CA ALA A 33 5.15 -14.06 -15.34
C ALA A 33 3.72 -14.48 -14.97
N THR A 34 3.59 -15.70 -14.46
CA THR A 34 2.27 -16.21 -14.07
C THR A 34 1.61 -15.25 -13.07
N VAL A 35 2.36 -14.86 -12.06
CA VAL A 35 1.84 -13.94 -11.05
C VAL A 35 1.48 -12.61 -11.69
N ILE A 36 2.35 -12.12 -12.56
CA ILE A 36 2.10 -10.86 -13.25
C ILE A 36 0.86 -10.98 -14.13
N ARG A 37 0.73 -12.11 -14.82
CA ARG A 37 -0.42 -12.32 -15.69
C ARG A 37 -1.71 -12.07 -14.91
N SER A 38 -1.89 -12.80 -13.82
CA SER A 38 -3.08 -12.63 -13.01
C SER A 38 -3.12 -11.22 -12.42
N LEU A 39 -1.96 -10.73 -11.99
CA LEU A 39 -1.87 -9.39 -11.41
C LEU A 39 -1.91 -8.34 -12.53
N ASP A 40 -1.93 -8.80 -13.76
CA ASP A 40 -1.96 -7.86 -14.88
C ASP A 40 -2.51 -8.53 -16.12
N GLN A 41 -1.94 -8.22 -17.27
CA GLN A 41 -2.38 -8.81 -18.54
C GLN A 41 -1.37 -9.82 -19.05
N ASN A 42 -0.38 -9.33 -19.80
CA ASN A 42 0.65 -10.21 -20.35
C ASN A 42 1.81 -9.40 -20.92
N PRO A 43 2.49 -8.67 -20.08
CA PRO A 43 3.65 -7.83 -20.53
C PRO A 43 4.80 -8.68 -21.04
N THR A 44 5.44 -8.21 -22.11
CA THR A 44 6.56 -8.94 -22.69
C THR A 44 7.59 -9.31 -21.63
N GLU A 45 8.03 -10.56 -21.65
CA GLU A 45 9.02 -11.02 -20.68
C GLU A 45 10.22 -10.09 -20.66
N GLU A 46 10.38 -9.32 -21.73
CA GLU A 46 11.50 -8.40 -21.81
C GLU A 46 11.44 -7.36 -20.70
N GLU A 47 10.25 -6.81 -20.47
CA GLU A 47 10.07 -5.82 -19.42
C GLU A 47 10.27 -6.45 -18.05
N LEU A 48 9.94 -7.73 -17.95
CA LEU A 48 10.09 -8.45 -16.69
C LEU A 48 11.56 -8.80 -16.43
N GLN A 49 12.23 -9.30 -17.46
CA GLN A 49 13.63 -9.66 -17.34
C GLN A 49 14.48 -8.40 -17.18
N ASP A 50 13.95 -7.28 -17.66
CA ASP A 50 14.66 -6.02 -17.55
C ASP A 50 14.75 -5.58 -16.10
N MET A 51 13.60 -5.44 -15.46
CA MET A 51 13.58 -5.02 -14.05
C MET A 51 14.19 -6.10 -13.16
N ILE A 52 13.92 -7.35 -13.51
CA ILE A 52 14.44 -8.47 -12.75
C ILE A 52 15.93 -8.63 -12.98
N SER A 53 16.44 -7.96 -13.99
CA SER A 53 17.87 -8.02 -14.30
C SER A 53 18.64 -6.91 -13.59
N GLU A 54 18.02 -5.74 -13.48
CA GLU A 54 18.67 -4.61 -12.81
C GLU A 54 18.95 -4.89 -11.35
N VAL A 55 18.00 -5.55 -10.69
CA VAL A 55 18.14 -5.88 -9.27
C VAL A 55 18.93 -7.18 -9.09
N ASP A 56 19.13 -7.90 -10.18
CA ASP A 56 19.87 -9.16 -10.13
C ASP A 56 21.37 -8.90 -10.11
N ALA A 57 21.96 -8.96 -8.92
CA ALA A 57 23.39 -8.74 -8.77
C ALA A 57 24.15 -10.05 -8.95
N ASP A 58 23.44 -11.11 -9.29
CA ASP A 58 24.05 -12.43 -9.49
C ASP A 58 23.63 -13.03 -10.82
N GLY A 59 23.18 -12.17 -11.75
CA GLY A 59 22.75 -12.64 -13.07
C GLY A 59 22.17 -14.05 -12.98
N ASN A 60 21.42 -14.32 -11.92
CA ASN A 60 20.83 -15.63 -11.72
C ASN A 60 19.47 -15.72 -12.40
N GLY A 61 18.80 -14.58 -12.55
CA GLY A 61 17.49 -14.54 -13.18
C GLY A 61 16.40 -14.79 -12.16
N THR A 62 16.77 -14.81 -10.87
CA THR A 62 15.80 -15.03 -9.80
C THR A 62 16.02 -14.04 -8.68
N ILE A 63 14.99 -13.87 -7.84
CA ILE A 63 15.07 -12.92 -6.73
C ILE A 63 15.12 -13.69 -5.40
N GLU A 64 16.08 -13.31 -4.56
CA GLU A 64 16.26 -13.95 -3.25
C GLU A 64 15.79 -13.02 -2.15
N PHE A 65 15.51 -13.59 -0.98
CA PHE A 65 15.03 -12.80 0.16
C PHE A 65 15.85 -11.53 0.31
N ASP A 66 17.17 -11.68 0.29
CA ASP A 66 18.05 -10.53 0.42
C ASP A 66 17.81 -9.53 -0.71
N GLU A 67 17.50 -10.06 -1.89
CA GLU A 67 17.23 -9.22 -3.04
C GLU A 67 15.83 -8.61 -2.95
N PHE A 68 14.86 -9.43 -2.57
CA PHE A 68 13.48 -8.97 -2.45
C PHE A 68 13.40 -7.87 -1.40
N LEU A 69 14.05 -8.09 -0.26
CA LEU A 69 14.03 -7.11 0.81
C LEU A 69 14.67 -5.81 0.34
N SER A 70 15.83 -5.93 -0.30
CA SER A 70 16.53 -4.76 -0.80
C SER A 70 15.68 -3.99 -1.80
N LEU A 71 15.01 -4.74 -2.68
CA LEU A 71 14.18 -4.14 -3.69
C LEU A 71 13.12 -3.23 -3.06
N MET A 72 12.37 -3.79 -2.12
CA MET A 72 11.33 -3.01 -1.44
C MET A 72 11.95 -1.98 -0.50
N ALA A 73 13.03 -2.37 0.17
CA ALA A 73 13.69 -1.45 1.10
C ALA A 73 13.92 -0.10 0.45
N LYS A 74 14.14 -0.10 -0.85
CA LYS A 74 14.33 1.15 -1.59
C LYS A 74 13.01 1.83 -1.90
N LYS A 75 12.03 1.04 -2.28
CA LYS A 75 10.71 1.58 -2.61
C LYS A 75 9.85 1.67 -1.36
N VAL A 76 9.05 2.70 -1.30
CA VAL A 76 8.14 2.92 -0.19
C VAL A 76 8.92 3.27 1.07
N LYS A 77 9.95 4.08 0.91
CA LYS A 77 10.77 4.49 2.03
C LYS A 77 11.50 5.77 1.70
N ASP A 78 11.11 6.87 2.34
CA ASP A 78 11.73 8.17 2.11
C ASP A 78 11.24 8.78 0.80
N THR A 79 10.08 8.32 0.34
CA THR A 79 9.50 8.83 -0.90
C THR A 79 9.21 10.31 -0.79
N ASP A 80 8.04 10.64 -0.22
CA ASP A 80 7.64 12.03 -0.05
C ASP A 80 6.33 12.11 0.74
N ALA A 81 6.17 13.21 1.48
CA ALA A 81 4.97 13.41 2.29
C ALA A 81 3.75 13.62 1.39
N GLU A 82 3.85 14.60 0.51
CA GLU A 82 2.74 14.91 -0.40
C GLU A 82 2.32 13.67 -1.18
N GLU A 83 3.23 12.70 -1.26
CA GLU A 83 2.93 11.45 -1.96
C GLU A 83 2.09 10.53 -1.11
N GLU A 84 2.60 10.17 0.06
CA GLU A 84 1.87 9.29 0.96
C GLU A 84 0.63 9.97 1.51
N LEU A 85 0.73 11.27 1.73
CA LEU A 85 -0.39 12.04 2.26
C LEU A 85 -1.54 12.07 1.26
N LYS A 86 -1.20 12.24 -0.02
CA LYS A 86 -2.22 12.29 -1.05
C LYS A 86 -2.66 10.89 -1.45
N GLU A 87 -1.70 9.98 -1.52
CA GLU A 87 -2.00 8.60 -1.91
C GLU A 87 -2.95 7.97 -0.91
N ALA A 88 -2.74 8.27 0.37
CA ALA A 88 -3.59 7.73 1.41
C ALA A 88 -5.01 8.29 1.27
N PHE A 89 -5.13 9.61 1.34
CA PHE A 89 -6.44 10.24 1.22
C PHE A 89 -7.13 9.79 -0.07
N LYS A 90 -6.33 9.55 -1.10
CA LYS A 90 -6.86 9.11 -2.39
C LYS A 90 -7.53 7.75 -2.25
N VAL A 91 -6.93 6.87 -1.47
CA VAL A 91 -7.50 5.54 -1.25
C VAL A 91 -8.73 5.60 -0.35
N PHE A 92 -8.60 6.32 0.76
CA PHE A 92 -9.70 6.43 1.72
C PHE A 92 -10.88 7.14 1.09
N ASP A 93 -10.64 8.27 0.45
CA ASP A 93 -11.70 9.03 -0.19
C ASP A 93 -12.09 8.38 -1.50
N LYS A 94 -12.57 7.14 -1.42
CA LYS A 94 -12.96 6.40 -2.62
C LYS A 94 -13.76 7.30 -3.58
N ASP A 95 -14.87 7.83 -3.10
CA ASP A 95 -15.72 8.70 -3.92
C ASP A 95 -15.05 10.05 -4.16
N GLN A 96 -13.82 10.20 -3.67
CA GLN A 96 -13.08 11.44 -3.85
C GLN A 96 -13.97 12.64 -3.53
N ASN A 97 -14.99 12.41 -2.70
CA ASN A 97 -15.90 13.48 -2.32
C ASN A 97 -15.19 14.55 -1.52
N GLY A 98 -13.93 14.29 -1.17
CA GLY A 98 -13.14 15.24 -0.41
C GLY A 98 -13.33 15.03 1.09
N TYR A 99 -14.16 14.03 1.46
CA TYR A 99 -14.41 13.74 2.87
C TYR A 99 -14.40 12.24 3.09
N ILE A 100 -13.84 11.82 4.21
CA ILE A 100 -13.75 10.40 4.52
C ILE A 100 -14.90 9.99 5.41
N SER A 101 -15.73 9.08 4.90
CA SER A 101 -16.88 8.59 5.66
C SER A 101 -16.49 7.38 6.51
N ALA A 102 -17.11 7.26 7.68
CA ALA A 102 -16.81 6.16 8.58
C ALA A 102 -16.85 4.84 7.82
N SER A 103 -17.88 4.64 7.01
CA SER A 103 -18.02 3.41 6.24
C SER A 103 -16.83 3.23 5.32
N GLU A 104 -16.42 4.31 4.67
CA GLU A 104 -15.28 4.25 3.75
C GLU A 104 -14.02 3.90 4.52
N LEU A 105 -13.76 4.63 5.59
CA LEU A 105 -12.59 4.38 6.41
C LEU A 105 -12.70 3.01 7.07
N ARG A 106 -13.93 2.57 7.27
CA ARG A 106 -14.17 1.29 7.92
C ARG A 106 -13.96 0.14 6.96
N HIS A 107 -14.48 0.30 5.75
CA HIS A 107 -14.36 -0.72 4.72
C HIS A 107 -12.90 -1.04 4.51
N VAL A 108 -12.07 -0.01 4.31
CA VAL A 108 -10.64 -0.24 4.11
C VAL A 108 -10.04 -0.89 5.34
N MET A 109 -10.08 -0.19 6.47
CA MET A 109 -9.50 -0.72 7.72
C MET A 109 -9.61 -2.24 7.76
N ILE A 110 -10.82 -2.74 7.95
CA ILE A 110 -11.01 -4.19 8.02
C ILE A 110 -10.39 -4.87 6.80
N ASN A 111 -10.62 -4.30 5.62
CA ASN A 111 -10.08 -4.88 4.39
C ASN A 111 -8.61 -5.21 4.55
N LEU A 112 -8.00 -4.72 5.63
CA LEU A 112 -6.59 -4.96 5.90
C LEU A 112 -6.41 -6.26 6.65
N GLY A 113 -7.47 -7.06 6.70
CA GLY A 113 -7.41 -8.34 7.39
C GLY A 113 -7.45 -8.14 8.91
N GLU A 114 -7.64 -6.89 9.33
CA GLU A 114 -7.68 -6.57 10.76
C GLU A 114 -9.12 -6.59 11.26
N LYS A 115 -9.33 -7.15 12.44
CA LYS A 115 -10.67 -7.23 13.01
C LYS A 115 -11.01 -5.94 13.74
N LEU A 116 -11.66 -5.03 13.03
CA LEU A 116 -12.05 -3.75 13.62
C LEU A 116 -13.50 -3.79 14.07
N THR A 117 -13.74 -3.38 15.31
CA THR A 117 -15.07 -3.36 15.86
C THR A 117 -15.74 -2.01 15.60
N ASP A 118 -17.06 -1.98 15.72
CA ASP A 118 -17.80 -0.74 15.50
C ASP A 118 -17.45 0.29 16.55
N GLU A 119 -17.16 -0.18 17.76
CA GLU A 119 -16.80 0.73 18.84
C GLU A 119 -15.46 1.40 18.56
N GLU A 120 -14.47 0.61 18.16
CA GLU A 120 -13.15 1.15 17.85
C GLU A 120 -13.23 2.18 16.74
N VAL A 121 -14.00 1.86 15.70
CA VAL A 121 -14.16 2.77 14.57
C VAL A 121 -14.82 4.08 15.03
N GLU A 122 -15.85 3.97 15.85
CA GLU A 122 -16.55 5.14 16.36
C GLU A 122 -15.65 5.95 17.28
N GLN A 123 -14.67 5.27 17.86
CA GLN A 123 -13.75 5.95 18.79
C GLN A 123 -12.73 6.80 18.05
N MET A 124 -11.94 6.17 17.19
CA MET A 124 -10.91 6.87 16.44
C MET A 124 -11.51 8.01 15.62
N ILE A 125 -12.63 7.74 14.95
CA ILE A 125 -13.27 8.75 14.13
C ILE A 125 -13.70 9.92 14.99
N LYS A 126 -14.16 9.62 16.20
CA LYS A 126 -14.60 10.67 17.11
C LYS A 126 -13.42 11.58 17.48
N GLU A 127 -12.26 10.96 17.69
CA GLU A 127 -11.07 11.72 18.05
C GLU A 127 -10.51 12.45 16.83
N ALA A 128 -10.40 11.73 15.71
CA ALA A 128 -9.87 12.33 14.48
C ALA A 128 -10.74 13.48 14.03
N ASP A 129 -12.05 13.30 14.16
CA ASP A 129 -13.00 14.35 13.76
C ASP A 129 -13.08 15.42 14.83
N LEU A 130 -12.47 16.58 14.57
CA LEU A 130 -12.48 17.67 15.53
C LEU A 130 -13.87 18.22 15.74
N ASP A 131 -14.61 18.38 14.64
CA ASP A 131 -15.97 18.91 14.71
C ASP A 131 -16.97 17.78 14.91
N GLY A 132 -16.47 16.56 15.02
CA GLY A 132 -17.34 15.40 15.21
C GLY A 132 -18.53 15.45 14.27
N ASP A 133 -18.31 15.99 13.07
CA ASP A 133 -19.37 16.09 12.08
C ASP A 133 -19.74 14.72 11.53
N GLY A 134 -18.90 13.74 11.83
CA GLY A 134 -19.13 12.37 11.35
C GLY A 134 -18.32 12.08 10.10
N GLN A 135 -17.46 13.02 9.72
CA GLN A 135 -16.61 12.86 8.54
C GLN A 135 -15.28 13.58 8.73
N VAL A 136 -14.30 13.19 7.92
CA VAL A 136 -12.97 13.81 7.99
C VAL A 136 -12.59 14.36 6.62
N ASN A 137 -12.24 15.64 6.60
CA ASN A 137 -11.84 16.30 5.36
C ASN A 137 -10.33 16.21 5.19
N TYR A 138 -9.85 16.64 4.03
CA TYR A 138 -8.42 16.62 3.74
C TYR A 138 -7.66 17.45 4.76
N GLU A 139 -8.22 18.60 5.12
CA GLU A 139 -7.57 19.48 6.09
C GLU A 139 -7.38 18.76 7.43
N GLU A 140 -8.47 18.24 7.98
CA GLU A 140 -8.41 17.54 9.25
C GLU A 140 -7.49 16.33 9.13
N PHE A 141 -7.49 15.70 7.95
CA PHE A 141 -6.64 14.54 7.73
C PHE A 141 -5.17 14.90 7.89
N VAL A 142 -4.77 16.01 7.28
CA VAL A 142 -3.38 16.46 7.34
C VAL A 142 -2.98 16.71 8.79
N LYS A 143 -3.84 17.38 9.53
CA LYS A 143 -3.55 17.68 10.94
C LYS A 143 -3.36 16.39 11.73
N MET A 144 -4.16 15.39 11.41
CA MET A 144 -4.06 14.10 12.09
C MET A 144 -2.74 13.40 11.75
N MET A 145 -2.26 13.67 10.55
CA MET A 145 -0.99 13.08 10.09
C MET A 145 0.20 13.73 10.77
N MET A 146 0.05 15.00 11.12
CA MET A 146 1.13 15.73 11.77
C MET A 146 1.57 15.01 13.04
N THR A 147 2.71 15.44 13.58
CA THR A 147 3.25 14.82 14.79
C THR A 147 2.16 14.67 15.82
N VAL A 148 1.46 15.76 16.10
CA VAL A 148 0.37 15.73 17.09
C VAL A 148 0.90 15.37 18.46
N ARG A 149 1.35 14.14 18.60
CA ARG A 149 1.90 13.64 19.85
C ARG A 149 1.16 14.26 21.05
N ALA B 1 -5.57 7.07 19.08
CA ALA B 1 -6.38 7.09 17.83
C ALA B 1 -5.48 7.44 16.65
N ARG B 2 -4.49 8.29 16.90
CA ARG B 2 -3.56 8.70 15.85
C ARG B 2 -2.83 7.49 15.28
N GLN B 3 -2.52 6.53 16.15
CA GLN B 3 -1.83 5.32 15.72
C GLN B 3 -2.70 4.51 14.77
N ARG B 4 -3.98 4.42 15.09
CA ARG B 4 -4.92 3.67 14.25
C ARG B 4 -5.00 4.31 12.87
N TRP B 5 -4.97 5.64 12.84
CA TRP B 5 -5.04 6.34 11.56
C TRP B 5 -3.78 6.07 10.75
N ARG B 6 -2.63 6.27 11.38
CA ARG B 6 -1.36 6.05 10.71
C ARG B 6 -1.20 4.57 10.38
N SER B 7 -1.68 3.72 11.30
CA SER B 7 -1.58 2.28 11.09
C SER B 7 -2.32 1.89 9.83
N SER B 8 -3.52 2.43 9.64
CA SER B 8 -4.30 2.11 8.45
C SER B 8 -3.54 2.50 7.20
N VAL B 9 -2.96 3.70 7.22
CA VAL B 9 -2.20 4.18 6.08
C VAL B 9 -0.89 3.40 5.93
N SER B 10 -0.24 3.13 7.06
CA SER B 10 1.02 2.41 7.03
C SER B 10 0.81 0.95 6.67
N ILE B 11 -0.29 0.38 7.15
CA ILE B 11 -0.60 -1.00 6.86
C ILE B 11 -0.89 -1.20 5.38
N VAL B 12 -1.67 -0.29 4.82
CA VAL B 12 -2.02 -0.39 3.42
C VAL B 12 -0.76 -0.27 2.56
N LYS B 13 0.16 0.58 2.99
CA LYS B 13 1.39 0.77 2.25
C LYS B 13 2.27 -0.47 2.33
N ASN B 14 2.43 -0.96 3.55
CA ASN B 14 3.24 -2.14 3.78
C ASN B 14 2.54 -3.36 3.19
N ARG B 15 1.20 -3.37 3.26
CA ARG B 15 0.45 -4.50 2.75
C ARG B 15 0.69 -4.71 1.28
N ALA B 16 0.51 -3.63 0.50
CA ALA B 16 0.70 -3.70 -0.96
C ALA B 16 0.54 -5.13 -1.47
N ARG B 17 -0.53 -5.79 -1.05
CA ARG B 17 -0.77 -7.16 -1.45
C ARG B 17 -0.78 -7.29 -2.95
N ARG B 18 -0.73 -6.14 -3.63
CA ARG B 18 -0.73 -6.11 -5.10
C ARG B 18 0.62 -5.65 -5.63
N PHE B 19 1.57 -5.51 -4.74
CA PHE B 19 2.91 -5.07 -5.13
C PHE B 19 2.82 -3.85 -6.04
N ARG B 20 2.60 -2.68 -5.44
CA ARG B 20 2.50 -1.45 -6.21
C ARG B 20 3.78 -1.19 -6.97
N MET B 21 4.91 -1.61 -6.40
CA MET B 21 6.19 -1.41 -7.05
C MET B 21 6.30 -2.29 -8.29
N ILE B 22 6.21 -3.60 -8.08
CA ILE B 22 6.30 -4.55 -9.17
C ILE B 22 5.14 -4.36 -10.15
N SER B 23 3.95 -4.16 -9.59
CA SER B 23 2.76 -3.97 -10.41
C SER B 23 2.95 -2.76 -11.34
N ASN B 24 3.48 -1.67 -10.78
CA ASN B 24 3.70 -0.46 -11.55
C ASN B 24 5.08 -0.46 -12.19
N LEU B 25 5.90 -1.47 -11.84
CA LEU B 25 7.26 -1.61 -12.39
C LEU B 25 7.68 -0.37 -13.20
CA CA C . 9.29 -20.07 -6.58
CA CA D . 19.45 -12.20 -8.51
CA CA E . -15.16 9.70 0.40
CA CA F . -14.87 16.97 10.22
N ALA A 1 8.17 -4.35 19.12
CA ALA A 1 8.66 -3.96 17.76
C ALA A 1 9.22 -5.18 17.05
N ASP A 2 9.71 -6.15 17.84
CA ASP A 2 10.29 -7.38 17.28
C ASP A 2 9.28 -8.51 17.35
N ILE A 3 8.88 -9.01 16.18
CA ILE A 3 7.92 -10.09 16.12
C ILE A 3 7.77 -10.57 14.70
N LEU A 4 7.20 -9.72 13.82
CA LEU A 4 6.98 -10.06 12.43
C LEU A 4 6.46 -11.51 12.27
N SER A 5 5.34 -11.68 11.59
CA SER A 5 4.80 -13.02 11.39
C SER A 5 4.49 -13.25 9.93
N GLU A 6 3.82 -14.36 9.66
CA GLU A 6 3.46 -14.70 8.29
C GLU A 6 2.66 -13.58 7.65
N GLU A 7 1.96 -12.81 8.47
CA GLU A 7 1.16 -11.70 7.97
C GLU A 7 1.99 -10.84 7.03
N GLN A 8 3.05 -10.24 7.55
CA GLN A 8 3.89 -9.38 6.73
C GLN A 8 4.25 -10.10 5.42
N ILE A 9 4.63 -11.36 5.54
CA ILE A 9 4.98 -12.16 4.37
C ILE A 9 3.76 -12.35 3.49
N VAL A 10 2.61 -12.60 4.10
CA VAL A 10 1.40 -12.82 3.33
C VAL A 10 1.10 -11.61 2.47
N ASP A 11 1.13 -10.43 3.07
CA ASP A 11 0.83 -9.21 2.33
C ASP A 11 1.78 -9.08 1.14
N PHE A 12 3.07 -9.18 1.42
CA PHE A 12 4.08 -9.10 0.36
C PHE A 12 3.89 -10.24 -0.63
N LYS A 13 3.66 -11.44 -0.11
CA LYS A 13 3.46 -12.59 -0.96
C LYS A 13 2.25 -12.39 -1.86
N GLU A 14 1.23 -11.72 -1.33
CA GLU A 14 0.02 -11.46 -2.12
C GLU A 14 0.37 -10.64 -3.35
N ALA A 15 1.08 -9.53 -3.13
CA ALA A 15 1.47 -8.66 -4.25
C ALA A 15 2.26 -9.46 -5.29
N PHE A 16 3.17 -10.32 -4.81
CA PHE A 16 3.96 -11.14 -5.71
C PHE A 16 3.06 -11.97 -6.61
N GLY A 17 2.09 -12.65 -5.99
CA GLY A 17 1.17 -13.49 -6.74
C GLY A 17 0.51 -12.68 -7.85
N LEU A 18 0.22 -11.42 -7.55
CA LEU A 18 -0.41 -10.55 -8.55
C LEU A 18 0.49 -10.40 -9.77
N PHE A 19 1.74 -10.07 -9.53
CA PHE A 19 2.68 -9.88 -10.61
C PHE A 19 2.82 -11.17 -11.42
N ASP A 20 2.80 -12.30 -10.73
CA ASP A 20 2.94 -13.60 -11.38
C ASP A 20 1.58 -14.22 -11.64
N LYS A 21 0.88 -13.71 -12.66
CA LYS A 21 -0.43 -14.23 -12.99
C LYS A 21 -0.35 -15.69 -13.37
N ASP A 22 0.73 -16.05 -14.08
CA ASP A 22 0.93 -17.42 -14.51
C ASP A 22 1.63 -18.23 -13.43
N GLY A 23 1.35 -17.88 -12.16
CA GLY A 23 1.94 -18.59 -11.00
C GLY A 23 3.11 -19.47 -11.42
N ASP A 24 4.13 -18.86 -12.00
CA ASP A 24 5.29 -19.61 -12.46
C ASP A 24 6.31 -19.75 -11.35
N GLY A 25 6.29 -18.79 -10.41
CA GLY A 25 7.22 -18.80 -9.28
C GLY A 25 8.26 -17.69 -9.41
N CYS A 26 8.00 -16.75 -10.31
CA CYS A 26 8.93 -15.63 -10.51
C CYS A 26 8.26 -14.53 -11.32
N ILE A 27 8.92 -13.38 -11.41
CA ILE A 27 8.38 -12.26 -12.19
C ILE A 27 9.28 -11.97 -13.38
N THR A 28 8.74 -12.16 -14.57
CA THR A 28 9.49 -11.91 -15.81
C THR A 28 9.47 -10.44 -16.19
N VAL A 29 10.09 -10.13 -17.32
CA VAL A 29 10.13 -8.75 -17.81
C VAL A 29 8.84 -8.40 -18.53
N GLU A 30 8.41 -9.28 -19.43
CA GLU A 30 7.19 -9.06 -20.19
C GLU A 30 5.98 -9.01 -19.27
N GLU A 31 5.95 -9.93 -18.31
CA GLU A 31 4.83 -9.98 -17.36
C GLU A 31 4.77 -8.70 -16.55
N LEU A 32 5.90 -8.27 -16.05
CA LEU A 32 5.95 -7.06 -15.25
C LEU A 32 5.47 -5.87 -16.08
N ALA A 33 5.83 -5.87 -17.35
CA ALA A 33 5.42 -4.78 -18.24
C ALA A 33 3.91 -4.83 -18.48
N THR A 34 3.37 -6.03 -18.67
CA THR A 34 1.94 -6.19 -18.92
C THR A 34 1.13 -5.66 -17.74
N VAL A 35 1.55 -6.03 -16.53
CA VAL A 35 0.85 -5.59 -15.33
C VAL A 35 0.87 -4.07 -15.23
N ILE A 36 2.04 -3.48 -15.46
CA ILE A 36 2.15 -2.02 -15.39
C ILE A 36 1.16 -1.37 -16.34
N ARG A 37 1.04 -1.91 -17.53
CA ARG A 37 0.10 -1.36 -18.49
C ARG A 37 -1.33 -1.58 -18.00
N SER A 38 -1.52 -2.56 -17.14
CA SER A 38 -2.85 -2.86 -16.63
C SER A 38 -3.28 -1.82 -15.60
N LEU A 39 -2.33 -1.39 -14.78
CA LEU A 39 -2.61 -0.40 -13.75
C LEU A 39 -2.27 1.00 -14.23
N ASP A 40 -2.08 1.13 -15.55
CA ASP A 40 -1.75 2.41 -16.16
C ASP A 40 -0.24 2.61 -16.15
N GLN A 41 0.23 3.57 -16.94
CA GLN A 41 1.65 3.90 -17.02
C GLN A 41 2.33 3.00 -18.05
N ASN A 42 3.14 3.60 -18.91
CA ASN A 42 3.85 2.84 -19.94
C ASN A 42 5.32 3.23 -19.97
N PRO A 43 6.09 2.79 -18.99
CA PRO A 43 7.54 3.12 -18.89
C PRO A 43 8.38 2.32 -19.87
N THR A 44 9.48 2.91 -20.33
CA THR A 44 10.37 2.24 -21.27
C THR A 44 10.88 0.94 -20.68
N GLU A 45 11.02 -0.08 -21.51
CA GLU A 45 11.49 -1.38 -21.06
C GLU A 45 12.88 -1.25 -20.43
N GLU A 46 13.63 -0.24 -20.85
CA GLU A 46 14.96 -0.03 -20.32
C GLU A 46 14.94 0.09 -18.80
N GLU A 47 13.96 0.82 -18.29
CA GLU A 47 13.82 0.98 -16.85
C GLU A 47 13.38 -0.32 -16.19
N LEU A 48 12.65 -1.15 -16.95
CA LEU A 48 12.17 -2.41 -16.44
C LEU A 48 13.31 -3.43 -16.36
N GLN A 49 14.05 -3.58 -17.46
CA GLN A 49 15.15 -4.52 -17.51
C GLN A 49 16.24 -4.10 -16.53
N ASP A 50 16.45 -2.79 -16.41
CA ASP A 50 17.46 -2.27 -15.50
C ASP A 50 17.09 -2.58 -14.06
N MET A 51 15.83 -2.36 -13.69
CA MET A 51 15.38 -2.61 -12.34
C MET A 51 15.62 -4.07 -11.97
N ILE A 52 15.21 -4.97 -12.84
CA ILE A 52 15.41 -6.39 -12.60
C ILE A 52 16.89 -6.75 -12.62
N SER A 53 17.60 -6.19 -13.58
CA SER A 53 19.02 -6.47 -13.73
C SER A 53 19.80 -5.95 -12.53
N GLU A 54 19.47 -4.74 -12.08
CA GLU A 54 20.14 -4.14 -10.94
C GLU A 54 20.02 -5.01 -9.70
N VAL A 55 18.83 -5.57 -9.48
CA VAL A 55 18.59 -6.42 -8.32
C VAL A 55 18.44 -7.87 -8.73
N ASP A 56 19.32 -8.34 -9.61
CA ASP A 56 19.25 -9.74 -10.05
C ASP A 56 20.30 -10.56 -9.31
N ALA A 57 19.85 -11.40 -8.39
CA ALA A 57 20.77 -12.25 -7.63
C ALA A 57 21.06 -13.53 -8.39
N ASP A 58 20.25 -13.83 -9.41
CA ASP A 58 20.43 -15.05 -10.20
C ASP A 58 20.65 -14.70 -11.66
N GLY A 59 20.94 -13.42 -11.94
CA GLY A 59 21.17 -12.97 -13.32
C GLY A 59 20.28 -13.74 -14.29
N ASN A 60 19.14 -14.23 -13.80
CA ASN A 60 18.23 -14.99 -14.64
C ASN A 60 17.36 -14.07 -15.48
N GLY A 61 17.02 -12.91 -14.92
CA GLY A 61 16.17 -11.95 -15.64
C GLY A 61 14.79 -11.87 -15.02
N THR A 62 14.61 -12.49 -13.84
CA THR A 62 13.32 -12.46 -13.15
C THR A 62 13.53 -12.26 -11.66
N ILE A 63 12.50 -11.74 -10.99
CA ILE A 63 12.57 -11.50 -9.55
C ILE A 63 11.99 -12.67 -8.78
N GLU A 64 12.79 -13.24 -7.88
CA GLU A 64 12.35 -14.38 -7.09
C GLU A 64 11.63 -13.89 -5.84
N PHE A 65 10.81 -14.76 -5.24
CA PHE A 65 10.07 -14.39 -4.03
C PHE A 65 10.99 -13.67 -3.05
N ASP A 66 12.12 -14.27 -2.74
CA ASP A 66 13.06 -13.67 -1.80
C ASP A 66 13.52 -12.31 -2.31
N GLU A 67 13.69 -12.20 -3.62
CA GLU A 67 14.12 -10.94 -4.21
C GLU A 67 12.99 -9.91 -4.17
N PHE A 68 11.81 -10.33 -4.62
CA PHE A 68 10.65 -9.44 -4.64
C PHE A 68 10.38 -8.91 -3.24
N LEU A 69 10.44 -9.79 -2.26
CA LEU A 69 10.18 -9.39 -0.89
C LEU A 69 11.20 -8.34 -0.44
N SER A 70 12.48 -8.64 -0.64
CA SER A 70 13.54 -7.71 -0.25
C SER A 70 13.43 -6.40 -1.03
N LEU A 71 13.17 -6.53 -2.33
CA LEU A 71 13.08 -5.35 -3.18
C LEU A 71 12.04 -4.38 -2.61
N MET A 72 10.85 -4.88 -2.38
CA MET A 72 9.78 -4.04 -1.84
C MET A 72 10.09 -3.62 -0.41
N ALA A 73 10.69 -4.53 0.35
CA ALA A 73 11.02 -4.25 1.74
C ALA A 73 11.85 -2.98 1.84
N LYS A 74 12.60 -2.69 0.80
CA LYS A 74 13.43 -1.48 0.79
C LYS A 74 12.57 -0.23 0.68
N LYS A 75 11.72 -0.20 -0.34
CA LYS A 75 10.87 0.95 -0.58
C LYS A 75 10.28 1.44 0.72
N VAL A 76 9.17 0.80 1.16
CA VAL A 76 8.47 1.15 2.41
C VAL A 76 9.21 2.23 3.18
N LYS A 77 8.55 3.37 3.39
CA LYS A 77 9.19 4.49 4.10
C LYS A 77 8.28 5.73 4.02
N ASP A 78 8.75 6.79 3.39
CA ASP A 78 7.99 7.99 3.25
C ASP A 78 8.73 8.97 2.34
N THR A 79 9.54 9.85 2.95
CA THR A 79 10.29 10.85 2.19
C THR A 79 9.36 11.82 1.47
N ASP A 80 8.48 11.28 0.63
CA ASP A 80 7.53 12.10 -0.11
C ASP A 80 6.24 12.27 0.68
N ALA A 81 6.04 13.49 1.18
CA ALA A 81 4.85 13.79 1.96
C ALA A 81 3.62 13.93 1.06
N GLU A 82 3.70 14.80 0.08
CA GLU A 82 2.58 15.01 -0.84
C GLU A 82 2.15 13.70 -1.48
N GLU A 83 3.07 12.75 -1.52
CA GLU A 83 2.76 11.45 -2.10
C GLU A 83 1.92 10.60 -1.16
N GLU A 84 2.47 10.32 0.02
CA GLU A 84 1.76 9.51 0.99
C GLU A 84 0.53 10.24 1.51
N LEU A 85 0.65 11.55 1.64
CA LEU A 85 -0.46 12.36 2.13
C LEU A 85 -1.64 12.33 1.15
N LYS A 86 -1.33 12.41 -0.14
CA LYS A 86 -2.37 12.41 -1.15
C LYS A 86 -2.81 10.98 -1.47
N GLU A 87 -1.85 10.10 -1.68
CA GLU A 87 -2.16 8.71 -1.99
C GLU A 87 -3.00 8.12 -0.86
N ALA A 88 -2.64 8.42 0.38
CA ALA A 88 -3.37 7.91 1.52
C ALA A 88 -4.80 8.41 1.47
N PHE A 89 -4.97 9.73 1.38
CA PHE A 89 -6.31 10.29 1.32
C PHE A 89 -7.04 9.84 0.06
N LYS A 90 -6.26 9.53 -0.98
CA LYS A 90 -6.84 9.08 -2.24
C LYS A 90 -7.54 7.73 -2.06
N VAL A 91 -6.90 6.84 -1.30
CA VAL A 91 -7.47 5.52 -1.05
C VAL A 91 -8.59 5.60 -0.02
N PHE A 92 -8.35 6.34 1.05
CA PHE A 92 -9.34 6.48 2.11
C PHE A 92 -10.62 7.09 1.56
N ASP A 93 -10.49 8.18 0.83
CA ASP A 93 -11.65 8.84 0.26
C ASP A 93 -12.02 8.19 -1.07
N LYS A 94 -12.33 6.90 -1.03
CA LYS A 94 -12.68 6.17 -2.25
C LYS A 94 -13.57 7.00 -3.16
N ASP A 95 -14.70 7.44 -2.63
CA ASP A 95 -15.64 8.23 -3.42
C ASP A 95 -15.04 9.60 -3.76
N GLN A 96 -13.88 9.89 -3.21
CA GLN A 96 -13.21 11.16 -3.46
C GLN A 96 -14.22 12.30 -3.39
N ASN A 97 -15.01 12.32 -2.34
CA ASN A 97 -16.01 13.38 -2.15
C ASN A 97 -15.40 14.57 -1.42
N GLY A 98 -14.13 14.42 -1.03
CA GLY A 98 -13.44 15.49 -0.32
C GLY A 98 -13.49 15.26 1.19
N TYR A 99 -14.15 14.16 1.59
CA TYR A 99 -14.26 13.82 3.01
C TYR A 99 -14.21 12.31 3.20
N ILE A 100 -13.69 11.89 4.34
CA ILE A 100 -13.57 10.47 4.65
C ILE A 100 -14.77 10.02 5.49
N SER A 101 -15.62 9.21 4.88
CA SER A 101 -16.81 8.70 5.56
C SER A 101 -16.47 7.47 6.39
N ALA A 102 -17.17 7.30 7.50
CA ALA A 102 -16.91 6.16 8.37
C ALA A 102 -16.89 4.86 7.56
N SER A 103 -17.86 4.72 6.66
CA SER A 103 -17.93 3.52 5.82
C SER A 103 -16.65 3.37 5.00
N GLU A 104 -16.15 4.48 4.48
CA GLU A 104 -14.93 4.45 3.68
C GLU A 104 -13.74 4.05 4.55
N LEU A 105 -13.58 4.73 5.68
CA LEU A 105 -12.49 4.42 6.59
C LEU A 105 -12.68 3.04 7.21
N ARG A 106 -13.94 2.62 7.30
CA ARG A 106 -14.25 1.32 7.87
C ARG A 106 -14.04 0.21 6.85
N HIS A 107 -14.47 0.46 5.61
CA HIS A 107 -14.33 -0.52 4.54
C HIS A 107 -12.87 -0.88 4.38
N VAL A 108 -12.00 0.12 4.27
CA VAL A 108 -10.59 -0.14 4.10
C VAL A 108 -10.06 -0.87 5.32
N MET A 109 -10.11 -0.22 6.48
CA MET A 109 -9.60 -0.82 7.72
C MET A 109 -9.79 -2.34 7.72
N ILE A 110 -11.02 -2.78 7.89
CA ILE A 110 -11.29 -4.21 7.91
C ILE A 110 -10.72 -4.90 6.69
N ASN A 111 -10.92 -4.32 5.50
CA ASN A 111 -10.40 -4.90 4.27
C ASN A 111 -8.93 -5.25 4.41
N LEU A 112 -8.32 -4.82 5.51
CA LEU A 112 -6.91 -5.09 5.78
C LEU A 112 -6.77 -6.16 6.84
N GLY A 113 -5.62 -6.18 7.50
CA GLY A 113 -5.37 -7.17 8.54
C GLY A 113 -5.63 -6.58 9.92
N GLU A 114 -6.81 -6.02 10.10
CA GLU A 114 -7.17 -5.43 11.38
C GLU A 114 -8.69 -5.33 11.48
N LYS A 115 -9.29 -6.12 12.37
CA LYS A 115 -10.75 -6.11 12.54
C LYS A 115 -11.14 -5.42 13.84
N LEU A 116 -11.74 -4.25 13.72
CA LEU A 116 -12.20 -3.47 14.88
C LEU A 116 -13.70 -3.33 14.87
N THR A 117 -14.29 -3.43 16.06
CA THR A 117 -15.73 -3.33 16.20
C THR A 117 -16.20 -1.95 15.76
N ASP A 118 -17.52 -1.78 15.65
CA ASP A 118 -18.08 -0.51 15.23
C ASP A 118 -17.84 0.56 16.29
N GLU A 119 -17.65 0.13 17.53
CA GLU A 119 -17.41 1.08 18.62
C GLU A 119 -16.03 1.71 18.49
N GLU A 120 -15.03 0.89 18.21
CA GLU A 120 -13.66 1.40 18.05
C GLU A 120 -13.54 2.24 16.78
N VAL A 121 -14.12 1.73 15.70
CA VAL A 121 -14.06 2.45 14.43
C VAL A 121 -14.73 3.81 14.56
N GLU A 122 -15.92 3.81 15.15
CA GLU A 122 -16.66 5.05 15.33
C GLU A 122 -15.92 5.97 16.29
N GLN A 123 -15.19 5.37 17.23
CA GLN A 123 -14.45 6.16 18.21
C GLN A 123 -13.40 7.01 17.50
N MET A 124 -12.53 6.37 16.72
CA MET A 124 -11.49 7.10 16.01
C MET A 124 -12.10 8.19 15.15
N ILE A 125 -13.18 7.86 14.46
CA ILE A 125 -13.84 8.83 13.60
C ILE A 125 -14.27 10.05 14.42
N LYS A 126 -14.73 9.80 15.63
CA LYS A 126 -15.17 10.87 16.50
C LYS A 126 -13.99 11.54 17.19
N GLU A 127 -12.90 10.78 17.38
CA GLU A 127 -11.71 11.30 18.04
C GLU A 127 -10.81 12.02 17.04
N ALA A 128 -10.25 11.26 16.10
CA ALA A 128 -9.36 11.83 15.09
C ALA A 128 -9.96 13.10 14.51
N ASP A 129 -11.28 13.11 14.33
CA ASP A 129 -11.95 14.27 13.78
C ASP A 129 -12.08 15.35 14.86
N LEU A 130 -11.54 16.52 14.57
CA LEU A 130 -11.57 17.63 15.51
C LEU A 130 -12.98 18.12 15.75
N ASP A 131 -13.72 18.35 14.67
CA ASP A 131 -15.08 18.85 14.77
C ASP A 131 -16.10 17.71 14.65
N GLY A 132 -15.60 16.50 14.45
CA GLY A 132 -16.47 15.34 14.34
C GLY A 132 -17.41 15.49 13.17
N ASP A 133 -18.69 15.54 13.46
CA ASP A 133 -19.72 15.69 12.43
C ASP A 133 -20.01 14.33 11.78
N GLY A 134 -19.08 13.40 11.93
CA GLY A 134 -19.24 12.06 11.34
C GLY A 134 -18.47 11.94 10.04
N GLN A 135 -17.67 12.96 9.73
CA GLN A 135 -16.87 12.95 8.51
C GLN A 135 -15.56 13.70 8.72
N VAL A 136 -14.52 13.27 8.01
CA VAL A 136 -13.21 13.90 8.09
C VAL A 136 -12.81 14.51 6.76
N ASN A 137 -12.47 15.78 6.78
CA ASN A 137 -12.05 16.48 5.57
C ASN A 137 -10.56 16.32 5.35
N TYR A 138 -10.13 16.43 4.10
CA TYR A 138 -8.71 16.30 3.77
C TYR A 138 -7.87 17.14 4.73
N GLU A 139 -8.32 18.36 5.00
CA GLU A 139 -7.58 19.24 5.88
C GLU A 139 -7.45 18.61 7.27
N GLU A 140 -8.58 18.15 7.81
CA GLU A 140 -8.58 17.53 9.12
C GLU A 140 -7.70 16.29 9.11
N PHE A 141 -7.76 15.52 8.02
CA PHE A 141 -6.97 14.32 7.90
C PHE A 141 -5.48 14.66 7.96
N VAL A 142 -5.07 15.65 7.17
CA VAL A 142 -3.67 16.04 7.13
C VAL A 142 -3.20 16.45 8.52
N LYS A 143 -3.99 17.28 9.18
CA LYS A 143 -3.64 17.74 10.52
C LYS A 143 -3.54 16.57 11.48
N MET A 144 -4.35 15.54 11.23
CA MET A 144 -4.32 14.35 12.08
C MET A 144 -3.04 13.55 11.86
N MET A 145 -2.58 13.54 10.62
CA MET A 145 -1.37 12.80 10.26
C MET A 145 -0.12 13.51 10.75
N MET A 146 -0.22 14.82 10.93
CA MET A 146 0.91 15.60 11.40
C MET A 146 1.57 14.94 12.61
N THR A 147 2.77 15.38 12.92
CA THR A 147 3.51 14.82 14.05
C THR A 147 2.59 14.61 15.23
N VAL A 148 1.62 15.50 15.40
CA VAL A 148 0.67 15.42 16.49
C VAL A 148 1.38 15.44 17.84
N ARG A 149 2.03 14.34 18.16
CA ARG A 149 2.75 14.23 19.43
C ARG A 149 1.91 14.80 20.57
N ALA B 1 -5.83 6.43 19.63
CA ALA B 1 -6.31 5.98 18.29
C ALA B 1 -5.38 6.52 17.21
N ARG B 2 -4.42 7.34 17.61
CA ARG B 2 -3.49 7.92 16.66
C ARG B 2 -2.70 6.83 15.95
N GLN B 3 -2.33 5.80 16.71
CA GLN B 3 -1.59 4.69 16.14
C GLN B 3 -2.45 3.94 15.12
N ARG B 4 -3.73 3.81 15.41
CA ARG B 4 -4.64 3.12 14.51
C ARG B 4 -4.67 3.83 13.16
N TRP B 5 -4.75 5.17 13.20
CA TRP B 5 -4.78 5.93 11.96
C TRP B 5 -3.52 5.68 11.15
N ARG B 6 -2.37 5.80 11.81
CA ARG B 6 -1.10 5.58 11.14
C ARG B 6 -0.99 4.12 10.73
N SER B 7 -1.51 3.23 11.57
CA SER B 7 -1.47 1.81 11.27
C SER B 7 -2.20 1.53 9.97
N SER B 8 -3.38 2.12 9.82
CA SER B 8 -4.15 1.89 8.61
C SER B 8 -3.35 2.34 7.39
N VAL B 9 -2.73 3.51 7.50
CA VAL B 9 -1.94 4.02 6.39
C VAL B 9 -0.69 3.18 6.20
N SER B 10 -0.05 2.80 7.31
CA SER B 10 1.17 1.99 7.26
C SER B 10 0.88 0.64 6.64
N ILE B 11 -0.24 0.04 7.02
CA ILE B 11 -0.61 -1.26 6.48
C ILE B 11 -0.80 -1.15 4.97
N VAL B 12 -1.44 -0.08 4.54
CA VAL B 12 -1.67 0.12 3.12
C VAL B 12 -0.34 0.18 2.38
N LYS B 13 0.64 0.86 2.98
CA LYS B 13 1.94 0.96 2.35
C LYS B 13 2.55 -0.42 2.16
N ASN B 14 2.42 -1.25 3.17
CA ASN B 14 2.95 -2.61 3.10
C ASN B 14 2.19 -3.41 2.03
N ARG B 15 0.88 -3.23 1.99
CA ARG B 15 0.06 -3.95 1.02
C ARG B 15 0.36 -3.47 -0.39
N ALA B 16 0.42 -2.15 -0.57
CA ALA B 16 0.69 -1.57 -1.89
C ALA B 16 -0.29 -2.07 -2.92
N ARG B 17 -0.13 -3.33 -3.33
CA ARG B 17 -1.01 -3.94 -4.32
C ARG B 17 -0.79 -3.31 -5.68
N ARG B 18 -0.54 -1.99 -5.69
CA ARG B 18 -0.31 -1.27 -6.95
C ARG B 18 1.18 -1.21 -7.24
N PHE B 19 2.00 -1.58 -6.26
CA PHE B 19 3.45 -1.57 -6.44
C PHE B 19 3.95 -0.12 -6.50
N ARG B 20 3.81 0.60 -5.41
CA ARG B 20 4.24 1.98 -5.37
C ARG B 20 5.68 2.11 -5.86
N MET B 21 6.51 1.17 -5.44
CA MET B 21 7.92 1.21 -5.84
C MET B 21 8.06 1.02 -7.35
N ILE B 22 7.69 -0.15 -7.84
CA ILE B 22 7.80 -0.44 -9.26
C ILE B 22 6.93 0.50 -10.08
N SER B 23 5.72 0.72 -9.61
CA SER B 23 4.78 1.60 -10.31
C SER B 23 5.43 2.97 -10.54
N ASN B 24 6.11 3.47 -9.52
CA ASN B 24 6.76 4.77 -9.62
C ASN B 24 7.88 4.72 -10.65
N LEU B 25 8.64 3.61 -10.65
CA LEU B 25 9.75 3.45 -11.60
C LEU B 25 9.35 2.51 -12.72
CA CA C . 5.35 -14.87 -13.72
CA CA D . 16.79 -13.21 -9.86
CA CA E . -16.30 10.07 0.35
CA CA F . -15.08 17.06 10.60
N ALA A 1 16.05 -4.52 14.89
CA ALA A 1 15.29 -5.45 14.01
C ALA A 1 15.62 -6.88 14.40
N ASP A 2 16.46 -7.53 13.60
CA ASP A 2 16.85 -8.92 13.87
C ASP A 2 15.68 -9.86 13.62
N ILE A 3 14.55 -9.57 14.26
CA ILE A 3 13.35 -10.40 14.11
C ILE A 3 12.11 -9.53 13.96
N LEU A 4 11.26 -9.89 13.02
CA LEU A 4 10.02 -9.14 12.76
C LEU A 4 8.82 -10.07 12.77
N SER A 5 7.63 -9.48 12.79
CA SER A 5 6.40 -10.26 12.81
C SER A 5 6.16 -10.94 11.48
N GLU A 6 5.74 -12.20 11.52
CA GLU A 6 5.48 -12.95 10.29
C GLU A 6 4.43 -12.23 9.44
N GLU A 7 3.63 -11.38 10.08
CA GLU A 7 2.58 -10.65 9.37
C GLU A 7 3.20 -9.84 8.23
N GLN A 8 4.13 -8.95 8.57
CA GLN A 8 4.78 -8.12 7.55
C GLN A 8 5.21 -9.00 6.37
N ILE A 9 5.75 -10.17 6.69
CA ILE A 9 6.22 -11.09 5.66
C ILE A 9 5.04 -11.60 4.85
N VAL A 10 3.96 -11.93 5.55
CA VAL A 10 2.78 -12.45 4.87
C VAL A 10 2.27 -11.43 3.86
N ASP A 11 2.15 -10.18 4.28
CA ASP A 11 1.66 -9.13 3.38
C ASP A 11 2.55 -9.03 2.16
N PHE A 12 3.85 -8.88 2.38
CA PHE A 12 4.80 -8.78 1.28
C PHE A 12 4.76 -10.06 0.45
N LYS A 13 4.71 -11.20 1.12
CA LYS A 13 4.66 -12.49 0.44
C LYS A 13 3.35 -12.62 -0.36
N GLU A 14 2.27 -12.10 0.20
CA GLU A 14 0.97 -12.16 -0.46
C GLU A 14 1.05 -11.48 -1.82
N ALA A 15 1.55 -10.25 -1.83
CA ALA A 15 1.66 -9.50 -3.09
C ALA A 15 2.58 -10.25 -4.06
N PHE A 16 3.67 -10.82 -3.53
CA PHE A 16 4.61 -11.55 -4.36
C PHE A 16 3.91 -12.72 -5.06
N GLY A 17 3.18 -13.51 -4.28
CA GLY A 17 2.47 -14.66 -4.84
C GLY A 17 1.46 -14.21 -5.90
N LEU A 18 0.92 -13.01 -5.70
CA LEU A 18 -0.06 -12.48 -6.65
C LEU A 18 0.61 -12.23 -8.01
N PHE A 19 1.73 -11.51 -7.99
CA PHE A 19 2.42 -11.21 -9.22
C PHE A 19 2.68 -12.48 -10.02
N ASP A 20 2.76 -13.60 -9.31
CA ASP A 20 3.00 -14.89 -9.96
C ASP A 20 1.77 -15.78 -9.94
N LYS A 21 0.94 -15.66 -10.96
CA LYS A 21 -0.26 -16.46 -11.05
C LYS A 21 0.09 -17.94 -11.14
N ASP A 22 1.25 -18.23 -11.72
CA ASP A 22 1.70 -19.61 -11.88
C ASP A 22 2.67 -19.99 -10.78
N GLY A 23 2.47 -19.42 -9.59
CA GLY A 23 3.33 -19.71 -8.42
C GLY A 23 4.51 -20.59 -8.79
N ASP A 24 5.40 -20.04 -9.60
CA ASP A 24 6.57 -20.80 -10.05
C ASP A 24 7.71 -20.62 -9.07
N GLY A 25 7.68 -19.52 -8.32
CA GLY A 25 8.72 -19.26 -7.32
C GLY A 25 9.58 -18.08 -7.76
N CYS A 26 9.16 -17.39 -8.81
CA CYS A 26 9.90 -16.24 -9.31
C CYS A 26 9.09 -15.48 -10.36
N ILE A 27 8.89 -14.19 -10.14
CA ILE A 27 8.12 -13.37 -11.07
C ILE A 27 8.97 -13.05 -12.29
N THR A 28 8.40 -13.26 -13.47
CA THR A 28 9.11 -13.00 -14.72
C THR A 28 8.59 -11.74 -15.39
N VAL A 29 9.42 -11.13 -16.23
CA VAL A 29 9.02 -9.91 -16.93
C VAL A 29 7.68 -10.11 -17.62
N GLU A 30 7.52 -11.26 -18.27
CA GLU A 30 6.27 -11.55 -18.96
C GLU A 30 5.09 -11.52 -17.99
N GLU A 31 5.15 -12.39 -16.98
CA GLU A 31 4.09 -12.45 -15.97
C GLU A 31 3.88 -11.06 -15.36
N LEU A 32 4.98 -10.38 -15.07
CA LEU A 32 4.90 -9.05 -14.49
C LEU A 32 4.21 -8.09 -15.45
N ALA A 33 4.47 -8.27 -16.74
CA ALA A 33 3.86 -7.41 -17.76
C ALA A 33 2.34 -7.61 -17.78
N THR A 34 1.91 -8.87 -17.73
CA THR A 34 0.48 -9.17 -17.76
C THR A 34 -0.22 -8.51 -16.59
N VAL A 35 0.34 -8.63 -15.40
CA VAL A 35 -0.25 -8.04 -14.21
C VAL A 35 -0.29 -6.52 -14.34
N ILE A 36 0.81 -5.92 -14.77
CA ILE A 36 0.88 -4.48 -14.91
C ILE A 36 -0.15 -3.99 -15.92
N ARG A 37 -0.25 -4.68 -17.05
CA ARG A 37 -1.20 -4.31 -18.09
C ARG A 37 -2.63 -4.43 -17.58
N SER A 38 -2.86 -5.40 -16.69
CA SER A 38 -4.19 -5.61 -16.14
C SER A 38 -4.73 -4.33 -15.53
N LEU A 39 -3.84 -3.37 -15.28
CA LEU A 39 -4.25 -2.10 -14.69
C LEU A 39 -4.60 -1.11 -15.78
N ASP A 40 -4.97 -1.62 -16.95
CA ASP A 40 -5.35 -0.77 -18.07
C ASP A 40 -4.11 -0.10 -18.67
N GLN A 41 -3.01 -0.10 -17.92
CA GLN A 41 -1.78 0.51 -18.39
C GLN A 41 -1.15 -0.32 -19.50
N ASN A 42 -0.26 0.29 -20.25
CA ASN A 42 0.41 -0.41 -21.36
C ASN A 42 1.82 0.14 -21.56
N PRO A 43 2.69 -0.08 -20.61
CA PRO A 43 4.11 0.38 -20.68
C PRO A 43 4.96 -0.52 -21.56
N THR A 44 6.14 -0.03 -21.94
CA THR A 44 7.05 -0.81 -22.77
C THR A 44 7.94 -1.71 -21.90
N GLU A 45 8.31 -2.86 -22.45
CA GLU A 45 9.16 -3.80 -21.72
C GLU A 45 10.51 -3.15 -21.37
N GLU A 46 10.86 -2.10 -22.11
CA GLU A 46 12.12 -1.43 -21.88
C GLU A 46 12.16 -0.81 -20.47
N GLU A 47 11.06 -0.18 -20.08
CA GLU A 47 10.98 0.45 -18.78
C GLU A 47 10.89 -0.62 -17.68
N LEU A 48 10.36 -1.78 -18.04
CA LEU A 48 10.22 -2.88 -17.09
C LEU A 48 11.54 -3.63 -16.92
N GLN A 49 12.21 -3.91 -18.03
CA GLN A 49 13.48 -4.60 -17.98
C GLN A 49 14.56 -3.69 -17.41
N ASP A 50 14.39 -2.39 -17.61
CA ASP A 50 15.36 -1.41 -17.11
C ASP A 50 15.31 -1.32 -15.59
N MET A 51 14.12 -1.02 -15.06
CA MET A 51 13.96 -0.90 -13.62
C MET A 51 14.23 -2.24 -12.93
N ILE A 52 13.88 -3.33 -13.61
CA ILE A 52 14.08 -4.65 -13.06
C ILE A 52 15.54 -5.03 -13.12
N SER A 53 16.27 -4.43 -14.05
CA SER A 53 17.70 -4.72 -14.21
C SER A 53 18.54 -3.80 -13.33
N GLU A 54 18.03 -2.59 -13.10
CA GLU A 54 18.72 -1.62 -12.26
C GLU A 54 18.93 -2.18 -10.86
N VAL A 55 18.45 -3.40 -10.63
CA VAL A 55 18.59 -4.02 -9.31
C VAL A 55 18.93 -5.50 -9.46
N ASP A 56 18.11 -6.21 -10.25
CA ASP A 56 18.32 -7.64 -10.43
C ASP A 56 19.78 -7.93 -10.77
N ALA A 57 20.59 -8.12 -9.74
CA ALA A 57 22.01 -8.40 -9.95
C ALA A 57 22.22 -9.40 -11.07
N ASP A 58 21.89 -10.66 -10.82
CA ASP A 58 22.05 -11.70 -11.82
C ASP A 58 21.21 -11.40 -13.05
N GLY A 59 20.56 -10.22 -13.05
CA GLY A 59 19.72 -9.81 -14.19
C GLY A 59 19.16 -11.02 -14.91
N ASN A 60 18.33 -11.79 -14.22
CA ASN A 60 17.73 -12.99 -14.81
C ASN A 60 16.29 -12.72 -15.23
N GLY A 61 16.01 -11.46 -15.54
CA GLY A 61 14.65 -11.08 -15.97
C GLY A 61 13.61 -11.69 -15.05
N THR A 62 14.04 -12.15 -13.88
CA THR A 62 13.13 -12.75 -12.91
C THR A 62 13.44 -12.27 -11.51
N ILE A 63 12.41 -11.90 -10.77
CA ILE A 63 12.58 -11.41 -9.40
C ILE A 63 12.16 -12.50 -8.40
N GLU A 64 13.05 -12.77 -7.45
CA GLU A 64 12.77 -13.77 -6.42
C GLU A 64 12.16 -13.11 -5.18
N PHE A 65 11.46 -13.91 -4.38
CA PHE A 65 10.83 -13.39 -3.17
C PHE A 65 11.79 -12.46 -2.42
N ASP A 66 13.02 -12.92 -2.21
CA ASP A 66 14.01 -12.13 -1.50
C ASP A 66 14.29 -10.84 -2.25
N GLU A 67 14.29 -10.93 -3.59
CA GLU A 67 14.53 -9.76 -4.42
C GLU A 67 13.32 -8.83 -4.41
N PHE A 68 12.14 -9.41 -4.56
CA PHE A 68 10.92 -8.62 -4.56
C PHE A 68 10.77 -7.85 -3.26
N LEU A 69 11.06 -8.53 -2.15
CA LEU A 69 10.95 -7.89 -0.84
C LEU A 69 11.92 -6.71 -0.75
N SER A 70 13.16 -6.92 -1.20
CA SER A 70 14.15 -5.87 -1.16
C SER A 70 13.80 -4.75 -2.13
N LEU A 71 13.36 -5.13 -3.32
CA LEU A 71 12.98 -4.15 -4.33
C LEU A 71 11.79 -3.32 -3.87
N MET A 72 10.80 -3.99 -3.29
CA MET A 72 9.61 -3.31 -2.83
C MET A 72 9.95 -2.31 -1.72
N ALA A 73 10.71 -2.78 -0.74
CA ALA A 73 11.10 -1.93 0.38
C ALA A 73 12.02 -0.81 -0.09
N LYS A 74 12.95 -1.15 -0.96
CA LYS A 74 13.88 -0.19 -1.53
C LYS A 74 13.15 0.83 -2.40
N LYS A 75 11.82 0.85 -2.32
CA LYS A 75 11.03 1.75 -3.11
C LYS A 75 9.66 1.96 -2.48
N VAL A 76 9.63 2.24 -1.18
CA VAL A 76 8.38 2.44 -0.46
C VAL A 76 8.65 2.36 1.02
N LYS A 77 7.91 3.16 1.81
CA LYS A 77 8.05 3.17 3.27
C LYS A 77 7.64 4.53 3.80
N ASP A 78 8.10 5.59 3.14
CA ASP A 78 7.79 6.95 3.56
C ASP A 78 7.84 7.88 2.36
N THR A 79 9.04 8.14 1.86
CA THR A 79 9.22 9.00 0.70
C THR A 79 8.74 10.42 0.98
N ASP A 80 8.08 11.03 0.00
CA ASP A 80 7.58 12.39 0.14
C ASP A 80 6.33 12.42 1.02
N ALA A 81 6.08 13.57 1.62
CA ALA A 81 4.93 13.74 2.49
C ALA A 81 3.66 13.90 1.68
N GLU A 82 3.67 14.83 0.73
CA GLU A 82 2.51 15.06 -0.12
C GLU A 82 2.16 13.82 -0.92
N GLU A 83 3.14 12.93 -1.08
CA GLU A 83 2.92 11.70 -1.83
C GLU A 83 2.16 10.68 -0.98
N GLU A 84 2.67 10.42 0.22
CA GLU A 84 2.02 9.47 1.11
C GLU A 84 0.74 10.06 1.70
N LEU A 85 0.77 11.36 1.94
CA LEU A 85 -0.39 12.04 2.52
C LEU A 85 -1.55 12.12 1.54
N LYS A 86 -1.21 12.23 0.25
CA LYS A 86 -2.23 12.32 -0.78
C LYS A 86 -2.73 10.93 -1.21
N GLU A 87 -1.78 10.02 -1.42
CA GLU A 87 -2.14 8.66 -1.82
C GLU A 87 -3.02 8.01 -0.77
N ALA A 88 -2.67 8.21 0.50
CA ALA A 88 -3.44 7.63 1.59
C ALA A 88 -4.86 8.19 1.56
N PHE A 89 -4.99 9.52 1.58
CA PHE A 89 -6.31 10.14 1.54
C PHE A 89 -7.06 9.71 0.30
N LYS A 90 -6.32 9.48 -0.79
CA LYS A 90 -6.93 9.07 -2.05
C LYS A 90 -7.60 7.71 -1.89
N VAL A 91 -6.97 6.83 -1.12
CA VAL A 91 -7.52 5.49 -0.90
C VAL A 91 -8.70 5.55 0.07
N PHE A 92 -8.47 6.13 1.24
CA PHE A 92 -9.51 6.22 2.25
C PHE A 92 -10.77 6.82 1.66
N ASP A 93 -10.62 7.89 0.91
CA ASP A 93 -11.77 8.54 0.29
C ASP A 93 -12.13 7.86 -1.03
N LYS A 94 -12.46 6.58 -0.95
CA LYS A 94 -12.81 5.83 -2.15
C LYS A 94 -13.68 6.65 -3.09
N ASP A 95 -14.83 7.11 -2.59
CA ASP A 95 -15.74 7.89 -3.42
C ASP A 95 -15.16 9.26 -3.73
N GLN A 96 -14.00 9.55 -3.17
CA GLN A 96 -13.35 10.83 -3.40
C GLN A 96 -14.34 11.98 -3.25
N ASN A 97 -15.10 11.95 -2.16
CA ASN A 97 -16.08 13.00 -1.91
C ASN A 97 -15.45 14.19 -1.21
N GLY A 98 -14.17 14.05 -0.86
CA GLY A 98 -13.44 15.12 -0.19
C GLY A 98 -13.47 14.94 1.32
N TYR A 99 -14.17 13.91 1.78
CA TYR A 99 -14.26 13.63 3.21
C TYR A 99 -14.22 12.14 3.47
N ILE A 100 -13.66 11.74 4.62
CA ILE A 100 -13.57 10.33 4.97
C ILE A 100 -14.76 9.93 5.82
N SER A 101 -15.60 9.06 5.27
CA SER A 101 -16.80 8.59 5.99
C SER A 101 -16.48 7.30 6.73
N ALA A 102 -17.20 7.05 7.82
CA ALA A 102 -16.99 5.86 8.62
C ALA A 102 -17.02 4.62 7.73
N SER A 103 -17.98 4.57 6.82
CA SER A 103 -18.12 3.43 5.91
C SER A 103 -16.85 3.26 5.10
N GLU A 104 -16.30 4.38 4.61
CA GLU A 104 -15.09 4.34 3.81
C GLU A 104 -13.90 3.88 4.67
N LEU A 105 -13.69 4.56 5.78
CA LEU A 105 -12.61 4.19 6.69
C LEU A 105 -12.82 2.78 7.22
N ARG A 106 -14.07 2.33 7.24
CA ARG A 106 -14.38 1.00 7.74
C ARG A 106 -14.09 -0.06 6.68
N HIS A 107 -14.56 0.18 5.46
CA HIS A 107 -14.36 -0.76 4.37
C HIS A 107 -12.89 -1.12 4.28
N VAL A 108 -12.03 -0.11 4.17
CA VAL A 108 -10.60 -0.37 4.06
C VAL A 108 -10.10 -1.12 5.29
N MET A 109 -10.13 -0.46 6.45
CA MET A 109 -9.64 -1.07 7.68
C MET A 109 -9.82 -2.59 7.66
N ILE A 110 -11.05 -3.05 7.82
CA ILE A 110 -11.32 -4.48 7.82
C ILE A 110 -10.67 -5.14 6.60
N ASN A 111 -10.84 -4.53 5.43
CA ASN A 111 -10.28 -5.09 4.21
C ASN A 111 -8.80 -5.41 4.39
N LEU A 112 -8.24 -4.99 5.52
CA LEU A 112 -6.83 -5.24 5.81
C LEU A 112 -6.67 -6.52 6.62
N GLY A 113 -6.26 -6.37 7.88
CA GLY A 113 -6.07 -7.53 8.75
C GLY A 113 -6.19 -7.13 10.21
N GLU A 114 -7.25 -6.40 10.54
CA GLU A 114 -7.48 -5.95 11.91
C GLU A 114 -8.94 -6.15 12.30
N LYS A 115 -9.16 -6.85 13.42
CA LYS A 115 -10.52 -7.11 13.88
C LYS A 115 -10.98 -5.99 14.80
N LEU A 116 -11.74 -5.05 14.26
CA LEU A 116 -12.25 -3.93 15.05
C LEU A 116 -13.77 -3.83 14.92
N THR A 117 -14.43 -3.58 16.03
CA THR A 117 -15.89 -3.46 16.04
C THR A 117 -16.31 -2.06 15.59
N ASP A 118 -17.60 -1.87 15.39
CA ASP A 118 -18.12 -0.58 14.97
C ASP A 118 -17.84 0.49 16.01
N GLU A 119 -17.70 0.05 17.26
CA GLU A 119 -17.42 0.98 18.36
C GLU A 119 -16.01 1.55 18.24
N GLU A 120 -15.06 0.68 17.91
CA GLU A 120 -13.67 1.11 17.77
C GLU A 120 -13.50 1.95 16.51
N VAL A 121 -14.11 1.51 15.41
CA VAL A 121 -13.99 2.23 14.15
C VAL A 121 -14.66 3.60 14.24
N GLU A 122 -15.91 3.61 14.68
CA GLU A 122 -16.65 4.86 14.80
C GLU A 122 -15.96 5.79 15.80
N GLN A 123 -15.28 5.20 16.78
CA GLN A 123 -14.60 5.98 17.79
C GLN A 123 -13.44 6.77 17.16
N MET A 124 -12.56 6.06 16.46
CA MET A 124 -11.42 6.69 15.84
C MET A 124 -11.84 7.88 14.99
N ILE A 125 -12.71 7.63 14.02
CA ILE A 125 -13.17 8.70 13.13
C ILE A 125 -13.71 9.87 13.94
N LYS A 126 -14.43 9.57 15.01
CA LYS A 126 -14.98 10.61 15.86
C LYS A 126 -13.87 11.41 16.53
N GLU A 127 -12.82 10.71 16.94
CA GLU A 127 -11.69 11.37 17.59
C GLU A 127 -10.90 12.22 16.61
N ALA A 128 -10.63 11.67 15.44
CA ALA A 128 -9.89 12.39 14.40
C ALA A 128 -10.61 13.67 14.03
N ASP A 129 -11.94 13.61 14.02
CA ASP A 129 -12.75 14.79 13.67
C ASP A 129 -12.60 15.85 14.76
N LEU A 130 -11.85 16.91 14.46
CA LEU A 130 -11.64 17.99 15.40
C LEU A 130 -12.86 18.90 15.48
N ASP A 131 -13.45 19.17 14.31
CA ASP A 131 -14.62 20.05 14.25
C ASP A 131 -15.92 19.25 14.32
N GLY A 132 -15.79 17.93 14.40
CA GLY A 132 -16.96 17.08 14.49
C GLY A 132 -17.91 17.32 13.31
N ASP A 133 -17.90 16.39 12.36
CA ASP A 133 -18.77 16.52 11.18
C ASP A 133 -19.20 15.14 10.69
N GLY A 134 -18.96 14.12 11.50
CA GLY A 134 -19.33 12.76 11.13
C GLY A 134 -18.40 12.23 10.04
N GLN A 135 -17.52 13.09 9.54
CA GLN A 135 -16.59 12.69 8.49
C GLN A 135 -15.33 13.55 8.55
N VAL A 136 -14.17 12.90 8.49
CA VAL A 136 -12.90 13.62 8.52
C VAL A 136 -12.58 14.20 7.16
N ASN A 137 -12.30 15.51 7.13
CA ASN A 137 -11.97 16.18 5.89
C ASN A 137 -10.46 16.16 5.65
N TYR A 138 -10.06 16.35 4.40
CA TYR A 138 -8.65 16.36 4.06
C TYR A 138 -7.88 17.29 4.98
N GLU A 139 -8.47 18.45 5.27
CA GLU A 139 -7.81 19.42 6.14
C GLU A 139 -7.61 18.84 7.54
N GLU A 140 -8.68 18.29 8.11
CA GLU A 140 -8.59 17.69 9.44
C GLU A 140 -7.63 16.51 9.42
N PHE A 141 -7.64 15.75 8.33
CA PHE A 141 -6.75 14.61 8.20
C PHE A 141 -5.29 15.06 8.28
N VAL A 142 -4.96 16.10 7.54
CA VAL A 142 -3.60 16.62 7.52
C VAL A 142 -3.17 17.00 8.93
N LYS A 143 -4.04 17.69 9.65
CA LYS A 143 -3.73 18.12 11.01
C LYS A 143 -3.55 16.92 11.93
N MET A 144 -4.32 15.87 11.67
CA MET A 144 -4.24 14.66 12.48
C MET A 144 -2.89 13.97 12.29
N MET A 145 -2.32 14.12 11.11
CA MET A 145 -1.04 13.48 10.80
C MET A 145 0.12 14.41 11.16
N MET A 146 -0.18 15.69 11.29
CA MET A 146 0.84 16.67 11.63
C MET A 146 1.09 16.70 13.14
N THR A 147 0.39 17.60 13.82
CA THR A 147 0.54 17.74 15.26
C THR A 147 -0.22 16.65 16.00
N VAL A 148 -1.16 16.02 15.29
CA VAL A 148 -1.96 14.96 15.89
C VAL A 148 -2.88 15.50 16.97
N ARG A 149 -2.72 16.78 17.28
CA ARG A 149 -3.54 17.43 18.30
C ARG A 149 -4.78 18.05 17.68
N ALA B 1 -5.82 7.21 18.93
CA ALA B 1 -5.93 6.49 17.64
C ALA B 1 -4.79 6.92 16.72
N ARG B 2 -3.73 7.45 17.31
CA ARG B 2 -2.57 7.90 16.54
C ARG B 2 -1.96 6.73 15.77
N GLN B 3 -1.76 5.62 16.45
CA GLN B 3 -1.18 4.44 15.82
C GLN B 3 -2.18 3.81 14.86
N ARG B 4 -3.44 3.82 15.24
CA ARG B 4 -4.48 3.23 14.40
C ARG B 4 -4.53 3.93 13.04
N TRP B 5 -4.49 5.25 13.06
CA TRP B 5 -4.51 6.01 11.81
C TRP B 5 -3.25 5.73 11.00
N ARG B 6 -2.10 5.78 11.67
CA ARG B 6 -0.83 5.52 11.00
C ARG B 6 -0.78 4.08 10.54
N SER B 7 -1.37 3.18 11.32
CA SER B 7 -1.38 1.76 10.98
C SER B 7 -2.09 1.56 9.65
N SER B 8 -3.25 2.17 9.50
CA SER B 8 -4.00 2.05 8.25
C SER B 8 -3.19 2.61 7.09
N VAL B 9 -2.53 3.73 7.32
CA VAL B 9 -1.72 4.35 6.28
C VAL B 9 -0.53 3.47 5.92
N SER B 10 0.15 2.96 6.94
CA SER B 10 1.32 2.12 6.71
C SER B 10 0.92 0.78 6.12
N ILE B 11 -0.15 0.20 6.67
CA ILE B 11 -0.62 -1.08 6.17
C ILE B 11 -1.05 -0.97 4.73
N VAL B 12 -1.75 0.11 4.40
CA VAL B 12 -2.22 0.31 3.04
C VAL B 12 -1.04 0.46 2.09
N LYS B 13 -0.03 1.23 2.52
CA LYS B 13 1.13 1.45 1.68
C LYS B 13 1.86 0.14 1.43
N ASN B 14 2.05 -0.64 2.48
CA ASN B 14 2.72 -1.93 2.36
C ASN B 14 1.89 -2.88 1.52
N ARG B 15 0.56 -2.80 1.67
CA ARG B 15 -0.32 -3.68 0.93
C ARG B 15 -0.18 -3.49 -0.55
N ALA B 16 -0.34 -2.23 -1.01
CA ALA B 16 -0.23 -1.91 -2.44
C ALA B 16 -0.54 -3.14 -3.30
N ARG B 17 -1.68 -3.77 -3.03
CA ARG B 17 -2.07 -4.96 -3.76
C ARG B 17 -2.19 -4.64 -5.24
N ARG B 18 -1.96 -3.37 -5.59
CA ARG B 18 -2.05 -2.95 -6.99
C ARG B 18 -0.67 -2.57 -7.52
N PHE B 19 0.34 -2.72 -6.67
CA PHE B 19 1.72 -2.41 -7.07
C PHE B 19 1.79 -0.99 -7.64
N ARG B 20 1.40 -0.02 -6.84
CA ARG B 20 1.42 1.37 -7.28
C ARG B 20 2.81 1.76 -7.76
N MET B 21 3.83 1.14 -7.16
CA MET B 21 5.20 1.44 -7.53
C MET B 21 5.52 0.92 -8.93
N ILE B 22 5.45 -0.39 -9.09
CA ILE B 22 5.73 -1.01 -10.37
C ILE B 22 4.73 -0.53 -11.42
N SER B 23 3.46 -0.47 -11.03
CA SER B 23 2.42 -0.05 -11.96
C SER B 23 2.74 1.33 -12.51
N ASN B 24 3.12 2.24 -11.63
CA ASN B 24 3.46 3.60 -12.05
C ASN B 24 4.74 3.59 -12.87
N LEU B 25 5.70 2.78 -12.47
CA LEU B 25 6.98 2.69 -13.18
C LEU B 25 7.02 1.43 -14.04
CA CA C . 6.50 -17.17 -12.58
CA CA D . 17.06 -12.28 -10.05
CA CA E . -14.55 9.99 0.50
CA CA F . -14.82 16.52 10.59
N ALA A 1 8.85 -16.36 12.17
CA ALA A 1 7.44 -16.76 12.41
C ALA A 1 6.98 -16.20 13.75
N ASP A 2 7.20 -14.91 13.96
CA ASP A 2 6.81 -14.25 15.20
C ASP A 2 5.78 -13.16 14.91
N ILE A 3 6.26 -11.97 14.63
CA ILE A 3 5.38 -10.84 14.34
C ILE A 3 4.49 -11.16 13.15
N LEU A 4 5.09 -11.72 12.10
CA LEU A 4 4.34 -12.08 10.90
C LEU A 4 3.08 -12.86 11.27
N SER A 5 2.17 -12.99 10.31
CA SER A 5 0.94 -13.71 10.55
C SER A 5 0.31 -14.18 9.23
N GLU A 6 -0.48 -15.25 9.29
CA GLU A 6 -1.13 -15.78 8.10
C GLU A 6 -1.76 -14.64 7.30
N GLU A 7 -2.27 -13.63 8.01
CA GLU A 7 -2.89 -12.47 7.34
C GLU A 7 -1.81 -11.69 6.58
N GLN A 8 -0.66 -11.49 7.22
CA GLN A 8 0.45 -10.77 6.59
C GLN A 8 0.80 -11.46 5.27
N ILE A 9 1.06 -12.76 5.33
CA ILE A 9 1.42 -13.52 4.13
C ILE A 9 0.30 -13.42 3.11
N VAL A 10 -0.94 -13.58 3.57
CA VAL A 10 -2.09 -13.50 2.67
C VAL A 10 -2.07 -12.17 1.91
N ASP A 11 -1.87 -11.08 2.63
CA ASP A 11 -1.83 -9.76 2.01
C ASP A 11 -0.81 -9.75 0.87
N PHE A 12 0.41 -10.22 1.16
CA PHE A 12 1.45 -10.28 0.14
C PHE A 12 1.06 -11.27 -0.96
N LYS A 13 0.52 -12.42 -0.55
CA LYS A 13 0.13 -13.44 -1.50
C LYS A 13 -0.83 -12.85 -2.53
N GLU A 14 -1.73 -11.97 -2.06
CA GLU A 14 -2.69 -11.34 -2.95
C GLU A 14 -1.96 -10.43 -3.95
N ALA A 15 -1.06 -9.60 -3.45
CA ALA A 15 -0.29 -8.70 -4.32
C ALA A 15 0.41 -9.51 -5.42
N PHE A 16 1.08 -10.59 -5.03
CA PHE A 16 1.78 -11.42 -5.99
C PHE A 16 0.79 -11.95 -7.05
N GLY A 17 -0.34 -12.47 -6.59
CA GLY A 17 -1.35 -13.01 -7.50
C GLY A 17 -1.70 -11.99 -8.57
N LEU A 18 -1.79 -10.72 -8.16
CA LEU A 18 -2.11 -9.65 -9.11
C LEU A 18 -1.01 -9.51 -10.16
N PHE A 19 0.23 -9.61 -9.71
CA PHE A 19 1.36 -9.49 -10.61
C PHE A 19 1.37 -10.62 -11.64
N ASP A 20 1.09 -11.83 -11.17
CA ASP A 20 1.08 -12.99 -12.06
C ASP A 20 -0.33 -13.38 -12.45
N LYS A 21 -0.92 -12.62 -13.37
CA LYS A 21 -2.27 -12.91 -13.83
C LYS A 21 -2.37 -14.35 -14.29
N ASP A 22 -1.26 -14.91 -14.75
CA ASP A 22 -1.24 -16.29 -15.23
C ASP A 22 -0.72 -17.22 -14.14
N GLY A 23 -1.11 -16.94 -12.89
CA GLY A 23 -0.68 -17.77 -11.76
C GLY A 23 0.34 -18.82 -12.16
N ASP A 24 1.53 -18.36 -12.54
CA ASP A 24 2.59 -19.27 -12.98
C ASP A 24 3.49 -19.60 -11.80
N GLY A 25 3.56 -18.70 -10.83
CA GLY A 25 4.40 -18.90 -9.65
C GLY A 25 5.65 -18.04 -9.71
N CYS A 26 5.66 -17.06 -10.61
CA CYS A 26 6.80 -16.17 -10.75
C CYS A 26 6.40 -14.91 -11.51
N ILE A 27 7.26 -13.89 -11.43
CA ILE A 27 6.98 -12.62 -12.12
C ILE A 27 8.03 -12.37 -13.20
N THR A 28 7.59 -12.31 -14.45
CA THR A 28 8.51 -12.08 -15.56
C THR A 28 8.53 -10.61 -15.96
N VAL A 29 9.66 -10.17 -16.50
CA VAL A 29 9.80 -8.78 -16.92
C VAL A 29 8.62 -8.37 -17.78
N GLU A 30 8.26 -9.22 -18.73
CA GLU A 30 7.13 -8.92 -19.62
C GLU A 30 5.84 -8.78 -18.83
N GLU A 31 5.51 -9.79 -18.04
CA GLU A 31 4.30 -9.77 -17.24
C GLU A 31 4.28 -8.54 -16.33
N LEU A 32 5.42 -8.25 -15.71
CA LEU A 32 5.52 -7.10 -14.83
C LEU A 32 5.24 -5.82 -15.59
N ALA A 33 5.69 -5.77 -16.84
CA ALA A 33 5.49 -4.58 -17.68
C ALA A 33 4.01 -4.40 -17.97
N THR A 34 3.32 -5.50 -18.25
CA THR A 34 1.89 -5.45 -18.54
C THR A 34 1.13 -4.82 -17.37
N VAL A 35 1.46 -5.27 -16.16
CA VAL A 35 0.80 -4.75 -14.96
C VAL A 35 1.08 -3.25 -14.82
N ILE A 36 2.33 -2.86 -15.03
CA ILE A 36 2.71 -1.46 -14.93
C ILE A 36 1.95 -0.64 -15.97
N ARG A 37 1.86 -1.16 -17.18
CA ARG A 37 1.15 -0.47 -18.25
C ARG A 37 -0.30 -0.22 -17.87
N SER A 38 -0.88 -1.16 -17.12
CA SER A 38 -2.27 -1.04 -16.70
C SER A 38 -2.48 0.24 -15.90
N LEU A 39 -1.42 0.72 -15.26
CA LEU A 39 -1.50 1.94 -14.47
C LEU A 39 -1.46 3.17 -15.36
N ASP A 40 -1.59 2.96 -16.66
CA ASP A 40 -1.56 4.06 -17.61
C ASP A 40 -0.16 4.65 -17.72
N GLN A 41 0.84 3.78 -17.72
CA GLN A 41 2.23 4.23 -17.82
C GLN A 41 3.14 3.06 -18.17
N ASN A 42 3.96 3.25 -19.21
CA ASN A 42 4.88 2.20 -19.64
C ASN A 42 6.30 2.73 -19.71
N PRO A 43 6.99 2.73 -18.61
CA PRO A 43 8.41 3.19 -18.53
C PRO A 43 9.31 2.42 -19.49
N THR A 44 10.53 2.91 -19.67
CA THR A 44 11.47 2.26 -20.58
C THR A 44 11.87 0.89 -20.03
N GLU A 45 12.03 -0.06 -20.94
CA GLU A 45 12.40 -1.42 -20.56
C GLU A 45 13.64 -1.41 -19.68
N GLU A 46 14.59 -0.53 -20.02
CA GLU A 46 15.83 -0.43 -19.28
C GLU A 46 15.54 -0.34 -17.78
N GLU A 47 14.55 0.48 -17.42
CA GLU A 47 14.18 0.64 -16.03
C GLU A 47 13.70 -0.68 -15.43
N LEU A 48 13.06 -1.48 -16.26
CA LEU A 48 12.55 -2.77 -15.82
C LEU A 48 13.67 -3.81 -15.77
N GLN A 49 14.60 -3.69 -16.69
CA GLN A 49 15.71 -4.64 -16.75
C GLN A 49 16.55 -4.57 -15.49
N ASP A 50 16.90 -3.35 -15.09
CA ASP A 50 17.71 -3.16 -13.88
C ASP A 50 16.91 -3.56 -12.65
N MET A 51 15.66 -3.10 -12.58
CA MET A 51 14.81 -3.42 -11.44
C MET A 51 14.89 -4.90 -11.10
N ILE A 52 14.61 -5.75 -12.08
CA ILE A 52 14.69 -7.19 -11.88
C ILE A 52 16.13 -7.64 -11.61
N SER A 53 17.06 -7.07 -12.36
CA SER A 53 18.46 -7.42 -12.22
C SER A 53 19.04 -6.89 -10.91
N GLU A 54 18.35 -5.91 -10.34
CA GLU A 54 18.81 -5.29 -9.10
C GLU A 54 18.47 -6.18 -7.91
N VAL A 55 17.68 -7.22 -8.16
CA VAL A 55 17.28 -8.13 -7.10
C VAL A 55 17.14 -9.55 -7.64
N ASP A 56 18.08 -9.95 -8.50
CA ASP A 56 18.04 -11.30 -9.07
C ASP A 56 19.13 -12.15 -8.42
N ALA A 57 18.74 -13.03 -7.51
CA ALA A 57 19.69 -13.90 -6.83
C ALA A 57 19.88 -15.20 -7.59
N ASP A 58 19.08 -15.41 -8.61
CA ASP A 58 19.16 -16.63 -9.41
C ASP A 58 19.28 -16.30 -10.89
N GLY A 59 19.50 -15.02 -11.19
CA GLY A 59 19.63 -14.58 -12.58
C GLY A 59 18.59 -15.26 -13.46
N ASN A 60 17.33 -15.23 -13.01
CA ASN A 60 16.24 -15.85 -13.76
C ASN A 60 15.37 -14.78 -14.41
N GLY A 61 15.87 -13.55 -14.46
CA GLY A 61 15.13 -12.45 -15.05
C GLY A 61 13.70 -12.43 -14.54
N THR A 62 13.46 -13.15 -13.44
CA THR A 62 12.13 -13.20 -12.85
C THR A 62 12.21 -13.14 -11.33
N ILE A 63 11.22 -12.50 -10.71
CA ILE A 63 11.21 -12.37 -9.25
C ILE A 63 10.31 -13.45 -8.65
N GLU A 64 10.88 -14.22 -7.72
CA GLU A 64 10.13 -15.28 -7.06
C GLU A 64 9.30 -14.71 -5.91
N PHE A 65 8.33 -15.49 -5.45
CA PHE A 65 7.47 -15.04 -4.37
C PHE A 65 8.31 -14.57 -3.19
N ASP A 66 9.29 -15.37 -2.80
CA ASP A 66 10.16 -15.01 -1.68
C ASP A 66 10.90 -13.70 -1.97
N GLU A 67 11.31 -13.54 -3.22
CA GLU A 67 12.03 -12.32 -3.61
C GLU A 67 11.08 -11.13 -3.62
N PHE A 68 9.96 -11.26 -4.33
CA PHE A 68 8.99 -10.20 -4.40
C PHE A 68 8.59 -9.75 -3.00
N LEU A 69 8.37 -10.71 -2.12
CA LEU A 69 7.96 -10.40 -0.75
C LEU A 69 8.98 -9.48 -0.09
N SER A 70 10.22 -9.94 -0.01
CA SER A 70 11.28 -9.14 0.60
C SER A 70 11.54 -7.88 -0.22
N LEU A 71 11.59 -8.04 -1.54
CA LEU A 71 11.86 -6.91 -2.41
C LEU A 71 10.92 -5.75 -2.12
N MET A 72 9.62 -6.01 -2.25
CA MET A 72 8.63 -4.97 -2.00
C MET A 72 8.59 -4.57 -0.54
N ALA A 73 8.60 -5.56 0.34
CA ALA A 73 8.54 -5.30 1.77
C ALA A 73 9.72 -4.44 2.21
N LYS A 74 10.81 -4.50 1.45
CA LYS A 74 12.00 -3.73 1.78
C LYS A 74 12.02 -2.40 1.03
N LYS A 75 12.02 -2.49 -0.30
CA LYS A 75 12.07 -1.29 -1.11
C LYS A 75 10.94 -0.33 -0.76
N VAL A 76 11.10 0.41 0.33
CA VAL A 76 10.10 1.38 0.74
C VAL A 76 10.80 2.67 1.13
N LYS A 77 10.02 3.76 1.18
CA LYS A 77 10.56 5.08 1.53
C LYS A 77 9.65 6.19 1.03
N ASP A 78 9.50 6.25 -0.30
CA ASP A 78 8.66 7.28 -0.92
C ASP A 78 9.32 8.64 -0.82
N THR A 79 9.59 9.08 0.41
CA THR A 79 10.21 10.37 0.63
C THR A 79 9.39 11.49 0.00
N ASP A 80 8.10 11.52 0.32
CA ASP A 80 7.21 12.54 -0.21
C ASP A 80 5.94 12.63 0.63
N ALA A 81 5.70 13.83 1.18
CA ALA A 81 4.52 14.03 2.01
C ALA A 81 3.27 14.17 1.16
N GLU A 82 3.32 15.07 0.17
CA GLU A 82 2.18 15.29 -0.69
C GLU A 82 1.78 14.00 -1.41
N GLU A 83 2.74 13.10 -1.57
CA GLU A 83 2.48 11.83 -2.25
C GLU A 83 1.80 10.85 -1.31
N GLU A 84 2.39 10.64 -0.15
CA GLU A 84 1.83 9.70 0.83
C GLU A 84 0.55 10.25 1.42
N LEU A 85 0.51 11.56 1.62
CA LEU A 85 -0.66 12.19 2.20
C LEU A 85 -1.82 12.25 1.22
N LYS A 86 -1.48 12.30 -0.06
CA LYS A 86 -2.51 12.38 -1.09
C LYS A 86 -3.00 10.97 -1.47
N GLU A 87 -2.07 10.09 -1.77
CA GLU A 87 -2.42 8.72 -2.14
C GLU A 87 -3.22 8.06 -1.03
N ALA A 88 -2.80 8.30 0.22
CA ALA A 88 -3.49 7.73 1.37
C ALA A 88 -4.93 8.23 1.42
N PHE A 89 -5.08 9.56 1.44
CA PHE A 89 -6.42 10.15 1.48
C PHE A 89 -7.23 9.70 0.26
N LYS A 90 -6.56 9.57 -0.87
CA LYS A 90 -7.24 9.14 -2.10
C LYS A 90 -7.90 7.78 -1.90
N VAL A 91 -7.22 6.91 -1.16
CA VAL A 91 -7.77 5.58 -0.90
C VAL A 91 -8.91 5.67 0.12
N PHE A 92 -8.67 6.36 1.23
CA PHE A 92 -9.67 6.52 2.27
C PHE A 92 -10.91 7.17 1.69
N ASP A 93 -10.71 8.24 0.93
CA ASP A 93 -11.84 8.95 0.30
C ASP A 93 -12.15 8.34 -1.05
N LYS A 94 -12.46 7.05 -1.07
CA LYS A 94 -12.77 6.36 -2.32
C LYS A 94 -13.58 7.24 -3.25
N ASP A 95 -14.75 7.67 -2.80
CA ASP A 95 -15.61 8.52 -3.62
C ASP A 95 -14.95 9.87 -3.90
N GLN A 96 -13.82 10.11 -3.24
CA GLN A 96 -13.10 11.36 -3.42
C GLN A 96 -14.04 12.54 -3.37
N ASN A 97 -14.75 12.67 -2.25
CA ASN A 97 -15.70 13.77 -2.08
C ASN A 97 -15.07 14.88 -1.24
N GLY A 98 -13.87 14.64 -0.73
CA GLY A 98 -13.18 15.63 0.09
C GLY A 98 -13.28 15.28 1.57
N TYR A 99 -13.94 14.16 1.87
CA TYR A 99 -14.10 13.73 3.25
C TYR A 99 -14.07 12.21 3.35
N ILE A 100 -13.60 11.70 4.47
CA ILE A 100 -13.51 10.25 4.67
C ILE A 100 -14.74 9.77 5.43
N SER A 101 -15.55 8.95 4.76
CA SER A 101 -16.76 8.40 5.37
C SER A 101 -16.41 7.19 6.24
N ALA A 102 -17.14 7.01 7.33
CA ALA A 102 -16.90 5.90 8.23
C ALA A 102 -16.91 4.58 7.46
N SER A 103 -17.88 4.42 6.56
CA SER A 103 -17.98 3.20 5.77
C SER A 103 -16.71 3.00 4.95
N GLU A 104 -16.24 4.05 4.29
CA GLU A 104 -15.03 3.97 3.49
C GLU A 104 -13.84 3.56 4.36
N LEU A 105 -13.72 4.21 5.52
CA LEU A 105 -12.64 3.88 6.43
C LEU A 105 -12.86 2.51 7.07
N ARG A 106 -14.12 2.08 7.11
CA ARG A 106 -14.46 0.78 7.68
C ARG A 106 -13.82 -0.34 6.88
N HIS A 107 -13.93 -0.24 5.56
CA HIS A 107 -13.33 -1.25 4.67
C HIS A 107 -11.80 -1.15 4.73
N VAL A 108 -11.29 0.03 4.38
CA VAL A 108 -9.85 0.25 4.41
C VAL A 108 -9.25 -0.28 5.70
N MET A 109 -10.10 -0.52 6.69
CA MET A 109 -9.64 -1.03 7.99
C MET A 109 -9.67 -2.56 8.00
N ILE A 110 -10.87 -3.12 8.14
CA ILE A 110 -11.03 -4.56 8.18
C ILE A 110 -10.33 -5.20 7.00
N ASN A 111 -10.29 -4.50 5.87
CA ASN A 111 -9.65 -5.01 4.67
C ASN A 111 -8.22 -5.45 4.98
N LEU A 112 -7.72 -5.04 6.14
CA LEU A 112 -6.35 -5.40 6.54
C LEU A 112 -6.35 -6.62 7.44
N GLY A 113 -7.52 -7.24 7.58
CA GLY A 113 -7.65 -8.42 8.42
C GLY A 113 -7.76 -8.04 9.90
N GLU A 114 -8.44 -6.93 10.16
CA GLU A 114 -8.61 -6.46 11.54
C GLU A 114 -10.08 -6.36 11.89
N LYS A 115 -10.47 -6.97 13.01
CA LYS A 115 -11.87 -6.93 13.44
C LYS A 115 -12.05 -5.93 14.56
N LEU A 116 -12.39 -4.70 14.20
CA LEU A 116 -12.61 -3.64 15.19
C LEU A 116 -14.08 -3.30 15.33
N THR A 117 -14.56 -3.31 16.56
CA THR A 117 -15.97 -3.01 16.82
C THR A 117 -16.34 -1.67 16.19
N ASP A 118 -17.61 -1.53 15.82
CA ASP A 118 -18.09 -0.29 15.21
C ASP A 118 -17.86 0.88 16.14
N GLU A 119 -17.90 0.61 17.44
CA GLU A 119 -17.69 1.67 18.43
C GLU A 119 -16.27 2.21 18.34
N GLU A 120 -15.29 1.31 18.29
CA GLU A 120 -13.89 1.71 18.20
C GLU A 120 -13.65 2.49 16.90
N VAL A 121 -14.15 1.96 15.80
CA VAL A 121 -13.98 2.61 14.51
C VAL A 121 -14.69 3.97 14.51
N GLU A 122 -15.93 4.00 15.02
CA GLU A 122 -16.70 5.22 15.06
C GLU A 122 -15.97 6.28 15.89
N GLN A 123 -15.30 5.83 16.96
CA GLN A 123 -14.56 6.76 17.82
C GLN A 123 -13.46 7.44 17.02
N MET A 124 -12.61 6.65 16.36
CA MET A 124 -11.53 7.19 15.58
C MET A 124 -12.04 8.27 14.64
N ILE A 125 -13.20 8.04 14.05
CA ILE A 125 -13.78 9.01 13.13
C ILE A 125 -14.12 10.30 13.88
N LYS A 126 -14.74 10.16 15.03
CA LYS A 126 -15.13 11.33 15.82
C LYS A 126 -13.94 11.92 16.53
N GLU A 127 -12.93 11.09 16.77
CA GLU A 127 -11.72 11.55 17.46
C GLU A 127 -10.77 12.22 16.48
N ALA A 128 -10.38 11.49 15.44
CA ALA A 128 -9.46 12.02 14.44
C ALA A 128 -9.89 13.42 14.02
N ASP A 129 -11.19 13.59 13.79
CA ASP A 129 -11.72 14.90 13.40
C ASP A 129 -12.09 15.72 14.64
N LEU A 130 -11.46 16.88 14.78
CA LEU A 130 -11.73 17.73 15.93
C LEU A 130 -13.20 18.10 15.99
N ASP A 131 -13.78 18.44 14.84
CA ASP A 131 -15.18 18.80 14.78
C ASP A 131 -16.06 17.55 14.76
N GLY A 132 -15.45 16.42 14.48
CA GLY A 132 -16.18 15.15 14.44
C GLY A 132 -17.18 15.15 13.30
N ASP A 133 -18.46 15.37 13.64
CA ASP A 133 -19.52 15.37 12.64
C ASP A 133 -19.75 13.96 12.10
N GLY A 134 -18.74 13.12 12.19
CA GLY A 134 -18.83 11.75 11.69
C GLY A 134 -18.07 11.59 10.39
N GLN A 135 -17.26 12.58 10.05
CA GLN A 135 -16.46 12.53 8.82
C GLN A 135 -15.15 13.25 9.01
N VAL A 136 -14.14 12.84 8.24
CA VAL A 136 -12.83 13.49 8.31
C VAL A 136 -12.51 14.20 7.00
N ASN A 137 -12.29 15.50 7.09
CA ASN A 137 -11.96 16.29 5.90
C ASN A 137 -10.46 16.23 5.61
N TYR A 138 -10.10 16.46 4.35
CA TYR A 138 -8.69 16.41 3.95
C TYR A 138 -7.86 17.29 4.89
N GLU A 139 -8.36 18.49 5.18
CA GLU A 139 -7.66 19.41 6.07
C GLU A 139 -7.54 18.80 7.47
N GLU A 140 -8.61 18.14 7.91
CA GLU A 140 -8.62 17.52 9.24
C GLU A 140 -7.63 16.36 9.28
N PHE A 141 -7.54 15.62 8.19
CA PHE A 141 -6.63 14.49 8.12
C PHE A 141 -5.18 14.95 8.09
N VAL A 142 -4.90 15.92 7.23
CA VAL A 142 -3.54 16.43 7.11
C VAL A 142 -3.01 16.90 8.46
N LYS A 143 -3.73 17.81 9.09
CA LYS A 143 -3.31 18.34 10.38
C LYS A 143 -3.22 17.23 11.42
N MET A 144 -4.16 16.30 11.34
CA MET A 144 -4.19 15.18 12.27
C MET A 144 -3.04 14.22 11.99
N MET A 145 -2.70 14.07 10.71
CA MET A 145 -1.64 13.17 10.31
C MET A 145 -0.28 13.69 10.80
N MET A 146 -0.18 15.00 10.95
CA MET A 146 1.06 15.62 11.40
C MET A 146 1.67 14.84 12.57
N THR A 147 2.89 15.18 12.95
CA THR A 147 3.56 14.51 14.04
C THR A 147 2.82 14.74 15.35
N VAL A 148 1.72 14.03 15.54
CA VAL A 148 0.93 14.16 16.76
C VAL A 148 1.77 13.81 17.99
N ARG A 149 2.55 12.74 17.87
CA ARG A 149 3.39 12.31 18.98
C ARG A 149 4.41 13.39 19.33
N ALA B 1 -6.38 5.79 19.02
CA ALA B 1 -6.78 5.68 17.58
C ALA B 1 -5.66 6.22 16.70
N ARG B 2 -4.69 6.87 17.32
CA ARG B 2 -3.57 7.43 16.56
C ARG B 2 -2.80 6.32 15.86
N GLN B 3 -2.57 5.21 16.56
CA GLN B 3 -1.85 4.09 15.98
C GLN B 3 -2.67 3.44 14.87
N ARG B 4 -3.98 3.36 15.08
CA ARG B 4 -4.86 2.76 14.08
C ARG B 4 -4.80 3.54 12.78
N TRP B 5 -4.84 4.85 12.88
CA TRP B 5 -4.77 5.71 11.69
C TRP B 5 -3.42 5.51 10.99
N ARG B 6 -2.35 5.54 11.77
CA ARG B 6 -1.01 5.35 11.22
C ARG B 6 -0.86 3.93 10.70
N SER B 7 -1.51 2.98 11.39
CA SER B 7 -1.43 1.59 10.99
C SER B 7 -2.02 1.42 9.59
N SER B 8 -3.16 2.06 9.35
CA SER B 8 -3.80 1.97 8.04
C SER B 8 -2.90 2.55 6.96
N VAL B 9 -2.29 3.69 7.26
CA VAL B 9 -1.38 4.33 6.32
C VAL B 9 -0.12 3.50 6.13
N SER B 10 0.43 3.01 7.25
CA SER B 10 1.64 2.22 7.20
C SER B 10 1.39 0.89 6.49
N ILE B 11 0.30 0.22 6.87
CA ILE B 11 -0.05 -1.06 6.27
C ILE B 11 -0.29 -0.89 4.77
N VAL B 12 -0.98 0.20 4.42
CA VAL B 12 -1.28 0.47 3.02
C VAL B 12 0.03 0.58 2.23
N LYS B 13 1.03 1.24 2.83
CA LYS B 13 2.31 1.40 2.17
C LYS B 13 2.93 0.03 1.88
N ASN B 14 2.90 -0.85 2.88
CA ASN B 14 3.45 -2.18 2.71
C ASN B 14 2.57 -3.00 1.76
N ARG B 15 1.26 -2.82 1.87
CA ARG B 15 0.33 -3.54 1.03
C ARG B 15 0.40 -3.07 -0.41
N ALA B 16 0.39 -1.76 -0.59
CA ALA B 16 0.45 -1.18 -1.94
C ALA B 16 -0.28 -2.06 -2.94
N ARG B 17 -1.59 -1.95 -2.99
CA ARG B 17 -2.40 -2.76 -3.90
C ARG B 17 -2.10 -2.38 -5.35
N ARG B 18 -1.48 -1.21 -5.53
CA ARG B 18 -1.15 -0.72 -6.88
C ARG B 18 0.35 -0.72 -7.08
N PHE B 19 1.10 -1.13 -6.06
CA PHE B 19 2.55 -1.17 -6.15
C PHE B 19 3.12 0.23 -6.32
N ARG B 20 2.62 1.17 -5.52
CA ARG B 20 3.09 2.55 -5.59
C ARG B 20 4.59 2.60 -5.87
N MET B 21 5.32 1.64 -5.33
CA MET B 21 6.76 1.58 -5.53
C MET B 21 7.10 1.23 -6.98
N ILE B 22 6.86 -0.02 -7.35
CA ILE B 22 7.14 -0.48 -8.70
C ILE B 22 6.34 0.34 -9.71
N SER B 23 5.18 0.81 -9.28
CA SER B 23 4.32 1.60 -10.16
C SER B 23 5.04 2.88 -10.59
N ASN B 24 5.66 3.56 -9.62
CA ASN B 24 6.39 4.79 -9.90
C ASN B 24 7.59 4.50 -10.79
N LEU B 25 8.28 3.40 -10.50
CA LEU B 25 9.46 3.03 -11.29
C LEU B 25 9.05 2.35 -12.59
CA CA C . 4.04 -15.38 -14.38
CA CA D . 15.22 -13.86 -9.15
CA CA E . -16.01 9.85 1.20
CA CA F . -15.16 16.80 9.49
N ALA A 1 6.92 -10.16 11.42
CA ALA A 1 6.29 -9.87 12.74
C ALA A 1 4.86 -10.40 12.75
N ASP A 2 4.15 -10.19 11.66
CA ASP A 2 2.77 -10.66 11.55
C ASP A 2 2.77 -12.13 11.18
N ILE A 3 2.69 -13.00 12.19
CA ILE A 3 2.66 -14.45 11.98
C ILE A 3 3.11 -14.81 10.57
N LEU A 4 2.23 -15.46 9.81
CA LEU A 4 2.54 -15.83 8.44
C LEU A 4 1.41 -16.67 7.84
N SER A 5 0.40 -15.98 7.28
CA SER A 5 -0.73 -16.67 6.68
C SER A 5 -0.71 -16.50 5.17
N GLU A 6 -1.42 -17.37 4.47
CA GLU A 6 -1.48 -17.31 3.01
C GLU A 6 -2.19 -16.03 2.56
N GLU A 7 -2.99 -15.47 3.45
CA GLU A 7 -3.73 -14.24 3.13
C GLU A 7 -2.77 -13.18 2.62
N GLN A 8 -1.55 -13.20 3.11
CA GLN A 8 -0.54 -12.24 2.69
C GLN A 8 -0.03 -12.59 1.29
N ILE A 9 0.33 -13.85 1.11
CA ILE A 9 0.81 -14.32 -0.19
C ILE A 9 -0.28 -14.19 -1.23
N VAL A 10 -1.51 -14.48 -0.84
CA VAL A 10 -2.64 -14.40 -1.75
C VAL A 10 -2.80 -12.96 -2.25
N ASP A 11 -2.81 -12.01 -1.32
CA ASP A 11 -2.97 -10.60 -1.69
C ASP A 11 -1.95 -10.22 -2.76
N PHE A 12 -0.69 -10.55 -2.50
CA PHE A 12 0.37 -10.25 -3.45
C PHE A 12 0.16 -11.02 -4.74
N LYS A 13 -0.32 -12.24 -4.61
CA LYS A 13 -0.56 -13.09 -5.78
C LYS A 13 -1.58 -12.44 -6.69
N GLU A 14 -2.58 -11.80 -6.10
CA GLU A 14 -3.62 -11.14 -6.87
C GLU A 14 -3.02 -9.99 -7.68
N ALA A 15 -2.24 -9.16 -7.01
CA ALA A 15 -1.61 -8.02 -7.69
C ALA A 15 -0.67 -8.51 -8.79
N PHE A 16 0.17 -9.49 -8.45
CA PHE A 16 1.10 -10.03 -9.43
C PHE A 16 0.35 -10.44 -10.69
N GLY A 17 -0.74 -11.18 -10.52
CA GLY A 17 -1.55 -11.61 -11.65
C GLY A 17 -2.01 -10.42 -12.46
N LEU A 18 -2.21 -9.29 -11.77
CA LEU A 18 -2.66 -8.08 -12.46
C LEU A 18 -1.63 -7.65 -13.51
N PHE A 19 -0.37 -7.57 -13.08
CA PHE A 19 0.70 -7.17 -13.99
C PHE A 19 0.81 -8.16 -15.14
N ASP A 20 0.54 -9.42 -14.86
CA ASP A 20 0.62 -10.46 -15.89
C ASP A 20 -0.74 -10.66 -16.56
N LYS A 21 -1.02 -9.83 -17.54
CA LYS A 21 -2.29 -9.93 -18.25
C LYS A 21 -2.45 -11.31 -18.86
N ASP A 22 -1.37 -11.81 -19.46
CA ASP A 22 -1.40 -13.13 -20.09
C ASP A 22 -0.95 -14.20 -19.11
N GLY A 23 -1.32 -14.03 -17.84
CA GLY A 23 -0.97 -14.98 -16.77
C GLY A 23 0.01 -16.04 -17.28
N ASP A 24 1.20 -15.59 -17.65
CA ASP A 24 2.23 -16.49 -18.17
C ASP A 24 3.04 -17.08 -17.01
N GLY A 25 3.12 -16.34 -15.92
CA GLY A 25 3.86 -16.79 -14.73
C GLY A 25 5.13 -15.95 -14.54
N CYS A 26 5.24 -14.87 -15.30
CA CYS A 26 6.40 -13.99 -15.18
C CYS A 26 6.17 -12.67 -15.92
N ILE A 27 6.36 -11.56 -15.21
CA ILE A 27 6.15 -10.25 -15.82
C ILE A 27 7.32 -9.91 -16.72
N THR A 28 7.02 -9.51 -17.96
CA THR A 28 8.06 -9.16 -18.93
C THR A 28 8.28 -7.65 -18.97
N VAL A 29 9.06 -7.21 -19.94
CA VAL A 29 9.35 -5.79 -20.10
C VAL A 29 8.21 -5.09 -20.84
N GLU A 30 7.73 -5.72 -21.91
CA GLU A 30 6.65 -5.13 -22.70
C GLU A 30 5.39 -4.98 -21.85
N GLU A 31 5.07 -6.02 -21.09
CA GLU A 31 3.89 -5.99 -20.23
C GLU A 31 4.02 -4.88 -19.19
N LEU A 32 5.19 -4.80 -18.56
CA LEU A 32 5.42 -3.80 -17.54
C LEU A 32 5.24 -2.40 -18.14
N ALA A 33 5.73 -2.22 -19.36
CA ALA A 33 5.61 -0.93 -20.03
C ALA A 33 4.15 -0.66 -20.40
N THR A 34 3.46 -1.70 -20.85
CA THR A 34 2.06 -1.56 -21.25
C THR A 34 1.22 -1.09 -20.07
N VAL A 35 1.38 -1.76 -18.93
CA VAL A 35 0.62 -1.41 -17.74
C VAL A 35 0.96 0.01 -17.29
N ILE A 36 2.25 0.32 -17.24
CA ILE A 36 2.69 1.64 -16.82
C ILE A 36 2.19 2.70 -17.79
N ARG A 37 2.28 2.40 -19.09
CA ARG A 37 1.82 3.33 -20.11
C ARG A 37 0.35 3.63 -19.94
N SER A 38 -0.41 2.63 -19.49
CA SER A 38 -1.84 2.80 -19.26
C SER A 38 -2.12 3.18 -17.82
N LEU A 39 -1.06 3.53 -17.09
CA LEU A 39 -1.19 3.92 -15.69
C LEU A 39 -1.09 5.42 -15.52
N ASP A 40 -1.21 6.16 -16.63
CA ASP A 40 -1.13 7.61 -16.60
C ASP A 40 0.31 8.07 -16.51
N GLN A 41 1.23 7.20 -16.89
CA GLN A 41 2.66 7.53 -16.85
C GLN A 41 3.38 6.87 -18.01
N ASN A 42 4.49 7.47 -18.44
CA ASN A 42 5.27 6.93 -19.55
C ASN A 42 6.76 7.18 -19.33
N PRO A 43 7.39 6.37 -18.52
CA PRO A 43 8.85 6.49 -18.21
C PRO A 43 9.72 5.91 -19.31
N THR A 44 10.98 6.31 -19.32
CA THR A 44 11.92 5.82 -20.33
C THR A 44 12.09 4.31 -20.19
N GLU A 45 12.09 3.63 -21.33
CA GLU A 45 12.26 2.17 -21.33
C GLU A 45 13.62 1.79 -20.76
N GLU A 46 14.67 2.42 -21.27
CA GLU A 46 16.02 2.13 -20.80
C GLU A 46 16.05 2.01 -19.28
N GLU A 47 15.38 2.92 -18.60
CA GLU A 47 15.34 2.89 -17.14
C GLU A 47 14.67 1.60 -16.67
N LEU A 48 13.50 1.31 -17.21
CA LEU A 48 12.78 0.11 -16.82
C LEU A 48 13.67 -1.11 -16.94
N GLN A 49 14.27 -1.30 -18.12
CA GLN A 49 15.15 -2.44 -18.33
C GLN A 49 16.22 -2.48 -17.26
N ASP A 50 16.82 -1.32 -16.98
CA ASP A 50 17.86 -1.25 -15.95
C ASP A 50 17.28 -1.57 -14.58
N MET A 51 16.06 -1.06 -14.33
CA MET A 51 15.40 -1.30 -13.06
C MET A 51 15.12 -2.78 -12.86
N ILE A 52 14.71 -3.44 -13.93
CA ILE A 52 14.42 -4.87 -13.87
C ILE A 52 15.67 -5.66 -13.55
N SER A 53 16.76 -5.34 -14.22
CA SER A 53 18.03 -6.03 -13.99
C SER A 53 18.71 -5.52 -12.73
N GLU A 54 18.22 -4.41 -12.20
CA GLU A 54 18.80 -3.82 -11.00
C GLU A 54 18.75 -4.81 -9.84
N VAL A 55 17.60 -5.46 -9.67
CA VAL A 55 17.42 -6.42 -8.59
C VAL A 55 17.42 -7.86 -9.14
N ASP A 56 16.67 -8.07 -10.22
CA ASP A 56 16.58 -9.39 -10.81
C ASP A 56 17.98 -9.99 -10.99
N ALA A 57 18.38 -10.84 -10.06
CA ALA A 57 19.69 -11.47 -10.11
C ALA A 57 19.96 -12.04 -11.51
N ASP A 58 19.31 -13.15 -11.82
CA ASP A 58 19.48 -13.78 -13.12
C ASP A 58 19.07 -12.84 -14.24
N GLY A 59 18.74 -11.58 -13.88
CA GLY A 59 18.34 -10.57 -14.86
C GLY A 59 17.95 -11.22 -16.19
N ASN A 60 16.93 -12.08 -16.13
CA ASN A 60 16.47 -12.79 -17.32
C ASN A 60 15.63 -11.87 -18.19
N GLY A 61 15.25 -10.72 -17.64
CA GLY A 61 14.42 -9.77 -18.37
C GLY A 61 12.97 -9.85 -17.91
N THR A 62 12.71 -10.69 -16.91
CA THR A 62 11.36 -10.84 -16.38
C THR A 62 11.39 -10.97 -14.87
N ILE A 63 10.33 -10.50 -14.21
CA ILE A 63 10.25 -10.56 -12.75
C ILE A 63 9.34 -11.71 -12.33
N GLU A 64 9.90 -12.61 -11.53
CA GLU A 64 9.14 -13.76 -11.03
C GLU A 64 8.35 -13.37 -9.79
N PHE A 65 7.35 -14.16 -9.45
CA PHE A 65 6.52 -13.87 -8.28
C PHE A 65 7.39 -13.67 -7.05
N ASP A 66 8.35 -14.56 -6.86
CA ASP A 66 9.25 -14.48 -5.72
C ASP A 66 10.01 -13.15 -5.76
N GLU A 67 10.41 -12.74 -6.96
CA GLU A 67 11.14 -11.48 -7.12
C GLU A 67 10.21 -10.29 -6.91
N PHE A 68 9.05 -10.34 -7.54
CA PHE A 68 8.07 -9.26 -7.41
C PHE A 68 7.67 -9.08 -5.96
N LEU A 69 7.38 -10.18 -5.29
CA LEU A 69 6.98 -10.12 -3.90
C LEU A 69 8.09 -9.57 -3.03
N SER A 70 9.30 -10.09 -3.21
CA SER A 70 10.44 -9.64 -2.43
C SER A 70 10.75 -8.18 -2.72
N LEU A 71 10.74 -7.82 -4.00
CA LEU A 71 11.04 -6.46 -4.40
C LEU A 71 10.06 -5.49 -3.77
N MET A 72 8.78 -5.81 -3.87
CA MET A 72 7.74 -4.95 -3.32
C MET A 72 7.84 -4.89 -1.80
N ALA A 73 8.09 -6.05 -1.19
CA ALA A 73 8.19 -6.13 0.27
C ALA A 73 9.43 -5.38 0.76
N LYS A 74 10.51 -5.48 0.01
CA LYS A 74 11.75 -4.81 0.39
C LYS A 74 11.66 -3.31 0.20
N LYS A 75 11.43 -2.89 -1.04
CA LYS A 75 11.33 -1.47 -1.35
C LYS A 75 9.96 -1.13 -1.90
N VAL A 76 9.24 -0.29 -1.17
CA VAL A 76 7.90 0.13 -1.60
C VAL A 76 7.89 1.62 -1.96
N LYS A 77 7.58 2.46 -0.98
CA LYS A 77 7.53 3.89 -1.19
C LYS A 77 8.82 4.37 -1.82
N ASP A 78 8.90 5.68 -2.08
CA ASP A 78 10.10 6.26 -2.68
C ASP A 78 10.52 7.51 -1.94
N THR A 79 9.98 7.70 -0.73
CA THR A 79 10.30 8.87 0.07
C THR A 79 9.59 10.11 -0.47
N ASP A 80 8.31 10.23 -0.15
CA ASP A 80 7.52 11.37 -0.60
C ASP A 80 6.27 11.54 0.25
N ALA A 81 6.17 12.67 0.92
CA ALA A 81 5.01 12.94 1.77
C ALA A 81 3.76 13.15 0.95
N GLU A 82 3.82 14.09 0.00
CA GLU A 82 2.67 14.38 -0.85
C GLU A 82 2.16 13.11 -1.51
N GLU A 83 3.00 12.09 -1.56
CA GLU A 83 2.61 10.83 -2.17
C GLU A 83 1.79 9.98 -1.19
N GLU A 84 2.36 9.69 -0.04
CA GLU A 84 1.67 8.88 0.95
C GLU A 84 0.50 9.65 1.55
N LEU A 85 0.67 10.96 1.68
CA LEU A 85 -0.38 11.80 2.23
C LEU A 85 -1.56 11.91 1.27
N LYS A 86 -1.27 12.02 -0.02
CA LYS A 86 -2.31 12.13 -1.02
C LYS A 86 -2.83 10.75 -1.43
N GLU A 87 -1.91 9.83 -1.67
CA GLU A 87 -2.29 8.48 -2.08
C GLU A 87 -3.16 7.84 -1.01
N ALA A 88 -2.79 8.05 0.25
CA ALA A 88 -3.54 7.49 1.37
C ALA A 88 -4.95 8.07 1.35
N PHE A 89 -5.04 9.41 1.36
CA PHE A 89 -6.35 10.05 1.35
C PHE A 89 -7.16 9.60 0.14
N LYS A 90 -6.46 9.33 -0.96
CA LYS A 90 -7.12 8.89 -2.19
C LYS A 90 -7.82 7.56 -1.96
N VAL A 91 -7.18 6.68 -1.19
CA VAL A 91 -7.77 5.37 -0.89
C VAL A 91 -8.91 5.52 0.11
N PHE A 92 -8.70 6.33 1.14
CA PHE A 92 -9.72 6.55 2.16
C PHE A 92 -10.98 7.11 1.53
N ASP A 93 -10.82 8.12 0.67
CA ASP A 93 -11.96 8.72 -0.01
C ASP A 93 -12.17 8.04 -1.36
N LYS A 94 -12.38 6.73 -1.33
CA LYS A 94 -12.58 5.98 -2.57
C LYS A 94 -13.47 6.74 -3.55
N ASP A 95 -14.68 7.06 -3.12
CA ASP A 95 -15.61 7.77 -3.99
C ASP A 95 -15.16 9.21 -4.21
N GLN A 96 -14.07 9.60 -3.57
CA GLN A 96 -13.55 10.94 -3.72
C GLN A 96 -14.60 11.99 -3.38
N ASN A 97 -14.99 12.04 -2.11
CA ASN A 97 -16.00 13.01 -1.67
C ASN A 97 -15.33 14.18 -0.94
N GLY A 98 -14.08 13.98 -0.53
CA GLY A 98 -13.34 15.02 0.18
C GLY A 98 -13.39 14.77 1.68
N TYR A 99 -14.12 13.73 2.09
CA TYR A 99 -14.24 13.40 3.51
C TYR A 99 -14.23 11.88 3.69
N ILE A 100 -13.66 11.42 4.80
CA ILE A 100 -13.59 9.99 5.07
C ILE A 100 -14.81 9.55 5.87
N SER A 101 -15.64 8.73 5.24
CA SER A 101 -16.84 8.21 5.89
C SER A 101 -16.53 6.90 6.60
N ALA A 102 -17.08 6.72 7.79
CA ALA A 102 -16.86 5.51 8.57
C ALA A 102 -16.91 4.27 7.66
N SER A 103 -17.85 4.26 6.73
CA SER A 103 -17.99 3.13 5.82
C SER A 103 -16.71 2.92 5.02
N GLU A 104 -16.16 4.01 4.48
CA GLU A 104 -14.95 3.94 3.70
C GLU A 104 -13.79 3.50 4.60
N LEU A 105 -13.73 4.08 5.79
CA LEU A 105 -12.69 3.73 6.74
C LEU A 105 -12.92 2.32 7.27
N ARG A 106 -14.17 1.90 7.30
CA ARG A 106 -14.50 0.56 7.80
C ARG A 106 -13.86 -0.50 6.94
N HIS A 107 -13.96 -0.34 5.62
CA HIS A 107 -13.37 -1.30 4.70
C HIS A 107 -11.84 -1.21 4.77
N VAL A 108 -11.32 -0.02 4.47
CA VAL A 108 -9.88 0.21 4.50
C VAL A 108 -9.27 -0.39 5.76
N MET A 109 -10.11 -0.65 6.75
CA MET A 109 -9.65 -1.24 8.00
C MET A 109 -9.70 -2.78 7.95
N ILE A 110 -10.90 -3.33 8.08
CA ILE A 110 -11.07 -4.78 8.07
C ILE A 110 -10.34 -5.40 6.89
N ASN A 111 -10.36 -4.70 5.77
CA ASN A 111 -9.69 -5.19 4.56
C ASN A 111 -8.18 -5.24 4.76
N LEU A 112 -7.67 -4.38 5.63
CA LEU A 112 -6.24 -4.32 5.89
C LEU A 112 -5.89 -5.00 7.20
N GLY A 113 -5.88 -6.34 7.18
CA GLY A 113 -5.54 -7.13 8.37
C GLY A 113 -5.78 -6.33 9.66
N GLU A 114 -6.99 -5.84 9.83
CA GLU A 114 -7.33 -5.06 11.01
C GLU A 114 -8.84 -4.82 11.05
N LYS A 115 -9.54 -5.59 11.89
CA LYS A 115 -10.98 -5.45 12.01
C LYS A 115 -11.34 -4.73 13.30
N LEU A 116 -11.88 -3.52 13.14
CA LEU A 116 -12.30 -2.71 14.28
C LEU A 116 -13.82 -2.61 14.33
N THR A 117 -14.38 -2.85 15.52
CA THR A 117 -15.82 -2.81 15.70
C THR A 117 -16.37 -1.46 15.20
N ASP A 118 -17.69 -1.40 15.02
CA ASP A 118 -18.32 -0.18 14.54
C ASP A 118 -18.05 0.98 15.51
N GLU A 119 -18.03 0.67 16.80
CA GLU A 119 -17.78 1.69 17.81
C GLU A 119 -16.36 2.25 17.66
N GLU A 120 -15.40 1.36 17.46
CA GLU A 120 -14.01 1.77 17.32
C GLU A 120 -13.85 2.65 16.08
N VAL A 121 -14.47 2.24 14.99
CA VAL A 121 -14.37 3.00 13.74
C VAL A 121 -14.96 4.39 13.93
N GLU A 122 -16.16 4.45 14.50
CA GLU A 122 -16.83 5.72 14.73
C GLU A 122 -16.07 6.52 15.78
N GLN A 123 -15.51 5.81 16.76
CA GLN A 123 -14.77 6.48 17.82
C GLN A 123 -13.56 7.19 17.26
N MET A 124 -12.72 6.46 16.52
CA MET A 124 -11.52 7.03 15.95
C MET A 124 -11.85 8.26 15.14
N ILE A 125 -12.86 8.16 14.30
CA ILE A 125 -13.27 9.30 13.49
C ILE A 125 -13.74 10.45 14.38
N LYS A 126 -14.57 10.14 15.36
CA LYS A 126 -15.08 11.15 16.26
C LYS A 126 -13.93 11.86 16.96
N GLU A 127 -12.94 11.07 17.37
CA GLU A 127 -11.77 11.63 18.05
C GLU A 127 -10.90 12.40 17.06
N ALA A 128 -10.65 11.80 15.90
CA ALA A 128 -9.82 12.43 14.88
C ALA A 128 -10.48 13.72 14.39
N ASP A 129 -11.79 13.67 14.21
CA ASP A 129 -12.53 14.84 13.75
C ASP A 129 -12.54 15.91 14.82
N LEU A 130 -11.87 17.03 14.55
CA LEU A 130 -11.81 18.13 15.49
C LEU A 130 -13.17 18.81 15.63
N ASP A 131 -13.90 18.89 14.53
CA ASP A 131 -15.21 19.53 14.53
C ASP A 131 -16.31 18.51 14.83
N GLY A 132 -15.92 17.24 14.94
CA GLY A 132 -16.88 16.18 15.21
C GLY A 132 -18.03 16.20 14.19
N ASP A 133 -18.16 15.12 13.44
CA ASP A 133 -19.22 15.03 12.44
C ASP A 133 -19.27 13.63 11.84
N GLY A 134 -18.68 12.67 12.54
CA GLY A 134 -18.68 11.29 12.08
C GLY A 134 -17.93 11.17 10.76
N GLN A 135 -17.09 12.16 10.46
CA GLN A 135 -16.33 12.15 9.22
C GLN A 135 -15.02 12.93 9.39
N VAL A 136 -14.08 12.67 8.49
CA VAL A 136 -12.79 13.35 8.53
C VAL A 136 -12.46 13.98 7.17
N ASN A 137 -12.16 15.27 7.19
CA ASN A 137 -11.81 15.97 5.97
C ASN A 137 -10.30 15.92 5.72
N TYR A 138 -9.90 16.15 4.47
CA TYR A 138 -8.48 16.12 4.13
C TYR A 138 -7.68 17.03 5.06
N GLU A 139 -8.25 18.18 5.38
CA GLU A 139 -7.58 19.14 6.25
C GLU A 139 -7.33 18.52 7.63
N GLU A 140 -8.39 18.04 8.27
CA GLU A 140 -8.28 17.44 9.59
C GLU A 140 -7.31 16.25 9.54
N PHE A 141 -7.36 15.49 8.44
CA PHE A 141 -6.49 14.35 8.29
C PHE A 141 -5.03 14.78 8.30
N VAL A 142 -4.72 15.80 7.50
CA VAL A 142 -3.35 16.29 7.43
C VAL A 142 -2.85 16.72 8.81
N LYS A 143 -3.64 17.53 9.50
CA LYS A 143 -3.24 18.00 10.81
C LYS A 143 -3.15 16.85 11.81
N MET A 144 -4.05 15.89 11.66
CA MET A 144 -4.08 14.73 12.56
C MET A 144 -2.83 13.88 12.39
N MET A 145 -2.27 13.91 11.18
CA MET A 145 -1.06 13.14 10.90
C MET A 145 0.21 13.96 11.15
N MET A 146 0.05 15.28 11.19
CA MET A 146 1.19 16.16 11.42
C MET A 146 1.69 16.03 12.86
N THR A 147 1.74 17.15 13.58
CA THR A 147 2.22 17.16 14.96
C THR A 147 1.26 16.40 15.85
N VAL A 148 -0.03 16.66 15.71
CA VAL A 148 -1.04 15.99 16.51
C VAL A 148 -0.99 16.50 17.96
N ARG A 149 -0.88 15.57 18.89
CA ARG A 149 -0.81 15.92 20.30
C ARG A 149 -2.03 16.73 20.72
N ALA B 1 -6.05 5.97 19.55
CA ALA B 1 -6.67 6.01 18.20
C ALA B 1 -5.65 6.53 17.19
N ARG B 2 -4.66 7.27 17.66
CA ARG B 2 -3.63 7.81 16.78
C ARG B 2 -2.82 6.68 16.16
N GLN B 3 -2.58 5.63 16.94
CA GLN B 3 -1.81 4.50 16.45
C GLN B 3 -2.58 3.76 15.35
N ARG B 4 -3.89 3.61 15.55
CA ARG B 4 -4.72 2.93 14.57
C ARG B 4 -4.74 3.72 13.28
N TRP B 5 -4.81 5.04 13.38
CA TRP B 5 -4.83 5.87 12.18
C TRP B 5 -3.53 5.68 11.40
N ARG B 6 -2.41 5.75 12.12
CA ARG B 6 -1.12 5.58 11.48
C ARG B 6 -0.99 4.16 10.96
N SER B 7 -1.55 3.21 11.70
CA SER B 7 -1.49 1.82 11.30
C SER B 7 -2.16 1.63 9.95
N SER B 8 -3.32 2.25 9.77
CA SER B 8 -4.03 2.14 8.51
C SER B 8 -3.17 2.70 7.38
N VAL B 9 -2.56 3.85 7.61
CA VAL B 9 -1.72 4.47 6.59
C VAL B 9 -0.51 3.58 6.29
N SER B 10 0.07 3.00 7.34
CA SER B 10 1.23 2.15 7.16
C SER B 10 0.88 0.91 6.33
N ILE B 11 -0.18 0.23 6.71
CA ILE B 11 -0.59 -0.96 5.98
C ILE B 11 -1.01 -0.59 4.56
N VAL B 12 -1.44 0.66 4.39
CA VAL B 12 -1.85 1.14 3.07
C VAL B 12 -0.65 1.22 2.14
N LYS B 13 0.45 1.75 2.65
CA LYS B 13 1.65 1.89 1.84
C LYS B 13 2.11 0.51 1.37
N ASN B 14 2.05 -0.46 2.28
CA ASN B 14 2.47 -1.81 1.97
C ASN B 14 1.53 -2.45 0.96
N ARG B 15 0.23 -2.16 1.12
CA ARG B 15 -0.77 -2.71 0.24
C ARG B 15 -0.82 -1.95 -1.07
N ALA B 16 -0.02 -0.89 -1.19
CA ALA B 16 0.03 -0.07 -2.41
C ALA B 16 -0.46 -0.86 -3.62
N ARG B 17 -1.72 -0.67 -3.97
CA ARG B 17 -2.31 -1.36 -5.11
C ARG B 17 -1.97 -0.63 -6.40
N ARG B 18 -1.42 0.58 -6.26
CA ARG B 18 -1.06 1.39 -7.43
C ARG B 18 0.41 1.23 -7.75
N PHE B 19 1.11 0.45 -6.95
CA PHE B 19 2.53 0.21 -7.18
C PHE B 19 3.31 1.52 -7.10
N ARG B 20 2.97 2.34 -6.11
CA ARG B 20 3.65 3.61 -5.93
C ARG B 20 5.15 3.47 -6.18
N MET B 21 5.67 2.27 -5.95
CA MET B 21 7.09 2.02 -6.15
C MET B 21 7.41 2.00 -7.64
N ILE B 22 6.96 0.97 -8.33
CA ILE B 22 7.21 0.85 -9.77
C ILE B 22 6.55 2.00 -10.52
N SER B 23 5.32 2.31 -10.13
CA SER B 23 4.59 3.38 -10.79
C SER B 23 5.42 4.67 -10.78
N ASN B 24 5.96 5.01 -9.60
CA ASN B 24 6.76 6.21 -9.47
C ASN B 24 8.17 5.96 -10.00
N LEU B 25 8.70 4.78 -9.72
CA LEU B 25 10.05 4.42 -10.17
C LEU B 25 11.07 5.42 -9.64
CA CA C . 3.47 -12.05 -18.35
CA CA D . 14.03 -13.04 -12.89
CA CA E . -15.13 9.88 0.64
CA CA F . -14.61 16.39 10.13
N ALA A 1 10.81 -5.37 18.42
CA ALA A 1 10.37 -6.72 18.89
C ALA A 1 8.95 -6.98 18.36
N ASP A 2 8.54 -8.24 18.42
CA ASP A 2 7.20 -8.62 17.97
C ASP A 2 6.96 -8.14 16.54
N ILE A 3 7.91 -8.44 15.65
CA ILE A 3 7.81 -8.03 14.24
C ILE A 3 7.85 -9.24 13.32
N LEU A 4 7.47 -10.38 13.87
CA LEU A 4 7.46 -11.63 13.10
C LEU A 4 6.07 -12.27 13.14
N SER A 5 5.30 -12.05 12.08
CA SER A 5 3.96 -12.62 11.99
C SER A 5 3.57 -12.85 10.53
N GLU A 6 2.80 -13.91 10.30
CA GLU A 6 2.36 -14.24 8.94
C GLU A 6 1.68 -13.05 8.29
N GLU A 7 1.17 -12.14 9.11
CA GLU A 7 0.48 -10.96 8.59
C GLU A 7 1.42 -10.14 7.70
N GLN A 8 2.72 -10.24 7.97
CA GLN A 8 3.70 -9.52 7.17
C GLN A 8 3.93 -10.24 5.85
N ILE A 9 4.27 -11.52 5.95
CA ILE A 9 4.52 -12.33 4.77
C ILE A 9 3.25 -12.40 3.92
N VAL A 10 2.11 -12.53 4.58
CA VAL A 10 0.85 -12.61 3.86
C VAL A 10 0.66 -11.36 3.00
N ASP A 11 0.85 -10.18 3.60
CA ASP A 11 0.66 -8.95 2.84
C ASP A 11 1.54 -8.96 1.58
N PHE A 12 2.83 -9.20 1.77
CA PHE A 12 3.74 -9.24 0.64
C PHE A 12 3.39 -10.39 -0.29
N LYS A 13 3.06 -11.53 0.29
CA LYS A 13 2.71 -12.69 -0.51
C LYS A 13 1.50 -12.39 -1.39
N GLU A 14 0.54 -11.65 -0.85
CA GLU A 14 -0.63 -11.29 -1.61
C GLU A 14 -0.22 -10.57 -2.88
N ALA A 15 0.62 -9.54 -2.73
CA ALA A 15 1.08 -8.78 -3.89
C ALA A 15 1.73 -9.73 -4.92
N PHE A 16 2.61 -10.59 -4.43
CA PHE A 16 3.28 -11.56 -5.30
C PHE A 16 2.26 -12.47 -5.97
N GLY A 17 1.32 -12.98 -5.19
CA GLY A 17 0.31 -13.88 -5.72
C GLY A 17 -0.38 -13.25 -6.92
N LEU A 18 -0.66 -11.96 -6.82
CA LEU A 18 -1.32 -11.26 -7.92
C LEU A 18 -0.45 -11.28 -9.16
N PHE A 19 0.83 -10.99 -9.00
CA PHE A 19 1.73 -10.99 -10.14
C PHE A 19 1.82 -12.39 -10.76
N ASP A 20 1.87 -13.41 -9.90
CA ASP A 20 1.97 -14.77 -10.37
C ASP A 20 0.59 -15.33 -10.70
N LYS A 21 0.02 -14.83 -11.79
CA LYS A 21 -1.29 -15.28 -12.21
C LYS A 21 -1.29 -16.77 -12.46
N ASP A 22 -0.23 -17.26 -13.08
CA ASP A 22 -0.12 -18.69 -13.38
C ASP A 22 0.60 -19.42 -12.25
N GLY A 23 0.39 -18.95 -11.01
CA GLY A 23 1.01 -19.56 -9.81
C GLY A 23 2.19 -20.45 -10.17
N ASP A 24 3.18 -19.88 -10.84
CA ASP A 24 4.36 -20.64 -11.27
C ASP A 24 5.41 -20.66 -10.17
N GLY A 25 5.37 -19.64 -9.31
CA GLY A 25 6.31 -19.50 -8.20
C GLY A 25 7.23 -18.30 -8.40
N CYS A 26 7.47 -17.90 -9.65
CA CYS A 26 8.33 -16.75 -9.94
C CYS A 26 7.62 -15.78 -10.87
N ILE A 27 8.26 -14.65 -11.16
CA ILE A 27 7.68 -13.65 -12.06
C ILE A 27 8.61 -13.44 -13.24
N THR A 28 8.05 -13.57 -14.45
CA THR A 28 8.85 -13.40 -15.68
C THR A 28 8.58 -12.04 -16.31
N VAL A 29 9.57 -11.54 -17.03
CA VAL A 29 9.45 -10.24 -17.69
C VAL A 29 8.12 -10.15 -18.42
N GLU A 30 7.77 -11.22 -19.13
CA GLU A 30 6.51 -11.24 -19.87
C GLU A 30 5.32 -11.09 -18.91
N GLU A 31 5.30 -11.90 -17.86
CA GLU A 31 4.22 -11.83 -16.89
C GLU A 31 4.09 -10.41 -16.36
N LEU A 32 5.21 -9.78 -16.06
CA LEU A 32 5.23 -8.42 -15.56
C LEU A 32 4.61 -7.48 -16.61
N ALA A 33 4.94 -7.71 -17.86
CA ALA A 33 4.40 -6.89 -18.93
C ALA A 33 2.89 -7.00 -19.00
N THR A 34 2.38 -8.24 -18.94
CA THR A 34 0.94 -8.46 -19.01
C THR A 34 0.23 -7.77 -17.86
N VAL A 35 0.68 -8.01 -16.64
CA VAL A 35 0.06 -7.41 -15.46
C VAL A 35 0.18 -5.89 -15.52
N ILE A 36 1.38 -5.40 -15.84
CA ILE A 36 1.61 -3.96 -15.92
C ILE A 36 0.74 -3.35 -17.01
N ARG A 37 0.66 -4.02 -18.14
CA ARG A 37 -0.13 -3.52 -19.25
C ARG A 37 -1.58 -3.30 -18.79
N SER A 38 -2.07 -4.19 -17.95
CA SER A 38 -3.43 -4.08 -17.42
C SER A 38 -3.43 -3.31 -16.11
N LEU A 39 -2.39 -2.49 -15.88
CA LEU A 39 -2.29 -1.69 -14.66
C LEU A 39 -2.04 -0.22 -14.99
N ASP A 40 -2.03 0.10 -16.28
CA ASP A 40 -1.79 1.48 -16.69
C ASP A 40 -1.80 1.58 -18.21
N GLN A 41 -0.69 1.22 -18.82
CA GLN A 41 -0.57 1.28 -20.28
C GLN A 41 0.47 0.30 -20.78
N ASN A 42 1.72 0.75 -20.84
CA ASN A 42 2.81 -0.09 -21.31
C ASN A 42 4.14 0.68 -21.29
N PRO A 43 4.84 0.68 -20.18
CA PRO A 43 6.15 1.38 -20.06
C PRO A 43 7.13 0.96 -21.17
N THR A 44 8.42 1.02 -20.87
CA THR A 44 9.45 0.65 -21.83
C THR A 44 10.11 -0.66 -21.41
N GLU A 45 10.33 -1.54 -22.39
CA GLU A 45 10.95 -2.83 -22.13
C GLU A 45 12.34 -2.64 -21.51
N GLU A 46 13.08 -1.68 -22.02
CA GLU A 46 14.43 -1.42 -21.52
C GLU A 46 14.39 -1.07 -20.03
N GLU A 47 13.39 -0.28 -19.65
CA GLU A 47 13.24 0.12 -18.25
C GLU A 47 12.89 -1.09 -17.39
N LEU A 48 12.16 -2.04 -17.97
CA LEU A 48 11.77 -3.24 -17.24
C LEU A 48 12.96 -4.18 -17.09
N GLN A 49 13.56 -4.55 -18.21
CA GLN A 49 14.70 -5.45 -18.17
C GLN A 49 15.77 -4.92 -17.23
N ASP A 50 15.94 -3.60 -17.22
CA ASP A 50 16.93 -2.98 -16.35
C ASP A 50 16.56 -3.18 -14.88
N MET A 51 15.29 -2.92 -14.55
CA MET A 51 14.84 -3.05 -13.17
C MET A 51 15.06 -4.47 -12.66
N ILE A 52 14.68 -5.45 -13.49
CA ILE A 52 14.84 -6.84 -13.12
C ILE A 52 16.32 -7.19 -12.99
N SER A 53 17.12 -6.66 -13.90
CA SER A 53 18.56 -6.93 -13.87
C SER A 53 19.27 -6.08 -12.83
N GLU A 54 18.66 -4.95 -12.47
CA GLU A 54 19.26 -4.05 -11.49
C GLU A 54 19.54 -4.78 -10.18
N VAL A 55 18.57 -5.57 -9.73
CA VAL A 55 18.72 -6.31 -8.47
C VAL A 55 18.98 -7.78 -8.71
N ASP A 56 18.08 -8.43 -9.44
CA ASP A 56 18.23 -9.86 -9.73
C ASP A 56 19.67 -10.19 -10.11
N ALA A 57 20.47 -10.51 -9.10
CA ALA A 57 21.87 -10.84 -9.33
C ALA A 57 22.01 -11.82 -10.47
N ASP A 58 21.62 -13.07 -10.22
CA ASP A 58 21.71 -14.11 -11.23
C ASP A 58 20.88 -13.76 -12.46
N GLY A 59 20.24 -12.57 -12.42
CA GLY A 59 19.40 -12.09 -13.53
C GLY A 59 19.03 -13.22 -14.47
N ASN A 60 18.33 -14.20 -13.94
CA ASN A 60 17.93 -15.36 -14.72
C ASN A 60 16.76 -15.02 -15.63
N GLY A 61 16.17 -13.84 -15.41
CA GLY A 61 15.04 -13.39 -16.21
C GLY A 61 13.75 -13.54 -15.44
N THR A 62 13.86 -14.02 -14.19
CA THR A 62 12.68 -14.19 -13.34
C THR A 62 12.98 -13.77 -11.90
N ILE A 63 11.96 -13.26 -11.21
CA ILE A 63 12.13 -12.80 -9.83
C ILE A 63 11.61 -13.86 -8.87
N GLU A 64 12.47 -14.30 -7.95
CA GLU A 64 12.10 -15.31 -6.97
C GLU A 64 11.40 -14.66 -5.78
N PHE A 65 10.68 -15.46 -5.00
CA PHE A 65 9.96 -14.93 -3.85
C PHE A 65 10.91 -14.12 -2.98
N ASP A 66 12.08 -14.68 -2.68
CA ASP A 66 13.06 -13.98 -1.86
C ASP A 66 13.48 -12.67 -2.51
N GLU A 67 13.63 -12.70 -3.84
CA GLU A 67 14.01 -11.51 -4.58
C GLU A 67 12.88 -10.47 -4.56
N PHE A 68 11.69 -10.92 -4.93
CA PHE A 68 10.54 -10.03 -4.95
C PHE A 68 10.35 -9.41 -3.58
N LEU A 69 10.56 -10.20 -2.54
CA LEU A 69 10.40 -9.71 -1.19
C LEU A 69 11.36 -8.54 -0.92
N SER A 70 12.65 -8.82 -1.03
CA SER A 70 13.65 -7.80 -0.80
C SER A 70 13.34 -6.56 -1.62
N LEU A 71 12.90 -6.77 -2.84
CA LEU A 71 12.61 -5.65 -3.73
C LEU A 71 11.52 -4.77 -3.13
N MET A 72 10.38 -5.36 -2.83
CA MET A 72 9.28 -4.60 -2.25
C MET A 72 9.62 -4.12 -0.85
N ALA A 73 10.25 -4.98 -0.06
CA ALA A 73 10.63 -4.64 1.29
C ALA A 73 11.64 -3.50 1.29
N LYS A 74 12.51 -3.49 0.29
CA LYS A 74 13.51 -2.44 0.19
C LYS A 74 12.89 -1.14 -0.30
N LYS A 75 12.26 -1.19 -1.47
CA LYS A 75 11.65 -0.01 -2.03
C LYS A 75 10.32 0.27 -1.37
N VAL A 76 10.19 1.45 -0.80
CA VAL A 76 8.95 1.84 -0.16
C VAL A 76 8.80 3.35 -0.17
N LYS A 77 8.41 3.90 -1.33
CA LYS A 77 8.22 5.35 -1.47
C LYS A 77 7.86 5.99 -0.14
N ASP A 78 8.88 6.37 0.62
CA ASP A 78 8.68 6.99 1.92
C ASP A 78 9.26 8.40 1.95
N THR A 79 9.52 8.95 0.76
CA THR A 79 10.07 10.31 0.64
C THR A 79 9.06 11.23 -0.03
N ASP A 80 7.89 11.36 0.57
CA ASP A 80 6.83 12.20 0.01
C ASP A 80 5.75 12.46 1.04
N ALA A 81 5.90 13.52 1.82
CA ALA A 81 4.92 13.85 2.84
C ALA A 81 3.52 14.02 2.24
N GLU A 82 3.38 14.94 1.29
CA GLU A 82 2.08 15.19 0.68
C GLU A 82 1.71 14.08 -0.30
N GLU A 83 2.47 13.99 -1.40
CA GLU A 83 2.22 12.99 -2.43
C GLU A 83 1.72 11.67 -1.80
N GLU A 84 2.41 11.22 -0.75
CA GLU A 84 2.01 10.00 -0.08
C GLU A 84 0.67 10.20 0.63
N LEU A 85 0.56 11.31 1.37
CA LEU A 85 -0.68 11.59 2.08
C LEU A 85 -1.82 11.86 1.11
N LYS A 86 -1.48 12.10 -0.15
CA LYS A 86 -2.49 12.34 -1.16
C LYS A 86 -3.09 11.03 -1.65
N GLU A 87 -2.23 10.07 -2.00
CA GLU A 87 -2.70 8.78 -2.48
C GLU A 87 -3.45 8.04 -1.36
N ALA A 88 -2.88 8.09 -0.16
CA ALA A 88 -3.49 7.44 0.99
C ALA A 88 -4.90 7.99 1.19
N PHE A 89 -5.04 9.32 1.20
CA PHE A 89 -6.34 9.95 1.35
C PHE A 89 -7.27 9.52 0.23
N LYS A 90 -6.74 9.49 -0.99
CA LYS A 90 -7.54 9.10 -2.15
C LYS A 90 -8.14 7.71 -1.94
N VAL A 91 -7.39 6.84 -1.26
CA VAL A 91 -7.88 5.49 -1.01
C VAL A 91 -8.98 5.50 0.06
N PHE A 92 -8.64 6.00 1.23
CA PHE A 92 -9.59 6.06 2.33
C PHE A 92 -10.83 6.80 1.88
N ASP A 93 -10.65 7.91 1.18
CA ASP A 93 -11.78 8.68 0.70
C ASP A 93 -12.23 8.16 -0.65
N LYS A 94 -12.71 6.91 -0.70
CA LYS A 94 -13.14 6.31 -1.95
C LYS A 94 -13.91 7.31 -2.81
N ASP A 95 -14.98 7.86 -2.25
CA ASP A 95 -15.80 8.82 -2.98
C ASP A 95 -15.00 10.06 -3.32
N GLN A 96 -13.80 10.15 -2.74
CA GLN A 96 -12.91 11.29 -2.97
C GLN A 96 -13.69 12.59 -2.95
N ASN A 97 -14.80 12.60 -2.22
CA ASN A 97 -15.63 13.79 -2.14
C ASN A 97 -14.97 14.85 -1.28
N GLY A 98 -13.77 14.56 -0.81
CA GLY A 98 -13.01 15.49 0.03
C GLY A 98 -13.19 15.16 1.50
N TYR A 99 -13.98 14.12 1.79
CA TYR A 99 -14.22 13.72 3.17
C TYR A 99 -14.18 12.20 3.30
N ILE A 100 -13.64 11.71 4.42
CA ILE A 100 -13.55 10.28 4.65
C ILE A 100 -14.73 9.82 5.49
N SER A 101 -15.60 9.03 4.87
CA SER A 101 -16.77 8.51 5.54
C SER A 101 -16.40 7.32 6.43
N ALA A 102 -17.18 7.11 7.49
CA ALA A 102 -16.91 6.00 8.41
C ALA A 102 -16.93 4.66 7.67
N SER A 103 -17.92 4.48 6.80
CA SER A 103 -18.03 3.24 6.04
C SER A 103 -16.78 3.00 5.19
N GLU A 104 -16.29 4.06 4.59
CA GLU A 104 -15.10 3.96 3.75
C GLU A 104 -13.88 3.56 4.57
N LEU A 105 -13.56 4.38 5.57
CA LEU A 105 -12.42 4.09 6.43
C LEU A 105 -12.61 2.77 7.15
N ARG A 106 -13.86 2.36 7.29
CA ARG A 106 -14.17 1.09 7.94
C ARG A 106 -13.90 -0.08 7.02
N HIS A 107 -14.43 0.01 5.80
CA HIS A 107 -14.26 -1.06 4.83
C HIS A 107 -12.79 -1.37 4.67
N VAL A 108 -11.98 -0.34 4.40
CA VAL A 108 -10.56 -0.56 4.23
C VAL A 108 -9.97 -1.19 5.48
N MET A 109 -10.00 -0.46 6.59
CA MET A 109 -9.42 -0.94 7.85
C MET A 109 -9.51 -2.47 7.93
N ILE A 110 -10.72 -3.00 8.07
CA ILE A 110 -10.88 -4.44 8.15
C ILE A 110 -10.29 -5.13 6.91
N ASN A 111 -10.39 -4.47 5.75
CA ASN A 111 -9.86 -5.05 4.52
C ASN A 111 -8.41 -5.46 4.69
N LEU A 112 -7.78 -5.00 5.77
CA LEU A 112 -6.39 -5.34 6.03
C LEU A 112 -6.30 -6.58 6.91
N GLY A 113 -5.98 -6.40 8.17
CA GLY A 113 -5.86 -7.52 9.09
C GLY A 113 -6.12 -7.09 10.52
N GLU A 114 -7.37 -6.75 10.81
CA GLU A 114 -7.73 -6.32 12.14
C GLU A 114 -9.24 -6.25 12.28
N LYS A 115 -9.77 -6.91 13.30
CA LYS A 115 -11.21 -6.91 13.53
C LYS A 115 -11.66 -5.57 14.10
N LEU A 116 -12.55 -4.89 13.38
CA LEU A 116 -13.07 -3.60 13.82
C LEU A 116 -14.46 -3.75 14.41
N THR A 117 -14.90 -2.70 15.09
CA THR A 117 -16.22 -2.69 15.72
C THR A 117 -16.92 -1.37 15.48
N ASP A 118 -18.14 -1.26 15.96
CA ASP A 118 -18.93 -0.04 15.78
C ASP A 118 -18.36 1.08 16.65
N GLU A 119 -17.86 0.72 17.82
CA GLU A 119 -17.29 1.71 18.72
C GLU A 119 -15.95 2.21 18.22
N GLU A 120 -15.02 1.28 18.02
CA GLU A 120 -13.68 1.65 17.55
C GLU A 120 -13.79 2.53 16.31
N VAL A 121 -14.66 2.14 15.38
CA VAL A 121 -14.83 2.91 14.15
C VAL A 121 -15.38 4.29 14.48
N GLU A 122 -16.39 4.34 15.35
CA GLU A 122 -16.99 5.60 15.73
C GLU A 122 -16.00 6.45 16.54
N GLN A 123 -15.13 5.77 17.29
CA GLN A 123 -14.15 6.48 18.10
C GLN A 123 -13.21 7.29 17.22
N MET A 124 -12.43 6.62 16.38
CA MET A 124 -11.49 7.31 15.52
C MET A 124 -12.20 8.36 14.70
N ILE A 125 -13.37 8.02 14.19
CA ILE A 125 -14.14 8.95 13.37
C ILE A 125 -14.51 10.17 14.20
N LYS A 126 -14.91 9.93 15.44
CA LYS A 126 -15.30 11.03 16.33
C LYS A 126 -14.06 11.78 16.83
N GLU A 127 -12.94 11.06 16.95
CA GLU A 127 -11.69 11.66 17.43
C GLU A 127 -10.95 12.35 16.28
N ALA A 128 -10.48 11.55 15.32
CA ALA A 128 -9.73 12.09 14.17
C ALA A 128 -10.39 13.38 13.68
N ASP A 129 -11.71 13.44 13.81
CA ASP A 129 -12.46 14.62 13.38
C ASP A 129 -12.57 15.62 14.54
N LEU A 130 -11.95 16.78 14.37
CA LEU A 130 -11.97 17.80 15.41
C LEU A 130 -13.38 18.32 15.66
N ASP A 131 -14.11 18.59 14.57
CA ASP A 131 -15.48 19.09 14.70
C ASP A 131 -16.46 17.95 14.84
N GLY A 132 -15.95 16.71 14.78
CA GLY A 132 -16.80 15.54 14.93
C GLY A 132 -18.10 15.71 14.14
N ASP A 133 -18.00 16.26 12.94
CA ASP A 133 -19.17 16.48 12.11
C ASP A 133 -19.71 15.16 11.58
N GLY A 134 -19.05 14.07 11.93
CA GLY A 134 -19.46 12.73 11.50
C GLY A 134 -18.54 12.20 10.41
N GLN A 135 -17.68 13.06 9.89
CA GLN A 135 -16.74 12.67 8.83
C GLN A 135 -15.41 13.39 9.00
N VAL A 136 -14.40 12.95 8.26
CA VAL A 136 -13.07 13.58 8.32
C VAL A 136 -12.72 14.23 7.00
N ASN A 137 -12.36 15.51 7.06
CA ASN A 137 -11.98 16.25 5.87
C ASN A 137 -10.47 16.19 5.66
N TYR A 138 -10.05 16.24 4.40
CA TYR A 138 -8.64 16.18 4.07
C TYR A 138 -7.83 17.05 5.03
N GLU A 139 -8.36 18.24 5.30
CA GLU A 139 -7.68 19.17 6.20
C GLU A 139 -7.52 18.55 7.58
N GLU A 140 -8.62 18.02 8.12
CA GLU A 140 -8.59 17.40 9.44
C GLU A 140 -7.65 16.21 9.43
N PHE A 141 -7.74 15.41 8.38
CA PHE A 141 -6.88 14.23 8.28
C PHE A 141 -5.42 14.64 8.30
N VAL A 142 -5.08 15.63 7.47
CA VAL A 142 -3.71 16.09 7.39
C VAL A 142 -3.25 16.57 8.76
N LYS A 143 -4.08 17.37 9.42
CA LYS A 143 -3.73 17.89 10.72
C LYS A 143 -3.53 16.76 11.71
N MET A 144 -4.26 15.66 11.53
CA MET A 144 -4.14 14.54 12.44
C MET A 144 -2.76 13.89 12.32
N MET A 145 -2.25 13.82 11.09
CA MET A 145 -0.96 13.20 10.84
C MET A 145 0.19 14.19 11.06
N MET A 146 -0.15 15.48 11.08
CA MET A 146 0.87 16.50 11.27
C MET A 146 1.70 16.18 12.50
N THR A 147 1.10 15.52 13.48
CA THR A 147 1.83 15.16 14.69
C THR A 147 0.86 14.64 15.76
N VAL A 148 0.14 15.56 16.36
CA VAL A 148 -0.81 15.21 17.42
C VAL A 148 -0.13 14.34 18.48
N ARG A 149 1.18 14.20 18.38
CA ARG A 149 1.93 13.40 19.33
C ARG A 149 1.91 14.05 20.71
N ALA B 1 -5.59 6.19 18.88
CA ALA B 1 -6.22 6.19 17.52
C ALA B 1 -5.18 6.61 16.48
N ARG B 2 -4.16 7.30 16.94
CA ARG B 2 -3.11 7.77 16.04
C ARG B 2 -2.42 6.58 15.38
N GLN B 3 -2.16 5.55 16.15
CA GLN B 3 -1.50 4.36 15.63
C GLN B 3 -2.38 3.69 14.58
N ARG B 4 -3.67 3.65 14.85
CA ARG B 4 -4.60 3.01 13.91
C ARG B 4 -4.52 3.70 12.55
N TRP B 5 -4.52 5.01 12.56
CA TRP B 5 -4.43 5.76 11.31
C TRP B 5 -3.12 5.45 10.60
N ARG B 6 -2.03 5.51 11.35
CA ARG B 6 -0.73 5.23 10.78
C ARG B 6 -0.64 3.79 10.34
N SER B 7 -1.26 2.90 11.10
CA SER B 7 -1.24 1.49 10.76
C SER B 7 -1.87 1.26 9.41
N SER B 8 -3.04 1.84 9.18
CA SER B 8 -3.70 1.66 7.90
C SER B 8 -2.81 2.21 6.78
N VAL B 9 -2.23 3.38 7.00
CA VAL B 9 -1.36 3.97 5.99
C VAL B 9 -0.08 3.14 5.82
N SER B 10 0.51 2.72 6.94
CA SER B 10 1.74 1.95 6.90
C SER B 10 1.52 0.59 6.27
N ILE B 11 0.42 -0.05 6.62
CA ILE B 11 0.11 -1.35 6.07
C ILE B 11 -0.09 -1.24 4.57
N VAL B 12 -0.77 -0.18 4.15
CA VAL B 12 -1.00 0.03 2.72
C VAL B 12 0.33 0.12 1.98
N LYS B 13 1.28 0.86 2.53
CA LYS B 13 2.57 0.98 1.86
C LYS B 13 3.27 -0.36 1.81
N ASN B 14 3.23 -1.08 2.92
CA ASN B 14 3.85 -2.39 2.99
C ASN B 14 3.11 -3.39 2.11
N ARG B 15 1.79 -3.32 2.14
CA ARG B 15 0.96 -4.23 1.35
C ARG B 15 0.99 -3.84 -0.12
N ALA B 16 0.85 -2.55 -0.39
CA ALA B 16 0.84 -2.05 -1.76
C ALA B 16 -0.34 -2.63 -2.53
N ARG B 17 -0.33 -3.93 -2.73
CA ARG B 17 -1.40 -4.61 -3.45
C ARG B 17 -1.38 -4.24 -4.93
N ARG B 18 -1.07 -2.97 -5.21
CA ARG B 18 -1.02 -2.49 -6.59
C ARG B 18 0.42 -2.30 -7.05
N PHE B 19 1.37 -2.56 -6.16
CA PHE B 19 2.78 -2.42 -6.50
C PHE B 19 3.10 -0.95 -6.76
N ARG B 20 2.94 -0.12 -5.75
CA ARG B 20 3.20 1.30 -5.90
C ARG B 20 4.63 1.50 -6.38
N MET B 21 5.53 0.64 -5.95
CA MET B 21 6.93 0.76 -6.34
C MET B 21 7.12 0.45 -7.83
N ILE B 22 6.82 -0.79 -8.20
CA ILE B 22 6.96 -1.22 -9.58
C ILE B 22 6.02 -0.41 -10.48
N SER B 23 4.80 -0.20 -10.01
CA SER B 23 3.82 0.56 -10.78
C SER B 23 4.36 1.93 -11.12
N ASN B 24 5.00 2.58 -10.15
CA ASN B 24 5.56 3.91 -10.37
C ASN B 24 7.03 3.82 -10.76
N LEU B 25 7.57 2.59 -10.76
CA LEU B 25 8.97 2.34 -11.12
C LEU B 25 9.84 3.58 -10.92
CA CA C . 4.26 -16.20 -12.62
CA CA D . 16.34 -14.46 -10.12
CA CA E . -16.23 9.92 1.05
CA CA F . -15.07 16.90 10.05
N ALA A 1 10.36 -20.56 5.15
CA ALA A 1 10.36 -19.09 5.35
C ALA A 1 9.47 -18.73 6.53
N ASP A 2 9.98 -17.87 7.40
CA ASP A 2 9.22 -17.45 8.58
C ASP A 2 9.57 -16.02 8.97
N ILE A 3 10.67 -15.87 9.71
CA ILE A 3 11.11 -14.55 10.14
C ILE A 3 9.92 -13.72 10.62
N LEU A 4 9.28 -13.02 9.70
CA LEU A 4 8.13 -12.18 10.02
C LEU A 4 6.85 -13.01 9.96
N SER A 5 5.74 -12.39 10.34
CA SER A 5 4.45 -13.08 10.33
C SER A 5 3.99 -13.32 8.90
N GLU A 6 3.25 -14.41 8.70
CA GLU A 6 2.76 -14.75 7.37
C GLU A 6 1.99 -13.58 6.78
N GLU A 7 1.32 -12.82 7.62
CA GLU A 7 0.55 -11.67 7.15
C GLU A 7 1.44 -10.71 6.37
N GLN A 8 2.68 -10.58 6.81
CA GLN A 8 3.63 -9.69 6.14
C GLN A 8 4.04 -10.28 4.78
N ILE A 9 4.51 -11.52 4.81
CA ILE A 9 4.93 -12.20 3.58
C ILE A 9 3.75 -12.34 2.64
N VAL A 10 2.58 -12.62 3.19
CA VAL A 10 1.39 -12.79 2.38
C VAL A 10 1.10 -11.51 1.59
N ASP A 11 1.12 -10.37 2.27
CA ASP A 11 0.84 -9.11 1.61
C ASP A 11 1.79 -8.93 0.42
N PHE A 12 3.08 -9.07 0.67
CA PHE A 12 4.07 -8.93 -0.40
C PHE A 12 3.85 -10.02 -1.45
N LYS A 13 3.55 -11.22 -0.99
CA LYS A 13 3.32 -12.34 -1.90
C LYS A 13 2.15 -12.04 -2.82
N GLU A 14 1.08 -11.48 -2.25
CA GLU A 14 -0.11 -11.16 -3.03
C GLU A 14 0.26 -10.26 -4.21
N ALA A 15 0.94 -9.15 -3.90
CA ALA A 15 1.36 -8.21 -4.95
C ALA A 15 2.17 -8.94 -6.02
N PHE A 16 3.08 -9.80 -5.59
CA PHE A 16 3.90 -10.54 -6.52
C PHE A 16 3.02 -11.41 -7.43
N GLY A 17 2.08 -12.12 -6.83
CA GLY A 17 1.20 -12.99 -7.59
C GLY A 17 0.52 -12.22 -8.71
N LEU A 18 0.17 -10.97 -8.43
CA LEU A 18 -0.47 -10.13 -9.42
C LEU A 18 0.47 -9.86 -10.59
N PHE A 19 1.72 -9.56 -10.28
CA PHE A 19 2.68 -9.27 -11.33
C PHE A 19 2.85 -10.46 -12.26
N ASP A 20 2.78 -11.66 -11.70
CA ASP A 20 2.94 -12.87 -12.49
C ASP A 20 1.59 -13.42 -12.97
N LYS A 21 1.10 -12.87 -14.06
CA LYS A 21 -0.17 -13.30 -14.61
C LYS A 21 -0.15 -14.80 -14.88
N ASP A 22 0.97 -15.28 -15.42
CA ASP A 22 1.12 -16.69 -15.73
C ASP A 22 1.75 -17.43 -14.57
N GLY A 23 1.36 -17.05 -13.34
CA GLY A 23 1.88 -17.69 -12.12
C GLY A 23 3.01 -18.66 -12.43
N ASP A 24 4.13 -18.11 -12.90
CA ASP A 24 5.28 -18.94 -13.26
C ASP A 24 6.23 -19.06 -12.08
N GLY A 25 6.18 -18.08 -11.18
CA GLY A 25 7.04 -18.06 -10.00
C GLY A 25 8.00 -16.88 -10.03
N CYS A 26 8.33 -16.40 -11.23
CA CYS A 26 9.22 -15.26 -11.38
C CYS A 26 8.55 -14.18 -12.21
N ILE A 27 9.20 -13.03 -12.32
CA ILE A 27 8.66 -11.92 -13.11
C ILE A 27 9.55 -11.65 -14.31
N THR A 28 8.99 -11.79 -15.51
CA THR A 28 9.74 -11.56 -16.73
C THR A 28 9.63 -10.11 -17.17
N VAL A 29 10.18 -9.82 -18.35
CA VAL A 29 10.14 -8.46 -18.89
C VAL A 29 8.82 -8.21 -19.61
N GLU A 30 8.38 -9.19 -20.40
CA GLU A 30 7.13 -9.07 -21.13
C GLU A 30 5.94 -8.98 -20.18
N GLU A 31 5.99 -9.77 -19.12
CA GLU A 31 4.92 -9.76 -18.13
C GLU A 31 4.91 -8.45 -17.36
N LEU A 32 6.07 -8.05 -16.86
CA LEU A 32 6.18 -6.82 -16.11
C LEU A 32 5.77 -5.64 -16.99
N ALA A 33 6.18 -5.68 -18.25
CA ALA A 33 5.84 -4.62 -19.18
C ALA A 33 4.33 -4.57 -19.39
N THR A 34 3.71 -5.73 -19.51
CA THR A 34 2.26 -5.79 -19.71
C THR A 34 1.53 -5.09 -18.57
N VAL A 35 1.94 -5.38 -17.33
CA VAL A 35 1.32 -4.76 -16.17
C VAL A 35 1.48 -3.25 -16.25
N ILE A 36 2.68 -2.79 -16.57
CA ILE A 36 2.93 -1.36 -16.70
C ILE A 36 2.09 -0.77 -17.83
N ARG A 37 2.04 -1.46 -18.95
CA ARG A 37 1.29 -0.97 -20.09
C ARG A 37 -0.13 -0.60 -19.69
N SER A 38 -0.77 -1.48 -18.93
CA SER A 38 -2.13 -1.23 -18.46
C SER A 38 -2.13 -0.19 -17.34
N LEU A 39 -1.14 -0.31 -16.46
CA LEU A 39 -1.04 0.59 -15.32
C LEU A 39 -0.51 1.95 -15.76
N ASP A 40 -0.15 2.05 -17.03
CA ASP A 40 0.39 3.29 -17.57
C ASP A 40 0.04 3.42 -19.05
N GLN A 41 1.07 3.61 -19.88
CA GLN A 41 0.85 3.75 -21.33
C GLN A 41 1.74 2.77 -22.09
N ASN A 42 2.77 3.29 -22.75
CA ASN A 42 3.68 2.45 -23.51
C ASN A 42 5.11 2.98 -23.43
N PRO A 43 5.78 2.75 -22.34
CA PRO A 43 7.18 3.20 -22.12
C PRO A 43 8.18 2.31 -22.86
N THR A 44 9.41 2.80 -23.00
CA THR A 44 10.45 2.04 -23.68
C THR A 44 10.99 0.94 -22.77
N GLU A 45 11.13 -0.26 -23.31
CA GLU A 45 11.63 -1.39 -22.53
C GLU A 45 12.98 -1.03 -21.91
N GLU A 46 13.86 -0.45 -22.69
CA GLU A 46 15.19 -0.06 -22.20
C GLU A 46 15.08 0.52 -20.79
N GLU A 47 14.08 1.36 -20.57
CA GLU A 47 13.87 1.97 -19.27
C GLU A 47 13.51 0.92 -18.24
N LEU A 48 12.78 -0.10 -18.68
CA LEU A 48 12.36 -1.18 -17.78
C LEU A 48 13.54 -2.10 -17.47
N GLN A 49 14.30 -2.46 -18.51
CA GLN A 49 15.45 -3.34 -18.33
C GLN A 49 16.55 -2.63 -17.55
N ASP A 50 16.63 -1.30 -17.72
CA ASP A 50 17.64 -0.53 -17.01
C ASP A 50 17.34 -0.47 -15.52
N MET A 51 16.13 -0.04 -15.17
CA MET A 51 15.75 0.07 -13.77
C MET A 51 15.90 -1.29 -13.07
N ILE A 52 15.44 -2.34 -13.73
CA ILE A 52 15.53 -3.68 -13.17
C ILE A 52 16.99 -4.13 -13.11
N SER A 53 17.76 -3.77 -14.14
CA SER A 53 19.17 -4.14 -14.19
C SER A 53 19.96 -3.45 -13.09
N GLU A 54 19.61 -2.19 -12.82
CA GLU A 54 20.31 -1.42 -11.80
C GLU A 54 20.38 -2.19 -10.50
N VAL A 55 19.28 -2.88 -10.16
CA VAL A 55 19.23 -3.65 -8.93
C VAL A 55 19.48 -5.14 -9.21
N ASP A 56 18.72 -5.69 -10.14
CA ASP A 56 18.87 -7.10 -10.49
C ASP A 56 20.34 -7.45 -10.69
N ALA A 57 20.99 -7.93 -9.63
CA ALA A 57 22.40 -8.29 -9.71
C ALA A 57 22.71 -9.06 -10.97
N ASP A 58 22.29 -10.33 -10.99
CA ASP A 58 22.52 -11.18 -12.15
C ASP A 58 21.85 -10.62 -13.38
N GLY A 59 21.28 -9.41 -13.26
CA GLY A 59 20.60 -8.74 -14.38
C GLY A 59 20.26 -9.74 -15.48
N ASN A 60 19.46 -10.74 -15.14
CA ASN A 60 19.08 -11.77 -16.10
C ASN A 60 17.81 -11.37 -16.84
N GLY A 61 17.04 -10.48 -16.23
CA GLY A 61 15.79 -10.02 -16.83
C GLY A 61 14.59 -10.65 -16.14
N THR A 62 14.85 -11.35 -15.03
CA THR A 62 13.79 -11.99 -14.27
C THR A 62 13.96 -11.71 -12.78
N ILE A 63 12.92 -11.14 -12.17
CA ILE A 63 12.97 -10.81 -10.75
C ILE A 63 12.28 -11.90 -9.92
N GLU A 64 13.01 -12.46 -8.97
CA GLU A 64 12.48 -13.49 -8.09
C GLU A 64 11.83 -12.87 -6.87
N PHE A 65 11.14 -13.70 -6.10
CA PHE A 65 10.46 -13.21 -4.90
C PHE A 65 11.45 -12.50 -3.98
N ASP A 66 12.62 -13.09 -3.82
CA ASP A 66 13.65 -12.51 -2.96
C ASP A 66 14.04 -11.13 -3.49
N GLU A 67 14.20 -11.01 -4.79
CA GLU A 67 14.57 -9.74 -5.40
C GLU A 67 13.40 -8.76 -5.35
N PHE A 68 12.21 -9.25 -5.67
CA PHE A 68 11.01 -8.41 -5.66
C PHE A 68 10.80 -7.84 -4.27
N LEU A 69 10.94 -8.67 -3.25
CA LEU A 69 10.75 -8.23 -1.87
C LEU A 69 11.79 -7.16 -1.51
N SER A 70 13.04 -7.42 -1.86
CA SER A 70 14.11 -6.48 -1.56
C SER A 70 13.84 -5.13 -2.23
N LEU A 71 13.41 -5.17 -3.48
CA LEU A 71 13.13 -3.94 -4.21
C LEU A 71 12.04 -3.14 -3.51
N MET A 72 10.96 -3.81 -3.15
CA MET A 72 9.86 -3.15 -2.47
C MET A 72 10.25 -2.75 -1.06
N ALA A 73 10.97 -3.62 -0.39
CA ALA A 73 11.40 -3.36 0.98
C ALA A 73 12.27 -2.12 1.03
N LYS A 74 13.08 -1.93 0.01
CA LYS A 74 13.96 -0.78 -0.04
C LYS A 74 13.17 0.52 -0.09
N LYS A 75 12.39 0.68 -1.16
CA LYS A 75 11.59 1.88 -1.33
C LYS A 75 10.89 2.23 -0.04
N VAL A 76 9.75 1.56 0.22
CA VAL A 76 8.95 1.80 1.43
C VAL A 76 9.69 2.68 2.40
N LYS A 77 9.07 3.79 2.78
CA LYS A 77 9.68 4.74 3.71
C LYS A 77 10.31 5.90 2.96
N ASP A 78 9.67 7.06 3.03
CA ASP A 78 10.16 8.28 2.37
C ASP A 78 9.61 8.41 0.96
N THR A 79 8.61 7.61 0.65
CA THR A 79 7.99 7.63 -0.67
C THR A 79 7.30 8.96 -0.91
N ASP A 80 8.00 10.06 -0.62
CA ASP A 80 7.44 11.39 -0.80
C ASP A 80 6.20 11.60 0.07
N ALA A 81 6.03 12.83 0.55
CA ALA A 81 4.90 13.15 1.39
C ALA A 81 3.64 13.35 0.56
N GLU A 82 3.73 14.24 -0.43
CA GLU A 82 2.58 14.51 -1.29
C GLU A 82 2.04 13.22 -1.89
N GLU A 83 2.85 12.18 -1.85
CA GLU A 83 2.43 10.89 -2.40
C GLU A 83 1.73 10.05 -1.34
N GLU A 84 2.36 9.92 -0.18
CA GLU A 84 1.76 9.14 0.90
C GLU A 84 0.53 9.85 1.43
N LEU A 85 0.57 11.17 1.45
CA LEU A 85 -0.56 11.95 1.96
C LEU A 85 -1.70 12.00 0.96
N LYS A 86 -1.36 12.05 -0.33
CA LYS A 86 -2.38 12.12 -1.37
C LYS A 86 -2.86 10.72 -1.72
N GLU A 87 -1.93 9.79 -1.89
CA GLU A 87 -2.29 8.43 -2.24
C GLU A 87 -3.12 7.80 -1.14
N ALA A 88 -2.67 7.96 0.11
CA ALA A 88 -3.38 7.42 1.25
C ALA A 88 -4.80 7.98 1.29
N PHE A 89 -4.91 9.31 1.24
CA PHE A 89 -6.22 9.95 1.26
C PHE A 89 -7.07 9.45 0.09
N LYS A 90 -6.44 9.32 -1.06
CA LYS A 90 -7.16 8.86 -2.26
C LYS A 90 -7.83 7.51 -1.99
N VAL A 91 -7.17 6.67 -1.20
CA VAL A 91 -7.73 5.37 -0.86
C VAL A 91 -8.89 5.50 0.13
N PHE A 92 -8.61 6.11 1.28
CA PHE A 92 -9.63 6.29 2.30
C PHE A 92 -10.81 7.05 1.72
N ASP A 93 -10.53 8.14 1.03
CA ASP A 93 -11.59 8.94 0.43
C ASP A 93 -11.97 8.40 -0.94
N LYS A 94 -12.33 7.12 -1.00
CA LYS A 94 -12.68 6.49 -2.27
C LYS A 94 -13.47 7.47 -3.15
N ASP A 95 -14.52 8.05 -2.60
CA ASP A 95 -15.35 8.99 -3.34
C ASP A 95 -14.56 10.23 -3.73
N GLN A 96 -13.46 10.45 -3.02
CA GLN A 96 -12.61 11.62 -3.28
C GLN A 96 -13.39 12.91 -3.08
N ASN A 97 -14.58 12.79 -2.51
CA ASN A 97 -15.43 13.95 -2.27
C ASN A 97 -14.71 14.95 -1.37
N GLY A 98 -13.50 14.60 -0.94
CA GLY A 98 -12.72 15.47 -0.07
C GLY A 98 -13.02 15.18 1.39
N TYR A 99 -13.84 14.15 1.64
CA TYR A 99 -14.18 13.79 3.01
C TYR A 99 -14.12 12.28 3.18
N ILE A 100 -13.66 11.83 4.34
CA ILE A 100 -13.56 10.39 4.62
C ILE A 100 -14.76 9.95 5.43
N SER A 101 -15.59 9.11 4.83
CA SER A 101 -16.78 8.59 5.50
C SER A 101 -16.42 7.40 6.38
N ALA A 102 -17.18 7.23 7.47
CA ALA A 102 -16.93 6.13 8.39
C ALA A 102 -16.93 4.80 7.64
N SER A 103 -17.88 4.63 6.73
CA SER A 103 -17.97 3.40 5.95
C SER A 103 -16.69 3.18 5.15
N GLU A 104 -16.17 4.26 4.58
CA GLU A 104 -14.94 4.17 3.80
C GLU A 104 -13.77 3.75 4.68
N LEU A 105 -13.52 4.54 5.72
CA LEU A 105 -12.43 4.24 6.63
C LEU A 105 -12.64 2.88 7.29
N ARG A 106 -13.90 2.44 7.32
CA ARG A 106 -14.22 1.15 7.91
C ARG A 106 -13.98 0.02 6.92
N HIS A 107 -14.35 0.25 5.66
CA HIS A 107 -14.16 -0.78 4.63
C HIS A 107 -12.70 -1.17 4.55
N VAL A 108 -11.83 -0.17 4.39
CA VAL A 108 -10.40 -0.46 4.32
C VAL A 108 -9.93 -1.13 5.59
N MET A 109 -10.00 -0.40 6.71
CA MET A 109 -9.57 -0.94 8.00
C MET A 109 -9.82 -2.45 8.08
N ILE A 110 -11.07 -2.82 8.29
CA ILE A 110 -11.42 -4.22 8.40
C ILE A 110 -10.83 -5.01 7.24
N ASN A 111 -11.01 -4.50 6.03
CA ASN A 111 -10.51 -5.16 4.84
C ASN A 111 -8.98 -5.17 4.84
N LEU A 112 -8.40 -4.44 5.79
CA LEU A 112 -6.95 -4.36 5.88
C LEU A 112 -6.40 -5.46 6.78
N GLY A 113 -7.23 -6.45 7.06
CA GLY A 113 -6.81 -7.57 7.89
C GLY A 113 -6.87 -7.19 9.37
N GLU A 114 -8.08 -6.99 9.88
CA GLU A 114 -8.26 -6.62 11.28
C GLU A 114 -9.74 -6.65 11.65
N LYS A 115 -10.05 -7.17 12.83
CA LYS A 115 -11.44 -7.24 13.28
C LYS A 115 -11.73 -6.16 14.31
N LEU A 116 -12.32 -5.06 13.85
CA LEU A 116 -12.65 -3.96 14.73
C LEU A 116 -14.16 -3.87 14.93
N THR A 117 -14.57 -3.78 16.20
CA THR A 117 -15.98 -3.69 16.53
C THR A 117 -16.53 -2.33 16.12
N ASP A 118 -17.86 -2.19 16.17
CA ASP A 118 -18.50 -0.95 15.79
C ASP A 118 -18.09 0.17 16.75
N GLU A 119 -17.85 -0.19 18.00
CA GLU A 119 -17.44 0.79 19.01
C GLU A 119 -16.07 1.37 18.67
N GLU A 120 -15.11 0.49 18.41
CA GLU A 120 -13.75 0.92 18.08
C GLU A 120 -13.78 1.84 16.87
N VAL A 121 -14.54 1.46 15.86
CA VAL A 121 -14.64 2.27 14.64
C VAL A 121 -15.32 3.61 14.95
N GLU A 122 -16.39 3.56 15.73
CA GLU A 122 -17.12 4.76 16.10
C GLU A 122 -16.20 5.74 16.82
N GLN A 123 -15.17 5.21 17.47
CA GLN A 123 -14.23 6.05 18.18
C GLN A 123 -13.27 6.72 17.20
N MET A 124 -12.45 5.92 16.53
CA MET A 124 -11.48 6.46 15.58
C MET A 124 -12.08 7.60 14.78
N ILE A 125 -13.24 7.36 14.19
CA ILE A 125 -13.91 8.38 13.40
C ILE A 125 -14.28 9.58 14.26
N LYS A 126 -14.84 9.31 15.44
CA LYS A 126 -15.23 10.38 16.34
C LYS A 126 -14.01 11.13 16.85
N GLU A 127 -12.89 10.42 16.99
CA GLU A 127 -11.67 11.03 17.48
C GLU A 127 -11.02 11.92 16.42
N ALA A 128 -10.75 11.32 15.26
CA ALA A 128 -10.11 12.05 14.18
C ALA A 128 -10.87 13.34 13.90
N ASP A 129 -12.18 13.31 14.13
CA ASP A 129 -13.01 14.49 13.89
C ASP A 129 -12.95 15.42 15.10
N LEU A 130 -12.14 16.47 14.98
CA LEU A 130 -11.99 17.45 16.06
C LEU A 130 -13.23 18.34 16.18
N ASP A 131 -13.79 18.72 15.04
CA ASP A 131 -14.97 19.58 15.02
C ASP A 131 -16.24 18.76 15.00
N GLY A 132 -16.10 17.45 15.04
CA GLY A 132 -17.26 16.56 15.03
C GLY A 132 -18.16 16.84 13.83
N ASP A 133 -18.22 15.90 12.90
CA ASP A 133 -19.05 16.06 11.71
C ASP A 133 -19.37 14.71 11.09
N GLY A 134 -19.07 13.64 11.82
CA GLY A 134 -19.34 12.30 11.34
C GLY A 134 -18.46 11.96 10.14
N GLN A 135 -17.60 12.90 9.75
CA GLN A 135 -16.71 12.71 8.62
C GLN A 135 -15.41 13.48 8.83
N VAL A 136 -14.37 13.08 8.10
CA VAL A 136 -13.07 13.75 8.20
C VAL A 136 -12.69 14.37 6.87
N ASN A 137 -12.39 15.67 6.91
CA ASN A 137 -12.00 16.38 5.70
C ASN A 137 -10.49 16.30 5.48
N TYR A 138 -10.07 16.33 4.22
CA TYR A 138 -8.65 16.25 3.90
C TYR A 138 -7.85 17.17 4.81
N GLU A 139 -8.37 18.37 5.03
CA GLU A 139 -7.69 19.35 5.89
C GLU A 139 -7.48 18.76 7.29
N GLU A 140 -8.56 18.23 7.86
CA GLU A 140 -8.49 17.64 9.20
C GLU A 140 -7.54 16.44 9.18
N PHE A 141 -7.61 15.64 8.12
CA PHE A 141 -6.74 14.47 8.01
C PHE A 141 -5.27 14.88 8.02
N VAL A 142 -4.93 15.82 7.15
CA VAL A 142 -3.54 16.28 7.07
C VAL A 142 -3.10 16.83 8.42
N LYS A 143 -3.95 17.62 9.05
CA LYS A 143 -3.63 18.20 10.35
C LYS A 143 -3.47 17.12 11.41
N MET A 144 -4.29 16.08 11.32
CA MET A 144 -4.24 15.00 12.28
C MET A 144 -2.88 14.31 12.24
N MET A 145 -2.31 14.20 11.04
CA MET A 145 -1.01 13.56 10.88
C MET A 145 0.12 14.57 11.01
N MET A 146 -0.23 15.85 10.92
CA MET A 146 0.78 16.93 11.02
C MET A 146 0.40 17.89 12.13
N THR A 147 0.02 17.35 13.28
CA THR A 147 -0.36 18.18 14.42
C THR A 147 -0.60 17.32 15.67
N VAL A 148 -1.21 16.16 15.46
CA VAL A 148 -1.51 15.26 16.58
C VAL A 148 -2.39 15.95 17.61
N ARG A 149 -2.58 17.25 17.45
CA ARG A 149 -3.39 18.04 18.38
C ARG A 149 -4.65 18.55 17.67
N ALA B 1 -5.87 6.87 19.11
CA ALA B 1 -6.32 6.55 17.72
C ALA B 1 -5.25 6.97 16.73
N ARG B 2 -4.20 7.61 17.24
CA ARG B 2 -3.11 8.06 16.38
C ARG B 2 -2.44 6.89 15.69
N GLN B 3 -2.19 5.82 16.45
CA GLN B 3 -1.56 4.64 15.89
C GLN B 3 -2.46 3.98 14.86
N ARG B 4 -3.76 3.96 15.14
CA ARG B 4 -4.71 3.35 14.21
C ARG B 4 -4.66 4.05 12.86
N TRP B 5 -4.66 5.38 12.88
CA TRP B 5 -4.60 6.14 11.64
C TRP B 5 -3.24 5.93 10.97
N ARG B 6 -2.18 6.05 11.76
CA ARG B 6 -0.84 5.88 11.25
C ARG B 6 -0.66 4.45 10.75
N SER B 7 -1.24 3.50 11.47
CA SER B 7 -1.15 2.10 11.11
C SER B 7 -1.78 1.88 9.73
N SER B 8 -2.94 2.50 9.52
CA SER B 8 -3.62 2.35 8.24
C SER B 8 -2.74 2.87 7.10
N VAL B 9 -2.10 4.01 7.32
CA VAL B 9 -1.22 4.58 6.31
C VAL B 9 0.02 3.71 6.13
N SER B 10 0.59 3.28 7.26
CA SER B 10 1.79 2.45 7.21
C SER B 10 1.50 1.09 6.57
N ILE B 11 0.41 0.47 6.99
CA ILE B 11 0.02 -0.83 6.45
C ILE B 11 -0.25 -0.69 4.96
N VAL B 12 -0.93 0.39 4.58
CA VAL B 12 -1.24 0.63 3.18
C VAL B 12 0.05 0.77 2.37
N LYS B 13 1.02 1.49 2.92
CA LYS B 13 2.28 1.67 2.23
C LYS B 13 2.92 0.33 1.93
N ASN B 14 2.93 -0.55 2.92
CA ASN B 14 3.50 -1.88 2.75
C ASN B 14 2.67 -2.67 1.74
N ARG B 15 1.35 -2.50 1.81
CA ARG B 15 0.45 -3.21 0.91
C ARG B 15 0.70 -2.78 -0.53
N ALA B 16 0.80 -1.47 -0.74
CA ALA B 16 1.03 -0.92 -2.08
C ALA B 16 0.09 -1.56 -3.09
N ARG B 17 0.40 -2.78 -3.50
CA ARG B 17 -0.42 -3.52 -4.46
C ARG B 17 -0.37 -2.82 -5.82
N ARG B 18 -0.28 -1.49 -5.80
CA ARG B 18 -0.22 -0.72 -7.03
C ARG B 18 1.22 -0.60 -7.51
N PHE B 19 2.17 -1.04 -6.67
CA PHE B 19 3.58 -0.98 -7.03
C PHE B 19 4.04 0.46 -7.12
N ARG B 20 3.62 1.28 -6.17
CA ARG B 20 4.00 2.69 -6.15
C ARG B 20 5.44 2.87 -6.61
N MET B 21 6.29 1.90 -6.27
CA MET B 21 7.69 1.96 -6.64
C MET B 21 7.84 1.88 -8.16
N ILE B 22 7.58 0.70 -8.71
CA ILE B 22 7.68 0.50 -10.15
C ILE B 22 6.70 1.38 -10.89
N SER B 23 5.48 1.46 -10.38
CA SER B 23 4.44 2.27 -11.01
C SER B 23 4.92 3.71 -11.19
N ASN B 24 5.53 4.25 -10.14
CA ASN B 24 6.04 5.61 -10.19
C ASN B 24 7.13 5.73 -11.24
N LEU B 25 8.02 4.74 -11.29
CA LEU B 25 9.11 4.75 -12.26
C LEU B 25 8.72 3.98 -13.52
CA CA C . 5.34 -14.33 -14.28
CA CA D . 17.39 -11.57 -11.15
CA CA E . -15.88 9.93 0.73
CA CA F . -14.90 16.86 10.70
N ALA A 1 8.78 -21.38 9.11
CA ALA A 1 8.20 -20.03 8.95
C ALA A 1 7.55 -19.59 10.25
N ASP A 2 7.05 -20.56 11.02
CA ASP A 2 6.40 -20.27 12.30
C ASP A 2 5.67 -18.93 12.25
N ILE A 3 6.40 -17.86 12.51
CA ILE A 3 5.81 -16.52 12.49
C ILE A 3 5.34 -16.18 11.09
N LEU A 4 4.54 -15.11 10.97
CA LEU A 4 4.02 -14.67 9.69
C LEU A 4 2.95 -15.64 9.20
N SER A 5 1.88 -15.11 8.62
CA SER A 5 0.82 -15.96 8.09
C SER A 5 0.76 -15.84 6.57
N GLU A 6 0.10 -16.80 5.93
CA GLU A 6 -0.03 -16.78 4.47
C GLU A 6 -0.69 -15.49 4.02
N GLU A 7 -1.51 -14.91 4.88
CA GLU A 7 -2.21 -13.67 4.52
C GLU A 7 -1.25 -12.66 3.92
N GLN A 8 -0.30 -12.19 4.72
CA GLN A 8 0.66 -11.20 4.23
C GLN A 8 1.24 -11.67 2.89
N ILE A 9 1.62 -12.94 2.83
CA ILE A 9 2.18 -13.50 1.60
C ILE A 9 1.16 -13.40 0.48
N VAL A 10 -0.09 -13.73 0.76
CA VAL A 10 -1.13 -13.68 -0.25
C VAL A 10 -1.19 -12.27 -0.84
N ASP A 11 -1.17 -11.26 0.01
CA ASP A 11 -1.23 -9.87 -0.45
C ASP A 11 -0.11 -9.62 -1.46
N PHE A 12 1.10 -10.03 -1.10
CA PHE A 12 2.24 -9.88 -2.00
C PHE A 12 2.03 -10.70 -3.27
N LYS A 13 1.51 -11.91 -3.10
CA LYS A 13 1.27 -12.79 -4.24
C LYS A 13 0.35 -12.09 -5.24
N GLU A 14 -0.62 -11.35 -4.73
CA GLU A 14 -1.56 -10.63 -5.59
C GLU A 14 -0.81 -9.59 -6.43
N ALA A 15 0.00 -8.78 -5.77
CA ALA A 15 0.77 -7.75 -6.47
C ALA A 15 1.53 -8.36 -7.63
N PHE A 16 2.13 -9.52 -7.39
CA PHE A 16 2.89 -10.20 -8.43
C PHE A 16 1.98 -10.54 -9.61
N GLY A 17 0.79 -11.06 -9.31
CA GLY A 17 -0.15 -11.42 -10.36
C GLY A 17 -0.39 -10.24 -11.30
N LEU A 18 -0.51 -9.05 -10.71
CA LEU A 18 -0.73 -7.84 -11.51
C LEU A 18 0.44 -7.60 -12.45
N PHE A 19 1.64 -7.77 -11.93
CA PHE A 19 2.83 -7.57 -12.75
C PHE A 19 2.87 -8.56 -13.91
N ASP A 20 2.49 -9.80 -13.64
CA ASP A 20 2.46 -10.84 -14.67
C ASP A 20 1.03 -11.15 -15.09
N LYS A 21 0.45 -10.25 -15.87
CA LYS A 21 -0.91 -10.44 -16.34
C LYS A 21 -1.06 -11.79 -17.03
N ASP A 22 0.06 -12.37 -17.43
CA ASP A 22 0.05 -13.67 -18.10
C ASP A 22 0.54 -14.76 -17.17
N GLY A 23 0.24 -14.63 -15.88
CA GLY A 23 0.65 -15.62 -14.88
C GLY A 23 1.72 -16.56 -15.41
N ASP A 24 2.87 -16.00 -15.80
CA ASP A 24 3.94 -16.81 -16.36
C ASP A 24 4.80 -17.37 -15.26
N GLY A 25 4.88 -16.63 -14.14
CA GLY A 25 5.68 -17.07 -12.99
C GLY A 25 6.98 -16.27 -12.88
N CYS A 26 7.09 -15.24 -13.70
CA CYS A 26 8.29 -14.39 -13.68
C CYS A 26 7.96 -13.00 -14.21
N ILE A 27 8.78 -12.01 -13.82
CA ILE A 27 8.58 -10.64 -14.27
C ILE A 27 9.71 -10.21 -15.19
N THR A 28 9.38 -9.92 -16.44
CA THR A 28 10.38 -9.50 -17.42
C THR A 28 10.30 -8.00 -17.67
N VAL A 29 11.42 -7.40 -18.03
CA VAL A 29 11.47 -5.96 -18.29
C VAL A 29 10.34 -5.58 -19.25
N GLU A 30 10.13 -6.38 -20.28
CA GLU A 30 9.09 -6.10 -21.26
C GLU A 30 7.72 -6.05 -20.58
N GLU A 31 7.33 -7.16 -19.95
CA GLU A 31 6.04 -7.23 -19.26
C GLU A 31 5.97 -6.15 -18.18
N LEU A 32 7.03 -6.03 -17.40
CA LEU A 32 7.08 -5.04 -16.34
C LEU A 32 7.01 -3.63 -16.93
N ALA A 33 7.71 -3.42 -18.04
CA ALA A 33 7.71 -2.12 -18.69
C ALA A 33 6.30 -1.74 -19.12
N THR A 34 5.61 -2.69 -19.74
CA THR A 34 4.23 -2.44 -20.19
C THR A 34 3.38 -1.98 -19.02
N VAL A 35 3.54 -2.63 -17.87
CA VAL A 35 2.77 -2.27 -16.69
C VAL A 35 3.05 -0.83 -16.28
N ILE A 36 4.34 -0.47 -16.21
CA ILE A 36 4.72 0.88 -15.82
C ILE A 36 4.24 1.90 -16.85
N ARG A 37 4.45 1.59 -18.12
CA ARG A 37 4.05 2.49 -19.19
C ARG A 37 2.58 2.84 -19.07
N SER A 38 1.76 1.85 -18.77
CA SER A 38 0.33 2.06 -18.59
C SER A 38 0.08 2.99 -17.40
N LEU A 39 0.98 2.93 -16.43
CA LEU A 39 0.83 3.77 -15.25
C LEU A 39 0.90 5.24 -15.62
N ASP A 40 0.84 5.53 -16.91
CA ASP A 40 0.90 6.90 -17.40
C ASP A 40 2.33 7.40 -17.43
N GLN A 41 3.23 6.67 -16.78
CA GLN A 41 4.64 7.04 -16.75
C GLN A 41 5.47 6.03 -17.49
N ASN A 42 6.45 6.50 -18.26
CA ASN A 42 7.33 5.61 -19.03
C ASN A 42 8.79 5.95 -18.77
N PRO A 43 9.33 5.48 -17.68
CA PRO A 43 10.75 5.73 -17.30
C PRO A 43 11.73 5.15 -18.33
N THR A 44 12.92 5.72 -18.37
CA THR A 44 13.94 5.25 -19.31
C THR A 44 14.33 3.80 -19.00
N GLU A 45 14.59 3.04 -20.06
CA GLU A 45 14.97 1.64 -19.89
C GLU A 45 16.28 1.52 -19.14
N GLU A 46 17.14 2.54 -19.28
CA GLU A 46 18.42 2.52 -18.61
C GLU A 46 18.27 2.44 -17.10
N GLU A 47 17.64 3.45 -16.52
CA GLU A 47 17.43 3.48 -15.07
C GLU A 47 16.62 2.27 -14.63
N LEU A 48 15.80 1.75 -15.52
CA LEU A 48 14.98 0.60 -15.21
C LEU A 48 15.79 -0.70 -15.31
N GLN A 49 16.64 -0.77 -16.33
CA GLN A 49 17.45 -1.96 -16.55
C GLN A 49 18.48 -2.14 -15.47
N ASP A 50 19.12 -1.04 -15.07
CA ASP A 50 20.14 -1.09 -14.04
C ASP A 50 19.50 -1.31 -12.67
N MET A 51 18.42 -0.58 -12.40
CA MET A 51 17.75 -0.70 -11.11
C MET A 51 17.30 -2.14 -10.87
N ILE A 52 16.71 -2.74 -11.89
CA ILE A 52 16.25 -4.12 -11.79
C ILE A 52 17.44 -5.08 -11.64
N SER A 53 18.49 -4.82 -12.41
CA SER A 53 19.67 -5.68 -12.36
C SER A 53 20.47 -5.42 -11.09
N GLU A 54 20.37 -4.20 -10.57
CA GLU A 54 21.09 -3.84 -9.35
C GLU A 54 20.59 -4.65 -8.16
N VAL A 55 19.27 -4.79 -8.06
CA VAL A 55 18.68 -5.56 -6.97
C VAL A 55 18.83 -7.05 -7.21
N ASP A 56 18.58 -7.47 -8.44
CA ASP A 56 18.68 -8.89 -8.79
C ASP A 56 20.14 -9.29 -8.93
N ALA A 57 20.63 -10.07 -7.97
CA ALA A 57 22.01 -10.52 -7.99
C ALA A 57 22.41 -11.00 -9.38
N ASP A 58 21.89 -12.14 -9.79
CA ASP A 58 22.19 -12.68 -11.10
C ASP A 58 21.76 -11.73 -12.19
N GLY A 59 21.27 -10.55 -11.80
CA GLY A 59 20.84 -9.53 -12.75
C GLY A 59 20.59 -10.14 -14.13
N ASN A 60 19.66 -11.09 -14.18
CA ASN A 60 19.36 -11.76 -15.44
C ASN A 60 18.39 -10.94 -16.28
N GLY A 61 17.72 -9.98 -15.63
CA GLY A 61 16.75 -9.13 -16.31
C GLY A 61 15.34 -9.58 -16.00
N THR A 62 15.19 -10.56 -15.11
CA THR A 62 13.88 -11.06 -14.73
C THR A 62 13.79 -11.24 -13.22
N ILE A 63 12.80 -10.59 -12.62
CA ILE A 63 12.62 -10.68 -11.16
C ILE A 63 11.67 -11.82 -10.82
N GLU A 64 12.15 -12.73 -9.96
CA GLU A 64 11.34 -13.86 -9.54
C GLU A 64 10.50 -13.50 -8.32
N PHE A 65 9.60 -14.39 -7.93
CA PHE A 65 8.75 -14.14 -6.77
C PHE A 65 9.60 -13.83 -5.55
N ASP A 66 10.63 -14.64 -5.32
CA ASP A 66 11.50 -14.42 -4.17
C ASP A 66 12.16 -13.05 -4.22
N GLU A 67 12.62 -12.66 -5.42
CA GLU A 67 13.26 -11.37 -5.59
C GLU A 67 12.23 -10.24 -5.51
N PHE A 68 11.12 -10.39 -6.22
CA PHE A 68 10.07 -9.38 -6.20
C PHE A 68 9.60 -9.15 -4.78
N LEU A 69 9.37 -10.22 -4.04
CA LEU A 69 8.89 -10.11 -2.68
C LEU A 69 9.86 -9.28 -1.84
N SER A 70 11.10 -9.76 -1.73
CA SER A 70 12.10 -9.05 -0.94
C SER A 70 12.41 -7.68 -1.55
N LEU A 71 12.54 -7.64 -2.86
CA LEU A 71 12.86 -6.40 -3.54
C LEU A 71 11.97 -5.27 -3.03
N MET A 72 10.67 -5.53 -2.96
CA MET A 72 9.73 -4.50 -2.49
C MET A 72 9.63 -4.49 -0.98
N ALA A 73 9.20 -5.60 -0.40
CA ALA A 73 9.05 -5.70 1.04
C ALA A 73 10.21 -5.02 1.76
N LYS A 74 11.38 -5.06 1.13
CA LYS A 74 12.57 -4.44 1.72
C LYS A 74 12.69 -2.98 1.32
N LYS A 75 12.81 -2.73 0.02
CA LYS A 75 12.95 -1.38 -0.47
C LYS A 75 11.72 -0.55 -0.13
N VAL A 76 11.79 0.16 0.99
CA VAL A 76 10.69 1.00 1.41
C VAL A 76 11.18 2.12 2.33
N LYS A 77 11.76 3.16 1.75
CA LYS A 77 12.28 4.28 2.53
C LYS A 77 11.72 5.58 2.00
N ASP A 78 12.55 6.35 1.28
CA ASP A 78 12.15 7.63 0.71
C ASP A 78 10.99 8.24 1.48
N THR A 79 9.77 7.79 1.18
CA THR A 79 8.59 8.26 1.86
C THR A 79 8.43 9.76 1.66
N ASP A 80 7.19 10.22 1.58
CA ASP A 80 6.91 11.64 1.40
C ASP A 80 5.51 11.98 1.92
N ALA A 81 5.40 13.11 2.60
CA ALA A 81 4.13 13.54 3.15
C ALA A 81 3.12 13.81 2.05
N GLU A 82 3.45 14.73 1.15
CA GLU A 82 2.54 15.07 0.06
C GLU A 82 2.14 13.85 -0.74
N GLU A 83 3.05 12.88 -0.83
CA GLU A 83 2.78 11.67 -1.58
C GLU A 83 1.86 10.73 -0.80
N GLU A 84 2.18 10.53 0.47
CA GLU A 84 1.38 9.65 1.31
C GLU A 84 0.10 10.34 1.75
N LEU A 85 0.16 11.65 1.91
CA LEU A 85 -0.99 12.42 2.32
C LEU A 85 -2.09 12.39 1.27
N LYS A 86 -1.68 12.48 0.00
CA LYS A 86 -2.63 12.46 -1.09
C LYS A 86 -3.01 11.03 -1.47
N GLU A 87 -2.02 10.16 -1.55
CA GLU A 87 -2.26 8.77 -1.91
C GLU A 87 -3.12 8.09 -0.84
N ALA A 88 -2.86 8.42 0.42
CA ALA A 88 -3.62 7.83 1.51
C ALA A 88 -5.08 8.30 1.45
N PHE A 89 -5.29 9.61 1.52
CA PHE A 89 -6.64 10.16 1.48
C PHE A 89 -7.37 9.65 0.24
N LYS A 90 -6.66 9.63 -0.88
CA LYS A 90 -7.26 9.17 -2.13
C LYS A 90 -7.76 7.74 -1.99
N VAL A 91 -7.00 6.93 -1.26
CA VAL A 91 -7.40 5.53 -1.05
C VAL A 91 -8.56 5.44 -0.05
N PHE A 92 -8.39 6.08 1.10
CA PHE A 92 -9.43 6.05 2.12
C PHE A 92 -10.70 6.66 1.60
N ASP A 93 -10.60 7.82 1.00
CA ASP A 93 -11.77 8.49 0.46
C ASP A 93 -12.08 7.96 -0.93
N LYS A 94 -12.52 6.70 -1.00
CA LYS A 94 -12.85 6.08 -2.28
C LYS A 94 -13.60 7.06 -3.18
N ASP A 95 -14.75 7.52 -2.71
CA ASP A 95 -15.56 8.45 -3.48
C ASP A 95 -14.86 9.78 -3.64
N GLN A 96 -13.70 9.92 -3.00
CA GLN A 96 -12.92 11.16 -3.08
C GLN A 96 -13.83 12.37 -3.16
N ASN A 97 -14.67 12.54 -2.15
CA ASN A 97 -15.61 13.67 -2.13
C ASN A 97 -15.04 14.81 -1.31
N GLY A 98 -13.82 14.64 -0.81
CA GLY A 98 -13.17 15.67 0.00
C GLY A 98 -13.33 15.37 1.48
N TYR A 99 -13.96 14.24 1.79
CA TYR A 99 -14.16 13.85 3.19
C TYR A 99 -14.09 12.33 3.32
N ILE A 100 -13.65 11.87 4.48
CA ILE A 100 -13.53 10.43 4.73
C ILE A 100 -14.75 9.94 5.49
N SER A 101 -15.51 9.04 4.86
CA SER A 101 -16.71 8.48 5.50
C SER A 101 -16.34 7.29 6.37
N ALA A 102 -17.08 7.10 7.46
CA ALA A 102 -16.80 6.00 8.38
C ALA A 102 -16.79 4.67 7.62
N SER A 103 -17.77 4.47 6.76
CA SER A 103 -17.85 3.23 5.99
C SER A 103 -16.63 3.07 5.10
N GLU A 104 -16.23 4.15 4.45
CA GLU A 104 -15.05 4.12 3.58
C GLU A 104 -13.81 3.70 4.37
N LEU A 105 -13.54 4.44 5.44
CA LEU A 105 -12.40 4.13 6.28
C LEU A 105 -12.55 2.75 6.90
N ARG A 106 -13.78 2.27 6.96
CA ARG A 106 -14.06 0.96 7.54
C ARG A 106 -13.81 -0.14 6.52
N HIS A 107 -14.25 0.09 5.29
CA HIS A 107 -14.07 -0.89 4.23
C HIS A 107 -12.60 -1.25 4.08
N VAL A 108 -11.75 -0.23 3.98
CA VAL A 108 -10.32 -0.49 3.86
C VAL A 108 -9.81 -1.19 5.11
N MET A 109 -9.88 -0.51 6.26
CA MET A 109 -9.41 -1.08 7.52
C MET A 109 -9.58 -2.60 7.54
N ILE A 110 -10.83 -3.04 7.71
CA ILE A 110 -11.11 -4.47 7.75
C ILE A 110 -10.47 -5.17 6.55
N ASN A 111 -10.65 -4.61 5.37
CA ASN A 111 -10.08 -5.20 4.17
C ASN A 111 -8.56 -5.24 4.26
N LEU A 112 -8.02 -4.47 5.21
CA LEU A 112 -6.57 -4.42 5.41
C LEU A 112 -6.20 -5.01 6.76
N GLY A 113 -7.17 -5.60 7.44
CA GLY A 113 -6.93 -6.19 8.75
C GLY A 113 -7.57 -5.37 9.86
N GLU A 114 -8.62 -5.90 10.45
CA GLU A 114 -9.29 -5.22 11.55
C GLU A 114 -10.34 -6.13 12.16
N LYS A 115 -11.04 -5.63 13.19
CA LYS A 115 -12.08 -6.39 13.89
C LYS A 115 -12.37 -5.78 15.25
N LEU A 116 -12.65 -4.50 15.26
CA LEU A 116 -12.95 -3.80 16.51
C LEU A 116 -14.43 -3.51 16.62
N THR A 117 -14.97 -3.70 17.83
CA THR A 117 -16.39 -3.47 18.06
C THR A 117 -16.80 -2.11 17.51
N ASP A 118 -18.07 -2.01 17.09
CA ASP A 118 -18.58 -0.76 16.54
C ASP A 118 -18.15 0.42 17.40
N GLU A 119 -18.24 0.25 18.72
CA GLU A 119 -17.86 1.32 19.64
C GLU A 119 -16.41 1.76 19.39
N GLU A 120 -15.51 0.79 19.25
CA GLU A 120 -14.12 1.09 18.98
C GLU A 120 -13.97 1.79 17.63
N VAL A 121 -14.76 1.35 16.66
CA VAL A 121 -14.72 1.95 15.32
C VAL A 121 -15.05 3.44 15.42
N GLU A 122 -16.04 3.78 16.23
CA GLU A 122 -16.42 5.18 16.40
C GLU A 122 -15.22 5.99 16.82
N GLN A 123 -14.59 5.61 17.94
CA GLN A 123 -13.41 6.32 18.41
C GLN A 123 -12.33 6.39 17.33
N MET A 124 -12.37 5.40 16.44
CA MET A 124 -11.39 5.34 15.36
C MET A 124 -11.46 6.59 14.49
N ILE A 125 -12.65 6.88 13.98
CA ILE A 125 -12.86 8.05 13.13
C ILE A 125 -13.14 9.29 13.96
N LYS A 126 -13.74 9.09 15.13
CA LYS A 126 -14.08 10.20 16.01
C LYS A 126 -12.83 10.97 16.41
N GLU A 127 -11.69 10.28 16.44
CA GLU A 127 -10.44 10.91 16.82
C GLU A 127 -10.00 11.94 15.78
N ALA A 128 -9.99 11.53 14.52
CA ALA A 128 -9.58 12.42 13.44
C ALA A 128 -10.68 13.41 13.11
N ASP A 129 -11.84 13.22 13.74
CA ASP A 129 -12.98 14.12 13.52
C ASP A 129 -12.93 15.30 14.48
N LEU A 130 -12.30 16.39 14.06
CA LEU A 130 -12.20 17.56 14.90
C LEU A 130 -13.55 18.24 15.05
N ASP A 131 -14.14 18.61 13.93
CA ASP A 131 -15.44 19.27 13.95
C ASP A 131 -16.55 18.24 13.81
N GLY A 132 -16.17 16.97 13.74
CA GLY A 132 -17.14 15.90 13.61
C GLY A 132 -17.80 15.90 12.26
N ASP A 133 -18.72 16.84 12.05
CA ASP A 133 -19.45 16.93 10.78
C ASP A 133 -19.83 15.54 10.28
N GLY A 134 -19.77 14.55 11.18
CA GLY A 134 -20.10 13.18 10.82
C GLY A 134 -19.00 12.51 10.02
N GLN A 135 -18.15 13.32 9.41
CA GLN A 135 -17.06 12.80 8.59
C GLN A 135 -15.75 13.55 8.86
N VAL A 136 -14.67 13.09 8.26
CA VAL A 136 -13.36 13.72 8.43
C VAL A 136 -12.93 14.41 7.15
N ASN A 137 -12.66 15.71 7.26
CA ASN A 137 -12.22 16.49 6.10
C ASN A 137 -10.73 16.27 5.85
N TYR A 138 -10.31 16.47 4.61
CA TYR A 138 -8.91 16.30 4.26
C TYR A 138 -8.03 17.18 5.14
N GLU A 139 -8.44 18.43 5.33
CA GLU A 139 -7.68 19.36 6.15
C GLU A 139 -7.43 18.77 7.54
N GLU A 140 -8.47 18.18 8.11
CA GLU A 140 -8.35 17.56 9.44
C GLU A 140 -7.35 16.42 9.39
N PHE A 141 -7.35 15.67 8.30
CA PHE A 141 -6.45 14.53 8.16
C PHE A 141 -4.99 15.00 8.21
N VAL A 142 -4.69 16.03 7.44
CA VAL A 142 -3.32 16.56 7.40
C VAL A 142 -2.89 17.05 8.78
N LYS A 143 -3.77 17.77 9.45
CA LYS A 143 -3.46 18.29 10.77
C LYS A 143 -3.15 17.17 11.75
N MET A 144 -3.92 16.09 11.67
CA MET A 144 -3.72 14.95 12.56
C MET A 144 -2.46 14.18 12.17
N MET A 145 -2.23 14.06 10.88
CA MET A 145 -1.07 13.35 10.37
C MET A 145 0.22 14.01 10.81
N MET A 146 0.20 15.34 10.91
CA MET A 146 1.37 16.10 11.30
C MET A 146 1.55 16.07 12.82
N THR A 147 0.52 16.48 13.54
CA THR A 147 0.58 16.51 14.99
C THR A 147 1.15 15.21 15.55
N VAL A 148 0.44 14.11 15.33
CA VAL A 148 0.87 12.81 15.82
C VAL A 148 1.38 12.93 17.25
N ARG A 149 0.51 13.39 18.14
CA ARG A 149 0.88 13.56 19.55
C ARG A 149 0.36 12.39 20.39
N ALA B 1 -6.60 6.78 18.40
CA ALA B 1 -6.65 6.09 17.08
C ALA B 1 -5.48 6.54 16.22
N ARG B 2 -4.52 7.21 16.85
CA ARG B 2 -3.36 7.70 16.12
C ARG B 2 -2.60 6.54 15.49
N GLN B 3 -2.36 5.51 16.27
CA GLN B 3 -1.63 4.36 15.77
C GLN B 3 -2.42 3.65 14.69
N ARG B 4 -3.73 3.52 14.90
CA ARG B 4 -4.59 2.86 13.93
C ARG B 4 -4.55 3.60 12.60
N TRP B 5 -4.59 4.93 12.67
CA TRP B 5 -4.54 5.73 11.45
C TRP B 5 -3.23 5.47 10.71
N ARG B 6 -2.12 5.52 11.45
CA ARG B 6 -0.83 5.27 10.84
C ARG B 6 -0.74 3.82 10.38
N SER B 7 -1.39 2.93 11.12
CA SER B 7 -1.37 1.52 10.77
C SER B 7 -1.99 1.31 9.40
N SER B 8 -3.14 1.94 9.16
CA SER B 8 -3.80 1.81 7.86
C SER B 8 -2.89 2.35 6.76
N VAL B 9 -2.27 3.49 7.02
CA VAL B 9 -1.37 4.10 6.04
C VAL B 9 -0.12 3.22 5.88
N SER B 10 0.40 2.74 7.00
CA SER B 10 1.60 1.91 6.96
C SER B 10 1.35 0.63 6.18
N ILE B 11 0.19 0.04 6.40
CA ILE B 11 -0.18 -1.19 5.69
C ILE B 11 -0.23 -0.93 4.19
N VAL B 12 -0.80 0.21 3.82
CA VAL B 12 -0.90 0.58 2.42
C VAL B 12 0.50 0.67 1.81
N LYS B 13 1.43 1.24 2.58
CA LYS B 13 2.80 1.38 2.09
C LYS B 13 3.39 0.02 1.76
N ASN B 14 3.22 -0.93 2.66
CA ASN B 14 3.72 -2.28 2.46
C ASN B 14 2.95 -2.95 1.32
N ARG B 15 1.65 -2.70 1.26
CA ARG B 15 0.81 -3.28 0.22
C ARG B 15 1.18 -2.71 -1.14
N ALA B 16 1.36 -1.38 -1.19
CA ALA B 16 1.71 -0.72 -2.43
C ALA B 16 1.01 -1.35 -3.63
N ARG B 17 -0.16 -0.83 -3.98
CA ARG B 17 -0.93 -1.36 -5.10
C ARG B 17 -0.61 -0.58 -6.36
N ARG B 18 0.38 0.29 -6.28
CA ARG B 18 0.78 1.10 -7.43
C ARG B 18 2.28 1.04 -7.63
N PHE B 19 2.95 0.26 -6.79
CA PHE B 19 4.40 0.11 -6.90
C PHE B 19 5.09 1.46 -6.68
N ARG B 20 4.67 2.18 -5.66
CA ARG B 20 5.25 3.50 -5.38
C ARG B 20 6.76 3.48 -5.59
N MET B 21 7.39 2.37 -5.24
CA MET B 21 8.83 2.24 -5.39
C MET B 21 9.23 2.21 -6.85
N ILE B 22 8.86 1.14 -7.54
CA ILE B 22 9.17 0.99 -8.95
C ILE B 22 8.50 2.10 -9.77
N SER B 23 7.24 2.37 -9.46
CA SER B 23 6.49 3.39 -10.17
C SER B 23 7.25 4.72 -10.13
N ASN B 24 7.75 5.07 -8.96
CA ASN B 24 8.50 6.32 -8.81
C ASN B 24 9.77 6.28 -9.62
N LEU B 25 10.45 5.14 -9.62
CA LEU B 25 11.70 4.99 -10.38
C LEU B 25 11.42 4.38 -11.75
CA CA C . 5.00 -12.58 -16.85
CA CA D . 16.61 -12.88 -11.14
CA CA E . -16.30 10.07 1.38
CA CA F . -14.73 16.69 10.98
N ALA A 1 12.52 -1.18 14.90
CA ALA A 1 11.98 0.16 15.27
C ALA A 1 10.72 -0.02 16.12
N ASP A 2 9.62 -0.36 15.46
CA ASP A 2 8.34 -0.56 16.16
C ASP A 2 7.86 -2.01 16.01
N ILE A 3 8.15 -2.60 14.85
CA ILE A 3 7.75 -3.99 14.57
C ILE A 3 8.97 -4.87 14.36
N LEU A 4 8.82 -6.17 14.63
CA LEU A 4 9.91 -7.12 14.46
C LEU A 4 9.43 -8.54 14.74
N SER A 5 8.16 -8.79 14.46
CA SER A 5 7.60 -10.13 14.68
C SER A 5 7.51 -10.90 13.38
N GLU A 6 7.32 -12.20 13.48
CA GLU A 6 7.22 -13.06 12.30
C GLU A 6 6.09 -12.58 11.39
N GLU A 7 5.21 -11.73 11.92
CA GLU A 7 4.09 -11.21 11.14
C GLU A 7 4.58 -10.44 9.92
N GLN A 8 5.40 -9.43 10.15
CA GLN A 8 5.91 -8.63 9.04
C GLN A 8 6.43 -9.56 7.93
N ILE A 9 7.09 -10.64 8.33
CA ILE A 9 7.62 -11.60 7.38
C ILE A 9 6.48 -12.31 6.66
N VAL A 10 5.47 -12.68 7.41
CA VAL A 10 4.33 -13.38 6.83
C VAL A 10 3.72 -12.51 5.73
N ASP A 11 3.49 -11.24 6.02
CA ASP A 11 2.91 -10.36 5.02
C ASP A 11 3.76 -10.37 3.76
N PHE A 12 5.04 -10.10 3.91
CA PHE A 12 5.95 -10.10 2.77
C PHE A 12 5.91 -11.46 2.08
N LYS A 13 5.92 -12.51 2.88
CA LYS A 13 5.88 -13.86 2.35
C LYS A 13 4.60 -14.09 1.56
N GLU A 14 3.49 -13.58 2.07
CA GLU A 14 2.21 -13.73 1.39
C GLU A 14 2.27 -13.13 -0.01
N ALA A 15 2.72 -11.88 -0.10
CA ALA A 15 2.83 -11.22 -1.39
C ALA A 15 3.69 -12.04 -2.34
N PHE A 16 4.75 -12.64 -1.78
CA PHE A 16 5.64 -13.47 -2.58
C PHE A 16 4.90 -14.68 -3.13
N GLY A 17 4.16 -15.36 -2.26
CA GLY A 17 3.41 -16.54 -2.67
C GLY A 17 2.49 -16.22 -3.83
N LEU A 18 1.94 -15.01 -3.83
CA LEU A 18 1.05 -14.59 -4.91
C LEU A 18 1.82 -14.46 -6.21
N PHE A 19 2.98 -13.82 -6.15
CA PHE A 19 3.78 -13.63 -7.34
C PHE A 19 4.08 -14.97 -7.99
N ASP A 20 4.25 -15.99 -7.17
CA ASP A 20 4.54 -17.34 -7.67
C ASP A 20 3.31 -18.22 -7.62
N LYS A 21 2.44 -18.05 -8.62
CA LYS A 21 1.21 -18.82 -8.67
C LYS A 21 1.52 -20.32 -8.67
N ASP A 22 2.78 -20.65 -8.95
CA ASP A 22 3.22 -22.04 -8.98
C ASP A 22 4.27 -22.30 -7.92
N GLY A 23 4.13 -21.63 -6.76
CA GLY A 23 5.07 -21.78 -5.64
C GLY A 23 6.36 -22.48 -6.06
N ASP A 24 7.02 -21.91 -7.06
CA ASP A 24 8.26 -22.49 -7.58
C ASP A 24 9.44 -22.10 -6.70
N GLY A 25 9.33 -20.94 -6.06
CA GLY A 25 10.40 -20.44 -5.19
C GLY A 25 11.11 -19.23 -5.81
N CYS A 26 10.57 -18.74 -6.92
CA CYS A 26 11.15 -17.58 -7.59
C CYS A 26 10.12 -16.93 -8.50
N ILE A 27 10.38 -15.69 -8.90
CA ILE A 27 9.47 -14.96 -9.77
C ILE A 27 10.15 -14.66 -11.09
N THR A 28 9.58 -15.16 -12.17
CA THR A 28 10.14 -14.94 -13.51
C THR A 28 9.44 -13.79 -14.21
N VAL A 29 10.18 -13.13 -15.10
CA VAL A 29 9.63 -12.00 -15.85
C VAL A 29 8.25 -12.34 -16.38
N GLU A 30 8.11 -13.56 -16.89
CA GLU A 30 6.82 -14.00 -17.43
C GLU A 30 5.75 -13.93 -16.35
N GLU A 31 5.97 -14.62 -15.25
CA GLU A 31 5.01 -14.63 -14.15
C GLU A 31 4.77 -13.21 -13.72
N LEU A 32 5.84 -12.45 -13.57
CA LEU A 32 5.72 -11.08 -13.12
C LEU A 32 4.88 -10.28 -14.10
N ALA A 33 5.13 -10.52 -15.38
CA ALA A 33 4.40 -9.81 -16.42
C ALA A 33 2.89 -10.01 -16.24
N THR A 34 2.49 -11.26 -16.06
CA THR A 34 1.07 -11.56 -15.91
C THR A 34 0.48 -10.84 -14.71
N VAL A 35 1.08 -11.04 -13.54
CA VAL A 35 0.58 -10.41 -12.32
C VAL A 35 0.34 -8.92 -12.56
N ILE A 36 1.30 -8.26 -13.20
CA ILE A 36 1.17 -6.84 -13.49
C ILE A 36 -0.03 -6.58 -14.41
N ARG A 37 -0.16 -7.41 -15.43
CA ARG A 37 -1.25 -7.24 -16.37
C ARG A 37 -2.60 -7.32 -15.65
N SER A 38 -2.63 -8.06 -14.55
CA SER A 38 -3.86 -8.21 -13.79
C SER A 38 -4.38 -6.83 -13.35
N LEU A 39 -3.45 -5.90 -13.13
CA LEU A 39 -3.82 -4.56 -12.68
C LEU A 39 -4.37 -3.77 -13.85
N ASP A 40 -4.70 -4.46 -14.93
CA ASP A 40 -5.25 -3.81 -16.11
C ASP A 40 -4.17 -3.02 -16.85
N GLN A 41 -3.08 -2.74 -16.15
CA GLN A 41 -1.98 -1.99 -16.74
C GLN A 41 -1.13 -2.89 -17.62
N ASN A 42 -0.25 -2.30 -18.40
CA ASN A 42 0.61 -3.08 -19.29
C ASN A 42 1.89 -2.28 -19.63
N PRO A 43 2.89 -2.35 -18.78
CA PRO A 43 4.18 -1.62 -19.02
C PRO A 43 5.05 -2.30 -20.06
N THR A 44 6.11 -1.63 -20.47
CA THR A 44 7.01 -2.19 -21.47
C THR A 44 7.97 -3.20 -20.82
N GLU A 45 8.48 -4.12 -21.63
CA GLU A 45 9.41 -5.12 -21.13
C GLU A 45 10.78 -4.51 -20.87
N GLU A 46 11.22 -3.63 -21.77
CA GLU A 46 12.52 -3.01 -21.61
C GLU A 46 12.68 -2.44 -20.20
N GLU A 47 11.80 -1.51 -19.84
CA GLU A 47 11.87 -0.92 -18.51
C GLU A 47 11.76 -2.00 -17.45
N LEU A 48 10.58 -2.63 -17.37
CA LEU A 48 10.36 -3.66 -16.37
C LEU A 48 11.57 -4.60 -16.29
N GLN A 49 12.06 -5.02 -17.45
CA GLN A 49 13.20 -5.90 -17.50
C GLN A 49 14.44 -5.19 -16.99
N ASP A 50 14.55 -3.91 -17.30
CA ASP A 50 15.70 -3.12 -16.84
C ASP A 50 15.68 -2.96 -15.33
N MET A 51 14.51 -2.67 -14.78
CA MET A 51 14.37 -2.48 -13.34
C MET A 51 14.78 -3.74 -12.59
N ILE A 52 14.30 -4.88 -13.07
CA ILE A 52 14.63 -6.15 -12.43
C ILE A 52 16.10 -6.51 -12.69
N SER A 53 16.62 -6.03 -13.81
CA SER A 53 18.01 -6.32 -14.15
C SER A 53 18.97 -5.60 -13.21
N GLU A 54 18.72 -4.32 -12.96
CA GLU A 54 19.57 -3.54 -12.08
C GLU A 54 19.55 -4.11 -10.68
N VAL A 55 18.38 -4.57 -10.24
CA VAL A 55 18.24 -5.14 -8.91
C VAL A 55 18.73 -6.58 -8.89
N ASP A 56 18.35 -7.36 -9.89
CA ASP A 56 18.74 -8.75 -9.96
C ASP A 56 20.24 -8.86 -10.24
N ALA A 57 21.01 -9.12 -9.19
CA ALA A 57 22.46 -9.23 -9.33
C ALA A 57 22.82 -10.19 -10.46
N ASP A 58 22.65 -11.48 -10.21
CA ASP A 58 22.98 -12.48 -11.22
C ASP A 58 22.10 -12.33 -12.44
N GLY A 59 21.33 -11.22 -12.50
CA GLY A 59 20.44 -10.94 -13.63
C GLY A 59 19.98 -12.23 -14.29
N ASN A 60 19.25 -13.05 -13.53
CA ASN A 60 18.75 -14.33 -14.03
C ASN A 60 17.29 -14.22 -14.42
N GLY A 61 16.86 -13.01 -14.78
CA GLY A 61 15.49 -12.78 -15.17
C GLY A 61 14.53 -13.37 -14.14
N THR A 62 15.04 -13.62 -12.94
CA THR A 62 14.21 -14.18 -11.88
C THR A 62 14.53 -13.49 -10.55
N ILE A 63 13.48 -13.19 -9.77
CA ILE A 63 13.66 -12.52 -8.48
C ILE A 63 13.54 -13.52 -7.35
N GLU A 64 14.52 -13.51 -6.45
CA GLU A 64 14.52 -14.41 -5.30
C GLU A 64 13.89 -13.73 -4.09
N PHE A 65 13.36 -14.53 -3.17
CA PHE A 65 12.71 -13.99 -1.98
C PHE A 65 13.56 -12.86 -1.38
N ASP A 66 14.83 -13.12 -1.19
CA ASP A 66 15.74 -12.12 -0.63
C ASP A 66 15.79 -10.89 -1.53
N GLU A 67 15.74 -11.11 -2.84
CA GLU A 67 15.78 -10.02 -3.80
C GLU A 67 14.47 -9.23 -3.75
N PHE A 68 13.36 -9.94 -3.79
CA PHE A 68 12.05 -9.30 -3.74
C PHE A 68 11.89 -8.53 -2.45
N LEU A 69 12.32 -9.14 -1.36
CA LEU A 69 12.18 -8.51 -0.05
C LEU A 69 12.90 -7.17 -0.03
N SER A 70 14.21 -7.21 -0.22
CA SER A 70 15.00 -5.98 -0.20
C SER A 70 14.52 -5.04 -1.26
N LEU A 71 14.13 -5.58 -2.40
CA LEU A 71 13.68 -4.73 -3.48
C LEU A 71 12.43 -3.95 -3.07
N MET A 72 11.43 -4.67 -2.57
CA MET A 72 10.18 -4.02 -2.17
C MET A 72 10.35 -3.24 -0.88
N ALA A 73 11.10 -3.81 0.06
CA ALA A 73 11.33 -3.17 1.34
C ALA A 73 12.05 -1.84 1.15
N LYS A 74 12.76 -1.70 0.04
CA LYS A 74 13.48 -0.46 -0.22
C LYS A 74 12.54 0.73 -0.21
N LYS A 75 11.62 0.76 -1.17
CA LYS A 75 10.68 1.87 -1.28
C LYS A 75 10.18 2.28 0.10
N VAL A 76 9.20 1.52 0.62
CA VAL A 76 8.61 1.77 1.94
C VAL A 76 9.51 2.68 2.77
N LYS A 77 9.07 3.91 2.95
CA LYS A 77 9.87 4.87 3.70
C LYS A 77 9.05 6.13 3.96
N ASP A 78 9.09 7.07 3.02
CA ASP A 78 8.35 8.33 3.15
C ASP A 78 8.30 9.07 1.83
N THR A 79 9.46 9.27 1.22
CA THR A 79 9.54 9.96 -0.06
C THR A 79 8.86 11.33 0.02
N ASP A 80 8.05 11.65 -0.99
CA ASP A 80 7.34 12.92 -1.02
C ASP A 80 6.14 12.89 -0.07
N ALA A 81 5.89 14.04 0.56
CA ALA A 81 4.78 14.16 1.49
C ALA A 81 3.45 14.20 0.74
N GLU A 82 3.34 15.13 -0.19
CA GLU A 82 2.10 15.27 -0.96
C GLU A 82 1.77 13.97 -1.68
N GLU A 83 2.75 13.09 -1.79
CA GLU A 83 2.55 11.82 -2.46
C GLU A 83 1.91 10.83 -1.50
N GLU A 84 2.52 10.66 -0.34
CA GLU A 84 1.99 9.73 0.64
C GLU A 84 0.73 10.29 1.27
N LEU A 85 0.72 11.60 1.47
CA LEU A 85 -0.43 12.26 2.08
C LEU A 85 -1.65 12.20 1.15
N LYS A 86 -1.40 12.38 -0.15
CA LYS A 86 -2.48 12.34 -1.12
C LYS A 86 -2.85 10.90 -1.45
N GLU A 87 -1.84 10.05 -1.65
CA GLU A 87 -2.09 8.66 -1.98
C GLU A 87 -2.94 8.00 -0.90
N ALA A 88 -2.61 8.28 0.35
CA ALA A 88 -3.37 7.73 1.46
C ALA A 88 -4.82 8.20 1.40
N PHE A 89 -5.01 9.52 1.38
CA PHE A 89 -6.35 10.08 1.32
C PHE A 89 -7.09 9.53 0.11
N LYS A 90 -6.38 9.37 -1.00
CA LYS A 90 -6.97 8.86 -2.23
C LYS A 90 -7.60 7.49 -1.98
N VAL A 91 -6.93 6.68 -1.16
CA VAL A 91 -7.46 5.36 -0.85
C VAL A 91 -8.68 5.45 0.07
N PHE A 92 -8.52 6.18 1.16
CA PHE A 92 -9.61 6.35 2.12
C PHE A 92 -10.79 7.05 1.47
N ASP A 93 -10.51 8.16 0.79
CA ASP A 93 -11.57 8.91 0.14
C ASP A 93 -11.98 8.21 -1.16
N LYS A 94 -12.32 6.92 -1.05
CA LYS A 94 -12.69 6.15 -2.23
C LYS A 94 -13.60 6.97 -3.16
N ASP A 95 -14.74 7.38 -2.64
CA ASP A 95 -15.69 8.16 -3.42
C ASP A 95 -15.13 9.55 -3.71
N GLN A 96 -13.96 9.83 -3.16
CA GLN A 96 -13.32 11.13 -3.37
C GLN A 96 -14.32 12.26 -3.18
N ASN A 97 -15.09 12.20 -2.10
CA ASN A 97 -16.09 13.23 -1.82
C ASN A 97 -15.46 14.38 -1.03
N GLY A 98 -14.18 14.24 -0.71
CA GLY A 98 -13.47 15.27 0.04
C GLY A 98 -13.54 15.02 1.55
N TYR A 99 -14.20 13.92 1.93
CA TYR A 99 -14.33 13.58 3.35
C TYR A 99 -14.28 12.07 3.53
N ILE A 100 -13.79 11.64 4.68
CA ILE A 100 -13.68 10.21 4.97
C ILE A 100 -14.86 9.75 5.81
N SER A 101 -15.69 8.88 5.23
CA SER A 101 -16.85 8.35 5.93
C SER A 101 -16.46 7.07 6.69
N ALA A 102 -17.14 6.83 7.81
CA ALA A 102 -16.85 5.65 8.61
C ALA A 102 -16.80 4.40 7.72
N SER A 103 -17.76 4.29 6.80
CA SER A 103 -17.81 3.14 5.91
C SER A 103 -16.52 3.05 5.09
N GLU A 104 -16.03 4.19 4.65
CA GLU A 104 -14.80 4.23 3.86
C GLU A 104 -13.62 3.77 4.71
N LEU A 105 -13.47 4.37 5.88
CA LEU A 105 -12.38 4.02 6.79
C LEU A 105 -12.58 2.60 7.33
N ARG A 106 -13.84 2.20 7.39
CA ARG A 106 -14.17 0.86 7.88
C ARG A 106 -13.92 -0.20 6.81
N HIS A 107 -14.36 0.09 5.59
CA HIS A 107 -14.19 -0.84 4.49
C HIS A 107 -12.72 -1.17 4.32
N VAL A 108 -11.88 -0.14 4.29
CA VAL A 108 -10.46 -0.38 4.13
C VAL A 108 -9.93 -1.16 5.32
N MET A 109 -10.01 -0.57 6.51
CA MET A 109 -9.52 -1.22 7.73
C MET A 109 -9.68 -2.75 7.63
N ILE A 110 -10.89 -3.22 7.74
CA ILE A 110 -11.12 -4.66 7.68
C ILE A 110 -10.45 -5.25 6.44
N ASN A 111 -10.62 -4.60 5.30
CA ASN A 111 -10.04 -5.10 4.05
C ASN A 111 -8.53 -5.31 4.22
N LEU A 112 -7.98 -4.80 5.32
CA LEU A 112 -6.55 -4.94 5.60
C LEU A 112 -6.29 -6.07 6.58
N GLY A 113 -7.32 -6.87 6.84
CA GLY A 113 -7.21 -8.00 7.76
C GLY A 113 -7.70 -7.63 9.15
N GLU A 114 -7.14 -6.57 9.71
CA GLU A 114 -7.53 -6.11 11.04
C GLU A 114 -9.00 -5.71 11.05
N LYS A 115 -9.81 -6.51 11.75
CA LYS A 115 -11.23 -6.24 11.84
C LYS A 115 -11.54 -5.44 13.11
N LEU A 116 -12.06 -4.24 12.91
CA LEU A 116 -12.40 -3.35 14.04
C LEU A 116 -13.91 -3.22 14.16
N THR A 117 -14.40 -3.28 15.40
CA THR A 117 -15.83 -3.17 15.66
C THR A 117 -16.31 -1.75 15.38
N ASP A 118 -17.62 -1.57 15.34
CA ASP A 118 -18.19 -0.26 15.08
C ASP A 118 -17.83 0.71 16.21
N GLU A 119 -17.53 0.16 17.38
CA GLU A 119 -17.18 0.99 18.52
C GLU A 119 -15.79 1.59 18.33
N GLU A 120 -14.84 0.77 17.91
CA GLU A 120 -13.47 1.24 17.69
C GLU A 120 -13.43 2.22 16.53
N VAL A 121 -14.13 1.89 15.44
CA VAL A 121 -14.15 2.76 14.27
C VAL A 121 -14.81 4.10 14.61
N GLU A 122 -15.98 4.01 15.26
CA GLU A 122 -16.70 5.22 15.65
C GLU A 122 -15.85 6.04 16.61
N GLN A 123 -14.97 5.38 17.33
CA GLN A 123 -14.13 6.08 18.27
C GLN A 123 -13.14 6.99 17.55
N MET A 124 -12.25 6.38 16.77
CA MET A 124 -11.24 7.14 16.07
C MET A 124 -11.85 8.27 15.25
N ILE A 125 -12.76 7.93 14.37
CA ILE A 125 -13.40 8.95 13.53
C ILE A 125 -13.93 10.09 14.40
N LYS A 126 -14.48 9.75 15.56
CA LYS A 126 -14.99 10.75 16.47
C LYS A 126 -13.86 11.59 17.06
N GLU A 127 -12.72 10.95 17.30
CA GLU A 127 -11.56 11.65 17.86
C GLU A 127 -10.84 12.46 16.78
N ALA A 128 -10.46 11.80 15.69
CA ALA A 128 -9.77 12.48 14.60
C ALA A 128 -10.53 13.74 14.20
N ASP A 129 -11.87 13.65 14.19
CA ASP A 129 -12.69 14.78 13.83
C ASP A 129 -12.60 15.86 14.91
N LEU A 130 -11.92 16.96 14.59
CA LEU A 130 -11.75 18.06 15.55
C LEU A 130 -13.05 18.86 15.70
N ASP A 131 -13.70 19.14 14.58
CA ASP A 131 -14.93 19.92 14.60
C ASP A 131 -16.14 19.02 14.73
N GLY A 132 -15.90 17.71 14.86
CA GLY A 132 -16.98 16.75 15.01
C GLY A 132 -18.08 16.97 13.97
N ASP A 133 -18.24 16.02 13.06
CA ASP A 133 -19.26 16.14 12.03
C ASP A 133 -19.70 14.76 11.54
N GLY A 134 -18.93 13.74 11.92
CA GLY A 134 -19.24 12.37 11.52
C GLY A 134 -18.32 11.91 10.40
N GLN A 135 -17.56 12.85 9.84
CA GLN A 135 -16.63 12.54 8.76
C GLN A 135 -15.35 13.38 8.89
N VAL A 136 -14.24 12.82 8.42
CA VAL A 136 -12.96 13.52 8.48
C VAL A 136 -12.62 14.13 7.13
N ASN A 137 -12.38 15.44 7.15
CA ASN A 137 -12.03 16.16 5.93
C ASN A 137 -10.53 16.10 5.69
N TYR A 138 -10.12 16.25 4.43
CA TYR A 138 -8.71 16.21 4.09
C TYR A 138 -7.91 17.14 4.98
N GLU A 139 -8.46 18.33 5.22
CA GLU A 139 -7.79 19.30 6.07
C GLU A 139 -7.60 18.74 7.48
N GLU A 140 -8.64 18.13 8.02
CA GLU A 140 -8.58 17.54 9.35
C GLU A 140 -7.61 16.38 9.36
N PHE A 141 -7.66 15.56 8.32
CA PHE A 141 -6.77 14.40 8.23
C PHE A 141 -5.31 14.86 8.18
N VAL A 142 -5.03 15.84 7.34
CA VAL A 142 -3.67 16.36 7.21
C VAL A 142 -3.21 16.95 8.53
N LYS A 143 -4.07 17.72 9.17
CA LYS A 143 -3.71 18.33 10.43
C LYS A 143 -3.36 17.29 11.48
N MET A 144 -4.07 16.17 11.45
CA MET A 144 -3.82 15.09 12.40
C MET A 144 -2.48 14.42 12.10
N MET A 145 -2.10 14.41 10.83
CA MET A 145 -0.84 13.79 10.41
C MET A 145 0.34 14.65 10.82
N MET A 146 0.12 15.96 10.94
CA MET A 146 1.19 16.89 11.32
C MET A 146 0.75 17.75 12.49
N THR A 147 0.50 17.13 13.64
CA THR A 147 0.08 17.87 14.81
C THR A 147 0.22 17.01 16.05
N VAL A 148 -0.03 15.70 15.90
CA VAL A 148 0.04 14.73 17.02
C VAL A 148 0.83 15.32 18.19
N ARG A 149 0.20 15.37 19.34
CA ARG A 149 0.84 15.94 20.53
C ARG A 149 0.18 15.43 21.80
N ALA B 1 -6.11 6.02 19.03
CA ALA B 1 -6.73 6.27 17.71
C ALA B 1 -5.66 6.64 16.70
N ARG B 2 -4.72 7.47 17.12
CA ARG B 2 -3.64 7.89 16.25
C ARG B 2 -2.88 6.70 15.72
N GLN B 3 -2.68 5.70 16.58
CA GLN B 3 -1.96 4.50 16.19
C GLN B 3 -2.71 3.77 15.08
N ARG B 4 -4.03 3.69 15.23
CA ARG B 4 -4.85 3.01 14.22
C ARG B 4 -4.79 3.76 12.91
N TRP B 5 -4.78 5.08 12.97
CA TRP B 5 -4.71 5.89 11.77
C TRP B 5 -3.41 5.62 11.03
N ARG B 6 -2.30 5.67 11.76
CA ARG B 6 -1.01 5.43 11.15
C ARG B 6 -0.93 3.99 10.69
N SER B 7 -1.51 3.09 11.47
CA SER B 7 -1.51 1.68 11.13
C SER B 7 -2.19 1.46 9.80
N SER B 8 -3.32 2.12 9.60
CA SER B 8 -4.04 1.97 8.35
C SER B 8 -3.18 2.42 7.18
N VAL B 9 -2.50 3.55 7.36
CA VAL B 9 -1.63 4.07 6.31
C VAL B 9 -0.39 3.20 6.15
N SER B 10 0.18 2.76 7.27
CA SER B 10 1.36 1.94 7.23
C SER B 10 1.06 0.55 6.70
N ILE B 11 -0.08 0.01 7.10
CA ILE B 11 -0.48 -1.33 6.66
C ILE B 11 -0.74 -1.33 5.16
N VAL B 12 -1.43 -0.32 4.68
CA VAL B 12 -1.74 -0.25 3.26
C VAL B 12 -0.45 -0.13 2.45
N LYS B 13 0.51 0.62 2.99
CA LYS B 13 1.77 0.79 2.30
C LYS B 13 2.64 -0.43 2.43
N ASN B 14 2.59 -1.05 3.60
CA ASN B 14 3.39 -2.23 3.87
C ASN B 14 2.72 -3.45 3.24
N ARG B 15 1.44 -3.31 2.87
CA ARG B 15 0.72 -4.41 2.26
C ARG B 15 0.86 -4.39 0.75
N ALA B 16 0.44 -3.28 0.13
CA ALA B 16 0.51 -3.15 -1.33
C ALA B 16 0.30 -4.50 -2.01
N ARG B 17 -0.85 -5.12 -1.73
CA ARG B 17 -1.16 -6.43 -2.30
C ARG B 17 -1.19 -6.34 -3.83
N ARG B 18 -1.07 -5.12 -4.35
CA ARG B 18 -1.10 -4.91 -5.80
C ARG B 18 0.29 -4.56 -6.31
N PHE B 19 1.24 -4.43 -5.41
CA PHE B 19 2.60 -4.08 -5.79
C PHE B 19 2.66 -2.67 -6.39
N ARG B 20 2.04 -1.72 -5.70
CA ARG B 20 2.03 -0.34 -6.19
C ARG B 20 3.43 0.07 -6.66
N MET B 21 4.45 -0.49 -6.01
CA MET B 21 5.83 -0.16 -6.35
C MET B 21 6.18 -0.70 -7.74
N ILE B 22 6.18 -2.02 -7.87
CA ILE B 22 6.49 -2.65 -9.14
C ILE B 22 5.46 -2.27 -10.20
N SER B 23 4.19 -2.26 -9.80
CA SER B 23 3.13 -1.93 -10.72
C SER B 23 3.41 -0.59 -11.38
N ASN B 24 3.81 0.39 -10.57
CA ASN B 24 4.11 1.72 -11.10
C ASN B 24 5.31 1.66 -12.04
N LEU B 25 6.32 0.86 -11.66
CA LEU B 25 7.52 0.73 -12.48
C LEU B 25 7.47 -0.56 -13.29
CA CA C . 6.86 -18.61 -9.64
CA CA D . 18.11 -13.13 -9.28
CA CA E . -14.93 9.83 0.54
CA CA F . -15.14 16.98 10.26
N ALA A 1 14.75 -2.22 21.46
CA ALA A 1 15.58 -3.23 20.75
C ALA A 1 14.67 -4.23 20.04
N ASP A 2 13.62 -3.72 19.42
CA ASP A 2 12.67 -4.57 18.70
C ASP A 2 13.35 -5.24 17.53
N ILE A 3 12.98 -6.49 17.26
CA ILE A 3 13.57 -7.25 16.15
C ILE A 3 12.60 -7.28 14.96
N LEU A 4 12.80 -8.27 14.09
CA LEU A 4 11.95 -8.42 12.92
C LEU A 4 10.60 -8.97 13.31
N SER A 5 9.69 -9.04 12.34
CA SER A 5 8.34 -9.55 12.60
C SER A 5 7.90 -10.46 11.46
N GLU A 6 7.31 -11.60 11.82
CA GLU A 6 6.85 -12.57 10.83
C GLU A 6 5.90 -11.89 9.85
N GLU A 7 5.24 -10.83 10.29
CA GLU A 7 4.30 -10.12 9.44
C GLU A 7 4.97 -9.73 8.12
N GLN A 8 6.02 -8.91 8.20
CA GLN A 8 6.72 -8.46 7.01
C GLN A 8 7.01 -9.65 6.09
N ILE A 9 7.43 -10.75 6.70
CA ILE A 9 7.73 -11.96 5.94
C ILE A 9 6.45 -12.56 5.37
N VAL A 10 5.40 -12.58 6.18
CA VAL A 10 4.13 -13.14 5.73
C VAL A 10 3.61 -12.37 4.53
N ASP A 11 3.58 -11.04 4.63
CA ASP A 11 3.08 -10.23 3.53
C ASP A 11 3.95 -10.46 2.30
N PHE A 12 5.25 -10.41 2.50
CA PHE A 12 6.20 -10.62 1.41
C PHE A 12 6.00 -12.01 0.82
N LYS A 13 5.84 -12.99 1.70
CA LYS A 13 5.63 -14.36 1.27
C LYS A 13 4.32 -14.48 0.49
N GLU A 14 3.29 -13.79 0.97
CA GLU A 14 1.99 -13.84 0.31
C GLU A 14 2.12 -13.39 -1.14
N ALA A 15 2.76 -12.25 -1.36
CA ALA A 15 2.95 -11.73 -2.71
C ALA A 15 3.74 -12.73 -3.55
N PHE A 16 4.71 -13.38 -2.92
CA PHE A 16 5.51 -14.37 -3.62
C PHE A 16 4.64 -15.53 -4.12
N GLY A 17 3.80 -16.04 -3.23
CA GLY A 17 2.93 -17.14 -3.60
C GLY A 17 2.06 -16.77 -4.79
N LEU A 18 1.69 -15.49 -4.86
CA LEU A 18 0.87 -15.02 -5.97
C LEU A 18 1.64 -15.09 -7.29
N PHE A 19 2.87 -14.62 -7.26
CA PHE A 19 3.70 -14.64 -8.47
C PHE A 19 3.97 -16.07 -8.91
N ASP A 20 4.14 -16.96 -7.95
CA ASP A 20 4.42 -18.36 -8.24
C ASP A 20 3.14 -19.16 -8.32
N LYS A 21 2.47 -19.06 -9.46
CA LYS A 21 1.22 -19.78 -9.67
C LYS A 21 1.47 -21.28 -9.67
N ASP A 22 2.65 -21.67 -10.12
CA ASP A 22 3.01 -23.09 -10.19
C ASP A 22 3.90 -23.48 -9.02
N GLY A 23 3.69 -22.84 -7.85
CA GLY A 23 4.47 -23.13 -6.64
C GLY A 23 5.75 -23.90 -6.95
N ASP A 24 6.58 -23.31 -7.81
CA ASP A 24 7.83 -23.96 -8.22
C ASP A 24 8.96 -23.58 -7.27
N GLY A 25 8.82 -22.43 -6.62
CA GLY A 25 9.82 -21.95 -5.68
C GLY A 25 10.54 -20.71 -6.22
N CYS A 26 10.41 -20.47 -7.52
CA CYS A 26 11.07 -19.32 -8.16
C CYS A 26 10.19 -18.74 -9.27
N ILE A 27 10.06 -17.42 -9.28
CA ILE A 27 9.25 -16.77 -10.30
C ILE A 27 10.04 -16.63 -11.58
N THR A 28 9.51 -17.16 -12.67
CA THR A 28 10.19 -17.09 -13.96
C THR A 28 9.70 -15.90 -14.77
N VAL A 29 10.56 -15.39 -15.64
CA VAL A 29 10.22 -14.23 -16.46
C VAL A 29 8.82 -14.42 -17.06
N GLU A 30 8.55 -15.61 -17.56
CA GLU A 30 7.25 -15.90 -18.15
C GLU A 30 6.14 -15.74 -17.11
N GLU A 31 6.31 -16.40 -15.97
CA GLU A 31 5.32 -16.33 -14.91
C GLU A 31 5.09 -14.88 -14.53
N LEU A 32 6.18 -14.16 -14.35
CA LEU A 32 6.06 -12.76 -13.98
C LEU A 32 5.37 -11.97 -15.09
N ALA A 33 5.77 -12.23 -16.32
CA ALA A 33 5.19 -11.54 -17.46
C ALA A 33 3.68 -11.72 -17.51
N THR A 34 3.24 -12.96 -17.37
CA THR A 34 1.82 -13.28 -17.40
C THR A 34 1.08 -12.52 -16.31
N VAL A 35 1.66 -12.49 -15.13
CA VAL A 35 1.04 -11.81 -14.00
C VAL A 35 0.83 -10.34 -14.33
N ILE A 36 1.85 -9.69 -14.86
CA ILE A 36 1.74 -8.27 -15.21
C ILE A 36 0.64 -8.07 -16.25
N ARG A 37 0.60 -8.95 -17.23
CA ARG A 37 -0.40 -8.85 -18.28
C ARG A 37 -1.79 -8.77 -17.68
N SER A 38 -2.03 -9.59 -16.66
CA SER A 38 -3.34 -9.60 -15.99
C SER A 38 -3.37 -8.57 -14.87
N LEU A 39 -2.41 -7.64 -14.88
CA LEU A 39 -2.34 -6.60 -13.85
C LEU A 39 -2.25 -5.22 -14.49
N ASP A 40 -2.42 -5.14 -15.80
CA ASP A 40 -2.34 -3.88 -16.50
C ASP A 40 -2.66 -4.08 -17.97
N GLN A 41 -1.63 -4.03 -18.81
CA GLN A 41 -1.80 -4.22 -20.25
C GLN A 41 -0.81 -5.27 -20.77
N ASN A 42 0.20 -4.81 -21.49
CA ASN A 42 1.20 -5.71 -22.04
C ASN A 42 2.45 -4.93 -22.44
N PRO A 43 3.26 -4.55 -21.47
CA PRO A 43 4.52 -3.80 -21.72
C PRO A 43 5.44 -4.51 -22.71
N THR A 44 6.74 -4.48 -22.43
CA THR A 44 7.72 -5.13 -23.30
C THR A 44 8.65 -6.02 -22.49
N GLU A 45 9.11 -7.10 -23.11
CA GLU A 45 10.01 -8.03 -22.44
C GLU A 45 11.33 -7.35 -22.10
N GLU A 46 11.72 -6.38 -22.92
CA GLU A 46 12.97 -5.67 -22.70
C GLU A 46 13.02 -5.10 -21.30
N GLU A 47 11.94 -4.45 -20.87
CA GLU A 47 11.89 -3.87 -19.54
C GLU A 47 12.05 -4.96 -18.49
N LEU A 48 11.04 -5.82 -18.38
CA LEU A 48 11.08 -6.90 -17.39
C LEU A 48 12.45 -7.60 -17.43
N GLN A 49 12.92 -7.91 -18.62
CA GLN A 49 14.21 -8.56 -18.76
C GLN A 49 15.30 -7.71 -18.14
N ASP A 50 15.23 -6.40 -18.34
CA ASP A 50 16.22 -5.50 -17.77
C ASP A 50 16.13 -5.49 -16.25
N MET A 51 14.91 -5.32 -15.75
CA MET A 51 14.70 -5.27 -14.29
C MET A 51 15.10 -6.60 -13.67
N ILE A 52 14.63 -7.70 -14.25
CA ILE A 52 14.94 -9.02 -13.72
C ILE A 52 16.43 -9.29 -13.85
N SER A 53 17.06 -8.67 -14.82
CA SER A 53 18.49 -8.86 -15.04
C SER A 53 19.31 -7.96 -14.12
N GLU A 54 18.84 -6.74 -13.93
CA GLU A 54 19.55 -5.78 -13.08
C GLU A 54 19.74 -6.33 -11.68
N VAL A 55 18.74 -7.07 -11.20
CA VAL A 55 18.81 -7.63 -9.86
C VAL A 55 19.41 -9.04 -9.87
N ASP A 56 18.84 -9.91 -10.71
CA ASP A 56 19.33 -11.29 -10.82
C ASP A 56 20.84 -11.35 -10.69
N ALA A 57 21.30 -11.62 -9.47
CA ALA A 57 22.74 -11.72 -9.21
C ALA A 57 23.23 -13.13 -9.48
N ASP A 58 22.36 -13.99 -10.02
CA ASP A 58 22.73 -15.37 -10.33
C ASP A 58 22.37 -15.72 -11.77
N GLY A 59 22.15 -14.69 -12.60
CA GLY A 59 21.81 -14.90 -14.02
C GLY A 59 21.02 -16.20 -14.19
N ASN A 60 20.11 -16.45 -13.26
CA ASN A 60 19.30 -17.67 -13.30
C ASN A 60 18.08 -17.47 -14.19
N GLY A 61 17.60 -16.21 -14.26
CA GLY A 61 16.43 -15.90 -15.06
C GLY A 61 15.15 -16.02 -14.25
N THR A 62 15.30 -16.33 -12.96
CA THR A 62 14.13 -16.46 -12.07
C THR A 62 14.42 -15.81 -10.73
N ILE A 63 13.36 -15.44 -10.02
CA ILE A 63 13.50 -14.79 -8.71
C ILE A 63 13.18 -15.79 -7.61
N GLU A 64 14.09 -15.91 -6.65
CA GLU A 64 13.92 -16.82 -5.52
C GLU A 64 13.49 -16.05 -4.28
N PHE A 65 12.95 -16.75 -3.30
CA PHE A 65 12.48 -16.11 -2.06
C PHE A 65 13.48 -15.06 -1.59
N ASP A 66 14.75 -15.44 -1.50
CA ASP A 66 15.79 -14.52 -1.05
C ASP A 66 15.90 -13.34 -2.02
N GLU A 67 15.73 -13.63 -3.31
CA GLU A 67 15.79 -12.58 -4.32
C GLU A 67 14.52 -11.73 -4.29
N PHE A 68 13.38 -12.38 -4.15
CA PHE A 68 12.11 -11.68 -4.09
C PHE A 68 12.10 -10.71 -2.92
N LEU A 69 12.58 -11.18 -1.78
CA LEU A 69 12.61 -10.34 -0.60
C LEU A 69 13.47 -9.12 -0.87
N SER A 70 14.63 -9.34 -1.46
CA SER A 70 15.53 -8.23 -1.77
C SER A 70 14.81 -7.18 -2.64
N LEU A 71 14.05 -7.67 -3.60
CA LEU A 71 13.34 -6.79 -4.50
C LEU A 71 12.41 -5.87 -3.70
N MET A 72 11.61 -6.45 -2.82
CA MET A 72 10.70 -5.67 -2.01
C MET A 72 11.40 -5.12 -0.77
N ALA A 73 12.60 -5.62 -0.51
CA ALA A 73 13.36 -5.16 0.64
C ALA A 73 13.56 -3.67 0.55
N LYS A 74 13.66 -3.17 -0.67
CA LYS A 74 13.83 -1.72 -0.87
C LYS A 74 12.60 -0.96 -0.38
N LYS A 75 11.56 -1.70 0.00
CA LYS A 75 10.32 -1.10 0.48
C LYS A 75 9.59 -0.36 -0.64
N VAL A 76 9.55 0.97 -0.55
CA VAL A 76 8.89 1.77 -1.55
C VAL A 76 9.75 2.97 -1.94
N LYS A 77 10.18 3.73 -0.94
CA LYS A 77 11.01 4.91 -1.17
C LYS A 77 11.22 5.65 0.13
N ASP A 78 12.43 6.24 0.31
CA ASP A 78 12.78 6.99 1.52
C ASP A 78 11.53 7.42 2.29
N THR A 79 10.82 8.39 1.76
CA THR A 79 9.59 8.84 2.38
C THR A 79 8.81 9.62 1.37
N ASP A 80 8.20 10.74 1.82
CA ASP A 80 7.39 11.66 0.97
C ASP A 80 6.01 11.90 1.58
N ALA A 81 5.75 13.15 1.94
CA ALA A 81 4.47 13.51 2.54
C ALA A 81 3.38 13.63 1.48
N GLU A 82 3.62 14.43 0.45
CA GLU A 82 2.64 14.60 -0.61
C GLU A 82 2.22 13.25 -1.19
N GLU A 83 3.09 12.26 -1.08
CA GLU A 83 2.78 10.93 -1.61
C GLU A 83 1.88 10.17 -0.64
N GLU A 84 2.38 9.91 0.56
CA GLU A 84 1.60 9.17 1.54
C GLU A 84 0.38 9.97 1.97
N LEU A 85 0.54 11.29 2.06
CA LEU A 85 -0.56 12.15 2.48
C LEU A 85 -1.67 12.17 1.42
N LYS A 86 -1.28 12.21 0.15
CA LYS A 86 -2.26 12.24 -0.92
C LYS A 86 -2.78 10.83 -1.23
N GLU A 87 -1.86 9.89 -1.40
CA GLU A 87 -2.24 8.52 -1.69
C GLU A 87 -3.12 7.96 -0.58
N ALA A 88 -2.89 8.42 0.64
CA ALA A 88 -3.69 7.96 1.77
C ALA A 88 -5.11 8.47 1.64
N PHE A 89 -5.27 9.80 1.60
CA PHE A 89 -6.60 10.38 1.47
C PHE A 89 -7.27 9.88 0.20
N LYS A 90 -6.48 9.61 -0.83
CA LYS A 90 -7.01 9.15 -2.10
C LYS A 90 -7.66 7.78 -1.95
N VAL A 91 -7.07 6.93 -1.12
CA VAL A 91 -7.61 5.59 -0.91
C VAL A 91 -8.85 5.63 -0.02
N PHE A 92 -8.68 6.17 1.18
CA PHE A 92 -9.78 6.26 2.13
C PHE A 92 -10.94 6.99 1.49
N ASP A 93 -10.65 8.09 0.81
CA ASP A 93 -11.69 8.86 0.15
C ASP A 93 -11.97 8.25 -1.23
N LYS A 94 -12.48 7.02 -1.24
CA LYS A 94 -12.77 6.35 -2.50
C LYS A 94 -13.48 7.26 -3.48
N ASP A 95 -14.60 7.84 -3.08
CA ASP A 95 -15.36 8.72 -3.95
C ASP A 95 -14.71 10.09 -4.05
N GLN A 96 -13.57 10.26 -3.36
CA GLN A 96 -12.86 11.53 -3.39
C GLN A 96 -13.82 12.69 -3.15
N ASN A 97 -14.94 12.39 -2.49
CA ASN A 97 -15.94 13.41 -2.19
C ASN A 97 -15.31 14.59 -1.48
N GLY A 98 -14.06 14.41 -1.02
CA GLY A 98 -13.36 15.47 -0.32
C GLY A 98 -13.34 15.21 1.18
N TYR A 99 -14.12 14.22 1.62
CA TYR A 99 -14.19 13.89 3.04
C TYR A 99 -14.19 12.38 3.23
N ILE A 100 -13.57 11.92 4.31
CA ILE A 100 -13.51 10.49 4.58
C ILE A 100 -14.72 10.07 5.41
N SER A 101 -15.55 9.21 4.83
CA SER A 101 -16.74 8.74 5.52
C SER A 101 -16.39 7.54 6.41
N ALA A 102 -17.15 7.36 7.47
CA ALA A 102 -16.92 6.26 8.39
C ALA A 102 -16.96 4.92 7.66
N SER A 103 -17.96 4.75 6.80
CA SER A 103 -18.09 3.50 6.04
C SER A 103 -16.85 3.25 5.18
N GLU A 104 -16.36 4.31 4.54
CA GLU A 104 -15.18 4.18 3.70
C GLU A 104 -13.96 3.84 4.55
N LEU A 105 -13.70 4.65 5.56
CA LEU A 105 -12.57 4.42 6.44
C LEU A 105 -12.70 3.06 7.13
N ARG A 106 -13.93 2.58 7.24
CA ARG A 106 -14.19 1.30 7.87
C ARG A 106 -13.92 0.16 6.89
N HIS A 107 -14.36 0.34 5.65
CA HIS A 107 -14.18 -0.69 4.64
C HIS A 107 -12.71 -1.05 4.52
N VAL A 108 -11.85 -0.05 4.36
CA VAL A 108 -10.42 -0.31 4.26
C VAL A 108 -9.92 -0.93 5.55
N MET A 109 -10.03 -0.18 6.66
CA MET A 109 -9.56 -0.67 7.97
C MET A 109 -9.71 -2.19 8.08
N ILE A 110 -10.94 -2.64 8.26
CA ILE A 110 -11.19 -4.06 8.41
C ILE A 110 -10.57 -4.85 7.26
N ASN A 111 -10.80 -4.39 6.03
CA ASN A 111 -10.27 -5.08 4.87
C ASN A 111 -8.77 -5.33 5.02
N LEU A 112 -8.17 -4.68 6.01
CA LEU A 112 -6.73 -4.85 6.26
C LEU A 112 -6.51 -5.68 7.50
N GLY A 113 -6.59 -7.01 7.35
CA GLY A 113 -6.37 -7.95 8.46
C GLY A 113 -6.51 -7.28 9.81
N GLU A 114 -7.70 -6.72 10.07
CA GLU A 114 -7.97 -6.02 11.32
C GLU A 114 -9.41 -6.21 11.74
N LYS A 115 -9.61 -6.79 12.92
CA LYS A 115 -10.95 -7.03 13.44
C LYS A 115 -11.37 -5.90 14.37
N LEU A 116 -12.05 -4.91 13.80
CA LEU A 116 -12.52 -3.75 14.57
C LEU A 116 -14.03 -3.78 14.71
N THR A 117 -14.51 -3.42 15.89
CA THR A 117 -15.94 -3.39 16.15
C THR A 117 -16.53 -2.04 15.78
N ASP A 118 -17.83 -1.91 15.93
CA ASP A 118 -18.52 -0.65 15.60
C ASP A 118 -18.06 0.45 16.54
N GLU A 119 -17.67 0.07 17.76
CA GLU A 119 -17.21 1.05 18.74
C GLU A 119 -15.85 1.61 18.34
N GLU A 120 -14.88 0.73 18.11
CA GLU A 120 -13.55 1.15 17.74
C GLU A 120 -13.60 2.10 16.54
N VAL A 121 -14.45 1.77 15.58
CA VAL A 121 -14.60 2.60 14.39
C VAL A 121 -15.16 3.97 14.77
N GLU A 122 -16.17 3.96 15.64
CA GLU A 122 -16.79 5.21 16.07
C GLU A 122 -15.81 6.02 16.94
N GLN A 123 -14.84 5.34 17.51
CA GLN A 123 -13.86 6.01 18.37
C GLN A 123 -12.86 6.82 17.56
N MET A 124 -12.16 6.15 16.65
CA MET A 124 -11.16 6.81 15.84
C MET A 124 -11.78 7.95 15.04
N ILE A 125 -12.92 7.69 14.43
CA ILE A 125 -13.59 8.71 13.63
C ILE A 125 -14.01 9.89 14.49
N LYS A 126 -14.54 9.58 15.67
CA LYS A 126 -14.98 10.62 16.58
C LYS A 126 -13.81 11.48 17.03
N GLU A 127 -12.71 10.83 17.38
CA GLU A 127 -11.52 11.55 17.83
C GLU A 127 -10.83 12.24 16.67
N ALA A 128 -10.63 11.50 15.58
CA ALA A 128 -9.97 12.05 14.40
C ALA A 128 -10.78 13.21 13.83
N ASP A 129 -12.09 13.17 14.02
CA ASP A 129 -12.97 14.22 13.52
C ASP A 129 -13.03 15.38 14.51
N LEU A 130 -12.40 16.48 14.15
CA LEU A 130 -12.38 17.65 15.01
C LEU A 130 -13.78 18.22 15.18
N ASP A 131 -14.54 18.22 14.10
CA ASP A 131 -15.90 18.75 14.13
C ASP A 131 -16.87 17.67 14.61
N GLY A 132 -16.33 16.50 14.95
CA GLY A 132 -17.16 15.39 15.43
C GLY A 132 -18.44 15.31 14.62
N ASP A 133 -18.36 15.68 13.35
CA ASP A 133 -19.53 15.65 12.47
C ASP A 133 -19.71 14.26 11.86
N GLY A 134 -18.79 13.36 12.18
CA GLY A 134 -18.84 12.00 11.66
C GLY A 134 -18.15 11.91 10.31
N GLN A 135 -17.32 12.91 10.01
CA GLN A 135 -16.59 12.93 8.75
C GLN A 135 -15.24 13.64 8.91
N VAL A 136 -14.30 13.29 8.04
CA VAL A 136 -12.97 13.91 8.08
C VAL A 136 -12.59 14.50 6.72
N ASN A 137 -12.24 15.78 6.73
CA ASN A 137 -11.83 16.47 5.51
C ASN A 137 -10.32 16.36 5.32
N TYR A 138 -9.87 16.53 4.08
CA TYR A 138 -8.45 16.45 3.78
C TYR A 138 -7.66 17.36 4.72
N GLU A 139 -8.19 18.56 4.97
CA GLU A 139 -7.52 19.50 5.85
C GLU A 139 -7.34 18.89 7.24
N GLU A 140 -8.41 18.29 7.75
CA GLU A 140 -8.36 17.66 9.06
C GLU A 140 -7.42 16.46 9.04
N PHE A 141 -7.42 15.74 7.92
CA PHE A 141 -6.56 14.58 7.77
C PHE A 141 -5.09 14.99 7.90
N VAL A 142 -4.72 16.04 7.18
CA VAL A 142 -3.34 16.52 7.21
C VAL A 142 -2.96 16.91 8.62
N LYS A 143 -3.84 17.63 9.28
CA LYS A 143 -3.57 18.05 10.65
C LYS A 143 -3.46 16.84 11.58
N MET A 144 -4.20 15.79 11.25
CA MET A 144 -4.17 14.57 12.05
C MET A 144 -2.88 13.80 11.80
N MET A 145 -2.33 13.97 10.61
CA MET A 145 -1.09 13.27 10.24
C MET A 145 0.12 14.12 10.55
N MET A 146 -0.06 15.44 10.54
CA MET A 146 1.03 16.36 10.83
C MET A 146 0.96 16.86 12.26
N THR A 147 0.59 15.97 13.19
CA THR A 147 0.50 16.34 14.60
C THR A 147 0.95 15.19 15.48
N VAL A 148 0.15 14.13 15.54
CA VAL A 148 0.50 12.96 16.35
C VAL A 148 1.13 13.39 17.68
N ARG A 149 0.30 13.74 18.65
CA ARG A 149 0.78 14.17 19.96
C ARG A 149 0.09 13.40 21.07
N ALA B 1 -5.92 6.33 18.98
CA ALA B 1 -6.38 6.12 17.57
C ALA B 1 -5.33 6.64 16.61
N ARG B 2 -4.30 7.29 17.15
CA ARG B 2 -3.23 7.83 16.33
C ARG B 2 -2.50 6.71 15.60
N GLN B 3 -2.29 5.60 16.28
CA GLN B 3 -1.61 4.47 15.68
C GLN B 3 -2.47 3.84 14.58
N ARG B 4 -3.78 3.82 14.80
CA ARG B 4 -4.68 3.27 13.81
C ARG B 4 -4.59 4.03 12.51
N TRP B 5 -4.55 5.35 12.61
CA TRP B 5 -4.47 6.18 11.42
C TRP B 5 -3.14 5.92 10.69
N ARG B 6 -2.05 5.97 11.45
CA ARG B 6 -0.73 5.74 10.88
C ARG B 6 -0.63 4.31 10.38
N SER B 7 -1.26 3.39 11.12
CA SER B 7 -1.24 2.00 10.73
C SER B 7 -1.91 1.82 9.39
N SER B 8 -3.03 2.49 9.19
CA SER B 8 -3.74 2.37 7.93
C SER B 8 -2.84 2.82 6.78
N VAL B 9 -2.15 3.92 6.97
CA VAL B 9 -1.28 4.43 5.92
C VAL B 9 -0.08 3.50 5.72
N SER B 10 0.50 3.04 6.82
CA SER B 10 1.65 2.16 6.75
C SER B 10 1.28 0.80 6.17
N ILE B 11 0.15 0.26 6.62
CA ILE B 11 -0.30 -1.03 6.14
C ILE B 11 -0.60 -0.94 4.65
N VAL B 12 -1.24 0.14 4.24
CA VAL B 12 -1.59 0.32 2.85
C VAL B 12 -0.33 0.29 2.00
N LYS B 13 0.71 0.99 2.43
CA LYS B 13 1.93 1.03 1.65
C LYS B 13 2.59 -0.35 1.66
N ASN B 14 2.57 -0.99 2.82
CA ASN B 14 3.16 -2.30 2.96
C ASN B 14 2.27 -3.35 2.32
N ARG B 15 0.98 -3.03 2.22
CA ARG B 15 0.03 -3.96 1.64
C ARG B 15 0.39 -4.27 0.20
N ALA B 16 0.60 -3.21 -0.61
CA ALA B 16 0.96 -3.38 -2.03
C ALA B 16 0.60 -4.78 -2.53
N ARG B 17 -0.65 -5.18 -2.31
CA ARG B 17 -1.10 -6.50 -2.71
C ARG B 17 -1.19 -6.58 -4.23
N ARG B 18 -0.68 -5.55 -4.90
CA ARG B 18 -0.70 -5.50 -6.36
C ARG B 18 0.69 -5.26 -6.91
N PHE B 19 1.68 -5.22 -6.01
CA PHE B 19 3.07 -4.99 -6.42
C PHE B 19 3.18 -3.67 -7.18
N ARG B 20 2.95 -2.57 -6.47
CA ARG B 20 3.03 -1.26 -7.10
C ARG B 20 4.41 -1.05 -7.71
N MET B 21 5.43 -1.54 -7.02
CA MET B 21 6.80 -1.38 -7.51
C MET B 21 6.96 -2.07 -8.87
N ILE B 22 6.79 -3.38 -8.87
CA ILE B 22 6.92 -4.15 -10.10
C ILE B 22 5.84 -3.76 -11.11
N SER B 23 4.62 -3.60 -10.62
CA SER B 23 3.50 -3.23 -11.48
C SER B 23 3.77 -1.89 -12.15
N ASN B 24 4.27 -0.94 -11.37
CA ASN B 24 4.57 0.39 -11.90
C ASN B 24 5.91 0.41 -12.60
N LEU B 25 6.73 -0.64 -12.36
CA LEU B 25 8.07 -0.77 -12.98
C LEU B 25 8.51 0.53 -13.65
CA CA C . 6.96 -19.83 -10.15
CA CA D . 17.66 -14.19 -9.92
CA CA E . -15.34 9.72 0.84
CA CA F . -14.90 17.18 10.31
N ALA A 1 9.93 -5.40 16.55
CA ALA A 1 8.58 -6.03 16.44
C ALA A 1 7.92 -5.59 15.14
N ASP A 2 8.73 -5.13 14.19
CA ASP A 2 8.20 -4.69 12.90
C ASP A 2 9.26 -4.84 11.83
N ILE A 3 8.85 -4.74 10.57
CA ILE A 3 9.77 -4.87 9.43
C ILE A 3 10.33 -6.29 9.37
N LEU A 4 10.60 -6.88 10.52
CA LEU A 4 11.14 -8.24 10.59
C LEU A 4 10.07 -9.22 11.04
N SER A 5 8.90 -8.70 11.37
CA SER A 5 7.80 -9.55 11.83
C SER A 5 7.41 -10.54 10.73
N GLU A 6 7.05 -11.75 11.14
CA GLU A 6 6.66 -12.78 10.18
C GLU A 6 5.56 -12.26 9.26
N GLU A 7 4.80 -11.28 9.74
CA GLU A 7 3.72 -10.71 8.94
C GLU A 7 4.29 -10.16 7.64
N GLN A 8 5.26 -9.25 7.76
CA GLN A 8 5.88 -8.67 6.58
C GLN A 8 6.24 -9.77 5.59
N ILE A 9 6.77 -10.88 6.10
CA ILE A 9 7.13 -12.01 5.25
C ILE A 9 5.87 -12.61 4.63
N VAL A 10 4.82 -12.75 5.43
CA VAL A 10 3.58 -13.32 4.93
C VAL A 10 3.03 -12.46 3.78
N ASP A 11 2.94 -11.17 3.99
CA ASP A 11 2.43 -10.28 2.96
C ASP A 11 3.28 -10.38 1.70
N PHE A 12 4.59 -10.29 1.88
CA PHE A 12 5.52 -10.40 0.76
C PHE A 12 5.39 -11.77 0.11
N LYS A 13 5.32 -12.80 0.93
CA LYS A 13 5.18 -14.15 0.42
C LYS A 13 3.89 -14.29 -0.37
N GLU A 14 2.85 -13.61 0.07
CA GLU A 14 1.57 -13.67 -0.61
C GLU A 14 1.70 -13.10 -2.03
N ALA A 15 2.28 -11.91 -2.13
CA ALA A 15 2.47 -11.27 -3.43
C ALA A 15 3.21 -12.21 -4.37
N PHE A 16 4.16 -12.96 -3.82
CA PHE A 16 4.93 -13.91 -4.63
C PHE A 16 4.01 -15.00 -5.20
N GLY A 17 3.15 -15.54 -4.33
CA GLY A 17 2.24 -16.59 -4.75
C GLY A 17 1.35 -16.12 -5.90
N LEU A 18 0.91 -14.87 -5.82
CA LEU A 18 0.05 -14.33 -6.86
C LEU A 18 0.77 -14.27 -8.20
N PHE A 19 1.95 -13.69 -8.20
CA PHE A 19 2.74 -13.59 -9.42
C PHE A 19 3.00 -14.98 -9.99
N ASP A 20 3.17 -15.95 -9.11
CA ASP A 20 3.43 -17.32 -9.54
C ASP A 20 2.15 -18.15 -9.53
N LYS A 21 1.30 -17.91 -10.52
CA LYS A 21 0.05 -18.64 -10.62
C LYS A 21 0.32 -20.13 -10.83
N ASP A 22 1.52 -20.44 -11.28
CA ASP A 22 1.91 -21.83 -11.53
C ASP A 22 2.90 -22.31 -10.48
N GLY A 23 2.76 -21.78 -9.26
CA GLY A 23 3.65 -22.14 -8.13
C GLY A 23 4.86 -22.92 -8.60
N ASP A 24 5.63 -22.32 -9.51
CA ASP A 24 6.82 -22.97 -10.05
C ASP A 24 8.01 -22.71 -9.15
N GLY A 25 7.95 -21.60 -8.41
CA GLY A 25 9.03 -21.21 -7.50
C GLY A 25 9.67 -19.90 -7.94
N CYS A 26 9.57 -19.57 -9.22
CA CYS A 26 10.14 -18.31 -9.74
C CYS A 26 9.13 -17.62 -10.63
N ILE A 27 9.41 -16.36 -10.98
CA ILE A 27 8.52 -15.60 -11.86
C ILE A 27 9.20 -15.32 -13.19
N THR A 28 8.61 -15.84 -14.26
CA THR A 28 9.17 -15.66 -15.60
C THR A 28 8.76 -14.31 -16.17
N VAL A 29 9.09 -14.09 -17.44
CA VAL A 29 8.75 -12.85 -18.11
C VAL A 29 7.32 -12.88 -18.62
N GLU A 30 6.94 -14.01 -19.24
CA GLU A 30 5.60 -14.15 -19.77
C GLU A 30 4.56 -14.09 -18.65
N GLU A 31 4.85 -14.78 -17.55
CA GLU A 31 3.94 -14.79 -16.41
C GLU A 31 3.75 -13.37 -15.88
N LEU A 32 4.86 -12.67 -15.70
CA LEU A 32 4.79 -11.31 -15.19
C LEU A 32 3.99 -10.43 -16.14
N ALA A 33 4.19 -10.63 -17.44
CA ALA A 33 3.48 -9.86 -18.45
C ALA A 33 1.97 -10.07 -18.31
N THR A 34 1.57 -11.34 -18.15
CA THR A 34 0.16 -11.66 -18.01
C THR A 34 -0.45 -10.89 -16.84
N VAL A 35 0.23 -10.91 -15.70
CA VAL A 35 -0.25 -10.21 -14.52
C VAL A 35 -0.40 -8.72 -14.82
N ILE A 36 0.60 -8.16 -15.49
CA ILE A 36 0.56 -6.73 -15.83
C ILE A 36 -0.63 -6.44 -16.73
N ARG A 37 -0.85 -7.31 -17.71
CA ARG A 37 -1.95 -7.13 -18.64
C ARG A 37 -3.26 -6.94 -17.89
N SER A 38 -3.44 -7.74 -16.84
CA SER A 38 -4.66 -7.65 -16.03
C SER A 38 -4.46 -6.66 -14.88
N LEU A 39 -3.49 -5.76 -15.04
CA LEU A 39 -3.20 -4.77 -14.01
C LEU A 39 -3.29 -3.35 -14.56
N ASP A 40 -3.56 -3.26 -15.86
CA ASP A 40 -3.66 -1.96 -16.51
C ASP A 40 -4.01 -2.13 -17.98
N GLN A 41 -2.99 -2.12 -18.85
CA GLN A 41 -3.20 -2.27 -20.28
C GLN A 41 -2.26 -3.32 -20.86
N ASN A 42 -1.29 -2.87 -21.65
CA ASN A 42 -0.33 -3.78 -22.26
C ASN A 42 0.90 -3.01 -22.74
N PRO A 43 1.93 -2.93 -21.93
CA PRO A 43 3.19 -2.21 -22.31
C PRO A 43 4.06 -3.03 -23.25
N THR A 44 5.28 -2.55 -23.48
CA THR A 44 6.21 -3.24 -24.36
C THR A 44 7.02 -4.27 -23.58
N GLU A 45 7.37 -5.37 -24.24
CA GLU A 45 8.14 -6.42 -23.61
C GLU A 45 9.55 -5.93 -23.28
N GLU A 46 9.95 -4.84 -23.92
CA GLU A 46 11.29 -4.28 -23.69
C GLU A 46 11.42 -3.77 -22.26
N GLU A 47 10.41 -3.06 -21.80
CA GLU A 47 10.43 -2.52 -20.44
C GLU A 47 10.35 -3.64 -19.42
N LEU A 48 9.85 -4.79 -19.85
CA LEU A 48 9.73 -5.94 -18.96
C LEU A 48 11.08 -6.62 -18.77
N GLN A 49 11.73 -6.95 -19.86
CA GLN A 49 13.01 -7.62 -19.79
C GLN A 49 14.07 -6.65 -19.29
N ASP A 50 13.87 -5.36 -19.54
CA ASP A 50 14.81 -4.34 -19.11
C ASP A 50 14.80 -4.21 -17.60
N MET A 51 13.63 -3.96 -17.03
CA MET A 51 13.52 -3.80 -15.58
C MET A 51 13.80 -5.13 -14.88
N ILE A 52 13.31 -6.21 -15.46
CA ILE A 52 13.51 -7.53 -14.89
C ILE A 52 14.97 -7.95 -14.98
N SER A 53 15.69 -7.32 -15.90
CA SER A 53 17.11 -7.62 -16.08
C SER A 53 17.96 -6.81 -15.12
N GLU A 54 17.51 -5.60 -14.82
CA GLU A 54 18.25 -4.72 -13.91
C GLU A 54 18.29 -5.30 -12.51
N VAL A 55 17.16 -5.83 -12.06
CA VAL A 55 17.07 -6.41 -10.72
C VAL A 55 17.62 -7.84 -10.72
N ASP A 56 17.18 -8.63 -11.69
CA ASP A 56 17.64 -10.02 -11.79
C ASP A 56 19.14 -10.09 -12.01
N ALA A 57 19.88 -10.33 -10.93
CA ALA A 57 21.34 -10.41 -11.00
C ALA A 57 21.77 -11.32 -12.14
N ASP A 58 21.62 -12.62 -11.94
CA ASP A 58 22.01 -13.60 -12.95
C ASP A 58 21.12 -13.50 -14.18
N GLY A 59 20.40 -12.37 -14.31
CA GLY A 59 19.50 -12.14 -15.44
C GLY A 59 19.10 -13.45 -16.10
N ASN A 60 18.42 -14.30 -15.32
CA ASN A 60 17.98 -15.60 -15.82
C ASN A 60 16.53 -15.54 -16.28
N GLY A 61 16.09 -14.33 -16.64
CA GLY A 61 14.73 -14.15 -17.10
C GLY A 61 13.73 -14.65 -16.07
N THR A 62 14.21 -14.88 -14.85
CA THR A 62 13.35 -15.36 -13.78
C THR A 62 13.72 -14.69 -12.46
N ILE A 63 12.73 -14.57 -11.56
CA ILE A 63 12.97 -13.94 -10.27
C ILE A 63 12.78 -14.95 -9.15
N GLU A 64 13.72 -14.97 -8.21
CA GLU A 64 13.66 -15.88 -7.07
C GLU A 64 13.12 -15.16 -5.85
N PHE A 65 12.59 -15.93 -4.90
CA PHE A 65 12.03 -15.35 -3.68
C PHE A 65 12.96 -14.27 -3.12
N ASP A 66 14.24 -14.59 -3.04
CA ASP A 66 15.22 -13.64 -2.53
C ASP A 66 15.28 -12.40 -3.43
N GLU A 67 15.14 -12.63 -4.73
CA GLU A 67 15.17 -11.53 -5.68
C GLU A 67 13.87 -10.71 -5.62
N PHE A 68 12.75 -11.42 -5.53
CA PHE A 68 11.45 -10.76 -5.46
C PHE A 68 11.37 -9.90 -4.20
N LEU A 69 11.85 -10.46 -3.09
CA LEU A 69 11.82 -9.73 -1.83
C LEU A 69 12.61 -8.44 -1.96
N SER A 70 13.83 -8.54 -2.49
CA SER A 70 14.66 -7.36 -2.65
C SER A 70 13.92 -6.28 -3.44
N LEU A 71 13.22 -6.69 -4.48
CA LEU A 71 12.48 -5.77 -5.30
C LEU A 71 11.44 -5.02 -4.47
N MET A 72 10.67 -5.77 -3.68
CA MET A 72 9.65 -5.17 -2.83
C MET A 72 10.27 -4.62 -1.55
N ALA A 73 11.49 -5.08 -1.26
CA ALA A 73 12.19 -4.63 -0.05
C ALA A 73 12.30 -3.13 -0.06
N LYS A 74 12.35 -2.55 -1.25
CA LYS A 74 12.42 -1.09 -1.37
C LYS A 74 11.18 -0.43 -0.82
N LYS A 75 10.15 -1.25 -0.53
CA LYS A 75 8.87 -0.75 0.00
C LYS A 75 8.79 0.75 -0.09
N VAL A 76 8.10 1.26 -1.12
CA VAL A 76 7.95 2.70 -1.34
C VAL A 76 8.68 3.49 -0.27
N LYS A 77 8.14 3.41 0.97
CA LYS A 77 8.71 4.08 2.14
C LYS A 77 7.90 5.33 2.49
N ASP A 78 8.04 6.37 1.68
CA ASP A 78 7.34 7.61 1.91
C ASP A 78 7.56 8.58 0.76
N THR A 79 8.80 8.67 0.31
CA THR A 79 9.15 9.57 -0.79
C THR A 79 8.66 10.99 -0.50
N ASP A 80 7.94 11.56 -1.47
CA ASP A 80 7.41 12.91 -1.32
C ASP A 80 6.20 12.91 -0.38
N ALA A 81 5.99 14.03 0.29
CA ALA A 81 4.87 14.16 1.21
C ALA A 81 3.55 14.17 0.44
N GLU A 82 3.45 15.06 -0.53
CA GLU A 82 2.24 15.16 -1.35
C GLU A 82 1.89 13.80 -1.96
N GLU A 83 2.87 12.90 -1.99
CA GLU A 83 2.65 11.57 -2.54
C GLU A 83 1.96 10.68 -1.51
N GLU A 84 2.58 10.53 -0.36
CA GLU A 84 2.00 9.70 0.69
C GLU A 84 0.74 10.34 1.24
N LEU A 85 0.76 11.65 1.35
CA LEU A 85 -0.38 12.39 1.88
C LEU A 85 -1.58 12.30 0.94
N LYS A 86 -1.31 12.33 -0.36
CA LYS A 86 -2.38 12.25 -1.34
C LYS A 86 -2.75 10.80 -1.62
N GLU A 87 -1.75 9.92 -1.67
CA GLU A 87 -2.00 8.51 -1.93
C GLU A 87 -2.96 7.95 -0.89
N ALA A 88 -2.73 8.28 0.37
CA ALA A 88 -3.60 7.81 1.44
C ALA A 88 -4.99 8.38 1.28
N PHE A 89 -5.09 9.72 1.27
CA PHE A 89 -6.39 10.37 1.10
C PHE A 89 -7.12 9.77 -0.09
N LYS A 90 -6.40 9.55 -1.18
CA LYS A 90 -7.01 9.00 -2.38
C LYS A 90 -7.58 7.61 -2.11
N VAL A 91 -6.88 6.85 -1.28
CA VAL A 91 -7.33 5.49 -0.95
C VAL A 91 -8.51 5.54 0.01
N PHE A 92 -8.31 6.19 1.15
CA PHE A 92 -9.38 6.29 2.15
C PHE A 92 -10.59 7.00 1.55
N ASP A 93 -10.35 8.12 0.89
CA ASP A 93 -11.43 8.87 0.27
C ASP A 93 -11.83 8.22 -1.05
N LYS A 94 -12.17 6.94 -1.00
CA LYS A 94 -12.53 6.21 -2.22
C LYS A 94 -13.42 7.06 -3.13
N ASP A 95 -14.58 7.45 -2.63
CA ASP A 95 -15.51 8.24 -3.43
C ASP A 95 -14.96 9.65 -3.66
N GLN A 96 -13.79 9.92 -3.08
CA GLN A 96 -13.16 11.22 -3.24
C GLN A 96 -14.20 12.34 -3.09
N ASN A 97 -15.05 12.20 -2.07
CA ASN A 97 -16.09 13.20 -1.83
C ASN A 97 -15.53 14.39 -1.05
N GLY A 98 -14.27 14.28 -0.64
CA GLY A 98 -13.62 15.35 0.11
C GLY A 98 -13.67 15.06 1.61
N TYR A 99 -14.39 14.02 2.00
CA TYR A 99 -14.51 13.67 3.41
C TYR A 99 -14.43 12.16 3.59
N ILE A 100 -13.83 11.71 4.69
CA ILE A 100 -13.71 10.29 4.94
C ILE A 100 -14.83 9.82 5.85
N SER A 101 -15.65 8.91 5.34
CA SER A 101 -16.78 8.36 6.11
C SER A 101 -16.36 7.10 6.86
N ALA A 102 -16.99 6.86 8.01
CA ALA A 102 -16.66 5.69 8.81
C ALA A 102 -16.66 4.42 7.95
N SER A 103 -17.67 4.30 7.09
CA SER A 103 -17.77 3.14 6.20
C SER A 103 -16.53 3.02 5.33
N GLU A 104 -16.06 4.16 4.83
CA GLU A 104 -14.87 4.18 3.99
C GLU A 104 -13.65 3.73 4.79
N LEU A 105 -13.45 4.36 5.94
CA LEU A 105 -12.33 4.02 6.80
C LEU A 105 -12.49 2.60 7.34
N ARG A 106 -13.75 2.14 7.40
CA ARG A 106 -14.03 0.80 7.89
C ARG A 106 -13.80 -0.24 6.80
N HIS A 107 -14.31 0.05 5.60
CA HIS A 107 -14.16 -0.87 4.49
C HIS A 107 -12.70 -1.21 4.31
N VAL A 108 -11.84 -0.20 4.24
CA VAL A 108 -10.42 -0.45 4.08
C VAL A 108 -9.89 -1.22 5.27
N MET A 109 -9.97 -0.61 6.47
CA MET A 109 -9.47 -1.25 7.70
C MET A 109 -9.61 -2.76 7.59
N ILE A 110 -10.82 -3.26 7.73
CA ILE A 110 -11.04 -4.70 7.64
C ILE A 110 -10.34 -5.28 6.43
N ASN A 111 -10.46 -4.59 5.29
CA ASN A 111 -9.83 -5.06 4.07
C ASN A 111 -8.36 -5.41 4.32
N LEU A 112 -7.86 -5.01 5.49
CA LEU A 112 -6.46 -5.27 5.84
C LEU A 112 -6.35 -6.49 6.73
N GLY A 113 -7.46 -7.20 6.91
CA GLY A 113 -7.49 -8.39 7.73
C GLY A 113 -7.57 -8.03 9.22
N GLU A 114 -8.05 -6.81 9.50
CA GLU A 114 -8.17 -6.36 10.89
C GLU A 114 -9.62 -6.43 11.33
N LYS A 115 -9.87 -7.08 12.46
CA LYS A 115 -11.23 -7.22 12.98
C LYS A 115 -11.56 -6.09 13.96
N LEU A 116 -12.22 -5.05 13.45
CA LEU A 116 -12.61 -3.91 14.28
C LEU A 116 -14.12 -3.73 14.26
N THR A 117 -14.71 -3.61 15.45
CA THR A 117 -16.15 -3.44 15.54
C THR A 117 -16.53 -2.00 15.23
N ASP A 118 -17.83 -1.77 15.04
CA ASP A 118 -18.31 -0.44 14.72
C ASP A 118 -18.04 0.52 15.88
N GLU A 119 -17.92 -0.04 17.08
CA GLU A 119 -17.67 0.78 18.26
C GLU A 119 -16.27 1.38 18.18
N GLU A 120 -15.27 0.55 17.91
CA GLU A 120 -13.89 1.02 17.81
C GLU A 120 -13.75 2.04 16.68
N VAL A 121 -14.38 1.73 15.55
CA VAL A 121 -14.33 2.62 14.39
C VAL A 121 -14.97 3.96 14.72
N GLU A 122 -16.11 3.92 15.40
CA GLU A 122 -16.82 5.14 15.77
C GLU A 122 -15.97 5.97 16.73
N GLN A 123 -15.19 5.30 17.57
CA GLN A 123 -14.35 5.98 18.55
C GLN A 123 -13.29 6.82 17.84
N MET A 124 -12.40 6.16 17.11
CA MET A 124 -11.34 6.86 16.40
C MET A 124 -11.91 7.92 15.47
N ILE A 125 -13.09 7.66 14.93
CA ILE A 125 -13.73 8.60 14.03
C ILE A 125 -14.09 9.88 14.77
N LYS A 126 -14.64 9.73 15.96
CA LYS A 126 -15.04 10.88 16.75
C LYS A 126 -13.82 11.62 17.27
N GLU A 127 -12.70 10.91 17.38
CA GLU A 127 -11.47 11.51 17.87
C GLU A 127 -10.80 12.33 16.77
N ALA A 128 -10.59 11.72 15.61
CA ALA A 128 -9.94 12.40 14.50
C ALA A 128 -10.72 13.66 14.13
N ASP A 129 -12.04 13.55 14.08
CA ASP A 129 -12.88 14.68 13.74
C ASP A 129 -12.82 15.73 14.85
N LEU A 130 -12.15 16.85 14.56
CA LEU A 130 -12.02 17.93 15.54
C LEU A 130 -13.19 18.89 15.44
N ASP A 131 -13.78 18.98 14.24
CA ASP A 131 -14.90 19.88 14.02
C ASP A 131 -16.22 19.17 14.35
N GLY A 132 -16.14 17.88 14.63
CA GLY A 132 -17.33 17.11 14.96
C GLY A 132 -18.33 17.13 13.80
N ASP A 133 -18.19 16.17 12.89
CA ASP A 133 -19.08 16.08 11.73
C ASP A 133 -19.39 14.62 11.40
N GLY A 134 -18.52 13.72 11.85
CA GLY A 134 -18.72 12.30 11.59
C GLY A 134 -17.87 11.84 10.41
N GLN A 135 -17.09 12.76 9.85
CA GLN A 135 -16.23 12.43 8.71
C GLN A 135 -14.97 13.30 8.74
N VAL A 136 -13.82 12.66 8.53
CA VAL A 136 -12.56 13.37 8.53
C VAL A 136 -12.30 13.99 7.16
N ASN A 137 -12.08 15.31 7.14
CA ASN A 137 -11.83 16.03 5.90
C ASN A 137 -10.33 16.06 5.61
N TYR A 138 -9.98 16.29 4.34
CA TYR A 138 -8.57 16.35 3.96
C TYR A 138 -7.81 17.29 4.88
N GLU A 139 -8.42 18.42 5.21
CA GLU A 139 -7.77 19.40 6.09
C GLU A 139 -7.47 18.76 7.44
N GLU A 140 -8.47 18.14 8.05
CA GLU A 140 -8.30 17.47 9.33
C GLU A 140 -7.29 16.34 9.19
N PHE A 141 -7.30 15.68 8.04
CA PHE A 141 -6.37 14.59 7.79
C PHE A 141 -4.92 15.08 7.86
N VAL A 142 -4.65 16.18 7.15
CA VAL A 142 -3.30 16.73 7.13
C VAL A 142 -2.85 17.08 8.54
N LYS A 143 -3.73 17.74 9.29
CA LYS A 143 -3.42 18.12 10.66
C LYS A 143 -3.31 16.89 11.55
N MET A 144 -4.07 15.84 11.19
CA MET A 144 -4.04 14.61 11.96
C MET A 144 -2.72 13.89 11.77
N MET A 145 -2.12 14.08 10.60
CA MET A 145 -0.85 13.42 10.29
C MET A 145 0.33 14.30 10.67
N MET A 146 0.05 15.58 10.90
CA MET A 146 1.10 16.53 11.25
C MET A 146 1.97 15.99 12.40
N THR A 147 2.57 16.88 13.15
CA THR A 147 3.43 16.47 14.26
C THR A 147 2.58 16.01 15.44
N VAL A 148 1.44 15.40 15.16
CA VAL A 148 0.56 14.91 16.22
C VAL A 148 1.25 13.80 17.02
N ARG A 149 2.47 13.49 16.63
CA ARG A 149 3.23 12.44 17.31
C ARG A 149 3.38 12.75 18.79
N ALA B 1 -5.47 7.28 19.39
CA ALA B 1 -6.15 6.97 18.10
C ALA B 1 -5.17 7.20 16.95
N ARG B 2 -4.06 7.87 17.24
CA ARG B 2 -3.07 8.16 16.22
C ARG B 2 -2.49 6.86 15.67
N GLN B 3 -2.38 5.85 16.52
CA GLN B 3 -1.84 4.57 16.10
C GLN B 3 -2.74 3.93 15.05
N ARG B 4 -4.05 3.99 15.28
CA ARG B 4 -5.00 3.42 14.35
C ARG B 4 -4.92 4.13 13.01
N TRP B 5 -4.87 5.45 13.05
CA TRP B 5 -4.79 6.24 11.83
C TRP B 5 -3.45 5.98 11.14
N ARG B 6 -2.38 6.02 11.92
CA ARG B 6 -1.06 5.80 11.36
C ARG B 6 -0.92 4.36 10.88
N SER B 7 -1.48 3.44 11.65
CA SER B 7 -1.43 2.03 11.29
C SER B 7 -2.15 1.80 9.96
N SER B 8 -3.30 2.45 9.80
CA SER B 8 -4.06 2.29 8.57
C SER B 8 -3.24 2.76 7.38
N VAL B 9 -2.57 3.88 7.53
CA VAL B 9 -1.73 4.41 6.46
C VAL B 9 -0.50 3.54 6.25
N SER B 10 0.12 3.14 7.34
CA SER B 10 1.32 2.32 7.27
C SER B 10 1.02 0.95 6.70
N ILE B 11 -0.06 0.34 7.17
CA ILE B 11 -0.44 -0.97 6.69
C ILE B 11 -0.76 -0.92 5.21
N VAL B 12 -1.46 0.13 4.79
CA VAL B 12 -1.81 0.29 3.40
C VAL B 12 -0.55 0.35 2.54
N LYS B 13 0.44 1.10 2.99
CA LYS B 13 1.68 1.21 2.23
C LYS B 13 2.40 -0.13 2.16
N ASN B 14 2.46 -0.81 3.30
CA ASN B 14 3.10 -2.11 3.37
C ASN B 14 2.32 -3.11 2.54
N ARG B 15 1.00 -2.95 2.50
CA ARG B 15 0.15 -3.86 1.74
C ARG B 15 0.55 -3.88 0.28
N ALA B 16 0.51 -2.72 -0.36
CA ALA B 16 0.87 -2.61 -1.79
C ALA B 16 0.55 -3.90 -2.53
N ARG B 17 -0.62 -4.47 -2.25
CA ARG B 17 -1.01 -5.72 -2.88
C ARG B 17 -1.06 -5.55 -4.39
N ARG B 18 -0.77 -4.34 -4.87
CA ARG B 18 -0.80 -4.05 -6.30
C ARG B 18 0.61 -3.89 -6.83
N PHE B 19 1.58 -3.94 -5.93
CA PHE B 19 2.99 -3.81 -6.33
C PHE B 19 3.23 -2.44 -6.97
N ARG B 20 3.35 -1.42 -6.13
CA ARG B 20 3.56 -0.07 -6.64
C ARG B 20 4.83 -0.01 -7.48
N MET B 21 5.85 -0.75 -7.06
CA MET B 21 7.11 -0.76 -7.79
C MET B 21 6.96 -1.41 -9.16
N ILE B 22 6.55 -2.68 -9.16
CA ILE B 22 6.36 -3.41 -10.41
C ILE B 22 5.25 -2.80 -11.23
N SER B 23 4.15 -2.44 -10.57
CA SER B 23 3.02 -1.85 -11.27
C SER B 23 3.46 -0.61 -12.03
N ASN B 24 4.23 0.24 -11.36
CA ASN B 24 4.72 1.46 -11.98
C ASN B 24 5.90 1.15 -12.88
N LEU B 25 6.78 0.27 -12.42
CA LEU B 25 7.96 -0.11 -13.21
C LEU B 25 8.78 1.12 -13.59
CA CA C . 5.71 -18.48 -11.92
CA CA D . 17.21 -14.62 -11.19
CA CA E . -15.11 9.75 0.81
CA CA F . -14.29 15.96 10.96
#